data_9VIZ
#
_entry.id   9VIZ
#
_cell.length_a   1.00
_cell.length_b   1.00
_cell.length_c   1.00
_cell.angle_alpha   90.00
_cell.angle_beta   90.00
_cell.angle_gamma   90.00
#
_symmetry.space_group_name_H-M   'P 1'
#
loop_
_entity.id
_entity.type
_entity.pdbx_description
1 polymer 'Na, K-ATPase alpha subunit'
2 polymer 'Na+,K+-ATPase beta subunit'
3 polymer 'FXYD domain-containing ion transport regulator'
4 branched alpha-D-mannopyranose-(1-3)-[alpha-D-mannopyranose-(1-6)]beta-D-mannopyranose-(1-4)-2-acetamido-2-deoxy-beta-D-glucopyranose-(1-4)-[alpha-L-fucopyranose-(1-6)]2-acetamido-2-deoxy-beta-D-glucopyranose
5 branched 2-acetamido-2-deoxy-beta-D-glucopyranose-(1-2)-alpha-D-mannopyranose-(1-3)-[alpha-D-mannopyranose-(1-6)]beta-D-mannopyranose-(1-4)-2-acetamido-2-deoxy-beta-D-glucopyranose-(1-4)-2-acetamido-2-deoxy-beta-D-glucopyranose
6 branched alpha-D-mannopyranose-(1-3)-beta-D-mannopyranose-(1-4)-2-acetamido-2-deoxy-beta-D-glucopyranose-(1-4)-[alpha-L-fucopyranose-(1-6)]2-acetamido-2-deoxy-beta-D-glucopyranose
7 branched 2-acetamido-2-deoxy-beta-D-glucopyranose-(1-4)-2-acetamido-2-deoxy-beta-D-glucopyranose
8 non-polymer CHOLESTEROL
9 non-polymer 1,2-DIOLEOYL-SN-GLYCERO-3-PHOSPHOCHOLINE
10 non-polymer 'TETRAFLUOROALUMINATE ION'
11 non-polymer 'MAGNESIUM ION'
12 non-polymer 'SODIUM ION'
13 non-polymer palytoxin
#
loop_
_entity_poly.entity_id
_entity_poly.type
_entity_poly.pdbx_seq_one_letter_code
_entity_poly.pdbx_strand_id
1 'polypeptide(L)'
;MGKGTASDKYEPAATSENATKSKKKGKKDKIDKKRDLDELKKEVSMDDHKLSLDELHNKYGTDLTRGLTNARAKEILARD
GPNSLTPPPTTPEWIKFCRQLFGGFSILLWIGAILCFLAYGIQAATEDEPANDNLYLGVVLSTVVIVTGCFSYYQEAKSS
RIMDSFKNMVPQQALVIRDGEKSTINAEFVVAGDLVEVKGGDRIPADLRIISAHGCKVDNSSLTGESEPQTRSPEFSSEN
PLETRNIAFFSTNCVEGTARGVVVYTGDRTVMGRIATLASGLEVGRTPIAIEIEHFIHIITGVAVFLGVSFFILSLILGY
SWLEAVIFLIGIIVANVPEGLLATVTVCLTLTAKRMARKNCLVKNLEAVETLGSTSTICSDKTGTLTQNRMTVAHMWFDN
QIHEADTTENQSGAAFDKTSATWSALSRIAALCNRAVFQAGQDNVPILKRSVAGDASESALLKCIELCCGSVQGMRDRNP
KIVEIPFNSTNKYQLSIHENEKSSESRYLLVMKGAPERILDRCSTILLNGAEEPLKEDMKEAFQNAYLELGGLGERVLGF
CHFALPEDKYNEGYPFDADEPNFPTTDLCFVGLMAMIDPPRAAVPDAVGKCRSAGIKVIMVTGDHPITAKAIAKGVGIIS
EGNETIEDIAARLNIPIGQVNPRDAKACVVHGSDLKDLSTEVLDDILHYHTEIVFARTSPQQKLIIVEGCQRQGAIVAVT
GDGVNDSPALKKADIGVAMGISGSDVSKQAADMILLDDNFASIVTGVEEGRLIFDNLKKSIAYTLTSNIPEITPFLVFII
GNVPLPLGTVTILCIDLGTDMVPAISLAYEQAESDIMKRQPRNPKTDKLVNERLISMAYGQIGMIQALGGFFSYFVILAE
NGFLPMDLIGKRVRWDDRWISDVEDSFGQQWTYEQRKIVEFTCHTSFFISIVVVQWADLIICKTRRNSIFQQGMKNKILI
FGLFEETALAAFLSYCPGTDVALRMYPLKPSWWFCAFPYSLIIFLYDEMRRFIIRRSPGGWVEQETYY
;
A,C
2 'polypeptide(L)'
;MARGKSKETDGGWKKFLWDSEKKEFLGRTGSSWFKIFLFYLIFYGCLAGIFIGTIQVLLLTLSDFEPKYQDRVAPPGLSH
APYAIKTEISFSISNPKSYESFVKSMHKLMDLYNESSQAGNSPFEDCSDTPADYIKRGDLDDSQGQKKACRFSRMWLKNC
SGLDDTTYGYAEGKPCVVAKLNRIIGFYPKPLKNTTDLPEELQANYNQYVLPLRCAAKREEDREKIGSIEYFGLGGYAGF
PLQYYPYYGKRLQKKYLQPLLAIQFTNLTQNMELRIECKVYGENIDYSEKDRFRGRFEVKIEVKS
;
B,D
3 'polypeptide(L)'
;MLGAATGLMVLVAVTQGVWAMDPEGPDNDERFTYDYYRLRVVGLIVAAVLCVIGIIILLAGKCRCKFNQNKRTRSNSGTA
TAQHLLQPGEATEC
;
G,E
#
loop_
_chem_comp.id
_chem_comp.type
_chem_comp.name
_chem_comp.formula
A1MA6 non-polymer palytoxin 'C129 H223 N3 O54'
ALF non-polymer 'TETRAFLUOROALUMINATE ION' 'Al F4 -1'
BMA D-saccharide, beta linking beta-D-mannopyranose 'C6 H12 O6'
CLR non-polymer CHOLESTEROL 'C27 H46 O'
FUC L-saccharide, alpha linking alpha-L-fucopyranose 'C6 H12 O5'
MAN D-saccharide, alpha linking alpha-D-mannopyranose 'C6 H12 O6'
MG non-polymer 'MAGNESIUM ION' 'Mg 2'
NA non-polymer 'SODIUM ION' 'Na 1'
NAG D-saccharide, beta linking 2-acetamido-2-deoxy-beta-D-glucopyranose 'C8 H15 N O6'
PCW non-polymer 1,2-DIOLEOYL-SN-GLYCERO-3-PHOSPHOCHOLINE 'C44 H85 N O8 P 1'
#
# COMPACT_ATOMS: atom_id res chain seq x y z
N ASP A 36 -20.08 -60.43 -33.81
CA ASP A 36 -20.37 -59.04 -34.11
C ASP A 36 -19.27 -58.46 -34.99
N LEU A 37 -19.07 -59.08 -36.16
CA LEU A 37 -18.05 -58.60 -37.09
C LEU A 37 -18.43 -57.21 -37.58
N ASP A 38 -17.62 -56.21 -37.23
CA ASP A 38 -17.92 -54.84 -37.63
C ASP A 38 -17.64 -54.60 -39.10
N GLU A 39 -16.55 -55.18 -39.63
CA GLU A 39 -16.25 -54.95 -41.05
C GLU A 39 -17.36 -55.49 -41.95
N LEU A 40 -17.94 -56.65 -41.61
CA LEU A 40 -19.01 -57.19 -42.43
C LEU A 40 -20.30 -56.39 -42.28
N LYS A 41 -20.32 -55.39 -41.40
CA LYS A 41 -21.46 -54.51 -41.24
C LYS A 41 -21.19 -53.16 -41.87
N LYS A 42 -19.91 -52.86 -42.15
CA LYS A 42 -19.57 -51.61 -42.80
C LYS A 42 -19.72 -51.71 -44.31
N GLU A 43 -19.68 -52.93 -44.83
CA GLU A 43 -19.83 -53.17 -46.25
C GLU A 43 -21.24 -52.77 -46.70
N VAL A 44 -21.38 -52.52 -48.00
CA VAL A 44 -22.66 -52.13 -48.57
C VAL A 44 -23.54 -53.38 -48.71
N SER A 45 -24.83 -53.22 -48.39
CA SER A 45 -25.83 -54.29 -48.41
C SER A 45 -25.96 -55.02 -49.75
N MET A 46 -26.55 -56.23 -49.77
CA MET A 46 -26.74 -57.04 -50.98
C MET A 46 -28.19 -57.60 -51.05
N ASP A 47 -28.63 -58.09 -52.21
CA ASP A 47 -30.02 -58.59 -52.26
C ASP A 47 -30.32 -59.48 -53.48
N ASP A 48 -31.62 -59.65 -53.77
CA ASP A 48 -32.17 -60.50 -54.85
C ASP A 48 -33.43 -59.90 -55.52
N HIS A 49 -33.41 -58.61 -55.87
CA HIS A 49 -34.55 -57.96 -56.53
C HIS A 49 -34.58 -58.18 -58.04
N LYS A 50 -33.50 -58.75 -58.58
CA LYS A 50 -33.36 -59.03 -60.00
C LYS A 50 -34.07 -60.32 -60.39
N LEU A 51 -34.26 -61.23 -59.44
CA LEU A 51 -34.92 -62.49 -59.69
C LEU A 51 -36.40 -62.28 -59.99
N SER A 52 -36.99 -63.25 -60.67
CA SER A 52 -38.41 -63.19 -60.95
C SER A 52 -39.16 -63.57 -59.68
N LEU A 53 -40.47 -63.28 -59.67
CA LEU A 53 -41.27 -63.62 -58.50
C LEU A 53 -41.16 -65.12 -58.18
N ASP A 54 -41.43 -65.95 -59.18
CA ASP A 54 -41.36 -67.41 -59.05
C ASP A 54 -39.98 -67.87 -58.54
N GLU A 55 -38.92 -67.34 -59.15
CA GLU A 55 -37.55 -67.71 -58.76
C GLU A 55 -37.30 -67.39 -57.29
N LEU A 56 -37.78 -66.23 -56.84
CA LEU A 56 -37.63 -65.86 -55.43
C LEU A 56 -38.34 -66.85 -54.53
N HIS A 57 -39.49 -67.36 -54.97
CA HIS A 57 -40.18 -68.35 -54.16
C HIS A 57 -39.35 -69.63 -54.05
N ASN A 58 -38.74 -70.07 -55.16
CA ASN A 58 -37.89 -71.26 -55.07
C ASN A 58 -36.80 -71.05 -54.03
N LYS A 59 -36.20 -69.86 -54.02
CA LYS A 59 -35.17 -69.59 -53.03
C LYS A 59 -35.70 -69.63 -51.60
N TYR A 60 -36.99 -69.34 -51.38
CA TYR A 60 -37.49 -69.34 -50.00
C TYR A 60 -38.57 -70.38 -49.67
N GLY A 61 -39.21 -71.04 -50.66
CA GLY A 61 -40.24 -72.05 -50.41
C GLY A 61 -41.68 -71.64 -50.14
N THR A 62 -42.37 -71.09 -51.13
CA THR A 62 -43.74 -70.63 -50.87
C THR A 62 -44.68 -70.69 -52.06
N ASP A 63 -45.95 -70.39 -51.76
CA ASP A 63 -47.08 -70.34 -52.69
C ASP A 63 -47.44 -68.87 -52.87
N LEU A 64 -47.54 -68.42 -54.12
CA LEU A 64 -47.87 -67.01 -54.37
C LEU A 64 -49.33 -66.69 -54.10
N THR A 65 -50.23 -67.68 -54.20
CA THR A 65 -51.66 -67.45 -53.97
C THR A 65 -52.20 -68.11 -52.71
N ARG A 66 -51.44 -68.99 -52.06
CA ARG A 66 -51.88 -69.65 -50.84
C ARG A 66 -50.95 -69.46 -49.67
N GLY A 67 -49.74 -68.96 -49.88
CA GLY A 67 -48.82 -68.76 -48.78
C GLY A 67 -48.34 -70.09 -48.21
N LEU A 68 -47.85 -70.00 -46.98
CA LEU A 68 -47.33 -71.16 -46.27
C LEU A 68 -48.44 -71.84 -45.48
N THR A 69 -48.13 -73.02 -44.96
CA THR A 69 -49.07 -73.76 -44.14
C THR A 69 -48.72 -73.46 -42.68
N ASN A 70 -49.72 -73.58 -41.80
CA ASN A 70 -49.45 -73.33 -40.39
C ASN A 70 -48.36 -74.24 -39.89
N ALA A 71 -48.27 -75.45 -40.43
CA ALA A 71 -47.21 -76.37 -40.04
C ALA A 71 -45.88 -75.89 -40.61
N ARG A 72 -45.83 -75.50 -41.89
CA ARG A 72 -44.58 -75.00 -42.47
C ARG A 72 -44.19 -73.67 -41.84
N ALA A 73 -45.16 -72.80 -41.58
CA ALA A 73 -44.85 -71.51 -40.98
C ALA A 73 -44.24 -71.70 -39.58
N LYS A 74 -44.86 -72.56 -38.76
CA LYS A 74 -44.28 -72.79 -37.43
C LYS A 74 -42.92 -73.47 -37.52
N GLU A 75 -42.74 -74.35 -38.51
CA GLU A 75 -41.45 -75.02 -38.69
C GLU A 75 -40.35 -73.99 -38.98
N ILE A 76 -40.67 -72.97 -39.78
CA ILE A 76 -39.68 -71.93 -40.04
C ILE A 76 -39.53 -71.00 -38.84
N LEU A 77 -40.52 -70.99 -37.94
CA LEU A 77 -40.41 -70.20 -36.72
C LEU A 77 -39.39 -70.82 -35.77
N ALA A 78 -39.27 -72.14 -35.79
CA ALA A 78 -38.26 -72.78 -34.95
C ALA A 78 -36.89 -72.79 -35.65
N ARG A 79 -36.89 -72.67 -36.98
CA ARG A 79 -35.63 -72.67 -37.72
C ARG A 79 -34.86 -71.34 -37.65
N ASP A 80 -35.51 -70.20 -37.93
CA ASP A 80 -34.74 -68.94 -37.97
C ASP A 80 -34.75 -68.06 -36.72
N GLY A 81 -35.79 -68.07 -35.91
CA GLY A 81 -35.86 -67.20 -34.76
C GLY A 81 -36.86 -66.07 -34.96
N PRO A 82 -37.18 -65.33 -33.89
CA PRO A 82 -38.18 -64.26 -34.01
C PRO A 82 -37.71 -63.04 -34.80
N ASN A 83 -38.72 -62.29 -35.26
CA ASN A 83 -38.56 -61.06 -36.05
C ASN A 83 -38.49 -59.83 -35.15
N SER A 84 -37.52 -59.81 -34.24
CA SER A 84 -37.42 -58.68 -33.33
C SER A 84 -35.98 -58.30 -33.07
N LEU A 85 -35.71 -57.00 -33.14
CA LEU A 85 -34.37 -56.50 -32.85
C LEU A 85 -34.04 -56.85 -31.40
N THR A 86 -32.92 -57.52 -31.20
CA THR A 86 -32.52 -57.97 -29.88
C THR A 86 -31.93 -56.84 -29.05
N PRO A 87 -31.76 -57.05 -27.75
CA PRO A 87 -31.22 -56.01 -26.87
C PRO A 87 -29.74 -56.14 -26.59
N PRO A 88 -29.09 -55.04 -26.26
CA PRO A 88 -27.66 -55.05 -25.95
C PRO A 88 -27.38 -55.66 -24.59
N PRO A 89 -26.10 -56.02 -24.34
CA PRO A 89 -25.72 -56.53 -23.01
C PRO A 89 -25.65 -55.35 -22.05
N THR A 90 -26.15 -55.53 -20.82
CA THR A 90 -26.24 -54.43 -19.86
C THR A 90 -25.27 -54.49 -18.67
N THR A 91 -24.81 -53.28 -18.26
CA THR A 91 -23.84 -52.94 -17.22
C THR A 91 -24.46 -52.39 -15.92
N PRO A 92 -24.53 -53.17 -14.84
CA PRO A 92 -25.07 -52.65 -13.56
C PRO A 92 -24.28 -51.45 -13.06
N GLU A 93 -24.88 -50.70 -12.12
CA GLU A 93 -24.27 -49.48 -11.59
C GLU A 93 -23.29 -49.68 -10.45
N TRP A 94 -23.47 -50.71 -9.59
CA TRP A 94 -22.44 -50.84 -8.58
C TRP A 94 -21.10 -51.07 -9.26
N ILE A 95 -21.16 -51.54 -10.51
CA ILE A 95 -19.97 -51.76 -11.31
C ILE A 95 -19.28 -50.45 -11.67
N LYS A 96 -20.00 -49.48 -12.23
CA LYS A 96 -19.35 -48.21 -12.62
C LYS A 96 -18.93 -47.39 -11.41
N PHE A 97 -19.77 -47.30 -10.36
CA PHE A 97 -19.34 -46.51 -9.22
C PHE A 97 -18.09 -47.12 -8.60
N CYS A 98 -18.06 -48.45 -8.47
CA CYS A 98 -16.86 -49.07 -7.96
C CYS A 98 -15.67 -48.82 -8.88
N ARG A 99 -15.88 -48.91 -10.20
CA ARG A 99 -14.80 -48.62 -11.15
C ARG A 99 -14.18 -47.26 -10.84
N GLN A 100 -15.04 -46.27 -10.60
CA GLN A 100 -14.54 -44.95 -10.27
C GLN A 100 -13.75 -44.94 -8.98
N LEU A 101 -13.99 -45.88 -8.07
CA LEU A 101 -13.18 -45.89 -6.84
C LEU A 101 -11.70 -46.15 -7.14
N PHE A 102 -11.40 -47.20 -7.91
CA PHE A 102 -10.00 -47.52 -8.25
C PHE A 102 -9.62 -46.83 -9.56
N GLY A 103 -9.63 -45.49 -9.56
CA GLY A 103 -9.32 -44.73 -10.76
C GLY A 103 -8.69 -43.38 -10.47
N GLY A 104 -8.45 -42.60 -11.56
CA GLY A 104 -7.79 -41.30 -11.42
C GLY A 104 -6.54 -41.52 -10.57
N PHE A 105 -6.27 -40.68 -9.56
CA PHE A 105 -5.16 -41.00 -8.66
C PHE A 105 -5.70 -41.53 -7.32
N SER A 106 -6.94 -42.01 -7.30
CA SER A 106 -7.45 -42.60 -6.08
C SER A 106 -6.60 -43.78 -5.63
N ILE A 107 -5.86 -44.41 -6.56
CA ILE A 107 -4.97 -45.52 -6.21
C ILE A 107 -3.84 -45.02 -5.32
N LEU A 108 -3.27 -43.87 -5.68
CA LEU A 108 -2.22 -43.27 -4.86
C LEU A 108 -2.76 -42.95 -3.49
N LEU A 109 -4.04 -42.57 -3.39
CA LEU A 109 -4.55 -42.33 -2.04
C LEU A 109 -4.89 -43.60 -1.26
N TRP A 110 -5.17 -44.71 -1.94
CA TRP A 110 -5.45 -45.95 -1.22
C TRP A 110 -4.21 -46.46 -0.51
N ILE A 111 -3.06 -46.43 -1.19
CA ILE A 111 -1.85 -46.91 -0.53
C ILE A 111 -1.66 -46.21 0.81
N GLY A 112 -2.14 -44.98 0.92
CA GLY A 112 -2.02 -44.21 2.14
C GLY A 112 -3.14 -44.41 3.14
N ALA A 113 -4.41 -44.47 2.74
CA ALA A 113 -5.47 -44.71 3.72
C ALA A 113 -5.24 -46.07 4.39
N ILE A 114 -5.01 -47.10 3.57
CA ILE A 114 -4.75 -48.43 4.09
C ILE A 114 -3.48 -48.44 4.96
N LEU A 115 -2.38 -47.82 4.48
CA LEU A 115 -1.17 -47.77 5.29
C LEU A 115 -1.43 -47.12 6.64
N CYS A 116 -2.22 -46.03 6.63
CA CYS A 116 -2.56 -45.30 7.85
C CYS A 116 -3.21 -46.23 8.85
N PHE A 117 -4.15 -47.06 8.39
CA PHE A 117 -4.80 -47.97 9.35
C PHE A 117 -3.83 -49.04 9.86
N LEU A 118 -3.05 -49.64 8.94
CA LEU A 118 -2.07 -50.66 9.32
C LEU A 118 -1.32 -50.21 10.57
N ALA A 119 -0.89 -48.95 10.59
CA ALA A 119 -0.19 -48.47 11.79
C ALA A 119 -1.09 -48.50 13.03
N TYR A 120 -2.39 -48.24 12.88
CA TYR A 120 -3.29 -48.29 14.04
C TYR A 120 -3.40 -49.70 14.57
N GLY A 121 -3.59 -50.66 13.66
CA GLY A 121 -3.66 -52.05 14.07
C GLY A 121 -2.40 -52.43 14.84
N ILE A 122 -1.24 -51.99 14.36
CA ILE A 122 0.00 -52.29 15.05
C ILE A 122 0.02 -51.64 16.43
N GLN A 123 -0.44 -50.40 16.56
CA GLN A 123 -0.46 -49.75 17.87
C GLN A 123 -1.41 -50.47 18.83
N ALA A 124 -2.60 -50.80 18.36
CA ALA A 124 -3.61 -51.47 19.17
C ALA A 124 -3.17 -52.87 19.59
N ALA A 125 -2.37 -53.54 18.75
CA ALA A 125 -1.90 -54.89 19.06
C ALA A 125 -0.55 -54.91 19.78
N THR A 126 0.24 -53.83 19.69
CA THR A 126 1.51 -53.76 20.38
C THR A 126 1.38 -53.00 21.70
N GLU A 127 0.23 -52.35 21.93
CA GLU A 127 -0.15 -51.63 23.15
C GLU A 127 0.56 -50.31 23.45
N ASP A 128 0.51 -49.31 22.56
CA ASP A 128 1.19 -48.05 22.88
C ASP A 128 0.34 -46.79 22.98
N GLU A 129 -0.14 -46.25 21.87
CA GLU A 129 -0.84 -45.01 22.04
C GLU A 129 -2.30 -45.19 21.70
N PRO A 130 -3.18 -44.72 22.58
CA PRO A 130 -4.62 -44.76 22.30
C PRO A 130 -5.09 -43.50 21.60
N ALA A 131 -4.14 -42.61 21.27
CA ALA A 131 -4.34 -41.32 20.62
C ALA A 131 -5.11 -41.48 19.30
N ASN A 132 -5.49 -40.38 18.64
CA ASN A 132 -6.27 -40.57 17.42
C ASN A 132 -5.72 -39.89 16.17
N ASP A 133 -4.38 -39.81 15.98
CA ASP A 133 -3.88 -39.14 14.77
C ASP A 133 -4.03 -39.95 13.49
N ASN A 134 -3.32 -41.08 13.41
CA ASN A 134 -3.32 -42.01 12.29
C ASN A 134 -4.72 -42.22 11.74
N LEU A 135 -5.61 -42.64 12.65
CA LEU A 135 -6.99 -43.00 12.31
C LEU A 135 -7.79 -41.83 11.74
N TYR A 136 -7.74 -40.64 12.39
CA TYR A 136 -8.54 -39.60 11.76
C TYR A 136 -7.96 -39.25 10.39
N LEU A 137 -6.72 -39.64 10.09
CA LEU A 137 -6.21 -39.39 8.74
C LEU A 137 -6.65 -40.48 7.75
N GLY A 138 -6.60 -41.76 8.13
CA GLY A 138 -7.08 -42.78 7.20
C GLY A 138 -8.54 -42.55 6.88
N VAL A 139 -9.28 -41.96 7.83
CA VAL A 139 -10.67 -41.63 7.59
C VAL A 139 -10.82 -40.40 6.69
N VAL A 140 -9.96 -39.39 6.86
CA VAL A 140 -10.05 -38.23 5.98
C VAL A 140 -9.66 -38.56 4.54
N LEU A 141 -8.54 -39.27 4.36
CA LEU A 141 -8.11 -39.66 3.02
C LEU A 141 -9.16 -40.56 2.35
N SER A 142 -9.70 -41.54 3.09
CA SER A 142 -10.73 -42.39 2.51
C SER A 142 -11.94 -41.57 2.09
N THR A 143 -12.34 -40.59 2.92
CA THR A 143 -13.47 -39.75 2.58
C THR A 143 -13.22 -38.96 1.30
N VAL A 144 -11.98 -38.49 1.12
CA VAL A 144 -11.65 -37.74 -0.09
C VAL A 144 -11.87 -38.62 -1.32
N VAL A 145 -11.41 -39.88 -1.24
CA VAL A 145 -11.57 -40.77 -2.39
C VAL A 145 -13.05 -41.02 -2.68
N ILE A 146 -13.85 -41.27 -1.65
CA ILE A 146 -15.27 -41.56 -1.86
C ILE A 146 -16.01 -40.37 -2.50
N VAL A 147 -15.73 -39.15 -2.02
CA VAL A 147 -16.41 -37.98 -2.57
C VAL A 147 -15.98 -37.70 -4.00
N THR A 148 -14.66 -37.77 -4.28
CA THR A 148 -14.23 -37.55 -5.66
C THR A 148 -14.88 -38.57 -6.58
N GLY A 149 -15.05 -39.81 -6.11
CA GLY A 149 -15.73 -40.80 -6.94
C GLY A 149 -17.11 -40.32 -7.35
N CYS A 150 -17.85 -39.70 -6.42
CA CYS A 150 -19.15 -39.18 -6.82
C CYS A 150 -19.02 -38.11 -7.92
N PHE A 151 -18.00 -37.25 -7.78
CA PHE A 151 -17.81 -36.20 -8.78
C PHE A 151 -17.48 -36.76 -10.16
N SER A 152 -16.67 -37.84 -10.21
CA SER A 152 -16.32 -38.40 -11.52
C SER A 152 -17.48 -39.16 -12.14
N TYR A 153 -18.37 -39.71 -11.32
CA TYR A 153 -19.53 -40.39 -11.90
C TYR A 153 -20.41 -39.38 -12.64
N TYR A 154 -20.73 -38.25 -11.98
CA TYR A 154 -21.57 -37.22 -12.63
C TYR A 154 -21.12 -36.87 -14.04
N GLN A 155 -19.83 -37.06 -14.33
CA GLN A 155 -19.20 -36.73 -15.61
C GLN A 155 -19.11 -37.91 -16.58
N GLU A 156 -19.29 -39.13 -16.07
CA GLU A 156 -19.16 -40.33 -16.87
C GLU A 156 -20.29 -40.49 -17.87
N ALA A 157 -19.91 -40.63 -19.15
CA ALA A 157 -20.84 -40.77 -20.26
C ALA A 157 -22.11 -41.55 -19.89
N LYS A 158 -23.27 -41.04 -20.25
CA LYS A 158 -24.50 -41.74 -19.94
C LYS A 158 -24.63 -42.93 -20.90
N SER A 159 -25.44 -43.91 -20.49
CA SER A 159 -25.56 -45.17 -21.24
C SER A 159 -26.73 -45.21 -22.23
N SER A 160 -26.42 -44.92 -23.49
CA SER A 160 -27.36 -44.89 -24.61
C SER A 160 -28.37 -46.04 -24.62
N ARG A 161 -29.57 -45.78 -25.16
CA ARG A 161 -30.66 -46.75 -25.27
C ARG A 161 -31.11 -46.85 -26.72
N ILE A 162 -30.13 -46.79 -27.63
CA ILE A 162 -30.30 -46.84 -29.09
C ILE A 162 -31.29 -47.92 -29.51
N MET A 163 -31.00 -49.13 -29.04
CA MET A 163 -31.79 -50.29 -29.37
C MET A 163 -33.20 -50.23 -28.80
N ASP A 164 -33.37 -49.63 -27.61
CA ASP A 164 -34.72 -49.55 -27.05
C ASP A 164 -35.60 -48.64 -27.90
N SER A 165 -35.09 -47.46 -28.25
CA SER A 165 -35.84 -46.57 -29.13
C SER A 165 -36.13 -47.28 -30.43
N PHE A 166 -35.09 -47.88 -31.03
CA PHE A 166 -35.26 -48.64 -32.27
C PHE A 166 -36.38 -49.68 -32.14
N LYS A 167 -36.36 -50.46 -31.05
CA LYS A 167 -37.35 -51.50 -30.82
C LYS A 167 -38.76 -50.93 -30.78
N ASN A 168 -38.92 -49.70 -30.30
CA ASN A 168 -40.28 -49.17 -30.30
C ASN A 168 -40.81 -48.91 -31.73
N MET A 169 -40.00 -49.15 -32.76
CA MET A 169 -40.37 -48.87 -34.15
C MET A 169 -41.37 -49.87 -34.73
N VAL A 170 -41.07 -51.17 -34.64
CA VAL A 170 -41.90 -52.22 -35.23
C VAL A 170 -43.30 -52.34 -34.63
N PRO A 171 -44.35 -52.26 -35.45
CA PRO A 171 -45.72 -52.39 -34.93
C PRO A 171 -45.97 -53.79 -34.37
N GLN A 172 -47.04 -53.89 -33.58
CA GLN A 172 -47.33 -55.15 -32.90
C GLN A 172 -47.97 -56.22 -33.77
N GLN A 173 -48.81 -55.88 -34.74
CA GLN A 173 -49.50 -56.94 -35.46
C GLN A 173 -49.52 -56.74 -36.97
N ALA A 174 -48.97 -57.72 -37.69
CA ALA A 174 -48.92 -57.74 -39.14
C ALA A 174 -50.04 -58.61 -39.72
N LEU A 175 -50.30 -58.43 -41.03
CA LEU A 175 -51.34 -59.18 -41.74
C LEU A 175 -50.68 -60.17 -42.71
N VAL A 176 -50.80 -61.47 -42.42
CA VAL A 176 -50.21 -62.55 -43.18
C VAL A 176 -51.29 -63.44 -43.77
N ILE A 177 -51.05 -63.95 -44.98
CA ILE A 177 -52.00 -64.82 -45.69
C ILE A 177 -51.43 -66.23 -45.69
N ARG A 178 -51.96 -67.10 -44.83
CA ARG A 178 -51.51 -68.48 -44.75
C ARG A 178 -52.64 -69.44 -45.10
N ASP A 179 -52.31 -70.49 -45.85
CA ASP A 179 -53.26 -71.52 -46.28
C ASP A 179 -54.41 -70.92 -47.07
N GLY A 180 -54.21 -69.73 -47.64
CA GLY A 180 -55.24 -69.06 -48.40
C GLY A 180 -56.16 -68.17 -47.60
N GLU A 181 -55.84 -67.89 -46.34
CA GLU A 181 -56.69 -67.04 -45.52
C GLU A 181 -55.89 -65.90 -44.91
N LYS A 182 -56.59 -64.77 -44.71
CA LYS A 182 -56.00 -63.57 -44.15
C LYS A 182 -56.10 -63.60 -42.62
N SER A 183 -54.98 -63.39 -41.95
CA SER A 183 -54.95 -63.40 -40.50
C SER A 183 -53.96 -62.36 -40.02
N THR A 184 -54.28 -61.72 -38.90
CA THR A 184 -53.41 -60.71 -38.30
C THR A 184 -52.70 -61.39 -37.15
N ILE A 185 -51.40 -61.59 -37.29
CA ILE A 185 -50.63 -62.26 -36.26
C ILE A 185 -49.51 -61.36 -35.75
N ASN A 186 -49.01 -61.73 -34.57
CA ASN A 186 -47.90 -61.03 -33.94
C ASN A 186 -46.77 -60.90 -34.96
N ALA A 187 -46.27 -59.68 -35.11
CA ALA A 187 -45.20 -59.45 -36.09
C ALA A 187 -44.00 -60.34 -35.81
N GLU A 188 -43.71 -60.60 -34.53
CA GLU A 188 -42.59 -61.46 -34.21
C GLU A 188 -42.74 -62.85 -34.80
N PHE A 189 -43.96 -63.27 -35.11
CA PHE A 189 -44.23 -64.58 -35.69
C PHE A 189 -44.14 -64.59 -37.21
N VAL A 190 -43.60 -63.54 -37.81
CA VAL A 190 -43.46 -63.49 -39.25
C VAL A 190 -42.15 -64.19 -39.60
N VAL A 191 -42.18 -65.01 -40.64
CA VAL A 191 -40.99 -65.75 -41.05
C VAL A 191 -40.67 -65.43 -42.49
N ALA A 192 -39.57 -65.97 -42.99
CA ALA A 192 -39.17 -65.74 -44.36
C ALA A 192 -39.91 -66.70 -45.28
N GLY A 193 -40.61 -66.15 -46.29
CA GLY A 193 -41.33 -66.92 -47.27
C GLY A 193 -42.84 -66.72 -47.30
N ASP A 194 -43.46 -66.41 -46.17
CA ASP A 194 -44.91 -66.26 -46.18
C ASP A 194 -45.33 -65.02 -46.95
N LEU A 195 -46.65 -64.92 -47.16
CA LEU A 195 -47.26 -63.81 -47.87
C LEU A 195 -47.70 -62.76 -46.85
N VAL A 196 -47.36 -61.50 -47.10
CA VAL A 196 -47.70 -60.42 -46.19
C VAL A 196 -48.36 -59.30 -46.99
N GLU A 197 -49.46 -58.79 -46.44
CA GLU A 197 -50.23 -57.72 -47.05
C GLU A 197 -50.08 -56.45 -46.21
N VAL A 198 -49.95 -55.32 -46.90
CA VAL A 198 -49.83 -54.03 -46.23
C VAL A 198 -50.89 -53.09 -46.79
N LYS A 199 -51.24 -52.10 -45.98
CA LYS A 199 -52.27 -51.12 -46.28
C LYS A 199 -51.79 -49.75 -45.81
N GLY A 200 -52.13 -48.72 -46.56
CA GLY A 200 -51.72 -47.36 -46.24
C GLY A 200 -52.01 -46.99 -44.80
N GLY A 201 -50.95 -46.83 -44.02
CA GLY A 201 -51.04 -46.50 -42.61
C GLY A 201 -50.35 -47.51 -41.72
N ASP A 202 -50.09 -48.72 -42.24
CA ASP A 202 -49.41 -49.77 -41.50
C ASP A 202 -47.92 -49.74 -41.81
N ARG A 203 -47.15 -50.35 -40.92
CA ARG A 203 -45.70 -50.40 -41.09
C ARG A 203 -45.32 -51.73 -41.74
N ILE A 204 -44.24 -51.68 -42.51
CA ILE A 204 -43.73 -52.87 -43.18
C ILE A 204 -43.14 -53.76 -42.10
N PRO A 205 -43.69 -54.95 -41.88
CA PRO A 205 -43.19 -55.82 -40.80
C PRO A 205 -41.86 -56.48 -41.07
N ALA A 206 -41.41 -56.57 -42.32
CA ALA A 206 -40.14 -57.20 -42.64
C ALA A 206 -39.75 -56.80 -44.05
N ASP A 207 -38.60 -57.29 -44.52
CA ASP A 207 -38.18 -56.98 -45.88
C ASP A 207 -38.95 -57.90 -46.81
N LEU A 208 -39.72 -57.27 -47.71
CA LEU A 208 -40.60 -57.91 -48.67
C LEU A 208 -40.18 -57.69 -50.11
N ARG A 209 -40.76 -58.54 -50.98
CA ARG A 209 -40.56 -58.54 -52.42
C ARG A 209 -41.98 -58.36 -52.97
N ILE A 210 -42.31 -57.14 -53.37
CA ILE A 210 -43.65 -56.83 -53.86
C ILE A 210 -44.02 -57.71 -55.04
N ILE A 211 -45.23 -58.28 -54.98
CA ILE A 211 -45.73 -59.13 -56.04
C ILE A 211 -46.91 -58.50 -56.76
N SER A 212 -47.68 -57.64 -56.10
CA SER A 212 -48.84 -56.97 -56.68
C SER A 212 -49.12 -55.74 -55.84
N ALA A 213 -49.20 -54.57 -56.47
CA ALA A 213 -49.44 -53.33 -55.77
C ALA A 213 -50.60 -52.58 -56.41
N HIS A 214 -51.22 -51.68 -55.62
CA HIS A 214 -52.33 -50.87 -56.09
C HIS A 214 -52.07 -49.43 -55.63
N GLY A 215 -51.28 -48.69 -56.40
CA GLY A 215 -50.94 -47.32 -56.05
C GLY A 215 -50.28 -47.22 -54.69
N CYS A 216 -49.43 -48.17 -54.35
CA CYS A 216 -48.77 -48.19 -53.05
C CYS A 216 -47.56 -47.26 -53.03
N LYS A 217 -47.43 -46.50 -51.94
CA LYS A 217 -46.33 -45.57 -51.74
C LYS A 217 -45.76 -45.78 -50.34
N VAL A 218 -44.43 -45.68 -50.23
CA VAL A 218 -43.73 -45.87 -48.97
C VAL A 218 -42.93 -44.61 -48.65
N ASP A 219 -42.57 -44.47 -47.38
CA ASP A 219 -41.82 -43.32 -46.86
C ASP A 219 -40.45 -43.80 -46.39
N ASN A 220 -39.47 -43.81 -47.30
CA ASN A 220 -38.13 -44.26 -46.94
C ASN A 220 -37.33 -43.14 -46.28
N SER A 221 -37.91 -42.51 -45.26
CA SER A 221 -37.21 -41.44 -44.56
C SER A 221 -36.01 -42.00 -43.81
N SER A 222 -36.19 -43.13 -43.16
CA SER A 222 -35.17 -43.77 -42.35
C SER A 222 -33.97 -44.26 -43.16
N LEU A 223 -34.11 -44.50 -44.45
CA LEU A 223 -33.00 -45.01 -45.24
C LEU A 223 -32.41 -43.98 -46.18
N THR A 224 -33.24 -43.13 -46.78
CA THR A 224 -32.74 -42.11 -47.69
C THR A 224 -32.49 -40.78 -46.98
N GLY A 225 -33.37 -40.40 -46.07
CA GLY A 225 -33.27 -39.13 -45.38
C GLY A 225 -34.21 -38.11 -45.98
N GLU A 226 -35.20 -38.55 -46.76
CA GLU A 226 -36.14 -37.69 -47.47
C GLU A 226 -37.56 -38.16 -47.26
N SER A 227 -38.45 -37.21 -46.94
CA SER A 227 -39.87 -37.46 -46.76
C SER A 227 -40.55 -37.61 -48.11
N GLU A 228 -39.75 -37.88 -49.15
CA GLU A 228 -40.23 -38.03 -50.52
C GLU A 228 -41.04 -39.31 -50.66
N PRO A 229 -42.28 -39.22 -51.13
CA PRO A 229 -43.11 -40.42 -51.29
C PRO A 229 -42.77 -41.33 -52.48
N GLN A 230 -41.88 -42.30 -52.27
CA GLN A 230 -41.55 -43.22 -53.35
C GLN A 230 -42.67 -44.24 -53.54
N THR A 231 -42.75 -44.81 -54.75
CA THR A 231 -43.81 -45.75 -55.11
C THR A 231 -43.25 -47.16 -55.25
N ARG A 232 -43.98 -48.15 -54.73
CA ARG A 232 -43.55 -49.55 -54.80
C ARG A 232 -44.33 -50.28 -55.88
N SER A 233 -43.64 -50.71 -56.93
CA SER A 233 -44.24 -51.42 -58.04
C SER A 233 -43.68 -52.84 -58.12
N PRO A 234 -44.48 -53.80 -58.58
CA PRO A 234 -43.97 -55.18 -58.68
C PRO A 234 -42.83 -55.34 -59.67
N GLU A 235 -42.71 -54.42 -60.64
CA GLU A 235 -41.63 -54.51 -61.61
C GLU A 235 -40.32 -53.99 -61.02
N PHE A 236 -39.22 -54.37 -61.65
CA PHE A 236 -37.89 -53.96 -61.24
C PHE A 236 -37.48 -52.72 -62.01
N SER A 237 -36.72 -51.83 -61.34
CA SER A 237 -36.31 -50.61 -62.02
C SER A 237 -34.87 -50.15 -61.83
N SER A 238 -34.11 -50.66 -60.86
CA SER A 238 -32.75 -50.18 -60.69
C SER A 238 -31.84 -51.28 -60.17
N GLU A 239 -30.58 -51.25 -60.61
CA GLU A 239 -29.61 -52.26 -60.18
C GLU A 239 -29.35 -52.17 -58.68
N ASN A 240 -29.56 -51.01 -58.07
CA ASN A 240 -29.35 -50.83 -56.64
C ASN A 240 -30.63 -51.24 -55.91
N PRO A 241 -30.56 -52.19 -54.97
CA PRO A 241 -31.78 -52.60 -54.26
C PRO A 241 -32.47 -51.48 -53.52
N LEU A 242 -31.72 -50.48 -53.05
CA LEU A 242 -32.35 -49.38 -52.33
C LEU A 242 -33.15 -48.47 -53.25
N GLU A 243 -32.86 -48.48 -54.55
CA GLU A 243 -33.56 -47.63 -55.51
C GLU A 243 -34.73 -48.32 -56.20
N THR A 244 -34.72 -49.65 -56.30
CA THR A 244 -35.81 -50.34 -56.97
C THR A 244 -37.10 -50.23 -56.16
N ARG A 245 -38.22 -50.25 -56.88
CA ARG A 245 -39.53 -50.13 -56.27
C ARG A 245 -40.14 -51.47 -55.85
N ASN A 246 -39.60 -52.59 -56.31
CA ASN A 246 -40.15 -53.89 -55.96
C ASN A 246 -39.71 -54.38 -54.60
N ILE A 247 -39.22 -53.50 -53.73
CA ILE A 247 -38.79 -53.91 -52.39
C ILE A 247 -39.26 -52.92 -51.35
N ALA A 248 -39.95 -53.42 -50.33
CA ALA A 248 -40.39 -52.63 -49.19
C ALA A 248 -39.34 -52.87 -48.12
N PHE A 249 -39.12 -51.88 -47.27
CA PHE A 249 -38.07 -52.01 -46.27
C PHE A 249 -38.60 -51.82 -44.85
N PHE A 250 -38.12 -52.67 -43.94
CA PHE A 250 -38.47 -52.59 -42.53
C PHE A 250 -38.11 -51.17 -42.11
N SER A 251 -38.72 -50.67 -41.05
CA SER A 251 -38.51 -49.31 -40.54
C SER A 251 -39.20 -48.27 -41.40
N THR A 252 -40.11 -48.64 -42.29
CA THR A 252 -40.81 -47.67 -43.12
C THR A 252 -42.30 -47.90 -42.97
N ASN A 253 -43.07 -47.07 -43.67
CA ASN A 253 -44.50 -47.15 -43.59
C ASN A 253 -45.11 -46.91 -44.96
N CYS A 254 -46.22 -47.60 -45.23
CA CYS A 254 -46.95 -47.47 -46.47
C CYS A 254 -47.86 -46.26 -46.29
N VAL A 255 -47.51 -45.15 -46.95
CA VAL A 255 -48.28 -43.93 -46.82
C VAL A 255 -49.67 -44.07 -47.43
N GLU A 256 -49.75 -44.66 -48.63
CA GLU A 256 -51.04 -44.80 -49.29
C GLU A 256 -51.03 -46.01 -50.20
N GLY A 257 -52.20 -46.62 -50.35
CA GLY A 257 -52.36 -47.79 -51.20
C GLY A 257 -52.20 -49.09 -50.44
N THR A 258 -52.37 -50.17 -51.16
CA THR A 258 -52.26 -51.52 -50.60
C THR A 258 -51.33 -52.35 -51.47
N ALA A 259 -50.66 -53.31 -50.84
CA ALA A 259 -49.74 -54.13 -51.62
C ALA A 259 -49.58 -55.51 -50.97
N ARG A 260 -49.01 -56.42 -51.76
CA ARG A 260 -48.74 -57.78 -51.37
C ARG A 260 -47.26 -58.06 -51.54
N GLY A 261 -46.77 -59.07 -50.82
CA GLY A 261 -45.35 -59.39 -50.95
C GLY A 261 -44.96 -60.63 -50.19
N VAL A 262 -43.66 -60.90 -50.20
CA VAL A 262 -43.06 -62.06 -49.55
C VAL A 262 -41.95 -61.58 -48.62
N VAL A 263 -41.77 -62.26 -47.50
CA VAL A 263 -40.76 -61.86 -46.53
C VAL A 263 -39.41 -62.44 -46.92
N VAL A 264 -38.47 -61.55 -47.22
CA VAL A 264 -37.12 -61.94 -47.58
C VAL A 264 -36.19 -61.82 -46.38
N TYR A 265 -36.42 -60.80 -45.54
CA TYR A 265 -35.56 -60.65 -44.36
C TYR A 265 -36.37 -60.35 -43.11
N THR A 266 -36.04 -61.07 -42.03
CA THR A 266 -36.70 -60.91 -40.74
C THR A 266 -35.64 -60.92 -39.64
N GLY A 267 -35.71 -59.94 -38.74
CA GLY A 267 -34.79 -59.88 -37.61
C GLY A 267 -33.54 -59.02 -37.70
N ASP A 268 -32.42 -59.57 -37.21
CA ASP A 268 -31.11 -58.91 -37.20
C ASP A 268 -30.47 -58.83 -38.58
N ARG A 269 -31.08 -59.44 -39.59
CA ARG A 269 -30.55 -59.45 -40.94
C ARG A 269 -31.06 -58.30 -41.81
N THR A 270 -32.05 -57.53 -41.35
CA THR A 270 -32.59 -56.45 -42.17
C THR A 270 -31.61 -55.28 -42.28
N VAL A 271 -31.90 -54.38 -43.23
CA VAL A 271 -31.05 -53.22 -43.51
C VAL A 271 -31.00 -52.26 -42.34
N MET A 272 -32.15 -51.65 -41.98
CA MET A 272 -32.04 -50.76 -40.83
C MET A 272 -31.73 -51.56 -39.58
N GLY A 273 -31.75 -52.89 -39.70
CA GLY A 273 -31.40 -53.78 -38.63
C GLY A 273 -29.88 -53.86 -38.59
N ARG A 274 -29.23 -53.97 -39.74
CA ARG A 274 -27.76 -53.96 -39.74
C ARG A 274 -27.25 -52.62 -39.24
N ILE A 275 -27.96 -51.55 -39.59
CA ILE A 275 -27.56 -50.21 -39.14
C ILE A 275 -27.74 -50.08 -37.62
N ALA A 276 -28.86 -50.58 -37.07
CA ALA A 276 -29.06 -50.51 -35.63
C ALA A 276 -28.03 -51.35 -34.90
N THR A 277 -27.75 -52.57 -35.40
CA THR A 277 -26.76 -53.43 -34.77
C THR A 277 -25.38 -52.79 -34.81
N LEU A 278 -25.07 -52.08 -35.89
CA LEU A 278 -23.78 -51.40 -35.97
C LEU A 278 -23.73 -50.24 -34.98
N ALA A 279 -24.82 -49.50 -34.86
CA ALA A 279 -24.88 -48.36 -33.95
C ALA A 279 -24.66 -48.77 -32.49
N SER A 280 -25.37 -49.80 -32.04
CA SER A 280 -25.19 -50.22 -30.65
C SER A 280 -23.83 -50.83 -30.37
N GLY A 281 -23.08 -51.21 -31.41
CA GLY A 281 -21.80 -51.85 -31.28
C GLY A 281 -20.65 -51.10 -31.90
N LEU A 282 -20.75 -49.78 -31.83
CA LEU A 282 -19.69 -48.89 -32.31
C LEU A 282 -19.26 -48.16 -31.06
N GLU A 283 -17.97 -48.25 -30.73
CA GLU A 283 -17.45 -47.67 -29.50
C GLU A 283 -17.85 -46.21 -29.40
N VAL A 284 -17.69 -45.63 -28.22
CA VAL A 284 -18.06 -44.25 -28.04
C VAL A 284 -16.92 -43.31 -28.40
N GLY A 285 -15.72 -43.72 -28.06
CA GLY A 285 -14.53 -42.93 -28.27
C GLY A 285 -14.03 -42.42 -26.94
N ARG A 286 -13.04 -41.56 -27.01
CA ARG A 286 -12.46 -40.97 -25.81
C ARG A 286 -12.26 -39.50 -26.12
N THR A 287 -13.11 -38.66 -25.53
CA THR A 287 -13.15 -37.22 -25.71
C THR A 287 -11.80 -36.57 -25.52
N PRO A 288 -11.63 -35.33 -25.99
CA PRO A 288 -10.34 -34.65 -25.78
C PRO A 288 -10.11 -34.28 -24.33
N ILE A 289 -11.13 -33.78 -23.62
CA ILE A 289 -10.95 -33.42 -22.22
C ILE A 289 -10.39 -34.60 -21.43
N ALA A 290 -10.86 -35.80 -21.72
CA ALA A 290 -10.38 -37.00 -21.04
C ALA A 290 -8.91 -37.27 -21.39
N ILE A 291 -8.59 -37.37 -22.69
CA ILE A 291 -7.21 -37.61 -23.12
C ILE A 291 -6.28 -36.57 -22.49
N GLU A 292 -6.76 -35.33 -22.37
CA GLU A 292 -6.00 -34.27 -21.74
C GLU A 292 -5.80 -34.55 -20.26
N ILE A 293 -6.85 -35.05 -19.59
CA ILE A 293 -6.73 -35.40 -18.18
C ILE A 293 -5.71 -36.52 -18.01
N GLU A 294 -5.69 -37.45 -18.97
CA GLU A 294 -4.72 -38.54 -18.96
C GLU A 294 -3.30 -37.97 -18.98
N HIS A 295 -3.04 -37.07 -19.94
CA HIS A 295 -1.72 -36.47 -20.04
C HIS A 295 -1.34 -35.72 -18.76
N PHE A 296 -2.29 -34.95 -18.21
CA PHE A 296 -2.03 -34.19 -16.98
C PHE A 296 -1.64 -35.13 -15.84
N ILE A 297 -2.41 -36.21 -15.66
CA ILE A 297 -2.11 -37.19 -14.61
C ILE A 297 -0.70 -37.75 -14.81
N HIS A 298 -0.38 -38.13 -16.04
CA HIS A 298 0.95 -38.66 -16.35
C HIS A 298 2.04 -37.70 -15.83
N ILE A 299 1.96 -36.44 -16.24
CA ILE A 299 2.95 -35.42 -15.85
C ILE A 299 3.12 -35.39 -14.33
N ILE A 300 1.99 -35.24 -13.62
CA ILE A 300 2.01 -35.13 -12.17
C ILE A 300 2.73 -36.32 -11.54
N THR A 301 2.33 -37.54 -11.92
CA THR A 301 2.95 -38.72 -11.35
C THR A 301 4.42 -38.83 -11.69
N GLY A 302 4.86 -38.19 -12.78
CA GLY A 302 6.27 -38.23 -13.11
C GLY A 302 7.10 -37.47 -12.10
N VAL A 303 6.73 -36.21 -11.84
CA VAL A 303 7.55 -35.49 -10.83
C VAL A 303 7.42 -36.09 -9.43
N ALA A 304 6.28 -36.72 -9.11
CA ALA A 304 6.20 -37.30 -7.77
C ALA A 304 7.13 -38.50 -7.60
N VAL A 305 7.25 -39.37 -8.62
CA VAL A 305 8.17 -40.47 -8.43
C VAL A 305 9.63 -40.03 -8.60
N PHE A 306 9.88 -38.95 -9.34
CA PHE A 306 11.26 -38.47 -9.45
C PHE A 306 11.76 -37.91 -8.12
N LEU A 307 10.93 -37.06 -7.48
CA LEU A 307 11.34 -36.51 -6.19
C LEU A 307 11.48 -37.61 -5.13
N GLY A 308 10.68 -38.68 -5.23
CA GLY A 308 10.82 -39.74 -4.25
C GLY A 308 12.08 -40.59 -4.42
N VAL A 309 12.42 -40.95 -5.67
CA VAL A 309 13.64 -41.72 -5.85
C VAL A 309 14.86 -40.90 -5.47
N SER A 310 14.80 -39.58 -5.71
CA SER A 310 15.93 -38.73 -5.34
C SER A 310 16.08 -38.58 -3.83
N PHE A 311 14.96 -38.42 -3.09
CA PHE A 311 15.23 -38.31 -1.67
C PHE A 311 15.48 -39.66 -1.02
N PHE A 312 15.35 -40.75 -1.77
CA PHE A 312 15.75 -42.02 -1.19
C PHE A 312 17.26 -42.18 -1.28
N ILE A 313 17.83 -41.94 -2.47
CA ILE A 313 19.28 -42.02 -2.57
C ILE A 313 19.93 -41.03 -1.59
N LEU A 314 19.32 -39.85 -1.45
CA LEU A 314 19.84 -38.88 -0.49
C LEU A 314 19.77 -39.39 0.95
N SER A 315 18.64 -40.01 1.33
CA SER A 315 18.53 -40.54 2.69
C SER A 315 19.48 -41.70 2.94
N LEU A 316 20.06 -42.26 1.88
CA LEU A 316 21.06 -43.31 2.07
C LEU A 316 22.47 -42.75 2.13
N ILE A 317 22.70 -41.60 1.49
CA ILE A 317 24.00 -40.97 1.57
C ILE A 317 24.18 -40.28 2.93
N LEU A 318 23.09 -39.94 3.61
CA LEU A 318 23.25 -39.29 4.91
C LEU A 318 23.27 -40.24 6.12
N GLY A 319 22.66 -41.42 6.03
CA GLY A 319 22.71 -42.31 7.19
C GLY A 319 21.45 -43.03 7.65
N TYR A 320 20.28 -42.46 7.37
CA TYR A 320 19.02 -43.05 7.79
C TYR A 320 18.92 -44.52 7.39
N SER A 321 18.23 -45.30 8.23
CA SER A 321 18.03 -46.73 8.01
C SER A 321 17.13 -46.95 6.78
N TRP A 322 16.98 -48.22 6.38
CA TRP A 322 16.14 -48.51 5.22
C TRP A 322 14.66 -48.32 5.53
N LEU A 323 14.26 -48.53 6.79
CA LEU A 323 12.85 -48.33 7.10
C LEU A 323 12.48 -46.86 6.94
N GLU A 324 13.37 -45.96 7.34
CA GLU A 324 13.08 -44.53 7.18
C GLU A 324 13.17 -44.10 5.73
N ALA A 325 14.15 -44.58 4.98
CA ALA A 325 14.27 -44.20 3.58
C ALA A 325 13.04 -44.64 2.77
N VAL A 326 12.53 -45.85 3.04
CA VAL A 326 11.35 -46.31 2.34
C VAL A 326 10.12 -45.51 2.77
N ILE A 327 9.98 -45.23 4.08
CA ILE A 327 8.85 -44.46 4.55
C ILE A 327 8.89 -43.03 3.97
N PHE A 328 10.09 -42.46 3.83
CA PHE A 328 10.23 -41.13 3.25
C PHE A 328 9.77 -41.12 1.80
N LEU A 329 10.16 -42.15 1.04
CA LEU A 329 9.75 -42.24 -0.36
C LEU A 329 8.22 -42.21 -0.49
N ILE A 330 7.55 -43.05 0.30
CA ILE A 330 6.10 -43.14 0.22
C ILE A 330 5.46 -41.79 0.60
N GLY A 331 6.02 -41.12 1.61
CA GLY A 331 5.47 -39.83 2.00
C GLY A 331 5.59 -38.77 0.90
N ILE A 332 6.71 -38.71 0.21
CA ILE A 332 6.90 -37.68 -0.82
C ILE A 332 5.97 -37.89 -2.01
N ILE A 333 5.83 -39.15 -2.44
CA ILE A 333 4.94 -39.40 -3.58
C ILE A 333 3.51 -38.99 -3.25
N VAL A 334 2.98 -39.53 -2.14
CA VAL A 334 1.60 -39.18 -1.80
C VAL A 334 1.44 -37.67 -1.59
N ALA A 335 2.47 -37.02 -1.05
CA ALA A 335 2.36 -35.58 -0.82
C ALA A 335 2.23 -34.80 -2.13
N ASN A 336 2.70 -35.35 -3.25
CA ASN A 336 2.57 -34.62 -4.51
C ASN A 336 1.23 -34.86 -5.24
N VAL A 337 0.16 -35.22 -4.54
CA VAL A 337 -1.14 -35.46 -5.19
C VAL A 337 -2.12 -34.34 -4.82
N PRO A 338 -2.69 -33.63 -5.80
CA PRO A 338 -3.70 -32.58 -5.50
C PRO A 338 -5.11 -33.14 -5.34
N GLU A 339 -5.63 -33.14 -4.11
CA GLU A 339 -6.94 -33.73 -3.82
C GLU A 339 -8.11 -33.13 -4.60
N GLY A 340 -8.14 -31.82 -4.82
CA GLY A 340 -9.32 -31.29 -5.49
C GLY A 340 -9.32 -30.89 -6.93
N LEU A 341 -8.19 -31.03 -7.64
CA LEU A 341 -8.13 -30.63 -9.05
C LEU A 341 -9.06 -31.44 -9.95
N LEU A 342 -9.33 -32.71 -9.65
CA LEU A 342 -10.23 -33.48 -10.50
C LEU A 342 -11.68 -33.07 -10.27
N ALA A 343 -12.08 -32.95 -8.99
CA ALA A 343 -13.43 -32.49 -8.69
C ALA A 343 -13.63 -31.05 -9.16
N THR A 344 -12.57 -30.24 -9.07
CA THR A 344 -12.64 -28.87 -9.55
C THR A 344 -12.88 -28.82 -11.04
N VAL A 345 -12.26 -29.73 -11.80
CA VAL A 345 -12.54 -29.72 -13.23
C VAL A 345 -14.01 -30.06 -13.48
N THR A 346 -14.59 -30.91 -12.63
CA THR A 346 -16.02 -31.22 -12.80
C THR A 346 -16.90 -29.98 -12.60
N VAL A 347 -16.67 -29.24 -11.49
CA VAL A 347 -17.49 -28.04 -11.24
C VAL A 347 -17.29 -27.00 -12.34
N CYS A 348 -16.04 -26.88 -12.80
CA CYS A 348 -15.71 -25.95 -13.87
C CYS A 348 -16.56 -26.22 -15.10
N LEU A 349 -16.59 -27.47 -15.55
CA LEU A 349 -17.38 -27.82 -16.73
C LEU A 349 -18.89 -27.61 -16.52
N THR A 350 -19.39 -27.88 -15.32
CA THR A 350 -20.83 -27.75 -15.08
C THR A 350 -21.32 -26.32 -15.21
N LEU A 351 -20.53 -25.33 -14.76
CA LEU A 351 -21.03 -23.95 -14.86
C LEU A 351 -21.27 -23.54 -16.32
N THR A 352 -20.39 -23.98 -17.23
CA THR A 352 -20.59 -23.65 -18.64
C THR A 352 -21.81 -24.38 -19.19
N ALA A 353 -22.02 -25.63 -18.76
CA ALA A 353 -23.21 -26.32 -19.26
C ALA A 353 -24.50 -25.58 -18.87
N LYS A 354 -24.50 -24.90 -17.71
CA LYS A 354 -25.70 -24.14 -17.36
C LYS A 354 -25.85 -22.89 -18.23
N ARG A 355 -24.73 -22.20 -18.48
CA ARG A 355 -24.82 -21.04 -19.38
C ARG A 355 -25.43 -21.47 -20.71
N MET A 356 -25.01 -22.63 -21.20
CA MET A 356 -25.55 -23.15 -22.46
C MET A 356 -27.03 -23.44 -22.34
N ALA A 357 -27.46 -24.01 -21.20
CA ALA A 357 -28.88 -24.30 -21.01
C ALA A 357 -29.72 -23.04 -21.09
N ARG A 358 -29.11 -21.88 -20.92
CA ARG A 358 -29.92 -20.67 -21.06
C ARG A 358 -30.27 -20.35 -22.52
N LYS A 359 -29.44 -20.75 -23.49
CA LYS A 359 -29.67 -20.49 -24.91
C LYS A 359 -30.22 -21.71 -25.66
N ASN A 360 -31.02 -22.53 -24.98
CA ASN A 360 -31.68 -23.73 -25.54
C ASN A 360 -30.71 -24.73 -26.17
N CYS A 361 -29.54 -24.91 -25.57
CA CYS A 361 -28.54 -25.87 -26.02
C CYS A 361 -28.24 -26.80 -24.83
N LEU A 362 -28.82 -28.00 -24.85
CA LEU A 362 -28.68 -28.98 -23.77
C LEU A 362 -27.70 -30.07 -24.13
N VAL A 363 -26.72 -30.34 -23.28
CA VAL A 363 -25.70 -31.35 -23.58
C VAL A 363 -25.89 -32.56 -22.69
N LYS A 364 -26.11 -33.73 -23.30
CA LYS A 364 -26.27 -34.95 -22.51
C LYS A 364 -24.97 -35.34 -21.84
N ASN A 365 -23.84 -35.12 -22.51
CA ASN A 365 -22.52 -35.46 -22.00
C ASN A 365 -21.76 -34.17 -21.65
N LEU A 366 -21.28 -34.10 -20.40
CA LEU A 366 -20.53 -32.93 -19.96
C LEU A 366 -19.21 -32.79 -20.71
N GLU A 367 -18.55 -33.92 -20.97
CA GLU A 367 -17.28 -33.90 -21.67
C GLU A 367 -17.43 -33.35 -23.09
N ALA A 368 -18.57 -33.61 -23.72
CA ALA A 368 -18.82 -33.16 -25.09
C ALA A 368 -18.74 -31.64 -25.22
N VAL A 369 -19.19 -30.92 -24.20
CA VAL A 369 -19.23 -29.46 -24.18
C VAL A 369 -17.97 -28.86 -24.80
N GLU A 370 -16.82 -29.40 -24.44
CA GLU A 370 -15.54 -28.91 -24.96
C GLU A 370 -15.25 -29.37 -26.38
N THR A 371 -15.76 -30.52 -26.80
CA THR A 371 -15.45 -31.05 -28.12
C THR A 371 -15.79 -30.09 -29.25
N LEU A 372 -16.85 -29.28 -29.11
CA LEU A 372 -17.21 -28.37 -30.19
C LEU A 372 -16.11 -27.36 -30.47
N GLY A 373 -15.50 -26.79 -29.43
CA GLY A 373 -14.44 -25.82 -29.63
C GLY A 373 -13.21 -26.40 -30.29
N SER A 374 -12.91 -27.67 -30.03
CA SER A 374 -11.75 -28.32 -30.62
C SER A 374 -12.06 -28.94 -31.98
N THR A 375 -13.31 -28.92 -32.41
CA THR A 375 -13.64 -29.49 -33.70
C THR A 375 -12.98 -28.66 -34.80
N SER A 376 -12.48 -29.35 -35.80
CA SER A 376 -11.86 -28.71 -36.94
C SER A 376 -12.64 -28.99 -38.21
N THR A 377 -13.60 -29.91 -38.17
CA THR A 377 -14.38 -30.28 -39.33
C THR A 377 -15.77 -30.70 -38.90
N ILE A 378 -16.78 -29.98 -39.37
CA ILE A 378 -18.17 -30.25 -39.05
C ILE A 378 -18.83 -30.90 -40.24
N CYS A 379 -19.31 -32.11 -40.06
CA CYS A 379 -20.01 -32.85 -41.10
C CYS A 379 -21.49 -32.67 -40.81
N SER A 380 -22.19 -31.97 -41.69
CA SER A 380 -23.59 -31.70 -41.46
C SER A 380 -24.48 -32.46 -42.44
N ASP A 381 -25.76 -32.52 -42.06
CA ASP A 381 -26.83 -33.15 -42.82
C ASP A 381 -27.65 -32.04 -43.48
N LYS A 382 -28.30 -32.38 -44.58
CA LYS A 382 -29.04 -31.30 -45.22
C LYS A 382 -30.51 -31.21 -44.84
N THR A 383 -31.34 -32.08 -45.42
CA THR A 383 -32.77 -32.07 -45.15
C THR A 383 -33.02 -32.20 -43.66
N GLY A 384 -33.77 -31.26 -43.10
CA GLY A 384 -34.09 -31.25 -41.69
C GLY A 384 -33.07 -30.58 -40.80
N THR A 385 -31.82 -30.43 -41.24
CA THR A 385 -30.79 -29.76 -40.45
C THR A 385 -30.37 -28.44 -41.08
N LEU A 386 -29.85 -28.49 -42.30
CA LEU A 386 -29.46 -27.26 -42.99
C LEU A 386 -30.68 -26.52 -43.51
N THR A 387 -31.76 -27.26 -43.78
CA THR A 387 -33.00 -26.73 -44.32
C THR A 387 -34.16 -26.92 -43.35
N GLN A 388 -35.37 -26.58 -43.82
CA GLN A 388 -36.61 -26.69 -43.05
C GLN A 388 -37.48 -27.87 -43.43
N ASN A 389 -37.14 -28.61 -44.48
CA ASN A 389 -37.92 -29.76 -44.94
C ASN A 389 -39.39 -29.36 -45.11
N ARG A 390 -39.59 -28.25 -45.81
CA ARG A 390 -40.94 -27.76 -46.07
C ARG A 390 -40.87 -27.03 -47.40
N MET A 391 -41.33 -27.71 -48.46
CA MET A 391 -41.33 -27.08 -49.77
C MET A 391 -41.93 -25.69 -49.64
N THR A 392 -41.21 -24.70 -50.14
CA THR A 392 -41.66 -23.33 -50.03
C THR A 392 -41.50 -22.66 -51.37
N VAL A 393 -42.49 -21.84 -51.74
CA VAL A 393 -42.49 -21.11 -53.00
C VAL A 393 -41.32 -20.14 -52.96
N ALA A 394 -40.33 -20.35 -53.83
CA ALA A 394 -39.13 -19.51 -53.84
C ALA A 394 -39.16 -18.37 -54.84
N HIS A 395 -39.29 -18.66 -56.14
CA HIS A 395 -39.31 -17.65 -57.19
C HIS A 395 -40.57 -17.76 -58.04
N MET A 396 -40.98 -16.62 -58.61
CA MET A 396 -42.19 -16.54 -59.44
C MET A 396 -41.91 -15.75 -60.71
N TRP A 397 -42.49 -16.19 -61.82
CA TRP A 397 -42.35 -15.49 -63.09
C TRP A 397 -43.65 -14.86 -63.51
N PHE A 398 -43.61 -13.57 -63.86
CA PHE A 398 -44.76 -12.84 -64.36
C PHE A 398 -44.30 -11.47 -64.84
N ASP A 399 -44.94 -10.98 -65.90
CA ASP A 399 -44.59 -9.69 -66.52
C ASP A 399 -43.12 -9.67 -66.93
N ASN A 400 -42.69 -10.73 -67.61
CA ASN A 400 -41.30 -10.88 -68.07
C ASN A 400 -40.33 -10.42 -66.99
N GLN A 401 -40.53 -10.94 -65.78
CA GLN A 401 -39.70 -10.50 -64.67
C GLN A 401 -39.71 -11.52 -63.53
N ILE A 402 -38.52 -11.89 -63.07
CA ILE A 402 -38.38 -12.83 -61.97
C ILE A 402 -38.60 -12.09 -60.67
N HIS A 403 -39.45 -12.65 -59.80
CA HIS A 403 -39.78 -12.08 -58.50
C HIS A 403 -39.38 -13.09 -57.44
N GLU A 404 -38.84 -12.61 -56.33
CA GLU A 404 -38.42 -13.46 -55.23
C GLU A 404 -39.37 -13.31 -54.06
N ALA A 405 -39.68 -14.43 -53.42
CA ALA A 405 -40.57 -14.46 -52.28
C ALA A 405 -39.78 -14.79 -51.02
N ASP A 406 -40.33 -14.40 -49.88
CA ASP A 406 -39.69 -14.66 -48.60
C ASP A 406 -39.85 -16.12 -48.22
N THR A 407 -38.74 -16.81 -48.05
CA THR A 407 -38.73 -18.23 -47.69
C THR A 407 -38.07 -18.45 -46.34
N THR A 408 -38.41 -17.64 -45.35
CA THR A 408 -37.82 -17.73 -44.01
C THR A 408 -38.90 -17.94 -42.95
N GLU A 409 -38.57 -18.81 -42.00
CA GLU A 409 -39.45 -19.24 -40.91
C GLU A 409 -40.30 -18.15 -40.28
N ASN A 410 -39.66 -17.10 -39.77
CA ASN A 410 -40.36 -16.03 -39.08
C ASN A 410 -40.84 -14.92 -40.00
N GLN A 411 -40.67 -15.09 -41.32
CA GLN A 411 -41.11 -14.09 -42.30
C GLN A 411 -40.50 -12.71 -42.00
N SER A 412 -39.17 -12.65 -42.12
CA SER A 412 -38.43 -11.41 -41.89
C SER A 412 -37.64 -11.13 -43.16
N GLY A 413 -38.30 -10.49 -44.14
CA GLY A 413 -37.63 -10.21 -45.40
C GLY A 413 -38.26 -9.14 -46.28
N ALA A 414 -38.24 -9.39 -47.59
CA ALA A 414 -38.77 -8.46 -48.57
C ALA A 414 -40.00 -9.01 -49.27
N ALA A 415 -41.03 -8.17 -49.39
CA ALA A 415 -42.25 -8.53 -50.10
C ALA A 415 -41.95 -8.52 -51.60
N PHE A 416 -42.90 -8.98 -52.41
CA PHE A 416 -42.64 -9.06 -53.85
C PHE A 416 -43.48 -8.12 -54.72
N ASP A 417 -43.86 -6.95 -54.22
CA ASP A 417 -44.63 -6.00 -55.03
C ASP A 417 -46.00 -6.51 -55.44
N LYS A 418 -46.94 -6.62 -54.49
CA LYS A 418 -48.29 -7.11 -54.76
C LYS A 418 -49.22 -6.01 -55.31
N THR A 419 -48.82 -5.31 -56.37
CA THR A 419 -49.67 -4.25 -56.91
C THR A 419 -50.12 -4.44 -58.35
N SER A 420 -49.71 -5.49 -59.04
CA SER A 420 -50.14 -5.68 -60.42
C SER A 420 -51.34 -6.62 -60.48
N ALA A 421 -52.10 -6.51 -61.57
CA ALA A 421 -53.25 -7.39 -61.75
C ALA A 421 -52.80 -8.81 -62.05
N THR A 422 -51.65 -8.94 -62.71
CA THR A 422 -51.09 -10.25 -63.04
C THR A 422 -50.97 -11.11 -61.79
N TRP A 423 -50.42 -10.54 -60.71
CA TRP A 423 -50.29 -11.29 -59.46
C TRP A 423 -51.65 -11.76 -58.95
N SER A 424 -52.67 -10.91 -59.05
CA SER A 424 -54.00 -11.30 -58.59
C SER A 424 -54.52 -12.49 -59.38
N ALA A 425 -54.37 -12.44 -60.71
CA ALA A 425 -54.80 -13.58 -61.53
C ALA A 425 -54.02 -14.83 -61.16
N LEU A 426 -52.73 -14.67 -60.85
CA LEU A 426 -51.91 -15.81 -60.44
C LEU A 426 -52.43 -16.40 -59.13
N SER A 427 -52.80 -15.53 -58.19
CA SER A 427 -53.34 -16.00 -56.91
C SER A 427 -54.63 -16.76 -57.14
N ARG A 428 -55.46 -16.31 -58.08
CA ARG A 428 -56.70 -17.02 -58.37
C ARG A 428 -56.41 -18.38 -58.99
N ILE A 429 -55.44 -18.46 -59.90
CA ILE A 429 -55.12 -19.72 -60.55
C ILE A 429 -54.63 -20.73 -59.52
N ALA A 430 -53.61 -20.37 -58.74
CA ALA A 430 -53.05 -21.30 -57.76
C ALA A 430 -54.03 -21.60 -56.63
N ALA A 431 -54.70 -20.59 -56.09
CA ALA A 431 -55.62 -20.79 -54.98
C ALA A 431 -56.85 -21.57 -55.36
N LEU A 432 -57.27 -21.52 -56.63
CA LEU A 432 -58.46 -22.29 -57.00
C LEU A 432 -58.10 -23.70 -57.44
N CYS A 433 -57.11 -23.81 -58.32
CA CYS A 433 -56.65 -25.10 -58.83
C CYS A 433 -55.66 -25.68 -57.82
N ASN A 434 -56.21 -26.04 -56.67
CA ASN A 434 -55.49 -26.61 -55.53
C ASN A 434 -56.53 -27.23 -54.60
N ARG A 435 -56.31 -28.49 -54.19
CA ARG A 435 -57.25 -29.22 -53.35
C ARG A 435 -56.86 -29.35 -51.88
N ALA A 436 -55.69 -28.89 -51.45
CA ALA A 436 -55.31 -29.04 -50.05
C ALA A 436 -55.91 -27.93 -49.19
N VAL A 437 -56.10 -28.25 -47.91
CA VAL A 437 -56.68 -27.31 -46.94
C VAL A 437 -56.04 -27.52 -45.57
N PHE A 438 -55.86 -26.41 -44.84
CA PHE A 438 -55.29 -26.48 -43.50
C PHE A 438 -56.06 -27.47 -42.64
N GLN A 439 -55.35 -28.13 -41.74
CA GLN A 439 -55.98 -29.10 -40.85
C GLN A 439 -56.84 -28.36 -39.83
N ALA A 440 -58.03 -28.92 -39.57
CA ALA A 440 -58.94 -28.30 -38.60
C ALA A 440 -58.21 -27.96 -37.31
N GLY A 441 -58.59 -26.85 -36.68
CA GLY A 441 -57.97 -26.44 -35.43
C GLY A 441 -56.54 -25.96 -35.44
N GLN A 442 -56.15 -25.14 -36.42
CA GLN A 442 -54.81 -24.56 -36.47
C GLN A 442 -54.89 -23.05 -36.31
N ASP A 443 -56.05 -22.54 -35.94
CA ASP A 443 -56.35 -21.11 -35.78
C ASP A 443 -55.36 -20.38 -34.89
N ASN A 444 -54.48 -21.12 -34.21
CA ASN A 444 -53.51 -20.56 -33.29
C ASN A 444 -52.08 -20.47 -33.85
N VAL A 445 -51.57 -21.53 -34.46
CA VAL A 445 -50.21 -21.54 -34.99
C VAL A 445 -50.04 -20.51 -36.11
N PRO A 446 -48.80 -20.23 -36.53
CA PRO A 446 -48.58 -19.30 -37.65
C PRO A 446 -48.93 -19.98 -38.97
N ILE A 447 -48.86 -19.20 -40.05
CA ILE A 447 -49.23 -19.70 -41.38
C ILE A 447 -48.28 -20.74 -41.94
N LEU A 448 -47.00 -20.72 -41.55
CA LEU A 448 -46.11 -21.72 -42.14
C LEU A 448 -46.00 -23.00 -41.33
N LYS A 449 -46.01 -22.94 -40.00
CA LYS A 449 -45.88 -24.14 -39.20
C LYS A 449 -47.18 -24.94 -39.03
N ARG A 450 -48.29 -24.60 -39.69
CA ARG A 450 -49.48 -25.40 -39.47
C ARG A 450 -49.51 -26.62 -40.38
N SER A 451 -50.32 -27.60 -39.97
CA SER A 451 -50.47 -28.86 -40.71
C SER A 451 -51.41 -28.69 -41.90
N VAL A 452 -50.97 -29.17 -43.07
CA VAL A 452 -51.74 -29.10 -44.30
C VAL A 452 -51.83 -30.49 -44.92
N ALA A 453 -53.05 -30.94 -45.20
CA ALA A 453 -53.29 -32.25 -45.78
C ALA A 453 -53.22 -32.18 -47.30
N GLY A 454 -52.18 -32.79 -47.88
CA GLY A 454 -52.00 -32.81 -49.32
C GLY A 454 -50.54 -32.99 -49.70
N ASP A 455 -50.29 -32.85 -51.00
CA ASP A 455 -48.94 -32.95 -51.55
C ASP A 455 -48.11 -31.77 -51.04
N ALA A 456 -46.81 -31.81 -51.33
CA ALA A 456 -45.96 -30.70 -50.89
C ALA A 456 -46.03 -29.53 -51.85
N SER A 457 -46.40 -29.77 -53.10
CA SER A 457 -46.51 -28.68 -54.06
C SER A 457 -47.78 -27.88 -53.84
N GLU A 458 -48.93 -28.56 -53.75
CA GLU A 458 -50.17 -27.85 -53.48
C GLU A 458 -50.12 -27.21 -52.10
N SER A 459 -49.43 -27.83 -51.15
CA SER A 459 -49.30 -27.24 -49.82
C SER A 459 -48.45 -25.98 -49.86
N ALA A 460 -47.32 -26.01 -50.58
CA ALA A 460 -46.50 -24.81 -50.67
C ALA A 460 -47.27 -23.68 -51.35
N LEU A 461 -48.00 -23.99 -52.41
CA LEU A 461 -48.78 -22.97 -53.10
C LEU A 461 -49.88 -22.42 -52.20
N LEU A 462 -50.58 -23.31 -51.49
CA LEU A 462 -51.64 -22.88 -50.58
C LEU A 462 -51.09 -21.97 -49.50
N LYS A 463 -49.92 -22.30 -48.95
CA LYS A 463 -49.34 -21.46 -47.92
C LYS A 463 -48.93 -20.09 -48.46
N CYS A 464 -48.37 -20.03 -49.67
CA CYS A 464 -47.98 -18.72 -50.21
C CYS A 464 -49.20 -17.84 -50.46
N ILE A 465 -50.26 -18.44 -51.01
CA ILE A 465 -51.47 -17.67 -51.27
C ILE A 465 -52.13 -17.24 -49.97
N GLU A 466 -52.19 -18.14 -48.99
CA GLU A 466 -52.77 -17.79 -47.69
C GLU A 466 -51.89 -16.78 -46.96
N LEU A 467 -50.63 -16.66 -47.36
CA LEU A 467 -49.71 -15.74 -46.71
C LEU A 467 -49.89 -14.31 -47.18
N CYS A 468 -49.87 -14.07 -48.50
CA CYS A 468 -50.03 -12.68 -48.93
C CYS A 468 -51.31 -12.41 -49.70
N CYS A 469 -52.33 -13.24 -49.55
CA CYS A 469 -53.60 -13.02 -50.21
C CYS A 469 -54.77 -13.31 -49.28
N GLY A 470 -54.54 -13.46 -47.99
CA GLY A 470 -55.61 -13.73 -47.06
C GLY A 470 -56.16 -15.14 -47.20
N SER A 471 -57.19 -15.40 -46.39
CA SER A 471 -57.86 -16.69 -46.29
C SER A 471 -58.26 -17.32 -47.62
N VAL A 472 -57.68 -18.48 -47.93
CA VAL A 472 -58.01 -19.17 -49.17
C VAL A 472 -59.40 -19.81 -49.06
N GLN A 473 -59.86 -20.14 -47.85
CA GLN A 473 -61.17 -20.77 -47.69
C GLN A 473 -62.28 -19.87 -48.22
N GLY A 474 -62.11 -18.56 -48.13
CA GLY A 474 -63.12 -17.63 -48.63
C GLY A 474 -62.85 -17.38 -50.09
N MET A 475 -61.57 -17.37 -50.47
CA MET A 475 -61.22 -17.20 -51.88
C MET A 475 -61.77 -18.36 -52.70
N ARG A 476 -61.86 -19.54 -52.08
CA ARG A 476 -62.38 -20.76 -52.71
C ARG A 476 -63.90 -20.78 -52.66
N ASP A 477 -64.52 -20.31 -51.58
CA ASP A 477 -65.97 -20.31 -51.62
C ASP A 477 -66.51 -19.14 -52.44
N ARG A 478 -65.66 -18.14 -52.73
CA ARG A 478 -66.07 -17.00 -53.54
C ARG A 478 -66.23 -17.36 -55.01
N ASN A 479 -65.68 -18.51 -55.43
CA ASN A 479 -65.73 -19.03 -56.80
C ASN A 479 -66.02 -20.53 -56.76
N PRO A 480 -67.24 -20.95 -57.08
CA PRO A 480 -67.60 -22.38 -57.01
C PRO A 480 -67.04 -23.22 -58.16
N LYS A 481 -66.31 -24.28 -57.80
CA LYS A 481 -65.71 -25.19 -58.79
C LYS A 481 -66.77 -26.08 -59.42
N ILE A 482 -66.90 -26.00 -60.75
CA ILE A 482 -67.89 -26.82 -61.44
C ILE A 482 -67.35 -28.18 -61.83
N VAL A 483 -66.28 -28.23 -62.64
CA VAL A 483 -65.77 -29.54 -63.07
C VAL A 483 -64.25 -29.54 -63.09
N GLU A 484 -63.66 -30.60 -62.57
CA GLU A 484 -62.21 -30.75 -62.48
C GLU A 484 -61.76 -32.06 -63.13
N ILE A 485 -60.69 -32.01 -63.90
CA ILE A 485 -60.14 -33.23 -64.49
C ILE A 485 -58.81 -33.48 -63.80
N PRO A 486 -58.75 -34.48 -62.89
CA PRO A 486 -57.51 -34.74 -62.15
C PRO A 486 -56.25 -34.89 -62.99
N PHE A 487 -55.10 -34.67 -62.35
CA PHE A 487 -53.82 -34.81 -63.02
C PHE A 487 -53.72 -36.17 -63.69
N ASN A 488 -53.30 -36.18 -64.94
CA ASN A 488 -53.19 -37.41 -65.70
C ASN A 488 -51.73 -37.65 -66.08
N SER A 489 -51.37 -38.93 -66.17
CA SER A 489 -50.01 -39.29 -66.55
C SER A 489 -49.74 -38.96 -68.01
N THR A 490 -50.79 -38.84 -68.82
CA THR A 490 -50.67 -38.51 -70.23
C THR A 490 -50.89 -37.02 -70.49
N ASN A 491 -51.90 -36.43 -69.86
CA ASN A 491 -52.17 -35.00 -70.01
C ASN A 491 -51.07 -34.15 -69.38
N LYS A 492 -50.47 -34.64 -68.30
CA LYS A 492 -49.40 -33.95 -67.59
C LYS A 492 -49.83 -32.57 -67.07
N TYR A 493 -51.13 -32.41 -66.77
CA TYR A 493 -51.61 -31.13 -66.23
C TYR A 493 -52.79 -31.38 -65.31
N GLN A 494 -53.21 -30.32 -64.64
CA GLN A 494 -54.34 -30.34 -63.70
C GLN A 494 -55.22 -29.13 -64.01
N LEU A 495 -56.47 -29.36 -64.40
CA LEU A 495 -57.36 -28.27 -64.76
C LEU A 495 -58.72 -28.39 -64.08
N SER A 496 -59.42 -27.26 -64.06
CA SER A 496 -60.75 -27.18 -63.46
C SER A 496 -61.42 -25.87 -63.83
N ILE A 497 -62.75 -25.91 -63.91
CA ILE A 497 -63.58 -24.76 -64.22
C ILE A 497 -64.46 -24.43 -63.03
N HIS A 498 -64.58 -23.13 -62.78
CA HIS A 498 -65.34 -22.54 -61.70
C HIS A 498 -66.11 -21.33 -62.21
N GLU A 499 -67.08 -20.90 -61.42
CA GLU A 499 -67.85 -19.73 -61.76
C GLU A 499 -67.01 -18.49 -61.48
N ASN A 500 -67.37 -17.37 -62.10
CA ASN A 500 -66.65 -16.12 -61.93
C ASN A 500 -67.42 -15.25 -60.95
N GLU A 501 -66.75 -14.85 -59.86
CA GLU A 501 -67.39 -14.04 -58.84
C GLU A 501 -67.65 -12.61 -59.28
N LYS A 502 -67.30 -12.23 -60.50
CA LYS A 502 -67.59 -10.87 -60.93
C LYS A 502 -69.10 -10.70 -60.98
N SER A 503 -69.63 -9.76 -60.21
CA SER A 503 -71.08 -9.59 -60.24
C SER A 503 -71.55 -8.98 -61.55
N SER A 504 -70.62 -8.52 -62.40
CA SER A 504 -70.95 -7.95 -63.69
C SER A 504 -70.64 -8.91 -64.83
N GLU A 505 -69.96 -10.02 -64.55
CA GLU A 505 -69.62 -11.03 -65.55
C GLU A 505 -70.02 -12.39 -64.99
N SER A 506 -71.00 -13.03 -65.63
CA SER A 506 -71.48 -14.34 -65.21
C SER A 506 -70.84 -15.47 -65.99
N ARG A 507 -69.76 -15.18 -66.72
CA ARG A 507 -69.08 -16.18 -67.54
C ARG A 507 -68.42 -17.26 -66.70
N TYR A 508 -67.71 -18.17 -67.35
CA TYR A 508 -67.03 -19.27 -66.69
C TYR A 508 -65.52 -19.11 -66.78
N LEU A 509 -64.85 -19.44 -65.69
CA LEU A 509 -63.40 -19.35 -65.61
C LEU A 509 -62.81 -20.75 -65.66
N LEU A 510 -61.73 -20.90 -66.44
CA LEU A 510 -61.04 -22.18 -66.56
C LEU A 510 -59.59 -21.94 -66.19
N VAL A 511 -59.05 -22.80 -65.34
CA VAL A 511 -57.66 -22.68 -64.93
C VAL A 511 -56.98 -24.02 -65.05
N MET A 512 -55.67 -23.98 -65.31
CA MET A 512 -54.90 -25.20 -65.44
C MET A 512 -53.46 -24.91 -65.10
N LYS A 513 -52.83 -25.91 -64.49
CA LYS A 513 -51.44 -25.84 -64.09
C LYS A 513 -50.73 -27.09 -64.60
N GLY A 514 -49.42 -27.02 -64.72
CA GLY A 514 -48.69 -28.18 -65.18
C GLY A 514 -47.25 -27.82 -65.52
N ALA A 515 -46.56 -28.80 -66.11
CA ALA A 515 -45.18 -28.57 -66.49
C ALA A 515 -45.09 -27.39 -67.45
N PRO A 516 -44.10 -26.51 -67.29
CA PRO A 516 -44.01 -25.33 -68.17
C PRO A 516 -43.91 -25.65 -69.65
N GLU A 517 -43.31 -26.77 -70.04
CA GLU A 517 -43.21 -27.09 -71.46
C GLU A 517 -44.58 -27.43 -72.03
N ARG A 518 -45.30 -28.32 -71.35
CA ARG A 518 -46.63 -28.73 -71.81
C ARG A 518 -47.56 -27.53 -71.87
N ILE A 519 -47.55 -26.69 -70.82
CA ILE A 519 -48.42 -25.53 -70.79
C ILE A 519 -48.00 -24.50 -71.84
N LEU A 520 -46.70 -24.39 -72.10
CA LEU A 520 -46.26 -23.45 -73.12
C LEU A 520 -46.79 -23.87 -74.48
N ASP A 521 -46.86 -25.18 -74.73
CA ASP A 521 -47.41 -25.64 -76.00
C ASP A 521 -48.93 -25.44 -76.10
N ARG A 522 -49.59 -24.92 -75.04
CA ARG A 522 -51.03 -24.72 -75.04
C ARG A 522 -51.45 -23.26 -74.89
N CYS A 523 -50.59 -22.31 -75.20
CA CYS A 523 -50.98 -20.92 -75.07
C CYS A 523 -50.68 -20.17 -76.37
N SER A 524 -51.29 -19.00 -76.46
CA SER A 524 -51.10 -18.12 -77.59
C SER A 524 -51.17 -16.66 -77.18
N THR A 525 -51.38 -16.38 -75.89
CA THR A 525 -51.48 -15.04 -75.36
C THR A 525 -50.69 -15.00 -74.06
N ILE A 526 -50.43 -13.79 -73.59
CA ILE A 526 -49.68 -13.57 -72.36
C ILE A 526 -50.28 -12.37 -71.65
N LEU A 527 -50.58 -12.53 -70.37
CA LEU A 527 -51.16 -11.48 -69.55
C LEU A 527 -50.00 -10.60 -69.08
N LEU A 528 -49.75 -9.52 -69.82
CA LEU A 528 -48.67 -8.59 -69.50
C LEU A 528 -49.24 -7.37 -68.78
N ASN A 529 -48.80 -7.16 -67.54
CA ASN A 529 -49.19 -6.03 -66.70
C ASN A 529 -50.71 -5.88 -66.60
N GLY A 530 -51.43 -6.92 -66.98
CA GLY A 530 -52.87 -6.96 -66.96
C GLY A 530 -53.49 -7.12 -68.34
N ALA A 531 -53.03 -6.33 -69.31
CA ALA A 531 -53.60 -6.48 -70.65
C ALA A 531 -53.10 -7.79 -71.25
N GLU A 532 -53.59 -8.14 -72.43
CA GLU A 532 -53.15 -9.36 -73.08
C GLU A 532 -52.31 -9.00 -74.30
N GLU A 533 -51.45 -9.93 -74.68
CA GLU A 533 -50.57 -9.74 -75.84
C GLU A 533 -50.34 -11.08 -76.50
N PRO A 534 -49.86 -11.10 -77.74
CA PRO A 534 -49.58 -12.37 -78.41
C PRO A 534 -48.36 -13.05 -77.81
N LEU A 535 -48.12 -14.28 -78.25
CA LEU A 535 -47.00 -15.11 -77.79
C LEU A 535 -45.84 -15.14 -78.77
N LYS A 536 -45.46 -14.00 -79.33
CA LYS A 536 -44.34 -13.98 -80.26
C LYS A 536 -43.09 -14.57 -79.64
N GLU A 537 -42.16 -15.01 -80.50
CA GLU A 537 -40.93 -15.66 -80.06
C GLU A 537 -40.10 -14.85 -79.09
N ASP A 538 -40.29 -13.53 -79.02
CA ASP A 538 -39.49 -12.74 -78.07
C ASP A 538 -39.80 -13.16 -76.64
N MET A 539 -41.10 -13.20 -76.29
CA MET A 539 -41.46 -13.65 -74.95
C MET A 539 -41.32 -15.16 -74.81
N LYS A 540 -41.36 -15.91 -75.92
CA LYS A 540 -41.15 -17.35 -75.83
C LYS A 540 -39.71 -17.64 -75.42
N GLU A 541 -38.77 -16.85 -75.93
CA GLU A 541 -37.38 -17.01 -75.54
C GLU A 541 -37.15 -16.45 -74.13
N ALA A 542 -37.87 -15.39 -73.76
CA ALA A 542 -37.74 -14.91 -72.39
C ALA A 542 -38.26 -15.95 -71.42
N PHE A 543 -39.26 -16.73 -71.84
CA PHE A 543 -39.81 -17.81 -71.05
C PHE A 543 -38.83 -18.98 -70.97
N GLN A 544 -38.08 -19.23 -72.04
CA GLN A 544 -37.09 -20.31 -71.99
C GLN A 544 -35.94 -19.95 -71.06
N ASN A 545 -35.46 -18.71 -71.14
CA ASN A 545 -34.38 -18.30 -70.25
C ASN A 545 -34.86 -18.28 -68.80
N ALA A 546 -36.12 -17.91 -68.57
CA ALA A 546 -36.66 -17.94 -67.21
C ALA A 546 -36.75 -19.38 -66.71
N TYR A 547 -37.15 -20.31 -67.59
CA TYR A 547 -37.22 -21.71 -67.20
C TYR A 547 -35.85 -22.24 -66.79
N LEU A 548 -34.83 -21.93 -67.58
CA LEU A 548 -33.49 -22.40 -67.22
C LEU A 548 -32.93 -21.65 -66.01
N GLU A 549 -33.40 -20.43 -65.74
CA GLU A 549 -32.93 -19.70 -64.58
C GLU A 549 -33.47 -20.34 -63.30
N LEU A 550 -34.78 -20.61 -63.27
CA LEU A 550 -35.35 -21.24 -62.09
C LEU A 550 -34.92 -22.69 -61.98
N GLY A 551 -34.66 -23.36 -63.11
CA GLY A 551 -34.21 -24.74 -63.07
C GLY A 551 -32.79 -24.87 -62.56
N GLY A 552 -31.89 -24.01 -63.04
CA GLY A 552 -30.50 -24.04 -62.59
C GLY A 552 -30.35 -23.76 -61.11
N LEU A 553 -31.34 -23.09 -60.52
CA LEU A 553 -31.35 -22.76 -59.10
C LEU A 553 -31.70 -23.97 -58.23
N GLY A 554 -31.81 -25.15 -58.83
CA GLY A 554 -32.15 -26.35 -58.09
C GLY A 554 -33.61 -26.41 -57.69
N GLU A 555 -34.43 -25.52 -58.24
CA GLU A 555 -35.85 -25.44 -57.93
C GLU A 555 -36.69 -26.16 -58.97
N ARG A 556 -37.92 -26.48 -58.58
CA ARG A 556 -38.90 -27.15 -59.43
C ARG A 556 -39.92 -26.10 -59.86
N VAL A 557 -40.10 -25.94 -61.16
CA VAL A 557 -40.99 -24.91 -61.70
C VAL A 557 -42.26 -25.51 -62.27
N LEU A 558 -43.35 -24.75 -62.14
CA LEU A 558 -44.67 -25.10 -62.64
C LEU A 558 -45.22 -23.89 -63.39
N GLY A 559 -46.10 -24.15 -64.35
CA GLY A 559 -46.71 -23.11 -65.16
C GLY A 559 -48.21 -23.05 -64.89
N PHE A 560 -48.73 -21.83 -64.82
CA PHE A 560 -50.14 -21.56 -64.54
C PHE A 560 -50.76 -20.72 -65.64
N CYS A 561 -51.92 -21.15 -66.13
CA CYS A 561 -52.61 -20.40 -67.16
C CYS A 561 -54.11 -20.52 -66.94
N HIS A 562 -54.85 -19.62 -67.57
CA HIS A 562 -56.30 -19.60 -67.41
C HIS A 562 -56.92 -19.02 -68.67
N PHE A 563 -58.25 -19.12 -68.74
CA PHE A 563 -58.97 -18.62 -69.89
C PHE A 563 -60.43 -18.40 -69.52
N ALA A 564 -61.01 -17.36 -70.13
CA ALA A 564 -62.41 -17.01 -69.91
C ALA A 564 -63.24 -17.72 -70.97
N LEU A 565 -64.04 -18.70 -70.55
CA LEU A 565 -64.86 -19.42 -71.50
C LEU A 565 -65.99 -18.52 -71.98
N PRO A 566 -66.23 -18.43 -73.28
CA PRO A 566 -67.31 -17.58 -73.79
C PRO A 566 -68.66 -18.11 -73.34
N GLU A 567 -69.41 -17.27 -72.61
CA GLU A 567 -70.73 -17.69 -72.14
C GLU A 567 -71.73 -17.83 -73.27
N ASP A 568 -71.36 -17.48 -74.50
CA ASP A 568 -72.29 -17.63 -75.63
C ASP A 568 -72.24 -19.03 -76.22
N LYS A 569 -71.08 -19.68 -76.17
CA LYS A 569 -70.92 -21.05 -76.65
C LYS A 569 -71.07 -22.07 -75.53
N TYR A 570 -70.95 -21.62 -74.28
CA TYR A 570 -71.10 -22.45 -73.08
C TYR A 570 -71.86 -21.58 -72.08
N ASN A 571 -73.19 -21.65 -72.12
CA ASN A 571 -74.03 -20.85 -71.23
C ASN A 571 -73.86 -21.29 -69.78
N GLU A 572 -74.49 -20.51 -68.88
CA GLU A 572 -74.43 -20.79 -67.46
C GLU A 572 -75.15 -22.09 -67.09
N GLY A 573 -76.00 -22.61 -67.96
CA GLY A 573 -76.72 -23.82 -67.66
C GLY A 573 -76.08 -25.09 -68.22
N TYR A 574 -75.24 -24.92 -69.22
CA TYR A 574 -74.60 -26.08 -69.84
C TYR A 574 -73.66 -26.77 -68.86
N PRO A 575 -73.76 -28.10 -68.71
CA PRO A 575 -72.82 -28.84 -67.85
C PRO A 575 -71.67 -29.45 -68.64
N PHE A 576 -70.42 -29.11 -68.29
CA PHE A 576 -69.27 -29.66 -69.01
C PHE A 576 -68.78 -30.95 -68.34
N ASP A 577 -69.47 -32.06 -68.62
CA ASP A 577 -69.07 -33.33 -68.06
C ASP A 577 -67.68 -33.70 -68.56
N ALA A 578 -66.86 -34.25 -67.67
CA ALA A 578 -65.48 -34.59 -67.99
C ALA A 578 -65.42 -35.87 -68.83
N ASP A 579 -65.80 -35.73 -70.10
CA ASP A 579 -65.74 -36.87 -71.02
C ASP A 579 -65.06 -36.57 -72.35
N GLU A 580 -65.52 -35.52 -73.03
CA GLU A 580 -65.07 -35.09 -74.36
C GLU A 580 -64.43 -33.71 -74.34
N PRO A 581 -63.94 -33.17 -75.49
CA PRO A 581 -63.33 -31.84 -75.45
C PRO A 581 -64.32 -30.70 -75.28
N ASN A 582 -64.68 -30.41 -74.03
CA ASN A 582 -65.59 -29.33 -73.72
C ASN A 582 -64.86 -28.01 -73.48
N PHE A 583 -63.54 -28.06 -73.31
CA PHE A 583 -62.75 -26.86 -73.06
C PHE A 583 -61.64 -26.76 -74.09
N PRO A 584 -61.32 -25.57 -74.55
CA PRO A 584 -60.23 -25.43 -75.53
C PRO A 584 -58.90 -25.69 -74.86
N THR A 585 -58.27 -26.82 -75.20
CA THR A 585 -56.97 -27.16 -74.62
C THR A 585 -55.94 -26.10 -74.98
N THR A 586 -55.93 -25.66 -76.23
CA THR A 586 -54.99 -24.65 -76.68
C THR A 586 -55.65 -23.26 -76.57
N ASP A 587 -54.97 -22.24 -77.08
CA ASP A 587 -55.44 -20.86 -77.07
C ASP A 587 -55.70 -20.32 -75.66
N LEU A 588 -55.03 -20.87 -74.66
CA LEU A 588 -55.19 -20.41 -73.28
C LEU A 588 -54.35 -19.15 -73.06
N CYS A 589 -54.44 -18.57 -71.86
CA CYS A 589 -53.69 -17.38 -71.51
C CYS A 589 -52.72 -17.73 -70.39
N PHE A 590 -51.44 -17.81 -70.73
CA PHE A 590 -50.40 -18.11 -69.75
C PHE A 590 -50.16 -16.89 -68.88
N VAL A 591 -50.15 -17.06 -67.57
CA VAL A 591 -49.94 -15.95 -66.67
C VAL A 591 -48.51 -15.93 -66.11
N GLY A 592 -47.99 -17.09 -65.69
CA GLY A 592 -46.64 -17.11 -65.17
C GLY A 592 -46.20 -18.37 -64.44
N LEU A 593 -44.89 -18.57 -64.34
CA LEU A 593 -44.29 -19.72 -63.68
C LEU A 593 -44.22 -19.54 -62.17
N MET A 594 -44.02 -20.66 -61.45
CA MET A 594 -43.94 -20.66 -59.99
C MET A 594 -43.00 -21.78 -59.54
N ALA A 595 -41.84 -21.43 -59.01
CA ALA A 595 -40.86 -22.41 -58.54
C ALA A 595 -41.03 -22.68 -57.04
N MET A 596 -40.31 -23.69 -56.55
CA MET A 596 -40.37 -24.07 -55.14
C MET A 596 -39.22 -25.00 -54.78
N ILE A 597 -38.76 -24.90 -53.54
CA ILE A 597 -37.67 -25.74 -53.03
C ILE A 597 -37.64 -25.60 -51.52
N ASP A 598 -36.97 -26.55 -50.85
CA ASP A 598 -36.80 -26.54 -49.40
C ASP A 598 -35.76 -25.50 -49.04
N PRO A 599 -36.15 -24.39 -48.41
CA PRO A 599 -35.18 -23.34 -48.11
C PRO A 599 -34.36 -23.67 -46.87
N PRO A 600 -33.29 -22.93 -46.62
CA PRO A 600 -32.48 -23.15 -45.42
C PRO A 600 -32.98 -22.32 -44.24
N ARG A 601 -32.63 -22.79 -43.05
CA ARG A 601 -33.01 -22.10 -41.84
C ARG A 601 -32.36 -20.71 -41.80
N ALA A 602 -33.02 -19.80 -41.10
CA ALA A 602 -32.62 -18.40 -41.01
C ALA A 602 -31.12 -18.14 -40.82
N ALA A 603 -30.56 -18.65 -39.72
CA ALA A 603 -29.14 -18.40 -39.44
C ALA A 603 -28.20 -19.43 -40.04
N VAL A 604 -28.61 -20.10 -41.12
CA VAL A 604 -27.73 -21.10 -41.72
C VAL A 604 -26.57 -20.45 -42.49
N PRO A 605 -26.81 -19.52 -43.43
CA PRO A 605 -25.66 -18.93 -44.14
C PRO A 605 -24.70 -18.20 -43.21
N ASP A 606 -25.23 -17.38 -42.31
CA ASP A 606 -24.37 -16.64 -41.39
C ASP A 606 -23.54 -17.58 -40.52
N ALA A 607 -24.17 -18.65 -40.00
CA ALA A 607 -23.43 -19.59 -39.16
C ALA A 607 -22.35 -20.31 -39.95
N VAL A 608 -22.66 -20.73 -41.19
CA VAL A 608 -21.64 -21.40 -41.99
C VAL A 608 -20.48 -20.46 -42.26
N GLY A 609 -20.78 -19.19 -42.53
CA GLY A 609 -19.72 -18.22 -42.75
C GLY A 609 -18.89 -18.01 -41.51
N LYS A 610 -19.53 -17.99 -40.33
CA LYS A 610 -18.81 -17.83 -39.08
C LYS A 610 -17.88 -19.01 -38.84
N CYS A 611 -18.35 -20.22 -39.13
CA CYS A 611 -17.50 -21.40 -38.96
C CYS A 611 -16.32 -21.37 -39.92
N ARG A 612 -16.56 -21.00 -41.18
CA ARG A 612 -15.45 -20.92 -42.12
C ARG A 612 -14.46 -19.84 -41.73
N SER A 613 -14.94 -18.75 -41.12
CA SER A 613 -14.06 -17.68 -40.68
C SER A 613 -13.11 -18.17 -39.59
N ALA A 614 -13.59 -19.06 -38.73
CA ALA A 614 -12.80 -19.64 -37.65
C ALA A 614 -11.89 -20.77 -38.13
N GLY A 615 -11.78 -20.97 -39.44
CA GLY A 615 -10.94 -22.01 -39.98
C GLY A 615 -11.51 -23.40 -39.91
N ILE A 616 -12.82 -23.55 -39.82
CA ILE A 616 -13.48 -24.85 -39.75
C ILE A 616 -13.92 -25.26 -41.15
N LYS A 617 -13.46 -26.44 -41.59
CA LYS A 617 -13.83 -26.97 -42.89
C LYS A 617 -15.24 -27.53 -42.85
N VAL A 618 -16.12 -27.02 -43.72
CA VAL A 618 -17.51 -27.45 -43.80
C VAL A 618 -17.66 -28.43 -44.96
N ILE A 619 -18.33 -29.56 -44.72
CA ILE A 619 -18.50 -30.60 -45.73
C ILE A 619 -19.94 -31.09 -45.72
N MET A 620 -20.61 -31.06 -46.86
CA MET A 620 -22.01 -31.53 -46.87
C MET A 620 -22.08 -33.04 -47.11
N VAL A 621 -22.90 -33.73 -46.32
CA VAL A 621 -23.09 -35.18 -46.44
C VAL A 621 -24.60 -35.44 -46.41
N THR A 622 -25.18 -35.80 -47.56
CA THR A 622 -26.61 -36.05 -47.58
C THR A 622 -26.95 -37.14 -48.58
N GLY A 623 -28.06 -37.82 -48.32
CA GLY A 623 -28.53 -38.87 -49.21
C GLY A 623 -29.53 -38.28 -50.19
N ASP A 624 -29.27 -37.06 -50.63
CA ASP A 624 -30.15 -36.36 -51.56
C ASP A 624 -29.52 -36.25 -52.93
N HIS A 625 -30.35 -35.85 -53.88
CA HIS A 625 -29.94 -35.67 -55.26
C HIS A 625 -28.83 -34.64 -55.37
N PRO A 626 -27.76 -34.90 -56.13
CA PRO A 626 -26.65 -33.94 -56.22
C PRO A 626 -27.04 -32.58 -56.78
N ILE A 627 -28.13 -32.46 -57.54
CA ILE A 627 -28.51 -31.14 -58.01
C ILE A 627 -29.00 -30.29 -56.84
N THR A 628 -29.87 -30.86 -56.01
CA THR A 628 -30.38 -30.16 -54.85
C THR A 628 -29.29 -29.93 -53.81
N ALA A 629 -28.48 -30.95 -53.56
CA ALA A 629 -27.39 -30.82 -52.61
C ALA A 629 -26.43 -29.71 -53.02
N LYS A 630 -26.02 -29.70 -54.29
CA LYS A 630 -25.09 -28.67 -54.76
C LYS A 630 -25.71 -27.28 -54.67
N ALA A 631 -27.00 -27.14 -55.03
CA ALA A 631 -27.62 -25.83 -54.96
C ALA A 631 -27.65 -25.30 -53.52
N ILE A 632 -28.01 -26.16 -52.56
CA ILE A 632 -28.02 -25.68 -51.18
C ILE A 632 -26.60 -25.40 -50.71
N ALA A 633 -25.61 -26.11 -51.25
CA ALA A 633 -24.23 -25.86 -50.85
C ALA A 633 -23.80 -24.47 -51.28
N LYS A 634 -24.05 -24.11 -52.54
CA LYS A 634 -23.68 -22.77 -52.99
C LYS A 634 -24.50 -21.70 -52.26
N GLY A 635 -25.74 -22.02 -51.89
CA GLY A 635 -26.56 -21.05 -51.20
C GLY A 635 -26.24 -20.84 -49.73
N VAL A 636 -25.60 -21.82 -49.08
CA VAL A 636 -25.26 -21.68 -47.67
C VAL A 636 -23.81 -21.33 -47.43
N GLY A 637 -22.96 -21.40 -48.45
CA GLY A 637 -21.55 -21.06 -48.31
C GLY A 637 -20.56 -22.21 -48.37
N ILE A 638 -21.02 -23.46 -48.50
CA ILE A 638 -20.08 -24.58 -48.58
C ILE A 638 -19.24 -24.47 -49.85
N ILE A 639 -19.88 -24.13 -50.97
CA ILE A 639 -19.19 -23.94 -52.24
C ILE A 639 -19.19 -22.45 -52.50
N SER A 640 -18.13 -21.77 -52.11
CA SER A 640 -18.06 -20.33 -52.29
C SER A 640 -18.33 -19.96 -53.74
N GLU A 641 -19.07 -18.86 -53.94
CA GLU A 641 -19.37 -18.39 -55.28
C GLU A 641 -18.07 -18.07 -55.97
N GLY A 642 -17.84 -18.69 -57.14
CA GLY A 642 -16.63 -18.51 -57.92
C GLY A 642 -15.82 -19.79 -58.08
N ASN A 643 -15.83 -20.65 -57.05
CA ASN A 643 -15.11 -21.91 -57.15
C ASN A 643 -15.80 -22.78 -58.20
N GLU A 644 -15.06 -23.76 -58.75
CA GLU A 644 -15.64 -24.57 -59.81
C GLU A 644 -15.23 -26.03 -59.73
N THR A 645 -16.15 -26.87 -60.22
CA THR A 645 -16.01 -28.31 -60.33
C THR A 645 -15.49 -28.68 -61.72
N ILE A 646 -15.01 -29.91 -61.86
CA ILE A 646 -14.46 -30.35 -63.14
C ILE A 646 -15.51 -30.34 -64.25
N GLU A 647 -16.76 -30.71 -63.94
CA GLU A 647 -17.79 -30.68 -64.97
C GLU A 647 -18.10 -29.25 -65.39
N ASP A 648 -18.05 -28.30 -64.45
CA ASP A 648 -18.31 -26.91 -64.80
C ASP A 648 -17.25 -26.39 -65.77
N ILE A 649 -15.99 -26.79 -65.58
CA ILE A 649 -14.94 -26.37 -66.49
C ILE A 649 -15.14 -26.99 -67.86
N ALA A 650 -15.49 -28.29 -67.89
CA ALA A 650 -15.73 -28.94 -69.17
C ALA A 650 -16.90 -28.32 -69.91
N ALA A 651 -17.89 -27.80 -69.17
CA ALA A 651 -19.04 -27.15 -69.80
C ALA A 651 -18.71 -25.74 -70.25
N ARG A 652 -17.86 -25.03 -69.51
CA ARG A 652 -17.49 -23.68 -69.89
C ARG A 652 -16.56 -23.66 -71.10
N LEU A 653 -15.81 -24.74 -71.30
CA LEU A 653 -14.89 -24.82 -72.43
C LEU A 653 -15.44 -25.60 -73.62
N ASN A 654 -16.40 -26.50 -73.39
CA ASN A 654 -16.99 -27.38 -74.41
C ASN A 654 -16.04 -28.49 -74.83
N ILE A 655 -15.38 -29.10 -73.85
CA ILE A 655 -14.44 -30.20 -74.09
C ILE A 655 -14.81 -31.34 -73.16
N PRO A 656 -14.35 -32.57 -73.46
CA PRO A 656 -14.66 -33.70 -72.58
C PRO A 656 -14.10 -33.48 -71.18
N ILE A 657 -14.63 -34.25 -70.22
CA ILE A 657 -14.20 -34.11 -68.83
C ILE A 657 -12.90 -34.85 -68.55
N GLY A 658 -12.57 -35.87 -69.33
CA GLY A 658 -11.33 -36.61 -69.09
C GLY A 658 -10.06 -35.85 -69.43
N GLN A 659 -10.17 -34.67 -70.02
CA GLN A 659 -9.00 -33.88 -70.40
C GLN A 659 -8.54 -32.91 -69.33
N VAL A 660 -9.47 -32.26 -68.64
CA VAL A 660 -9.10 -31.28 -67.62
C VAL A 660 -8.36 -31.94 -66.45
N ASN A 661 -7.50 -31.15 -65.79
CA ASN A 661 -6.71 -31.57 -64.64
C ASN A 661 -7.51 -31.33 -63.35
N PRO A 662 -7.65 -32.32 -62.48
CA PRO A 662 -8.43 -32.14 -61.25
C PRO A 662 -7.81 -31.21 -60.22
N ARG A 663 -6.58 -30.73 -60.42
CA ARG A 663 -5.98 -29.84 -59.44
C ARG A 663 -6.48 -28.40 -59.58
N ASP A 664 -7.02 -28.03 -60.73
CA ASP A 664 -7.53 -26.68 -60.95
C ASP A 664 -8.95 -26.50 -60.40
N ALA A 665 -9.53 -27.53 -59.79
CA ALA A 665 -10.88 -27.47 -59.24
C ALA A 665 -10.81 -27.53 -57.72
N LYS A 666 -11.23 -26.45 -57.07
CA LYS A 666 -11.20 -26.37 -55.61
C LYS A 666 -12.33 -27.16 -54.96
N ALA A 667 -13.54 -27.12 -55.52
CA ALA A 667 -14.71 -27.79 -54.96
C ALA A 667 -15.09 -29.02 -55.78
N CYS A 668 -15.52 -30.07 -55.08
CA CYS A 668 -15.91 -31.32 -55.76
C CYS A 668 -17.18 -31.93 -55.17
N VAL A 669 -17.98 -32.49 -56.07
CA VAL A 669 -19.24 -33.17 -55.77
C VAL A 669 -19.02 -34.66 -55.99
N VAL A 670 -18.96 -35.41 -54.90
CA VAL A 670 -18.74 -36.86 -54.94
C VAL A 670 -20.08 -37.56 -54.78
N HIS A 671 -20.39 -38.45 -55.72
CA HIS A 671 -21.65 -39.21 -55.71
C HIS A 671 -21.49 -40.49 -54.90
N GLY A 672 -22.58 -40.90 -54.26
CA GLY A 672 -22.56 -42.11 -53.45
C GLY A 672 -22.24 -43.37 -54.25
N SER A 673 -22.89 -43.52 -55.41
CA SER A 673 -22.64 -44.68 -56.27
C SER A 673 -21.16 -44.82 -56.57
N ASP A 674 -20.48 -43.69 -56.81
CA ASP A 674 -19.05 -43.71 -57.06
C ASP A 674 -18.28 -43.93 -55.78
N LEU A 675 -18.77 -43.34 -54.67
CA LEU A 675 -18.12 -43.50 -53.37
C LEU A 675 -18.01 -44.98 -53.00
N LYS A 676 -18.96 -45.78 -53.48
CA LYS A 676 -18.94 -47.21 -53.18
C LYS A 676 -17.70 -47.92 -53.73
N ASP A 677 -17.16 -47.45 -54.86
CA ASP A 677 -16.00 -48.06 -55.51
C ASP A 677 -14.72 -47.28 -55.27
N LEU A 678 -14.44 -46.77 -54.06
CA LEU A 678 -13.23 -46.00 -53.86
C LEU A 678 -12.35 -46.55 -52.74
N SER A 679 -11.05 -46.56 -53.00
CA SER A 679 -10.04 -47.03 -52.06
C SER A 679 -9.85 -46.04 -50.92
N THR A 680 -9.07 -46.46 -49.92
CA THR A 680 -8.80 -45.61 -48.77
C THR A 680 -7.98 -44.38 -49.15
N GLU A 681 -6.93 -44.58 -49.92
CA GLU A 681 -6.08 -43.47 -50.34
C GLU A 681 -6.85 -42.46 -51.17
N VAL A 682 -7.77 -42.94 -52.02
CA VAL A 682 -8.53 -42.01 -52.85
C VAL A 682 -9.35 -41.07 -51.98
N LEU A 683 -10.00 -41.60 -50.93
CA LEU A 683 -10.77 -40.72 -50.04
C LEU A 683 -9.83 -39.74 -49.34
N ASP A 684 -8.66 -40.22 -48.93
CA ASP A 684 -7.70 -39.32 -48.29
C ASP A 684 -7.34 -38.17 -49.23
N ASP A 685 -7.10 -38.48 -50.51
CA ASP A 685 -6.77 -37.46 -51.49
C ASP A 685 -7.95 -36.54 -51.76
N ILE A 686 -9.17 -37.08 -51.72
CA ILE A 686 -10.35 -36.25 -51.96
C ILE A 686 -10.45 -35.17 -50.88
N LEU A 687 -10.18 -35.55 -49.63
CA LEU A 687 -10.23 -34.57 -48.55
C LEU A 687 -8.96 -33.72 -48.49
N HIS A 688 -7.85 -34.23 -49.02
CA HIS A 688 -6.56 -33.55 -49.02
C HIS A 688 -6.39 -32.52 -50.12
N TYR A 689 -7.13 -32.63 -51.22
CA TYR A 689 -6.97 -31.69 -52.32
C TYR A 689 -8.17 -30.79 -52.58
N HIS A 690 -9.36 -31.17 -52.13
CA HIS A 690 -10.55 -30.36 -52.35
C HIS A 690 -10.94 -29.67 -51.05
N THR A 691 -11.10 -28.35 -51.11
CA THR A 691 -11.45 -27.56 -49.95
C THR A 691 -12.96 -27.49 -49.71
N GLU A 692 -13.78 -27.59 -50.76
CA GLU A 692 -15.25 -27.53 -50.67
C GLU A 692 -15.83 -28.82 -51.22
N ILE A 693 -16.12 -29.78 -50.32
CA ILE A 693 -16.62 -31.09 -50.71
C ILE A 693 -18.09 -31.31 -50.36
N VAL A 694 -18.73 -32.10 -51.22
CA VAL A 694 -20.15 -32.46 -51.03
C VAL A 694 -20.43 -33.91 -51.45
N PHE A 695 -20.84 -34.74 -50.49
CA PHE A 695 -21.19 -36.14 -50.73
C PHE A 695 -22.69 -36.27 -50.93
N ALA A 696 -23.10 -36.66 -52.12
CA ALA A 696 -24.52 -36.81 -52.46
C ALA A 696 -24.88 -38.27 -52.72
N ARG A 697 -26.14 -38.61 -52.45
CA ARG A 697 -26.69 -39.95 -52.65
C ARG A 697 -25.92 -41.01 -51.85
N THR A 698 -25.51 -40.64 -50.63
CA THR A 698 -24.77 -41.53 -49.76
C THR A 698 -25.68 -42.16 -48.71
N SER A 699 -25.51 -43.47 -48.50
CA SER A 699 -26.26 -44.30 -47.57
C SER A 699 -25.77 -44.00 -46.14
N PRO A 700 -26.24 -44.74 -45.10
CA PRO A 700 -25.72 -44.47 -43.75
C PRO A 700 -24.32 -45.02 -43.49
N GLN A 701 -24.06 -46.21 -44.02
CA GLN A 701 -22.74 -46.82 -43.85
C GLN A 701 -21.67 -45.93 -44.48
N GLN A 702 -22.00 -45.32 -45.62
CA GLN A 702 -21.07 -44.40 -46.26
C GLN A 702 -20.89 -43.14 -45.41
N LYS A 703 -21.93 -42.70 -44.70
CA LYS A 703 -21.79 -41.56 -43.80
C LYS A 703 -20.72 -41.86 -42.75
N LEU A 704 -20.80 -43.07 -42.17
CA LEU A 704 -19.82 -43.48 -41.19
C LEU A 704 -18.42 -43.51 -41.81
N ILE A 705 -18.33 -43.99 -43.06
CA ILE A 705 -17.04 -44.06 -43.73
C ILE A 705 -16.43 -42.68 -43.90
N ILE A 706 -17.23 -41.69 -44.30
CA ILE A 706 -16.72 -40.34 -44.50
C ILE A 706 -16.19 -39.75 -43.19
N VAL A 707 -16.97 -39.93 -42.11
CA VAL A 707 -16.50 -39.42 -40.83
C VAL A 707 -15.16 -40.06 -40.45
N GLU A 708 -15.05 -41.37 -40.67
CA GLU A 708 -13.79 -42.07 -40.39
C GLU A 708 -12.66 -41.54 -41.26
N GLY A 709 -12.95 -41.25 -42.53
CA GLY A 709 -11.93 -40.72 -43.41
C GLY A 709 -11.42 -39.39 -42.90
N CYS A 710 -12.26 -38.67 -42.17
CA CYS A 710 -11.81 -37.39 -41.61
C CYS A 710 -10.93 -37.62 -40.38
N GLN A 711 -11.45 -38.32 -39.38
CA GLN A 711 -10.68 -38.56 -38.15
C GLN A 711 -9.30 -39.17 -38.45
N ARG A 712 -9.24 -40.06 -39.44
CA ARG A 712 -8.01 -40.75 -39.84
C ARG A 712 -6.77 -39.87 -39.87
N GLN A 713 -6.85 -38.75 -40.58
CA GLN A 713 -5.71 -37.85 -40.69
C GLN A 713 -5.29 -37.34 -39.31
N GLY A 714 -6.27 -36.96 -38.47
CA GLY A 714 -5.90 -36.38 -37.20
C GLY A 714 -6.69 -35.16 -36.75
N ALA A 715 -8.00 -35.18 -36.99
CA ALA A 715 -8.86 -34.08 -36.59
C ALA A 715 -10.12 -34.56 -35.89
N ILE A 716 -10.65 -33.70 -35.01
CA ILE A 716 -11.87 -33.95 -34.25
C ILE A 716 -13.05 -33.70 -35.17
N VAL A 717 -14.13 -34.48 -35.03
CA VAL A 717 -15.29 -34.32 -35.90
C VAL A 717 -16.58 -34.18 -35.10
N ALA A 718 -17.46 -33.31 -35.62
CA ALA A 718 -18.77 -33.01 -35.08
C ALA A 718 -19.81 -33.27 -36.15
N VAL A 719 -20.82 -34.06 -35.84
CA VAL A 719 -21.88 -34.40 -36.79
C VAL A 719 -23.20 -33.87 -36.26
N THR A 720 -23.91 -33.11 -37.12
CA THR A 720 -25.20 -32.52 -36.77
C THR A 720 -26.28 -33.14 -37.66
N GLY A 721 -27.22 -33.86 -37.02
CA GLY A 721 -28.30 -34.47 -37.78
C GLY A 721 -29.70 -34.51 -37.18
N ASP A 722 -30.58 -35.21 -37.89
CA ASP A 722 -31.96 -35.36 -37.45
C ASP A 722 -32.58 -36.75 -37.54
N GLY A 723 -32.42 -37.45 -38.68
CA GLY A 723 -33.03 -38.75 -38.89
C GLY A 723 -32.20 -39.91 -38.40
N VAL A 724 -32.74 -41.11 -38.60
CA VAL A 724 -32.05 -42.32 -38.15
C VAL A 724 -30.76 -42.61 -38.93
N ASN A 725 -30.65 -42.16 -40.19
CA ASN A 725 -29.40 -42.50 -40.89
C ASN A 725 -28.20 -41.73 -40.37
N ASP A 726 -28.39 -40.84 -39.39
CA ASP A 726 -27.28 -40.14 -38.78
C ASP A 726 -26.80 -40.86 -37.52
N SER A 727 -27.54 -41.89 -37.08
CA SER A 727 -27.16 -42.61 -35.86
C SER A 727 -25.74 -43.18 -35.93
N PRO A 728 -25.35 -43.95 -36.95
CA PRO A 728 -23.96 -44.44 -36.98
C PRO A 728 -22.93 -43.34 -37.16
N ALA A 729 -23.33 -42.16 -37.63
CA ALA A 729 -22.42 -41.05 -37.80
C ALA A 729 -22.26 -40.25 -36.52
N LEU A 730 -23.31 -40.21 -35.69
CA LEU A 730 -23.25 -39.49 -34.43
C LEU A 730 -22.51 -40.30 -33.37
N LYS A 731 -22.57 -41.63 -33.46
CA LYS A 731 -21.93 -42.48 -32.47
C LYS A 731 -20.41 -42.48 -32.60
N LYS A 732 -19.88 -42.70 -33.80
CA LYS A 732 -18.43 -42.71 -33.93
C LYS A 732 -17.83 -41.32 -34.01
N ALA A 733 -18.65 -40.29 -34.20
CA ALA A 733 -18.07 -38.96 -34.26
C ALA A 733 -17.58 -38.57 -32.86
N ASP A 734 -16.89 -37.43 -32.78
CA ASP A 734 -16.43 -37.00 -31.48
C ASP A 734 -17.53 -36.27 -30.75
N ILE A 735 -18.42 -35.60 -31.49
CA ILE A 735 -19.54 -34.98 -30.81
C ILE A 735 -20.74 -34.89 -31.75
N GLY A 736 -21.90 -35.31 -31.25
CA GLY A 736 -23.14 -35.31 -32.01
C GLY A 736 -24.05 -34.16 -31.56
N VAL A 737 -24.67 -33.52 -32.54
CA VAL A 737 -25.58 -32.41 -32.31
C VAL A 737 -26.88 -32.81 -32.98
N ALA A 738 -27.89 -33.05 -32.18
CA ALA A 738 -29.17 -33.44 -32.74
C ALA A 738 -30.13 -32.26 -32.68
N MET A 739 -31.04 -32.19 -33.64
CA MET A 739 -32.00 -31.10 -33.51
C MET A 739 -32.96 -31.52 -32.39
N GLY A 740 -33.98 -30.73 -32.06
CA GLY A 740 -34.87 -31.23 -31.03
C GLY A 740 -36.34 -31.15 -31.39
N ILE A 741 -36.67 -30.11 -32.14
CA ILE A 741 -38.05 -29.90 -32.54
C ILE A 741 -38.38 -30.71 -33.79
N SER A 742 -37.50 -30.69 -34.78
CA SER A 742 -37.73 -31.41 -36.03
C SER A 742 -37.10 -32.80 -36.11
N GLY A 743 -36.55 -33.35 -35.03
CA GLY A 743 -35.88 -34.65 -35.06
C GLY A 743 -36.72 -35.87 -34.66
N SER A 744 -36.02 -37.00 -34.59
CA SER A 744 -36.52 -38.33 -34.23
C SER A 744 -35.95 -38.78 -32.88
N ASP A 745 -36.41 -39.93 -32.38
CA ASP A 745 -35.93 -40.39 -31.07
C ASP A 745 -34.58 -41.10 -31.13
N VAL A 746 -34.20 -41.66 -32.29
CA VAL A 746 -32.89 -42.33 -32.37
C VAL A 746 -31.77 -41.30 -32.35
N SER A 747 -31.88 -40.25 -33.17
CA SER A 747 -30.86 -39.21 -33.22
C SER A 747 -30.80 -38.43 -31.91
N LYS A 748 -31.95 -38.26 -31.27
CA LYS A 748 -31.99 -37.54 -30.01
C LYS A 748 -31.31 -38.33 -28.90
N GLN A 749 -31.54 -39.65 -28.85
CA GLN A 749 -30.91 -40.46 -27.82
C GLN A 749 -29.45 -40.82 -28.13
N ALA A 750 -29.04 -40.80 -29.38
CA ALA A 750 -27.67 -41.13 -29.76
C ALA A 750 -26.77 -39.92 -29.85
N ALA A 751 -27.27 -38.75 -29.48
CA ALA A 751 -26.47 -37.54 -29.54
C ALA A 751 -25.95 -37.20 -28.14
N ASP A 752 -24.97 -36.31 -28.13
CA ASP A 752 -24.37 -35.84 -26.90
C ASP A 752 -24.82 -34.42 -26.57
N MET A 753 -25.23 -33.67 -27.60
CA MET A 753 -25.75 -32.32 -27.46
C MET A 753 -27.03 -32.20 -28.27
N ILE A 754 -28.01 -31.53 -27.69
CA ILE A 754 -29.33 -31.33 -28.25
C ILE A 754 -29.60 -29.84 -28.40
N LEU A 755 -30.21 -29.47 -29.53
CA LEU A 755 -30.56 -28.08 -29.82
C LEU A 755 -32.09 -28.03 -29.70
N LEU A 756 -32.57 -27.64 -28.53
CA LEU A 756 -34.01 -27.61 -28.26
C LEU A 756 -34.84 -26.62 -29.08
N ASP A 757 -34.24 -25.79 -29.92
CA ASP A 757 -35.05 -24.88 -30.71
C ASP A 757 -34.67 -24.90 -32.18
N ASP A 758 -33.85 -25.84 -32.62
CA ASP A 758 -33.41 -25.96 -34.00
C ASP A 758 -32.70 -24.69 -34.47
N ASN A 759 -32.12 -23.94 -33.53
CA ASN A 759 -31.39 -22.72 -33.86
C ASN A 759 -29.94 -23.11 -34.10
N PHE A 760 -29.59 -23.16 -35.39
CA PHE A 760 -28.24 -23.54 -35.80
C PHE A 760 -27.13 -22.67 -35.19
N ALA A 761 -27.41 -21.39 -34.91
CA ALA A 761 -26.40 -20.47 -34.36
C ALA A 761 -25.77 -20.96 -33.07
N SER A 762 -26.43 -21.89 -32.37
CA SER A 762 -25.85 -22.41 -31.14
C SER A 762 -24.51 -23.07 -31.40
N ILE A 763 -24.27 -23.52 -32.64
CA ILE A 763 -22.99 -24.12 -33.00
C ILE A 763 -21.88 -23.07 -32.90
N VAL A 764 -22.16 -21.85 -33.37
CA VAL A 764 -21.19 -20.77 -33.27
C VAL A 764 -20.93 -20.43 -31.81
N THR A 765 -22.00 -20.36 -31.01
CA THR A 765 -21.79 -20.07 -29.59
C THR A 765 -20.92 -21.14 -28.93
N GLY A 766 -21.18 -22.41 -29.25
CA GLY A 766 -20.41 -23.49 -28.67
C GLY A 766 -18.95 -23.45 -29.06
N VAL A 767 -18.65 -23.01 -30.28
CA VAL A 767 -17.23 -22.95 -30.63
C VAL A 767 -16.57 -21.79 -29.88
N GLU A 768 -17.32 -20.74 -29.50
CA GLU A 768 -16.69 -19.68 -28.71
C GLU A 768 -16.45 -20.13 -27.27
N GLU A 769 -17.49 -20.69 -26.65
CA GLU A 769 -17.40 -21.16 -25.27
C GLU A 769 -16.41 -22.31 -25.08
N GLY A 770 -16.28 -23.21 -26.06
CA GLY A 770 -15.35 -24.31 -25.89
C GLY A 770 -13.93 -23.80 -25.69
N ARG A 771 -13.49 -22.96 -26.62
CA ARG A 771 -12.17 -22.37 -26.51
C ARG A 771 -12.03 -21.63 -25.18
N LEU A 772 -13.05 -20.82 -24.83
CA LEU A 772 -13.02 -20.08 -23.57
C LEU A 772 -12.82 -21.01 -22.35
N ILE A 773 -13.68 -22.01 -22.20
CA ILE A 773 -13.61 -22.98 -21.11
C ILE A 773 -12.33 -23.81 -21.21
N PHE A 774 -11.62 -23.70 -22.31
CA PHE A 774 -10.35 -24.40 -22.45
C PHE A 774 -9.24 -23.53 -21.87
N ASP A 775 -9.23 -22.25 -22.25
CA ASP A 775 -8.23 -21.32 -21.73
C ASP A 775 -8.37 -21.12 -20.22
N ASN A 776 -9.57 -21.34 -19.68
CA ASN A 776 -9.77 -21.16 -18.24
C ASN A 776 -9.25 -22.33 -17.39
N LEU A 777 -9.38 -23.56 -17.89
CA LEU A 777 -8.88 -24.71 -17.14
C LEU A 777 -7.39 -24.61 -16.91
N LYS A 778 -6.67 -24.00 -17.84
CA LYS A 778 -5.23 -23.85 -17.69
C LYS A 778 -4.91 -22.94 -16.51
N LYS A 779 -5.61 -21.81 -16.42
CA LYS A 779 -5.37 -20.89 -15.31
C LYS A 779 -5.66 -21.54 -13.97
N SER A 780 -6.81 -22.19 -13.85
CA SER A 780 -7.14 -22.83 -12.57
C SER A 780 -6.15 -23.94 -12.24
N ILE A 781 -5.68 -24.67 -13.26
CA ILE A 781 -4.71 -25.74 -13.02
C ILE A 781 -3.39 -25.16 -12.54
N ALA A 782 -2.92 -24.07 -13.16
CA ALA A 782 -1.69 -23.46 -12.70
C ALA A 782 -1.84 -22.94 -11.28
N TYR A 783 -3.02 -22.45 -10.95
CA TYR A 783 -3.29 -21.97 -9.61
C TYR A 783 -3.22 -23.09 -8.59
N THR A 784 -3.86 -24.24 -8.88
CA THR A 784 -3.84 -25.36 -7.96
C THR A 784 -2.51 -26.12 -7.95
N LEU A 785 -1.68 -25.92 -8.97
CA LEU A 785 -0.39 -26.59 -8.99
C LEU A 785 0.73 -25.75 -8.38
N THR A 786 0.49 -24.47 -8.14
CA THR A 786 1.52 -23.64 -7.53
C THR A 786 1.70 -23.90 -6.03
N SER A 787 0.62 -24.17 -5.28
CA SER A 787 0.72 -24.37 -3.84
C SER A 787 1.29 -25.73 -3.43
N ASN A 788 1.63 -26.61 -4.37
CA ASN A 788 2.18 -27.90 -3.98
C ASN A 788 3.59 -27.75 -3.42
N ILE A 789 4.37 -26.83 -3.97
CA ILE A 789 5.74 -26.58 -3.54
C ILE A 789 5.79 -26.16 -2.07
N PRO A 790 5.13 -25.04 -1.66
CA PRO A 790 5.18 -24.64 -0.25
C PRO A 790 4.52 -25.64 0.68
N GLU A 791 4.09 -26.79 0.13
CA GLU A 791 3.47 -27.86 0.87
C GLU A 791 4.36 -29.09 1.01
N ILE A 792 5.34 -29.28 0.12
CA ILE A 792 6.24 -30.42 0.17
C ILE A 792 7.62 -30.02 0.66
N THR A 793 8.08 -28.81 0.33
CA THR A 793 9.40 -28.36 0.76
C THR A 793 9.62 -28.45 2.28
N PRO A 794 8.66 -28.12 3.16
CA PRO A 794 8.92 -28.24 4.61
C PRO A 794 9.37 -29.62 5.08
N PHE A 795 8.79 -30.70 4.56
CA PHE A 795 9.20 -32.04 4.96
C PHE A 795 10.58 -32.36 4.43
N LEU A 796 10.92 -31.82 3.24
CA LEU A 796 12.24 -32.04 2.70
C LEU A 796 13.27 -31.37 3.60
N VAL A 797 12.95 -30.21 4.17
CA VAL A 797 13.89 -29.57 5.08
C VAL A 797 13.91 -30.26 6.44
N PHE A 798 12.77 -30.86 6.84
CA PHE A 798 12.66 -31.60 8.09
C PHE A 798 13.59 -32.81 8.09
N ILE A 799 13.66 -33.50 6.96
CA ILE A 799 14.55 -34.66 6.88
C ILE A 799 15.99 -34.24 6.60
N ILE A 800 16.20 -33.21 5.77
CA ILE A 800 17.58 -32.87 5.47
C ILE A 800 18.25 -32.02 6.55
N GLY A 801 17.84 -30.76 6.69
CA GLY A 801 18.47 -29.79 7.60
C GLY A 801 18.28 -30.06 9.08
N ASN A 802 17.46 -31.03 9.44
CA ASN A 802 17.15 -31.39 10.83
C ASN A 802 16.72 -30.18 11.67
N VAL A 803 15.61 -29.60 11.27
CA VAL A 803 14.96 -28.50 11.98
C VAL A 803 13.59 -29.01 12.41
N PRO A 804 12.92 -28.34 13.35
CA PRO A 804 11.58 -28.81 13.73
C PRO A 804 10.65 -28.72 12.52
N LEU A 805 9.54 -29.43 12.60
CA LEU A 805 8.60 -29.49 11.48
C LEU A 805 7.88 -28.17 11.22
N PRO A 806 8.08 -27.54 10.06
CA PRO A 806 7.38 -26.27 9.78
C PRO A 806 5.88 -26.38 9.49
N LEU A 807 5.44 -27.25 8.58
CA LEU A 807 4.04 -27.36 8.22
C LEU A 807 3.45 -28.71 8.62
N GLY A 808 2.25 -28.69 9.21
CA GLY A 808 1.57 -29.90 9.65
C GLY A 808 0.58 -30.49 8.64
N THR A 809 0.20 -31.75 8.88
CA THR A 809 -0.72 -32.47 8.01
C THR A 809 -2.13 -31.87 8.03
N VAL A 810 -2.61 -31.48 9.21
CA VAL A 810 -3.95 -30.91 9.36
C VAL A 810 -4.03 -29.51 8.78
N THR A 811 -2.92 -28.94 8.37
CA THR A 811 -2.91 -27.61 7.74
C THR A 811 -2.92 -27.75 6.22
N ILE A 812 -2.16 -28.73 5.71
CA ILE A 812 -2.14 -29.01 4.28
C ILE A 812 -3.54 -29.40 3.84
N LEU A 813 -4.22 -30.23 4.64
CA LEU A 813 -5.57 -30.63 4.26
C LEU A 813 -6.55 -29.47 4.30
N CYS A 814 -6.41 -28.57 5.26
CA CYS A 814 -7.33 -27.43 5.33
C CYS A 814 -7.13 -26.48 4.15
N ILE A 815 -5.91 -26.43 3.61
CA ILE A 815 -5.69 -25.54 2.47
C ILE A 815 -6.25 -26.19 1.20
N ASP A 816 -5.73 -27.36 0.84
CA ASP A 816 -6.14 -28.07 -0.38
C ASP A 816 -7.64 -28.17 -0.64
N LEU A 817 -8.43 -28.36 0.42
CA LEU A 817 -9.87 -28.51 0.30
C LEU A 817 -10.68 -27.31 0.78
N GLY A 818 -10.04 -26.27 1.26
CA GLY A 818 -10.76 -25.12 1.77
C GLY A 818 -10.57 -23.87 0.95
N THR A 819 -9.56 -23.14 1.39
CA THR A 819 -9.18 -21.86 0.82
C THR A 819 -9.03 -21.93 -0.71
N ASP A 820 -8.18 -22.82 -1.20
CA ASP A 820 -7.89 -22.89 -2.64
C ASP A 820 -9.12 -23.11 -3.53
N MET A 821 -10.07 -23.92 -3.10
CA MET A 821 -11.21 -24.28 -3.95
C MET A 821 -12.01 -23.07 -4.45
N VAL A 822 -12.56 -22.24 -3.56
CA VAL A 822 -13.40 -21.12 -4.00
C VAL A 822 -12.69 -20.19 -4.98
N PRO A 823 -11.47 -19.69 -4.71
CA PRO A 823 -10.81 -18.83 -5.70
C PRO A 823 -10.56 -19.53 -7.04
N ALA A 824 -10.27 -20.83 -7.01
CA ALA A 824 -10.03 -21.58 -8.23
C ALA A 824 -11.32 -21.91 -8.96
N ILE A 825 -12.42 -22.15 -8.24
CA ILE A 825 -13.67 -22.40 -8.95
C ILE A 825 -14.13 -21.11 -9.60
N SER A 826 -13.78 -19.97 -8.99
CA SER A 826 -14.13 -18.67 -9.55
C SER A 826 -13.30 -18.31 -10.77
N LEU A 827 -12.10 -18.86 -10.92
CA LEU A 827 -11.32 -18.53 -12.11
C LEU A 827 -12.04 -18.91 -13.42
N ALA A 828 -12.94 -19.90 -13.36
CA ALA A 828 -13.66 -20.36 -14.55
C ALA A 828 -14.50 -19.27 -15.22
N TYR A 829 -15.08 -18.36 -14.44
CA TYR A 829 -15.95 -17.30 -14.94
C TYR A 829 -15.22 -16.19 -15.71
N GLU A 830 -13.93 -16.33 -15.99
CA GLU A 830 -13.15 -15.30 -16.67
C GLU A 830 -13.48 -15.14 -18.15
N GLN A 831 -13.56 -13.87 -18.59
CA GLN A 831 -13.86 -13.49 -19.98
C GLN A 831 -12.63 -13.63 -20.87
N ALA A 832 -12.87 -13.48 -22.18
CA ALA A 832 -11.83 -13.60 -23.19
C ALA A 832 -10.89 -12.39 -23.16
N GLU A 833 -9.70 -12.60 -23.72
CA GLU A 833 -8.67 -11.57 -23.84
C GLU A 833 -8.61 -11.00 -25.24
N SER A 834 -8.66 -11.87 -26.25
CA SER A 834 -8.67 -11.54 -27.67
C SER A 834 -9.88 -12.24 -28.28
N ASP A 835 -10.12 -12.04 -29.57
CA ASP A 835 -11.27 -12.69 -30.18
C ASP A 835 -10.96 -14.17 -30.37
N ILE A 836 -11.60 -15.01 -29.56
CA ILE A 836 -11.35 -16.44 -29.64
C ILE A 836 -11.85 -17.02 -30.95
N MET A 837 -12.84 -16.38 -31.59
CA MET A 837 -13.40 -16.86 -32.85
C MET A 837 -12.57 -16.47 -34.06
N LYS A 838 -11.32 -16.07 -33.84
CA LYS A 838 -10.43 -15.67 -34.91
C LYS A 838 -9.28 -16.65 -35.12
N ARG A 839 -8.74 -17.21 -34.04
CA ARG A 839 -7.63 -18.14 -34.15
C ARG A 839 -8.08 -19.47 -34.74
N GLN A 840 -7.12 -20.18 -35.33
CA GLN A 840 -7.37 -21.48 -35.95
C GLN A 840 -7.57 -22.54 -34.86
N PRO A 841 -8.21 -23.67 -35.21
CA PRO A 841 -8.43 -24.72 -34.21
C PRO A 841 -7.12 -25.26 -33.66
N ARG A 842 -7.09 -25.49 -32.35
CA ARG A 842 -5.89 -25.99 -31.69
C ARG A 842 -5.45 -27.33 -32.28
N ASN A 843 -4.15 -27.62 -32.16
CA ASN A 843 -3.62 -28.88 -32.66
C ASN A 843 -3.64 -29.92 -31.55
N PRO A 844 -4.09 -31.14 -31.83
CA PRO A 844 -4.16 -32.17 -30.78
C PRO A 844 -2.83 -32.80 -30.41
N LYS A 845 -1.94 -32.99 -31.39
CA LYS A 845 -0.66 -33.62 -31.09
C LYS A 845 0.35 -32.68 -30.43
N THR A 846 0.30 -31.39 -30.75
CA THR A 846 1.29 -30.48 -30.18
C THR A 846 0.80 -29.59 -29.05
N ASP A 847 -0.32 -28.87 -29.22
CA ASP A 847 -0.78 -28.03 -28.14
C ASP A 847 -1.57 -28.87 -27.15
N LYS A 848 -1.13 -28.85 -25.90
CA LYS A 848 -1.76 -29.61 -24.85
C LYS A 848 -2.42 -28.66 -23.86
N LEU A 849 -2.97 -29.25 -22.82
CA LEU A 849 -3.62 -28.54 -21.74
C LEU A 849 -2.62 -28.22 -20.65
N VAL A 850 -1.80 -29.21 -20.31
CA VAL A 850 -0.76 -29.08 -19.30
C VAL A 850 0.56 -29.39 -20.00
N ASN A 851 1.39 -28.37 -20.18
CA ASN A 851 2.69 -28.49 -20.81
C ASN A 851 3.78 -28.15 -19.81
N GLU A 852 5.03 -28.30 -20.22
CA GLU A 852 6.15 -28.00 -19.33
C GLU A 852 6.24 -26.52 -19.01
N ARG A 853 5.72 -25.65 -19.89
CA ARG A 853 5.78 -24.22 -19.62
C ARG A 853 5.00 -23.85 -18.37
N LEU A 854 3.97 -24.63 -18.04
CA LEU A 854 3.20 -24.38 -16.83
C LEU A 854 3.98 -24.84 -15.60
N ILE A 855 4.53 -26.06 -15.68
CA ILE A 855 5.32 -26.63 -14.60
C ILE A 855 6.48 -25.71 -14.24
N SER A 856 7.07 -25.06 -15.25
CA SER A 856 8.17 -24.14 -14.98
C SER A 856 7.72 -22.93 -14.18
N MET A 857 6.44 -22.57 -14.24
CA MET A 857 5.90 -21.42 -13.52
C MET A 857 5.42 -21.81 -12.12
N ALA A 858 4.48 -22.75 -12.04
CA ALA A 858 3.92 -23.16 -10.76
C ALA A 858 4.98 -23.82 -9.88
N TYR A 859 5.59 -24.90 -10.36
CA TYR A 859 6.59 -25.61 -9.59
C TYR A 859 7.92 -24.90 -9.53
N GLY A 860 8.27 -24.13 -10.56
CA GLY A 860 9.55 -23.47 -10.61
C GLY A 860 9.74 -22.06 -10.12
N GLN A 861 8.82 -21.14 -10.44
CA GLN A 861 9.00 -19.76 -10.04
C GLN A 861 8.06 -19.22 -8.97
N ILE A 862 6.75 -19.38 -9.12
CA ILE A 862 5.84 -18.82 -8.12
C ILE A 862 5.85 -19.65 -6.84
N GLY A 863 5.71 -20.97 -6.98
CA GLY A 863 5.71 -21.83 -5.79
C GLY A 863 6.97 -21.68 -4.97
N MET A 864 8.11 -21.43 -5.62
CA MET A 864 9.36 -21.24 -4.89
C MET A 864 9.30 -20.01 -3.99
N ILE A 865 8.78 -18.90 -4.52
CA ILE A 865 8.66 -17.69 -3.72
C ILE A 865 7.70 -17.93 -2.56
N GLN A 866 6.61 -18.66 -2.82
CA GLN A 866 5.68 -18.98 -1.75
C GLN A 866 6.38 -19.75 -0.63
N ALA A 867 7.28 -20.67 -1.01
CA ALA A 867 8.02 -21.43 -0.01
C ALA A 867 8.93 -20.51 0.81
N LEU A 868 9.58 -19.55 0.15
CA LEU A 868 10.45 -18.62 0.87
C LEU A 868 9.66 -17.81 1.88
N GLY A 869 8.46 -17.35 1.49
CA GLY A 869 7.65 -16.57 2.41
C GLY A 869 7.22 -17.39 3.61
N GLY A 870 6.82 -18.64 3.38
CA GLY A 870 6.42 -19.50 4.49
C GLY A 870 7.57 -19.73 5.46
N PHE A 871 8.75 -20.08 4.93
CA PHE A 871 9.90 -20.29 5.81
C PHE A 871 10.30 -19.01 6.54
N PHE A 872 10.06 -17.85 5.92
CA PHE A 872 10.39 -16.59 6.57
C PHE A 872 9.52 -16.38 7.79
N SER A 873 8.20 -16.53 7.63
CA SER A 873 7.30 -16.39 8.78
C SER A 873 7.66 -17.40 9.86
N TYR A 874 8.06 -18.61 9.43
CA TYR A 874 8.45 -19.65 10.36
C TYR A 874 9.61 -19.21 11.25
N PHE A 875 10.75 -18.88 10.62
CA PHE A 875 11.92 -18.45 11.37
C PHE A 875 11.60 -17.25 12.25
N VAL A 876 10.70 -16.37 11.81
CA VAL A 876 10.36 -15.21 12.64
C VAL A 876 9.67 -15.68 13.92
N ILE A 877 8.70 -16.58 13.81
CA ILE A 877 8.01 -17.05 15.02
C ILE A 877 8.99 -17.72 15.98
N LEU A 878 9.89 -18.55 15.46
CA LEU A 878 10.83 -19.22 16.36
C LEU A 878 11.90 -18.28 16.90
N ALA A 879 12.23 -17.21 16.19
CA ALA A 879 13.24 -16.28 16.68
C ALA A 879 12.68 -15.35 17.74
N GLU A 880 11.40 -15.01 17.67
CA GLU A 880 10.83 -14.12 18.67
C GLU A 880 10.61 -14.83 20.00
N ASN A 881 10.41 -16.15 19.99
CA ASN A 881 10.19 -16.90 21.23
C ASN A 881 11.47 -17.39 21.89
N GLY A 882 12.63 -17.25 21.24
CA GLY A 882 13.86 -17.70 21.85
C GLY A 882 14.74 -18.67 21.09
N PHE A 883 14.27 -19.21 19.97
CA PHE A 883 15.04 -20.18 19.18
C PHE A 883 15.57 -19.50 17.93
N LEU A 884 16.83 -19.06 17.99
CA LEU A 884 17.48 -18.39 16.87
C LEU A 884 17.79 -19.38 15.75
N PRO A 885 17.95 -18.88 14.52
CA PRO A 885 18.21 -19.80 13.39
C PRO A 885 19.47 -20.63 13.50
N MET A 886 20.50 -20.17 14.23
CA MET A 886 21.71 -20.97 14.34
C MET A 886 21.53 -22.21 15.19
N ASP A 887 20.65 -22.15 16.19
CA ASP A 887 20.42 -23.28 17.09
C ASP A 887 19.31 -24.23 16.63
N LEU A 888 18.61 -23.94 15.54
CA LEU A 888 17.55 -24.83 15.10
C LEU A 888 18.07 -26.02 14.30
N ILE A 889 19.19 -25.86 13.60
CA ILE A 889 19.76 -26.91 12.78
C ILE A 889 20.36 -28.00 13.68
N GLY A 890 19.80 -29.20 13.65
CA GLY A 890 20.28 -30.32 14.43
C GLY A 890 19.51 -30.62 15.70
N LYS A 891 18.30 -30.09 15.84
CA LYS A 891 17.50 -30.24 17.05
C LYS A 891 16.37 -31.26 16.98
N ARG A 892 15.89 -31.63 15.78
CA ARG A 892 14.76 -32.55 15.67
C ARG A 892 14.78 -33.77 16.59
N VAL A 893 15.96 -34.37 16.79
CA VAL A 893 16.03 -35.57 17.63
C VAL A 893 15.59 -35.26 19.05
N ARG A 894 16.00 -34.12 19.59
CA ARG A 894 15.57 -33.76 20.94
C ARG A 894 14.29 -32.93 20.92
N TRP A 895 14.03 -32.23 19.81
CA TRP A 895 12.79 -31.45 19.73
C TRP A 895 11.57 -32.37 19.69
N ASP A 896 11.75 -33.61 19.23
CA ASP A 896 10.62 -34.53 19.14
C ASP A 896 10.45 -35.44 20.36
N ASP A 897 11.56 -35.89 20.98
CA ASP A 897 11.51 -36.78 22.15
C ASP A 897 10.45 -36.33 23.15
N ARG A 898 9.63 -37.29 23.59
CA ARG A 898 8.55 -37.01 24.53
C ARG A 898 9.00 -37.02 26.00
N TRP A 899 10.23 -37.40 26.30
CA TRP A 899 10.68 -37.47 27.69
C TRP A 899 11.79 -36.50 28.07
N ILE A 900 12.19 -35.58 27.18
CA ILE A 900 13.23 -34.59 27.48
C ILE A 900 12.52 -33.29 27.87
N SER A 901 12.40 -33.06 29.18
CA SER A 901 11.74 -31.86 29.69
C SER A 901 12.68 -30.70 29.95
N ASP A 902 13.82 -30.63 29.25
CA ASP A 902 14.74 -29.51 29.43
C ASP A 902 15.52 -29.30 28.13
N VAL A 903 14.97 -28.47 27.24
CA VAL A 903 15.60 -28.18 25.95
C VAL A 903 16.06 -26.72 25.98
N GLU A 904 17.37 -26.54 25.98
CA GLU A 904 17.96 -25.20 26.01
C GLU A 904 17.81 -24.49 24.68
N ASP A 905 17.43 -23.23 24.73
CA ASP A 905 17.28 -22.42 23.55
C ASP A 905 18.52 -21.51 23.40
N SER A 906 18.47 -20.61 22.43
CA SER A 906 19.60 -19.72 22.17
C SER A 906 19.93 -18.80 23.34
N PHE A 907 19.01 -18.59 24.28
CA PHE A 907 19.26 -17.70 25.40
C PHE A 907 19.53 -18.43 26.71
N GLY A 908 19.39 -19.75 26.75
CA GLY A 908 19.63 -20.50 27.96
C GLY A 908 18.40 -20.94 28.72
N GLN A 909 17.21 -20.66 28.21
CA GLN A 909 16.00 -21.07 28.91
C GLN A 909 15.76 -22.56 28.72
N GLN A 910 14.97 -23.16 29.62
CA GLN A 910 14.66 -24.58 29.60
C GLN A 910 13.17 -24.79 29.31
N TRP A 911 12.90 -25.36 28.14
CA TRP A 911 11.55 -25.59 27.64
C TRP A 911 11.09 -27.04 27.76
N THR A 912 9.92 -27.25 28.37
CA THR A 912 9.38 -28.60 28.44
C THR A 912 8.89 -29.05 27.06
N TYR A 913 8.47 -30.31 26.97
CA TYR A 913 8.04 -30.87 25.68
C TYR A 913 6.77 -30.19 25.14
N GLU A 914 5.71 -30.14 25.95
CA GLU A 914 4.47 -29.54 25.47
C GLU A 914 4.61 -28.07 25.15
N GLN A 915 5.50 -27.37 25.87
CA GLN A 915 5.70 -25.95 25.62
C GLN A 915 6.30 -25.70 24.25
N ARG A 916 7.31 -26.49 23.86
CA ARG A 916 7.89 -26.31 22.53
C ARG A 916 6.93 -26.77 21.45
N LYS A 917 6.09 -27.77 21.75
CA LYS A 917 5.12 -28.22 20.75
C LYS A 917 4.08 -27.14 20.46
N ILE A 918 3.67 -26.39 21.49
CA ILE A 918 2.69 -25.31 21.25
C ILE A 918 3.24 -24.30 20.25
N VAL A 919 4.53 -23.97 20.37
CA VAL A 919 5.15 -23.03 19.46
C VAL A 919 5.21 -23.61 18.04
N GLU A 920 5.53 -24.90 17.93
CA GLU A 920 5.56 -25.49 16.59
C GLU A 920 4.18 -25.42 15.92
N PHE A 921 3.12 -25.64 16.70
CA PHE A 921 1.77 -25.56 16.13
C PHE A 921 1.43 -24.13 15.74
N THR A 922 1.82 -23.14 16.55
CA THR A 922 1.58 -21.75 16.16
C THR A 922 2.34 -21.44 14.88
N CYS A 923 3.47 -22.13 14.64
CA CYS A 923 4.20 -21.97 13.39
C CYS A 923 3.44 -22.58 12.22
N HIS A 924 2.69 -23.67 12.47
CA HIS A 924 1.88 -24.22 11.39
C HIS A 924 0.77 -23.25 11.00
N THR A 925 0.15 -22.63 12.01
CA THR A 925 -0.92 -21.67 11.74
C THR A 925 -0.42 -20.48 10.93
N SER A 926 0.71 -19.90 11.33
CA SER A 926 1.22 -18.77 10.57
C SER A 926 1.70 -19.19 9.19
N PHE A 927 2.20 -20.42 9.03
CA PHE A 927 2.62 -20.87 7.69
C PHE A 927 1.41 -20.95 6.77
N PHE A 928 0.29 -21.47 7.28
CA PHE A 928 -0.94 -21.57 6.50
C PHE A 928 -1.46 -20.18 6.12
N ILE A 929 -1.36 -19.23 7.05
CA ILE A 929 -1.79 -17.87 6.74
C ILE A 929 -0.88 -17.23 5.70
N SER A 930 0.43 -17.53 5.75
CA SER A 930 1.33 -17.02 4.73
C SER A 930 0.95 -17.57 3.36
N ILE A 931 0.52 -18.84 3.33
CA ILE A 931 0.10 -19.43 2.06
C ILE A 931 -1.10 -18.65 1.49
N VAL A 932 -2.07 -18.33 2.34
CA VAL A 932 -3.22 -17.58 1.85
C VAL A 932 -2.77 -16.23 1.29
N VAL A 933 -1.89 -15.55 2.02
CA VAL A 933 -1.39 -14.25 1.59
C VAL A 933 -0.73 -14.33 0.21
N VAL A 934 0.09 -15.37 -0.02
CA VAL A 934 0.72 -15.47 -1.34
C VAL A 934 -0.29 -15.94 -2.40
N GLN A 935 -1.35 -16.64 -1.99
CA GLN A 935 -2.33 -17.04 -2.98
C GLN A 935 -3.10 -15.84 -3.51
N TRP A 936 -3.14 -14.74 -2.74
CA TRP A 936 -3.79 -13.54 -3.28
C TRP A 936 -3.13 -13.12 -4.59
N ALA A 937 -1.82 -12.87 -4.53
CA ALA A 937 -1.08 -12.49 -5.73
C ALA A 937 -1.05 -13.60 -6.76
N ASP A 938 -1.16 -14.86 -6.35
CA ASP A 938 -1.19 -15.90 -7.37
C ASP A 938 -2.50 -15.91 -8.13
N LEU A 939 -3.62 -15.66 -7.44
CA LEU A 939 -4.92 -15.60 -8.11
C LEU A 939 -5.00 -14.39 -9.03
N ILE A 940 -4.31 -13.32 -8.66
CA ILE A 940 -4.31 -12.14 -9.52
C ILE A 940 -3.40 -12.32 -10.73
N ILE A 941 -2.25 -12.97 -10.56
CA ILE A 941 -1.38 -13.17 -11.72
C ILE A 941 -1.90 -14.32 -12.59
N CYS A 942 -2.77 -15.16 -12.06
CA CYS A 942 -3.37 -16.24 -12.83
C CYS A 942 -4.65 -15.81 -13.52
N LYS A 943 -5.21 -14.65 -13.12
CA LYS A 943 -6.42 -14.16 -13.77
C LYS A 943 -6.20 -13.94 -15.27
N THR A 944 -5.07 -13.36 -15.64
CA THR A 944 -4.75 -13.11 -17.05
C THR A 944 -3.48 -13.87 -17.43
N ARG A 945 -3.53 -14.58 -18.56
CA ARG A 945 -2.37 -15.31 -19.00
C ARG A 945 -1.41 -14.42 -19.78
N ARG A 946 -1.93 -13.43 -20.52
CA ARG A 946 -1.09 -12.53 -21.28
C ARG A 946 -1.34 -11.05 -20.94
N ASN A 947 -2.61 -10.62 -21.05
CA ASN A 947 -3.02 -9.24 -20.79
C ASN A 947 -2.68 -8.76 -19.40
N SER A 948 -2.75 -7.45 -19.18
CA SER A 948 -2.45 -6.84 -17.89
C SER A 948 -3.73 -6.70 -17.05
N ILE A 949 -3.53 -6.52 -15.75
CA ILE A 949 -4.68 -6.35 -14.86
C ILE A 949 -5.35 -5.01 -15.09
N PHE A 950 -4.57 -3.97 -15.42
CA PHE A 950 -5.13 -2.65 -15.66
C PHE A 950 -5.86 -2.56 -16.99
N GLN A 951 -5.86 -3.64 -17.78
CA GLN A 951 -6.59 -3.67 -19.05
C GLN A 951 -7.86 -4.50 -18.89
N GLN A 952 -7.74 -5.79 -18.59
CA GLN A 952 -8.91 -6.66 -18.42
C GLN A 952 -9.84 -6.05 -17.37
N GLY A 953 -9.36 -5.99 -16.13
CA GLY A 953 -10.12 -5.41 -15.05
C GLY A 953 -10.64 -6.46 -14.07
N MET A 954 -10.88 -5.99 -12.85
CA MET A 954 -11.40 -6.83 -11.77
C MET A 954 -12.93 -6.75 -11.74
N LYS A 955 -13.53 -7.13 -12.86
CA LYS A 955 -14.98 -7.13 -12.99
C LYS A 955 -15.60 -8.46 -12.56
N ASN A 956 -14.78 -9.45 -12.25
CA ASN A 956 -15.22 -10.76 -11.79
C ASN A 956 -15.57 -10.65 -10.31
N LYS A 957 -16.87 -10.72 -10.00
CA LYS A 957 -17.30 -10.61 -8.61
C LYS A 957 -17.01 -11.86 -7.79
N ILE A 958 -16.95 -13.02 -8.45
CA ILE A 958 -16.69 -14.25 -7.71
C ILE A 958 -15.26 -14.27 -7.19
N LEU A 959 -14.30 -13.80 -7.98
CA LEU A 959 -12.91 -13.78 -7.54
C LEU A 959 -12.73 -12.88 -6.31
N ILE A 960 -13.38 -11.70 -6.31
CA ILE A 960 -13.31 -10.80 -5.17
C ILE A 960 -13.89 -11.49 -3.94
N PHE A 961 -15.03 -12.15 -4.11
CA PHE A 961 -15.64 -12.88 -3.01
C PHE A 961 -14.72 -13.99 -2.52
N GLY A 962 -13.97 -14.61 -3.45
CA GLY A 962 -13.06 -15.66 -3.07
C GLY A 962 -11.95 -15.16 -2.17
N LEU A 963 -11.37 -14.01 -2.51
CA LEU A 963 -10.32 -13.45 -1.67
C LEU A 963 -10.85 -13.13 -0.27
N PHE A 964 -12.00 -12.45 -0.21
CA PHE A 964 -12.57 -12.08 1.09
C PHE A 964 -12.85 -13.32 1.96
N GLU A 965 -13.49 -14.34 1.37
CA GLU A 965 -13.80 -15.55 2.13
C GLU A 965 -12.54 -16.29 2.52
N GLU A 966 -11.55 -16.34 1.64
CA GLU A 966 -10.29 -17.01 1.90
C GLU A 966 -9.62 -16.42 3.13
N THR A 967 -9.74 -15.10 3.32
CA THR A 967 -9.14 -14.49 4.50
C THR A 967 -9.99 -14.73 5.75
N ALA A 968 -11.30 -14.61 5.62
CA ALA A 968 -12.18 -14.82 6.78
C ALA A 968 -12.04 -16.23 7.36
N LEU A 969 -11.87 -17.23 6.50
CA LEU A 969 -11.74 -18.60 6.98
C LEU A 969 -10.45 -18.79 7.79
N ALA A 970 -9.34 -18.21 7.33
CA ALA A 970 -8.09 -18.37 8.08
C ALA A 970 -8.19 -17.70 9.44
N ALA A 971 -8.78 -16.50 9.49
CA ALA A 971 -8.93 -15.83 10.77
C ALA A 971 -9.84 -16.64 11.69
N PHE A 972 -10.90 -17.22 11.12
CA PHE A 972 -11.81 -18.02 11.94
C PHE A 972 -11.15 -19.26 12.50
N LEU A 973 -10.38 -19.97 11.67
CA LEU A 973 -9.71 -21.17 12.15
C LEU A 973 -8.67 -20.83 13.21
N SER A 974 -8.13 -19.63 13.21
CA SER A 974 -7.14 -19.39 14.25
C SER A 974 -7.74 -18.82 15.55
N TYR A 975 -8.65 -17.85 15.46
CA TYR A 975 -9.17 -17.17 16.63
C TYR A 975 -10.36 -17.82 17.35
N CYS A 976 -11.02 -18.81 16.79
CA CYS A 976 -12.19 -19.37 17.47
C CYS A 976 -11.76 -20.23 18.66
N PRO A 977 -12.36 -20.05 19.83
CA PRO A 977 -11.99 -20.88 20.99
C PRO A 977 -12.23 -22.36 20.69
N GLY A 978 -11.44 -23.20 21.30
CA GLY A 978 -11.60 -24.62 21.06
C GLY A 978 -11.05 -25.09 19.72
N THR A 979 -10.33 -24.24 18.99
CA THR A 979 -9.74 -24.70 17.75
C THR A 979 -8.36 -25.27 18.02
N ASP A 980 -7.66 -24.71 19.00
CA ASP A 980 -6.36 -25.20 19.44
C ASP A 980 -6.49 -26.54 20.14
N VAL A 981 -7.72 -26.96 20.39
CA VAL A 981 -8.03 -28.24 21.03
C VAL A 981 -8.43 -29.27 19.99
N ALA A 982 -9.31 -28.85 19.07
CA ALA A 982 -9.81 -29.71 18.02
C ALA A 982 -8.82 -29.88 16.87
N LEU A 983 -8.40 -28.77 16.25
CA LEU A 983 -7.50 -28.81 15.09
C LEU A 983 -6.05 -28.46 15.37
N ARG A 984 -5.70 -28.01 16.58
CA ARG A 984 -4.33 -27.64 16.93
C ARG A 984 -3.82 -26.42 16.17
N MET A 985 -4.54 -25.31 16.25
CA MET A 985 -4.16 -24.05 15.61
C MET A 985 -4.31 -22.98 16.68
N TYR A 986 -3.20 -22.34 17.07
CA TYR A 986 -3.20 -21.34 18.11
C TYR A 986 -3.30 -19.92 17.56
N PRO A 987 -3.77 -18.99 18.38
CA PRO A 987 -3.90 -17.60 17.92
C PRO A 987 -2.55 -16.98 17.61
N LEU A 988 -2.58 -16.03 16.68
CA LEU A 988 -1.37 -15.34 16.25
C LEU A 988 -1.33 -13.93 16.80
N LYS A 989 -0.15 -13.44 16.99
CA LYS A 989 -0.04 -12.07 17.43
C LYS A 989 -0.11 -11.17 16.19
N PRO A 990 -0.69 -9.99 16.30
CA PRO A 990 -0.88 -9.13 15.12
C PRO A 990 0.35 -8.76 14.33
N SER A 991 1.55 -8.82 14.89
CA SER A 991 2.71 -8.45 14.10
C SER A 991 3.16 -9.51 13.11
N TRP A 992 2.75 -10.77 13.32
CA TRP A 992 3.18 -11.85 12.45
C TRP A 992 2.47 -11.82 11.09
N TRP A 993 1.16 -11.54 11.08
CA TRP A 993 0.37 -11.53 9.84
C TRP A 993 0.99 -10.74 8.70
N PHE A 994 1.99 -9.91 8.99
CA PHE A 994 2.63 -9.08 7.97
C PHE A 994 3.97 -9.62 7.50
N CYS A 995 4.29 -10.88 7.78
CA CYS A 995 5.58 -11.42 7.33
C CYS A 995 5.57 -11.90 5.89
N ALA A 996 4.39 -12.13 5.30
CA ALA A 996 4.29 -12.63 3.93
C ALA A 996 3.95 -11.56 2.90
N PHE A 997 3.60 -10.34 3.35
CA PHE A 997 3.23 -9.27 2.43
C PHE A 997 4.29 -8.94 1.37
N PRO A 998 5.57 -8.74 1.72
CA PRO A 998 6.56 -8.40 0.67
C PRO A 998 6.69 -9.45 -0.42
N TYR A 999 6.64 -10.72 -0.04
CA TYR A 999 6.75 -11.78 -1.03
C TYR A 999 5.58 -11.73 -2.01
N SER A 1000 4.38 -11.41 -1.50
CA SER A 1000 3.21 -11.32 -2.36
C SER A 1000 3.36 -10.16 -3.36
N LEU A 1001 3.77 -8.99 -2.88
CA LEU A 1001 3.96 -7.88 -3.81
C LEU A 1001 4.99 -8.23 -4.87
N ILE A 1002 6.07 -8.90 -4.45
CA ILE A 1002 7.11 -9.28 -5.40
C ILE A 1002 6.55 -10.22 -6.46
N ILE A 1003 5.72 -11.18 -6.04
CA ILE A 1003 5.13 -12.10 -7.00
C ILE A 1003 4.33 -11.33 -8.04
N PHE A 1004 3.56 -10.34 -7.56
CA PHE A 1004 2.75 -9.53 -8.44
C PHE A 1004 3.60 -8.75 -9.45
N LEU A 1005 4.69 -8.13 -8.97
CA LEU A 1005 5.54 -7.35 -9.87
C LEU A 1005 6.28 -8.22 -10.87
N TYR A 1006 6.75 -9.39 -10.42
CA TYR A 1006 7.46 -10.28 -11.33
C TYR A 1006 6.54 -10.75 -12.44
N ASP A 1007 5.36 -11.26 -12.09
CA ASP A 1007 4.46 -11.70 -13.15
C ASP A 1007 3.99 -10.54 -14.02
N GLU A 1008 3.86 -9.33 -13.46
CA GLU A 1008 3.44 -8.20 -14.27
C GLU A 1008 4.48 -7.90 -15.34
N MET A 1009 5.76 -7.87 -14.97
CA MET A 1009 6.79 -7.62 -15.98
C MET A 1009 6.90 -8.81 -16.93
N ARG A 1010 6.54 -10.00 -16.45
CA ARG A 1010 6.57 -11.19 -17.30
C ARG A 1010 5.56 -11.04 -18.45
N ARG A 1011 4.32 -10.71 -18.11
CA ARG A 1011 3.20 -10.51 -19.05
C ARG A 1011 3.32 -9.24 -19.87
N PHE A 1012 4.50 -8.63 -19.87
CA PHE A 1012 4.78 -7.40 -20.60
C PHE A 1012 5.71 -7.61 -21.77
N ILE A 1013 6.78 -8.36 -21.56
CA ILE A 1013 7.71 -8.67 -22.64
C ILE A 1013 7.03 -9.58 -23.66
N ILE A 1014 6.09 -10.41 -23.20
CA ILE A 1014 5.34 -11.28 -24.11
C ILE A 1014 4.53 -10.44 -25.08
N ARG A 1015 3.93 -9.36 -24.59
CA ARG A 1015 3.13 -8.49 -25.45
C ARG A 1015 4.03 -7.72 -26.41
N ARG A 1016 5.04 -7.02 -25.88
CA ARG A 1016 5.90 -6.24 -26.76
C ARG A 1016 6.74 -7.13 -27.68
N SER A 1017 7.20 -8.30 -27.19
CA SER A 1017 8.07 -9.18 -27.98
C SER A 1017 7.42 -10.51 -28.33
N PRO A 1018 6.70 -10.61 -29.46
CA PRO A 1018 6.06 -11.88 -29.84
C PRO A 1018 7.02 -12.86 -30.51
N GLY A 1019 7.15 -14.04 -29.92
CA GLY A 1019 8.01 -15.09 -30.43
C GLY A 1019 9.36 -15.23 -29.76
N GLY A 1020 9.68 -14.36 -28.81
CA GLY A 1020 10.94 -14.37 -28.11
C GLY A 1020 11.07 -15.41 -27.00
N TRP A 1021 12.20 -15.31 -26.30
CA TRP A 1021 12.55 -16.22 -25.21
C TRP A 1021 11.44 -16.35 -24.17
N VAL A 1022 10.90 -15.22 -23.70
CA VAL A 1022 9.87 -15.25 -22.68
C VAL A 1022 8.64 -16.02 -23.17
N GLU A 1023 8.40 -16.02 -24.48
CA GLU A 1023 7.24 -16.73 -25.00
C GLU A 1023 7.46 -18.24 -25.09
N GLN A 1024 8.56 -18.68 -25.70
CA GLN A 1024 8.78 -20.11 -25.79
C GLN A 1024 9.30 -20.69 -24.49
N GLU A 1025 9.41 -19.89 -23.43
CA GLU A 1025 9.85 -20.38 -22.14
C GLU A 1025 8.80 -20.26 -21.03
N THR A 1026 7.86 -19.29 -21.07
CA THR A 1026 6.89 -19.15 -19.99
C THR A 1026 5.41 -19.01 -20.37
N TYR A 1027 5.03 -19.04 -21.66
CA TYR A 1027 3.63 -18.83 -22.07
C TYR A 1027 2.83 -20.13 -22.11
N TYR A 1028 2.31 -20.53 -20.93
CA TYR A 1028 1.48 -21.74 -20.72
C TYR A 1028 1.09 -22.56 -21.96
N GLY B 12 10.51 -42.63 -31.70
CA GLY B 12 10.14 -42.14 -30.38
C GLY B 12 11.20 -42.34 -29.34
N TRP B 13 11.26 -43.56 -28.80
CA TRP B 13 12.23 -43.92 -27.76
C TRP B 13 13.64 -43.41 -28.06
N LYS B 14 14.13 -43.71 -29.27
CA LYS B 14 15.49 -43.32 -29.64
C LYS B 14 15.60 -41.86 -30.06
N LYS B 15 14.68 -41.39 -30.90
CA LYS B 15 14.77 -40.02 -31.40
C LYS B 15 14.71 -38.97 -30.28
N PHE B 16 13.67 -39.02 -29.44
CA PHE B 16 13.54 -38.01 -28.38
C PHE B 16 14.72 -38.03 -27.43
N LEU B 17 15.68 -38.92 -27.68
CA LEU B 17 16.90 -39.00 -26.88
C LEU B 17 18.08 -38.39 -27.60
N TRP B 18 18.21 -38.65 -28.90
CA TRP B 18 19.31 -38.08 -29.67
C TRP B 18 19.04 -38.21 -31.17
N ASP B 19 18.83 -37.09 -31.85
CA ASP B 19 18.65 -37.08 -33.30
C ASP B 19 19.90 -36.41 -33.85
N SER B 20 20.29 -36.74 -35.09
CA SER B 20 21.53 -36.17 -35.60
C SER B 20 21.35 -35.16 -36.71
N GLU B 21 20.14 -34.72 -37.00
CA GLU B 21 19.97 -33.70 -38.03
C GLU B 21 19.92 -32.32 -37.40
N LYS B 22 19.11 -32.15 -36.36
CA LYS B 22 19.00 -30.90 -35.64
C LYS B 22 20.00 -30.83 -34.49
N LYS B 23 20.81 -31.87 -34.29
CA LYS B 23 21.82 -31.94 -33.22
C LYS B 23 21.21 -31.63 -31.85
N GLU B 24 20.12 -32.32 -31.54
CA GLU B 24 19.37 -32.14 -30.30
C GLU B 24 19.55 -33.30 -29.33
N PHE B 25 19.58 -32.97 -28.03
CA PHE B 25 19.66 -33.95 -26.96
C PHE B 25 18.46 -33.72 -26.04
N LEU B 26 17.63 -34.76 -25.89
CA LEU B 26 16.45 -34.74 -25.03
C LEU B 26 15.37 -33.79 -25.54
N GLY B 27 15.66 -33.02 -26.57
CA GLY B 27 14.71 -32.08 -27.13
C GLY B 27 15.26 -30.72 -27.53
N ARG B 28 16.26 -30.20 -26.82
CA ARG B 28 16.82 -28.90 -27.17
C ARG B 28 18.25 -29.09 -27.68
N THR B 29 18.86 -27.99 -28.11
CA THR B 29 20.22 -27.94 -28.62
C THR B 29 21.16 -27.53 -27.48
N GLY B 30 22.42 -27.26 -27.84
CA GLY B 30 23.39 -26.86 -26.84
C GLY B 30 23.14 -25.50 -26.21
N SER B 31 22.76 -24.51 -27.02
CA SER B 31 22.54 -23.15 -26.51
C SER B 31 21.31 -22.99 -25.63
N SER B 32 20.32 -23.87 -25.75
CA SER B 32 19.13 -23.72 -24.93
C SER B 32 19.40 -24.09 -23.48
N TRP B 33 20.04 -25.25 -23.26
CA TRP B 33 20.37 -25.67 -21.91
C TRP B 33 21.16 -24.57 -21.20
N PHE B 34 22.00 -23.85 -21.95
CA PHE B 34 22.77 -22.77 -21.35
C PHE B 34 21.89 -21.57 -21.03
N LYS B 35 20.98 -21.18 -21.93
CA LYS B 35 20.13 -20.06 -21.61
C LYS B 35 19.29 -20.34 -20.36
N ILE B 36 18.73 -21.55 -20.28
CA ILE B 36 17.88 -21.89 -19.13
C ILE B 36 18.70 -22.02 -17.85
N PHE B 37 19.88 -22.66 -17.91
CA PHE B 37 20.71 -22.80 -16.72
C PHE B 37 21.14 -21.45 -16.20
N LEU B 38 21.56 -20.55 -17.10
CA LEU B 38 21.96 -19.22 -16.68
C LEU B 38 20.79 -18.45 -16.07
N PHE B 39 19.59 -18.58 -16.67
CA PHE B 39 18.44 -17.89 -16.11
C PHE B 39 18.14 -18.37 -14.70
N TYR B 40 18.12 -19.68 -14.49
CA TYR B 40 17.81 -20.17 -13.15
C TYR B 40 18.91 -19.85 -12.17
N LEU B 41 20.16 -19.77 -12.63
CA LEU B 41 21.23 -19.40 -11.70
C LEU B 41 21.04 -17.97 -11.22
N ILE B 42 20.74 -17.05 -12.14
CA ILE B 42 20.53 -15.66 -11.75
C ILE B 42 19.28 -15.52 -10.88
N PHE B 43 18.19 -16.21 -11.27
CA PHE B 43 16.94 -16.13 -10.53
C PHE B 43 17.12 -16.64 -9.10
N TYR B 44 17.64 -17.86 -8.94
CA TYR B 44 17.84 -18.41 -7.61
C TYR B 44 18.85 -17.59 -6.81
N GLY B 45 19.85 -16.98 -7.49
CA GLY B 45 20.79 -16.15 -6.77
C GLY B 45 20.10 -14.94 -6.17
N CYS B 46 19.23 -14.29 -6.95
CA CYS B 46 18.49 -13.15 -6.42
C CYS B 46 17.58 -13.59 -5.28
N LEU B 47 16.96 -14.76 -5.41
CA LEU B 47 16.10 -15.27 -4.35
C LEU B 47 16.87 -15.45 -3.05
N ALA B 48 18.06 -16.05 -3.16
CA ALA B 48 18.90 -16.25 -1.98
C ALA B 48 19.31 -14.93 -1.34
N GLY B 49 19.71 -13.96 -2.17
CA GLY B 49 20.14 -12.68 -1.62
C GLY B 49 19.00 -11.96 -0.90
N ILE B 50 17.79 -12.06 -1.44
CA ILE B 50 16.64 -11.41 -0.81
C ILE B 50 16.31 -12.07 0.52
N PHE B 51 16.30 -13.42 0.55
CA PHE B 51 16.02 -14.11 1.80
C PHE B 51 17.07 -13.77 2.86
N ILE B 52 18.34 -13.68 2.45
CA ILE B 52 19.40 -13.35 3.40
C ILE B 52 19.24 -11.93 3.94
N GLY B 53 18.89 -10.97 3.08
CA GLY B 53 18.69 -9.61 3.57
C GLY B 53 17.55 -9.53 4.58
N THR B 54 16.44 -10.22 4.28
CA THR B 54 15.30 -10.21 5.19
C THR B 54 15.62 -10.96 6.49
N ILE B 55 16.65 -11.80 6.50
CA ILE B 55 17.01 -12.47 7.75
C ILE B 55 17.99 -11.59 8.55
N GLN B 56 18.79 -10.77 7.87
CA GLN B 56 19.71 -9.90 8.59
C GLN B 56 18.95 -8.80 9.32
N VAL B 57 17.91 -8.24 8.69
CA VAL B 57 17.14 -7.23 9.42
C VAL B 57 16.54 -7.87 10.68
N LEU B 58 16.25 -9.16 10.63
CA LEU B 58 15.73 -9.87 11.79
C LEU B 58 16.79 -10.00 12.87
N LEU B 59 18.04 -10.22 12.47
CA LEU B 59 19.08 -10.29 13.49
C LEU B 59 19.23 -8.92 14.16
N LEU B 60 18.90 -7.86 13.44
CA LEU B 60 19.00 -6.53 14.04
C LEU B 60 17.80 -6.19 14.94
N THR B 61 16.63 -6.81 14.72
CA THR B 61 15.44 -6.50 15.53
C THR B 61 15.56 -6.95 16.99
N LEU B 62 15.93 -8.20 17.23
CA LEU B 62 15.95 -8.80 18.57
C LEU B 62 17.15 -8.38 19.41
N SER B 63 17.00 -8.57 20.72
CA SER B 63 18.00 -8.27 21.75
C SER B 63 18.77 -9.52 22.15
N ASP B 64 20.04 -9.33 22.53
CA ASP B 64 20.88 -10.45 22.93
C ASP B 64 20.73 -10.87 24.39
N PHE B 65 20.29 -9.98 25.28
CA PHE B 65 20.15 -10.37 26.68
C PHE B 65 18.73 -10.73 27.08
N GLU B 66 17.75 -10.67 26.17
CA GLU B 66 16.41 -11.01 26.66
C GLU B 66 15.42 -11.41 25.58
N PRO B 67 14.79 -12.59 25.70
CA PRO B 67 13.79 -13.00 24.70
C PRO B 67 12.61 -12.04 24.73
N LYS B 68 12.20 -11.61 23.54
CA LYS B 68 11.11 -10.64 23.44
C LYS B 68 9.80 -11.15 24.04
N TYR B 69 9.50 -12.43 23.89
CA TYR B 69 8.26 -13.01 24.41
C TYR B 69 8.58 -14.10 25.42
N GLN B 70 8.03 -13.95 26.64
CA GLN B 70 8.22 -14.91 27.71
C GLN B 70 6.89 -15.41 28.28
N ASP B 71 5.86 -15.53 27.45
CA ASP B 71 4.58 -16.00 27.94
C ASP B 71 4.40 -17.51 27.78
N ARG B 72 5.15 -18.14 26.87
CA ARG B 72 5.01 -19.58 26.69
C ARG B 72 5.77 -20.39 27.74
N VAL B 73 6.57 -19.76 28.60
CA VAL B 73 7.25 -20.56 29.61
C VAL B 73 6.95 -19.97 30.98
N ALA B 74 5.75 -20.23 31.45
CA ALA B 74 5.29 -19.79 32.76
C ALA B 74 3.94 -20.46 33.02
N PRO B 75 3.75 -21.07 34.20
CA PRO B 75 4.85 -21.11 35.19
C PRO B 75 5.94 -22.12 34.77
N PRO B 76 6.95 -22.36 35.61
CA PRO B 76 8.01 -23.28 35.20
C PRO B 76 7.66 -24.74 35.42
N GLY B 77 8.36 -25.58 34.66
CA GLY B 77 8.19 -27.01 34.74
C GLY B 77 8.98 -27.61 35.90
N LEU B 78 9.10 -28.93 35.88
CA LEU B 78 9.81 -29.66 36.92
C LEU B 78 10.39 -30.92 36.28
N SER B 79 11.68 -30.89 35.94
CA SER B 79 12.27 -32.05 35.30
C SER B 79 13.06 -32.88 36.30
N HIS B 80 13.47 -34.06 35.86
CA HIS B 80 14.18 -34.95 36.74
C HIS B 80 15.18 -35.82 36.01
N ALA B 81 16.13 -36.27 36.82
CA ALA B 81 17.17 -37.20 36.49
C ALA B 81 16.97 -38.27 37.57
N PRO B 82 16.95 -39.56 37.21
CA PRO B 82 17.21 -39.97 35.83
C PRO B 82 16.20 -39.73 34.72
N TYR B 83 16.72 -40.09 33.55
CA TYR B 83 16.04 -40.03 32.27
C TYR B 83 15.26 -41.31 32.12
N ALA B 84 13.99 -41.27 32.49
CA ALA B 84 13.11 -42.42 32.40
C ALA B 84 12.19 -42.23 31.20
N ILE B 85 12.04 -43.29 30.42
CA ILE B 85 11.22 -43.28 29.22
C ILE B 85 9.83 -43.79 29.61
N LYS B 86 8.81 -42.96 29.40
CA LYS B 86 7.40 -43.20 29.75
C LYS B 86 7.18 -42.92 31.23
N THR B 87 8.17 -42.29 31.90
CA THR B 87 8.12 -41.97 33.33
C THR B 87 8.01 -43.25 34.17
N GLU B 88 8.95 -44.16 33.93
CA GLU B 88 9.01 -45.43 34.64
C GLU B 88 10.46 -45.76 34.96
N ILE B 89 10.71 -46.14 36.21
CA ILE B 89 12.05 -46.49 36.69
C ILE B 89 11.93 -47.93 37.21
N SER B 90 12.25 -48.90 36.36
CA SER B 90 12.16 -50.31 36.69
C SER B 90 13.53 -50.97 36.55
N PHE B 91 13.99 -51.62 37.62
CA PHE B 91 15.30 -52.25 37.59
C PHE B 91 15.38 -53.35 38.64
N SER B 92 16.18 -54.38 38.32
CA SER B 92 16.39 -55.52 39.21
C SER B 92 17.58 -55.26 40.14
N ILE B 93 17.43 -55.64 41.41
CA ILE B 93 18.51 -55.45 42.39
C ILE B 93 19.63 -56.46 42.21
N SER B 94 19.46 -57.48 41.38
CA SER B 94 20.51 -58.46 41.18
C SER B 94 21.33 -58.18 39.92
N ASN B 95 20.67 -58.11 38.76
CA ASN B 95 21.36 -57.86 37.50
C ASN B 95 21.93 -56.44 37.47
N PRO B 96 23.25 -56.27 37.42
CA PRO B 96 23.80 -54.91 37.40
C PRO B 96 23.54 -54.17 36.10
N LYS B 97 23.38 -54.88 34.98
CA LYS B 97 23.15 -54.26 33.69
C LYS B 97 21.71 -53.82 33.49
N SER B 98 20.98 -53.60 34.58
CA SER B 98 19.59 -53.17 34.54
C SER B 98 19.42 -51.69 34.86
N TYR B 99 20.22 -51.14 35.78
CA TYR B 99 20.12 -49.73 36.15
C TYR B 99 21.29 -48.91 35.61
N GLU B 100 21.97 -49.40 34.56
CA GLU B 100 23.10 -48.66 34.01
C GLU B 100 22.65 -47.41 33.25
N SER B 101 21.57 -47.53 32.47
CA SER B 101 21.07 -46.38 31.73
C SER B 101 20.65 -45.25 32.65
N PHE B 102 20.24 -45.59 33.88
CA PHE B 102 19.83 -44.58 34.85
C PHE B 102 21.04 -43.88 35.46
N VAL B 103 21.97 -44.67 36.00
CA VAL B 103 23.17 -44.12 36.64
C VAL B 103 23.95 -43.25 35.67
N LYS B 104 24.07 -43.67 34.41
CA LYS B 104 24.80 -42.85 33.45
C LYS B 104 24.19 -41.46 33.35
N SER B 105 22.86 -41.35 33.44
CA SER B 105 22.21 -40.05 33.39
C SER B 105 22.44 -39.27 34.68
N MET B 106 22.05 -39.86 35.82
CA MET B 106 22.26 -39.23 37.13
C MET B 106 23.65 -38.63 37.19
N HIS B 107 24.65 -39.45 36.83
CA HIS B 107 26.03 -39.02 36.81
C HIS B 107 26.23 -37.85 35.84
N LYS B 108 25.63 -37.92 34.65
CA LYS B 108 25.78 -36.80 33.71
C LYS B 108 25.30 -35.50 34.32
N LEU B 109 24.21 -35.55 35.10
CA LEU B 109 23.67 -34.34 35.71
C LEU B 109 24.57 -33.84 36.84
N MET B 110 24.94 -34.73 37.76
CA MET B 110 25.77 -34.31 38.90
C MET B 110 27.20 -33.94 38.50
N ASP B 111 27.68 -34.44 37.36
CA ASP B 111 29.02 -34.17 36.89
C ASP B 111 29.27 -32.70 36.59
N LEU B 112 28.23 -31.86 36.60
CA LEU B 112 28.37 -30.44 36.35
C LEU B 112 28.53 -29.62 37.62
N TYR B 113 28.34 -30.24 38.79
CA TYR B 113 28.47 -29.56 40.07
C TYR B 113 29.79 -29.89 40.76
N ASN B 114 30.75 -30.46 40.02
CA ASN B 114 32.05 -30.80 40.59
C ASN B 114 32.70 -29.56 41.18
N GLU B 115 33.33 -29.71 42.34
CA GLU B 115 33.98 -28.57 42.98
C GLU B 115 35.09 -27.99 42.12
N SER B 116 35.80 -28.85 41.37
CA SER B 116 36.88 -28.37 40.52
C SER B 116 36.38 -27.30 39.56
N SER B 117 35.15 -27.43 39.08
CA SER B 117 34.59 -26.43 38.18
C SER B 117 34.32 -25.12 38.90
N GLN B 118 33.83 -25.20 40.14
CA GLN B 118 33.53 -24.01 40.96
C GLN B 118 34.77 -23.65 41.75
N ALA B 119 35.58 -22.73 41.23
CA ALA B 119 36.79 -22.34 41.94
C ALA B 119 37.12 -20.89 41.63
N GLY B 120 37.79 -20.25 42.59
CA GLY B 120 38.19 -18.86 42.48
C GLY B 120 37.07 -17.93 42.93
N ASN B 121 37.34 -16.64 42.77
CA ASN B 121 36.32 -15.66 43.15
C ASN B 121 35.22 -15.61 42.11
N SER B 122 35.59 -15.75 40.84
CA SER B 122 34.64 -15.69 39.75
C SER B 122 34.41 -17.06 39.11
N PRO B 123 33.19 -17.30 38.59
CA PRO B 123 32.19 -16.25 38.78
C PRO B 123 31.27 -16.72 39.89
N PHE B 124 31.80 -17.67 40.68
CA PHE B 124 31.10 -18.32 41.78
C PHE B 124 31.47 -17.70 43.12
N GLU B 125 30.56 -16.92 43.70
CA GLU B 125 30.79 -16.33 45.00
C GLU B 125 30.12 -17.18 46.08
N ASP B 126 30.72 -17.19 47.27
CA ASP B 126 30.18 -17.96 48.39
C ASP B 126 28.90 -17.31 48.92
N CYS B 127 27.84 -18.11 49.01
CA CYS B 127 26.55 -17.61 49.49
C CYS B 127 26.15 -18.33 50.77
N SER B 128 25.17 -17.74 51.46
CA SER B 128 24.65 -18.25 52.73
C SER B 128 24.42 -19.75 52.72
N ASP B 129 25.01 -20.44 53.71
CA ASP B 129 24.86 -21.88 53.84
C ASP B 129 23.43 -22.27 54.20
N THR B 130 22.62 -21.32 54.64
CA THR B 130 21.22 -21.47 55.01
C THR B 130 20.38 -20.67 54.03
N PRO B 131 19.17 -21.15 53.68
CA PRO B 131 18.33 -20.40 52.72
C PRO B 131 18.26 -18.92 53.03
N ALA B 132 18.23 -18.10 51.99
CA ALA B 132 18.18 -16.65 52.15
C ALA B 132 17.23 -16.07 51.10
N ASP B 133 17.24 -14.74 50.98
CA ASP B 133 16.37 -14.04 50.06
C ASP B 133 17.02 -13.87 48.68
N TYR B 134 16.29 -13.20 47.81
CA TYR B 134 16.76 -12.93 46.45
C TYR B 134 18.03 -12.09 46.48
N ILE B 135 18.68 -12.04 45.32
CA ILE B 135 19.91 -11.28 45.12
C ILE B 135 19.85 -10.69 43.72
N LYS B 136 19.88 -9.37 43.63
CA LYS B 136 19.81 -8.67 42.36
C LYS B 136 21.19 -8.13 42.02
N ARG B 137 21.76 -8.61 40.92
CA ARG B 137 23.07 -8.20 40.45
C ARG B 137 22.96 -7.10 39.41
N GLY B 138 21.97 -6.24 39.55
CA GLY B 138 21.71 -5.16 38.63
C GLY B 138 20.66 -5.52 37.60
N ASP B 139 20.67 -4.75 36.52
CA ASP B 139 19.72 -4.95 35.44
C ASP B 139 20.27 -5.99 34.46
N LEU B 140 19.59 -6.14 33.33
CA LEU B 140 19.99 -7.08 32.28
C LEU B 140 20.78 -6.31 31.21
N ASP B 141 21.96 -5.84 31.61
CA ASP B 141 22.82 -5.07 30.72
C ASP B 141 24.22 -5.66 30.72
N ASP B 142 25.06 -5.08 29.87
CA ASP B 142 26.46 -5.46 29.74
C ASP B 142 27.36 -4.49 30.49
N SER B 143 26.78 -3.52 31.19
CA SER B 143 27.55 -2.52 31.92
C SER B 143 28.51 -3.18 32.91
N GLN B 144 27.99 -3.91 33.90
CA GLN B 144 28.93 -4.53 34.84
C GLN B 144 29.37 -5.93 34.45
N GLY B 145 29.70 -6.14 33.18
CA GLY B 145 30.21 -7.43 32.73
C GLY B 145 29.45 -8.67 33.19
N GLN B 146 30.10 -9.82 33.09
CA GLN B 146 29.52 -11.09 33.51
C GLN B 146 29.12 -11.04 34.97
N LYS B 147 27.87 -11.39 35.26
CA LYS B 147 27.41 -11.38 36.64
C LYS B 147 28.03 -12.57 37.39
N LYS B 148 27.71 -12.68 38.68
CA LYS B 148 28.24 -13.74 39.53
C LYS B 148 27.09 -14.60 40.05
N ALA B 149 27.29 -15.93 40.04
CA ALA B 149 26.31 -16.89 40.49
C ALA B 149 26.77 -17.59 41.76
N CYS B 150 25.81 -17.97 42.60
CA CYS B 150 26.10 -18.66 43.85
C CYS B 150 26.58 -20.08 43.60
N ARG B 151 27.45 -20.55 44.49
CA ARG B 151 28.00 -21.90 44.40
C ARG B 151 27.04 -22.92 45.01
N PHE B 152 26.95 -24.09 44.37
CA PHE B 152 26.11 -25.18 44.86
C PHE B 152 26.99 -26.41 44.97
N SER B 153 27.24 -26.86 46.20
CA SER B 153 28.11 -28.00 46.44
C SER B 153 27.39 -29.33 46.28
N ARG B 154 28.14 -30.33 45.84
CA ARG B 154 27.60 -31.67 45.65
C ARG B 154 27.18 -32.28 46.99
N MET B 155 28.12 -32.30 47.94
CA MET B 155 27.95 -32.86 49.28
C MET B 155 26.65 -32.45 49.95
N TRP B 156 26.09 -31.29 49.59
CA TRP B 156 24.82 -30.88 50.18
C TRP B 156 23.80 -32.00 50.08
N LEU B 157 23.75 -32.66 48.92
CA LEU B 157 22.89 -33.83 48.78
C LEU B 157 23.60 -34.92 49.58
N LYS B 158 22.96 -35.39 50.65
CA LYS B 158 23.63 -36.35 51.53
C LYS B 158 23.87 -37.75 50.99
N ASN B 159 22.82 -38.57 50.89
CA ASN B 159 23.07 -39.94 50.45
C ASN B 159 23.01 -40.13 48.94
N CYS B 160 22.65 -39.13 48.15
CA CYS B 160 22.65 -39.27 46.69
C CYS B 160 23.60 -38.22 46.12
N SER B 161 24.87 -38.56 46.05
CA SER B 161 25.87 -37.66 45.48
C SER B 161 26.87 -38.36 44.58
N GLY B 162 26.85 -39.68 44.48
CA GLY B 162 27.81 -40.39 43.65
C GLY B 162 29.24 -40.28 44.13
N LEU B 163 29.45 -39.66 45.29
CA LEU B 163 30.78 -39.52 45.88
C LEU B 163 31.10 -40.66 46.83
N ASP B 164 30.08 -41.21 47.49
CA ASP B 164 30.22 -42.33 48.42
C ASP B 164 29.80 -43.64 47.77
N ASP B 165 28.55 -43.69 47.29
CA ASP B 165 27.96 -44.86 46.63
C ASP B 165 27.64 -44.39 45.22
N THR B 166 28.63 -44.53 44.33
CA THR B 166 28.54 -44.11 42.93
C THR B 166 27.19 -44.44 42.30
N THR B 167 26.68 -45.64 42.56
CA THR B 167 25.40 -46.07 42.01
C THR B 167 24.25 -45.15 42.42
N TYR B 168 24.35 -44.47 43.56
CA TYR B 168 23.38 -43.55 44.18
C TYR B 168 22.23 -44.24 44.89
N GLY B 169 22.28 -45.55 45.11
CA GLY B 169 21.18 -46.21 45.81
C GLY B 169 20.57 -47.40 45.11
N TYR B 170 20.53 -47.36 43.78
CA TYR B 170 19.94 -48.42 42.96
C TYR B 170 20.53 -49.79 43.26
N ALA B 171 21.64 -49.83 44.00
CA ALA B 171 22.30 -51.09 44.31
C ALA B 171 21.57 -51.94 45.34
N GLU B 172 20.85 -51.33 46.29
CA GLU B 172 20.19 -52.16 47.31
C GLU B 172 18.72 -51.81 47.50
N GLY B 173 18.01 -51.44 46.44
CA GLY B 173 16.60 -51.15 46.58
C GLY B 173 16.24 -49.87 47.30
N LYS B 174 17.01 -48.81 47.09
CA LYS B 174 16.75 -47.50 47.70
C LYS B 174 17.20 -46.48 46.68
N PRO B 175 16.30 -46.05 45.80
CA PRO B 175 16.68 -45.09 44.76
C PRO B 175 16.50 -43.63 45.17
N CYS B 176 17.22 -42.78 44.44
CA CYS B 176 17.16 -41.34 44.61
C CYS B 176 16.64 -40.73 43.31
N VAL B 177 16.11 -39.53 43.44
CA VAL B 177 15.56 -38.79 42.31
C VAL B 177 15.93 -37.33 42.53
N VAL B 178 16.81 -36.79 41.69
CA VAL B 178 17.23 -35.41 41.79
C VAL B 178 16.27 -34.56 40.96
N ALA B 179 15.44 -33.79 41.65
CA ALA B 179 14.47 -32.92 41.02
C ALA B 179 15.10 -31.56 40.73
N LYS B 180 14.61 -30.91 39.68
CA LYS B 180 15.14 -29.62 39.27
C LYS B 180 14.05 -28.74 38.67
N LEU B 181 14.12 -27.44 39.00
CA LEU B 181 13.19 -26.43 38.53
C LEU B 181 13.73 -25.81 37.24
N ASN B 182 12.87 -25.71 36.23
CA ASN B 182 13.27 -25.16 34.93
C ASN B 182 13.71 -23.70 35.02
N ARG B 183 14.92 -23.45 34.51
CA ARG B 183 15.52 -22.11 34.51
C ARG B 183 14.76 -21.13 33.62
N ILE B 184 14.33 -20.02 34.21
CA ILE B 184 13.62 -18.96 33.49
C ILE B 184 14.29 -17.63 33.79
N ILE B 185 14.49 -16.82 32.75
CA ILE B 185 15.13 -15.52 32.91
C ILE B 185 14.20 -14.56 33.64
N GLY B 186 14.75 -13.88 34.66
CA GLY B 186 14.00 -12.91 35.43
C GLY B 186 12.82 -13.46 36.20
N PHE B 187 12.83 -14.75 36.52
CA PHE B 187 11.73 -15.36 37.26
C PHE B 187 12.05 -15.41 38.74
N TYR B 188 11.19 -14.79 39.55
CA TYR B 188 11.34 -14.78 40.99
C TYR B 188 10.39 -15.79 41.60
N PRO B 189 10.87 -16.83 42.29
CA PRO B 189 9.94 -17.78 42.91
C PRO B 189 9.28 -17.16 44.13
N LYS B 190 7.97 -17.37 44.24
CA LYS B 190 7.18 -16.83 45.35
C LYS B 190 6.47 -17.92 46.13
N PRO B 191 6.92 -18.24 47.33
CA PRO B 191 6.25 -19.28 48.11
C PRO B 191 4.98 -18.78 48.78
N LEU B 192 4.14 -19.75 49.16
CA LEU B 192 2.88 -19.46 49.83
C LEU B 192 3.12 -18.90 51.23
N LYS B 193 2.23 -18.01 51.66
CA LYS B 193 2.36 -17.40 52.98
C LYS B 193 1.70 -18.25 54.08
N ASN B 194 2.05 -17.90 55.32
CA ASN B 194 1.64 -18.57 56.56
C ASN B 194 0.16 -18.45 56.92
N THR B 195 -0.68 -17.81 56.09
CA THR B 195 -2.09 -17.65 56.41
C THR B 195 -2.77 -19.01 56.64
N THR B 196 -3.95 -18.96 57.29
CA THR B 196 -4.73 -20.16 57.62
C THR B 196 -4.98 -21.08 56.43
N ASP B 197 -4.88 -20.57 55.21
CA ASP B 197 -5.09 -21.40 54.03
C ASP B 197 -3.71 -21.75 53.49
N LEU B 198 -3.38 -23.02 53.52
CA LEU B 198 -2.13 -23.60 53.10
C LEU B 198 -2.35 -25.09 53.16
N PRO B 199 -1.70 -25.89 52.32
CA PRO B 199 -1.90 -27.34 52.40
C PRO B 199 -1.48 -27.86 53.76
N GLU B 200 -1.87 -29.11 54.02
CA GLU B 200 -1.53 -29.73 55.30
C GLU B 200 -0.02 -29.82 55.47
N GLU B 201 0.63 -30.54 54.55
CA GLU B 201 2.06 -30.77 54.54
C GLU B 201 2.95 -29.55 54.84
N LEU B 202 2.71 -28.45 54.13
CA LEU B 202 3.53 -27.25 54.18
C LEU B 202 3.61 -26.55 55.53
N GLN B 203 2.66 -26.78 56.44
CA GLN B 203 2.66 -26.05 57.70
C GLN B 203 4.01 -26.12 58.43
N ALA B 204 4.49 -27.33 58.71
CA ALA B 204 5.75 -27.47 59.43
C ALA B 204 6.94 -27.00 58.60
N ASN B 205 7.91 -26.39 59.28
CA ASN B 205 9.14 -25.88 58.67
C ASN B 205 8.87 -24.85 57.58
N TYR B 206 8.10 -23.83 57.93
CA TYR B 206 7.84 -22.76 56.99
C TYR B 206 9.05 -21.83 57.03
N ASN B 207 9.89 -21.93 56.02
CA ASN B 207 11.05 -21.06 55.84
C ASN B 207 10.66 -20.28 54.61
N GLN B 208 10.32 -19.01 54.80
CA GLN B 208 9.85 -18.19 53.69
C GLN B 208 10.78 -18.30 52.49
N TYR B 209 12.06 -18.26 52.74
CA TYR B 209 13.06 -18.34 51.69
C TYR B 209 13.17 -19.71 51.01
N VAL B 210 12.34 -20.72 51.26
CA VAL B 210 12.47 -22.01 50.60
C VAL B 210 11.19 -22.33 49.84
N LEU B 211 11.35 -22.78 48.58
CA LEU B 211 10.22 -23.17 47.76
C LEU B 211 10.02 -24.66 48.04
N PRO B 212 8.90 -25.07 48.64
CA PRO B 212 8.72 -26.48 48.99
C PRO B 212 8.35 -27.40 47.84
N LEU B 213 8.90 -28.61 47.93
CA LEU B 213 8.66 -29.71 47.00
C LEU B 213 8.22 -30.89 47.85
N ARG B 214 7.09 -31.50 47.50
CA ARG B 214 6.61 -32.62 48.28
C ARG B 214 5.99 -33.67 47.37
N CYS B 215 6.43 -34.91 47.53
CA CYS B 215 5.95 -36.04 46.75
C CYS B 215 4.91 -36.83 47.54
N ALA B 216 4.05 -37.52 46.80
CA ALA B 216 2.99 -38.32 47.39
C ALA B 216 2.60 -39.42 46.40
N ALA B 217 1.49 -40.10 46.69
CA ALA B 217 0.99 -41.18 45.87
C ALA B 217 -0.20 -40.71 45.05
N LYS B 218 -0.23 -41.11 43.77
CA LYS B 218 -1.32 -40.71 42.90
C LYS B 218 -2.66 -41.23 43.40
N ARG B 219 -2.71 -42.50 43.77
CA ARG B 219 -3.95 -43.12 44.25
C ARG B 219 -3.93 -43.24 45.77
N GLU B 220 -5.12 -43.32 46.35
CA GLU B 220 -5.25 -43.43 47.79
C GLU B 220 -4.72 -44.77 48.30
N GLU B 221 -4.85 -45.83 47.50
CA GLU B 221 -4.38 -47.13 47.92
C GLU B 221 -2.86 -47.17 48.07
N ASP B 222 -2.14 -46.73 47.04
CA ASP B 222 -0.68 -46.75 47.01
C ASP B 222 -0.01 -46.10 48.21
N ARG B 223 -0.72 -45.24 48.95
CA ARG B 223 -0.15 -44.57 50.11
C ARG B 223 0.61 -45.57 50.99
N GLU B 224 -0.10 -46.60 51.46
CA GLU B 224 0.47 -47.62 52.33
C GLU B 224 1.70 -48.30 51.74
N LYS B 225 1.69 -48.57 50.43
CA LYS B 225 2.80 -49.26 49.79
C LYS B 225 4.03 -48.39 49.56
N ILE B 226 3.94 -47.08 49.81
CA ILE B 226 5.08 -46.18 49.68
C ILE B 226 5.61 -45.95 51.08
N GLY B 227 6.94 -46.04 51.23
CA GLY B 227 7.57 -45.92 52.53
C GLY B 227 7.94 -44.56 53.04
N SER B 228 9.23 -44.30 53.23
CA SER B 228 9.67 -43.02 53.77
C SER B 228 10.41 -42.20 52.71
N ILE B 229 9.76 -41.12 52.30
CA ILE B 229 10.28 -40.15 51.34
C ILE B 229 11.22 -39.23 52.11
N GLU B 230 12.54 -39.36 51.88
CA GLU B 230 13.55 -38.57 52.56
C GLU B 230 14.16 -37.55 51.62
N TYR B 231 13.79 -36.28 51.79
CA TYR B 231 14.28 -35.19 50.96
C TYR B 231 15.59 -34.62 51.48
N PHE B 232 16.54 -34.40 50.56
CA PHE B 232 17.84 -33.81 50.83
C PHE B 232 17.94 -32.49 50.06
N GLY B 233 18.45 -31.46 50.71
CA GLY B 233 18.57 -30.18 50.03
C GLY B 233 19.41 -29.19 50.80
N LEU B 234 19.37 -27.94 50.32
CA LEU B 234 20.13 -26.85 50.92
C LEU B 234 19.55 -26.53 52.30
N GLY B 235 20.38 -26.69 53.33
CA GLY B 235 19.95 -26.43 54.68
C GLY B 235 19.17 -27.55 55.31
N GLY B 236 18.96 -28.66 54.60
CA GLY B 236 18.21 -29.79 55.10
C GLY B 236 16.73 -29.72 54.81
N TYR B 237 16.26 -28.63 54.20
CA TYR B 237 14.86 -28.46 53.86
C TYR B 237 14.53 -29.14 52.54
N ALA B 238 13.24 -29.38 52.34
CA ALA B 238 12.74 -30.00 51.11
C ALA B 238 12.28 -28.93 50.14
N GLY B 239 13.24 -28.15 49.66
CA GLY B 239 12.88 -27.11 48.72
C GLY B 239 14.09 -26.48 48.05
N PHE B 240 13.83 -25.38 47.37
CA PHE B 240 14.83 -24.63 46.65
C PHE B 240 15.06 -23.28 47.31
N PRO B 241 16.30 -22.92 47.63
CA PRO B 241 16.58 -21.61 48.25
C PRO B 241 16.36 -20.47 47.26
N LEU B 242 15.65 -19.44 47.71
CA LEU B 242 15.36 -18.29 46.87
C LEU B 242 16.59 -17.49 46.46
N GLN B 243 17.73 -17.70 47.13
CA GLN B 243 18.94 -16.95 46.81
C GLN B 243 19.52 -17.24 45.44
N TYR B 244 19.18 -18.36 44.81
CA TYR B 244 19.71 -18.70 43.50
C TYR B 244 18.91 -18.06 42.37
N TYR B 245 18.09 -17.09 42.69
CA TYR B 245 17.26 -16.39 41.72
C TYR B 245 17.40 -14.88 41.90
N PRO B 246 17.14 -14.11 40.84
CA PRO B 246 16.73 -14.73 39.57
C PRO B 246 17.89 -15.16 38.67
N TYR B 247 17.53 -15.76 37.55
CA TYR B 247 18.48 -16.21 36.55
C TYR B 247 18.60 -15.10 35.50
N TYR B 248 19.84 -14.77 35.16
CA TYR B 248 20.10 -13.68 34.22
C TYR B 248 20.35 -14.16 32.79
N GLY B 249 20.16 -15.43 32.49
CA GLY B 249 20.39 -15.83 31.12
C GLY B 249 21.83 -16.24 30.87
N LYS B 250 22.01 -17.09 29.85
CA LYS B 250 23.32 -17.60 29.50
C LYS B 250 24.33 -16.49 29.19
N ARG B 251 23.95 -15.57 28.31
CA ARG B 251 24.87 -14.50 27.91
C ARG B 251 25.39 -13.68 29.09
N LEU B 252 24.53 -13.38 30.05
CA LEU B 252 24.95 -12.57 31.19
C LEU B 252 25.39 -13.38 32.40
N GLN B 253 25.22 -14.70 32.41
CA GLN B 253 25.61 -15.47 33.58
C GLN B 253 26.16 -16.86 33.24
N LYS B 254 27.08 -16.95 32.28
CA LYS B 254 27.65 -18.27 32.00
C LYS B 254 28.22 -18.84 33.29
N LYS B 255 28.32 -20.17 33.35
CA LYS B 255 28.81 -20.85 34.55
C LYS B 255 27.86 -20.62 35.73
N TYR B 256 26.57 -20.83 35.49
CA TYR B 256 25.52 -20.65 36.50
C TYR B 256 24.95 -22.02 36.86
N LEU B 257 24.76 -22.25 38.15
CA LEU B 257 24.23 -23.52 38.64
C LEU B 257 22.91 -23.29 39.34
N GLN B 258 21.91 -24.08 38.98
CA GLN B 258 20.56 -24.07 39.52
C GLN B 258 20.47 -25.04 40.69
N PRO B 259 19.72 -24.70 41.74
CA PRO B 259 19.60 -25.61 42.88
C PRO B 259 19.02 -26.95 42.46
N LEU B 260 19.23 -27.95 43.31
CA LEU B 260 18.75 -29.30 43.06
C LEU B 260 18.21 -29.88 44.36
N LEU B 261 17.30 -30.84 44.25
CA LEU B 261 16.74 -31.46 45.45
C LEU B 261 16.74 -32.97 45.29
N ALA B 262 17.37 -33.68 46.23
CA ALA B 262 17.42 -35.13 46.14
C ALA B 262 16.25 -35.74 46.91
N ILE B 263 15.72 -36.84 46.40
CA ILE B 263 14.61 -37.53 47.05
C ILE B 263 14.89 -39.02 47.12
N GLN B 264 15.00 -39.57 48.32
CA GLN B 264 15.25 -41.00 48.49
C GLN B 264 13.94 -41.67 48.88
N PHE B 265 13.53 -42.67 48.11
CA PHE B 265 12.28 -43.39 48.36
C PHE B 265 12.54 -44.65 49.19
N THR B 266 12.99 -44.44 50.42
CA THR B 266 13.30 -45.60 51.25
C THR B 266 12.03 -46.40 51.55
N ASN B 267 12.24 -47.65 51.94
CA ASN B 267 11.17 -48.60 52.29
C ASN B 267 10.13 -48.71 51.17
N LEU B 268 10.59 -49.17 50.02
CA LEU B 268 9.72 -49.33 48.86
C LEU B 268 9.32 -50.79 48.72
N THR B 269 8.01 -51.04 48.61
CA THR B 269 7.52 -52.41 48.47
C THR B 269 8.13 -53.05 47.23
N GLN B 270 8.48 -54.33 47.34
CA GLN B 270 9.10 -55.04 46.24
C GLN B 270 8.08 -55.70 45.31
N ASN B 271 8.46 -55.76 44.03
CA ASN B 271 7.69 -56.38 42.95
C ASN B 271 6.28 -55.80 42.80
N MET B 272 6.21 -54.47 42.62
CA MET B 272 4.92 -53.81 42.42
C MET B 272 5.08 -52.38 41.92
N GLU B 273 4.33 -52.02 40.87
CA GLU B 273 4.41 -50.70 40.26
C GLU B 273 3.78 -49.63 41.14
N LEU B 274 4.60 -48.65 41.56
CA LEU B 274 4.15 -47.55 42.42
C LEU B 274 4.20 -46.23 41.65
N ARG B 275 3.07 -45.52 41.65
CA ARG B 275 2.92 -44.23 40.99
C ARG B 275 3.13 -43.11 42.01
N ILE B 276 4.24 -42.37 41.87
CA ILE B 276 4.59 -41.31 42.79
C ILE B 276 4.55 -39.97 42.07
N GLU B 277 3.75 -39.05 42.58
CA GLU B 277 3.60 -37.71 41.99
C GLU B 277 4.26 -36.68 42.92
N CYS B 278 5.22 -35.95 42.40
CA CYS B 278 5.91 -34.90 43.15
C CYS B 278 5.35 -33.54 42.72
N LYS B 279 5.23 -32.62 43.67
CA LYS B 279 4.66 -31.32 43.34
C LYS B 279 5.28 -30.19 44.14
N VAL B 280 5.59 -29.08 43.46
CA VAL B 280 6.14 -27.84 44.02
C VAL B 280 4.96 -26.91 44.30
N TYR B 281 5.11 -26.04 45.28
CA TYR B 281 4.05 -25.11 45.66
C TYR B 281 4.57 -23.67 45.62
N GLY B 282 3.70 -22.75 45.25
CA GLY B 282 4.08 -21.35 45.18
C GLY B 282 3.06 -20.53 44.42
N GLU B 283 3.18 -19.20 44.61
CA GLU B 283 2.26 -18.27 43.97
C GLU B 283 2.36 -18.30 42.45
N ASN B 284 3.52 -17.95 41.90
CA ASN B 284 3.61 -17.96 40.44
C ASN B 284 3.90 -19.36 39.92
N ILE B 285 3.20 -20.35 40.47
CA ILE B 285 3.31 -21.75 40.08
C ILE B 285 1.89 -22.21 39.79
N ASP B 286 1.68 -22.78 38.61
CA ASP B 286 0.37 -23.26 38.23
C ASP B 286 0.54 -24.53 37.42
N TYR B 287 -0.34 -25.49 37.68
CA TYR B 287 -0.30 -26.78 37.00
C TYR B 287 -1.21 -26.76 35.79
N SER B 288 -1.05 -27.77 34.94
CA SER B 288 -1.84 -27.90 33.73
C SER B 288 -2.28 -29.34 33.55
N GLU B 289 -3.57 -29.55 33.25
CA GLU B 289 -4.09 -30.89 33.05
C GLU B 289 -3.58 -31.52 31.77
N LYS B 290 -2.99 -30.74 30.87
CA LYS B 290 -2.46 -31.24 29.61
C LYS B 290 -0.97 -31.51 29.67
N ASP B 291 -0.20 -30.61 30.29
CA ASP B 291 1.24 -30.78 30.45
C ASP B 291 1.45 -31.36 31.84
N ARG B 292 1.89 -32.62 31.89
CA ARG B 292 2.10 -33.31 33.16
C ARG B 292 3.48 -33.05 33.74
N PHE B 293 4.17 -32.00 33.29
CA PHE B 293 5.48 -31.64 33.78
C PHE B 293 5.52 -30.19 34.23
N ARG B 294 4.40 -29.49 34.20
CA ARG B 294 4.31 -28.08 34.60
C ARG B 294 4.11 -28.02 36.10
N GLY B 295 5.18 -27.74 36.85
CA GLY B 295 5.11 -27.64 38.29
C GLY B 295 5.22 -28.95 39.04
N ARG B 296 4.67 -30.02 38.47
CA ARG B 296 4.70 -31.34 39.09
C ARG B 296 5.31 -32.34 38.13
N PHE B 297 5.45 -33.58 38.60
CA PHE B 297 5.97 -34.62 37.74
C PHE B 297 5.54 -35.97 38.31
N GLU B 298 5.48 -36.97 37.43
CA GLU B 298 5.07 -38.31 37.79
C GLU B 298 6.18 -39.29 37.51
N VAL B 299 6.34 -40.26 38.39
CA VAL B 299 7.35 -41.29 38.24
C VAL B 299 6.74 -42.63 38.61
N LYS B 300 7.07 -43.65 37.84
CA LYS B 300 6.63 -45.01 38.11
C LYS B 300 7.88 -45.76 38.55
N ILE B 301 7.85 -46.28 39.77
CA ILE B 301 8.99 -47.00 40.30
C ILE B 301 8.57 -48.42 40.60
N GLU B 302 9.44 -49.36 40.25
CA GLU B 302 9.17 -50.78 40.47
C GLU B 302 10.53 -51.43 40.66
N VAL B 303 10.91 -51.65 41.92
CA VAL B 303 12.19 -52.28 42.23
C VAL B 303 11.89 -53.78 42.33
N LYS B 304 11.91 -54.45 41.18
CA LYS B 304 11.62 -55.87 41.09
C LYS B 304 12.90 -56.67 41.34
N SER B 305 12.88 -57.49 42.39
CA SER B 305 14.05 -58.29 42.72
C SER B 305 13.64 -59.68 43.22
N GLU C 24 13.14 -6.20 36.96
CA GLU C 24 12.60 -4.89 37.31
C GLU C 24 11.81 -4.95 38.60
N GLY C 25 12.29 -5.77 39.54
CA GLY C 25 11.64 -5.93 40.82
C GLY C 25 10.84 -7.20 40.89
N PRO C 26 10.56 -7.65 42.12
CA PRO C 26 9.77 -8.89 42.27
C PRO C 26 8.38 -8.83 41.64
N ASP C 27 7.66 -7.73 41.84
CA ASP C 27 6.31 -7.58 41.30
C ASP C 27 6.31 -7.06 39.85
N ASN C 28 7.01 -7.82 38.99
CA ASN C 28 7.10 -7.54 37.56
C ASN C 28 6.28 -8.56 36.78
N ASP C 29 5.30 -9.14 37.47
CA ASP C 29 4.43 -10.20 36.95
C ASP C 29 3.85 -9.92 35.57
N GLU C 30 3.66 -8.64 35.22
CA GLU C 30 3.10 -8.33 33.91
C GLU C 30 3.97 -8.83 32.75
N ARG C 31 5.28 -8.95 32.98
CA ARG C 31 6.24 -9.40 31.96
C ARG C 31 6.00 -10.83 31.48
N PHE C 32 5.03 -11.54 32.07
CA PHE C 32 4.75 -12.91 31.67
C PHE C 32 3.28 -13.11 31.35
N THR C 33 2.54 -12.05 31.03
CA THR C 33 1.13 -12.14 30.74
C THR C 33 0.83 -11.52 29.39
N TYR C 34 -0.15 -12.12 28.69
CA TYR C 34 -0.62 -11.64 27.40
C TYR C 34 -2.12 -11.79 27.36
N ASP C 35 -2.81 -10.75 26.89
CA ASP C 35 -4.28 -10.75 26.83
C ASP C 35 -4.76 -11.42 25.54
N TYR C 36 -4.66 -12.75 25.50
CA TYR C 36 -5.13 -13.48 24.33
C TYR C 36 -6.63 -13.35 24.16
N TYR C 37 -7.37 -13.16 25.26
CA TYR C 37 -8.81 -13.03 25.18
C TYR C 37 -9.22 -11.87 24.28
N ARG C 38 -8.73 -10.67 24.58
CA ARG C 38 -9.06 -9.50 23.79
C ARG C 38 -8.63 -9.69 22.34
N LEU C 39 -7.48 -10.33 22.12
CA LEU C 39 -7.00 -10.57 20.77
C LEU C 39 -7.97 -11.45 20.00
N ARG C 40 -8.47 -12.51 20.63
CA ARG C 40 -9.42 -13.39 19.95
C ARG C 40 -10.71 -12.66 19.66
N VAL C 41 -11.19 -11.84 20.61
CA VAL C 41 -12.42 -11.10 20.39
C VAL C 41 -12.29 -10.22 19.15
N VAL C 42 -11.22 -9.43 19.08
CA VAL C 42 -11.04 -8.53 17.93
C VAL C 42 -10.88 -9.32 16.63
N GLY C 43 -10.06 -10.38 16.66
CA GLY C 43 -9.85 -11.17 15.46
C GLY C 43 -11.15 -11.76 14.93
N LEU C 44 -12.07 -12.08 15.83
CA LEU C 44 -13.36 -12.60 15.37
C LEU C 44 -14.23 -11.50 14.81
N ILE C 45 -14.23 -10.32 15.46
CA ILE C 45 -15.01 -9.20 14.92
C ILE C 45 -14.58 -8.92 13.48
N VAL C 46 -13.27 -8.89 13.28
CA VAL C 46 -12.70 -8.61 11.96
C VAL C 46 -13.08 -9.70 10.95
N ALA C 47 -12.92 -10.97 11.34
CA ALA C 47 -13.26 -12.05 10.41
C ALA C 47 -14.70 -11.92 9.97
N ALA C 48 -15.57 -11.65 10.94
CA ALA C 48 -16.99 -11.48 10.67
C ALA C 48 -17.25 -10.36 9.68
N VAL C 49 -16.62 -9.20 9.90
CA VAL C 49 -16.82 -8.06 9.00
C VAL C 49 -16.41 -8.43 7.59
N LEU C 50 -15.23 -9.06 7.44
CA LEU C 50 -14.76 -9.45 6.12
C LEU C 50 -15.76 -10.39 5.46
N CYS C 51 -16.31 -11.33 6.23
CA CYS C 51 -17.30 -12.26 5.68
C CYS C 51 -18.53 -11.52 5.16
N VAL C 52 -19.02 -10.56 5.94
CA VAL C 52 -20.19 -9.78 5.54
C VAL C 52 -19.93 -9.07 4.22
N ILE C 53 -18.88 -8.24 4.20
CA ILE C 53 -18.48 -7.48 3.02
C ILE C 53 -18.44 -8.42 1.81
N GLY C 54 -17.88 -9.62 2.00
CA GLY C 54 -17.85 -10.57 0.90
C GLY C 54 -19.25 -10.85 0.38
N ILE C 55 -20.17 -11.18 1.30
CA ILE C 55 -21.55 -11.45 0.88
C ILE C 55 -22.14 -10.26 0.13
N ILE C 56 -21.91 -9.05 0.65
CA ILE C 56 -22.45 -7.84 0.03
C ILE C 56 -21.99 -7.77 -1.42
N ILE C 57 -20.69 -7.90 -1.65
CA ILE C 57 -20.16 -7.84 -3.01
C ILE C 57 -20.78 -8.94 -3.87
N LEU C 58 -20.92 -10.14 -3.32
CA LEU C 58 -21.45 -11.26 -4.09
C LEU C 58 -22.89 -11.02 -4.56
N LEU C 59 -23.77 -10.58 -3.66
CA LEU C 59 -25.16 -10.38 -4.02
C LEU C 59 -25.47 -9.01 -4.60
N ALA C 60 -24.52 -8.08 -4.62
CA ALA C 60 -24.76 -6.74 -5.14
C ALA C 60 -24.85 -6.76 -6.67
N GLY C 61 -26.07 -6.71 -7.19
CA GLY C 61 -26.33 -6.73 -8.61
C GLY C 61 -27.55 -7.56 -8.90
N LYS C 62 -27.80 -8.55 -8.04
CA LYS C 62 -28.99 -9.40 -8.12
C LYS C 62 -30.14 -8.79 -7.36
N CYS C 63 -30.14 -7.47 -7.25
CA CYS C 63 -31.13 -6.69 -6.54
C CYS C 63 -30.91 -5.21 -6.89
N ASP D 36 33.97 56.46 29.29
CA ASP D 36 33.26 55.36 29.91
C ASP D 36 34.21 54.18 30.15
N LEU D 37 35.27 54.43 30.90
CA LEU D 37 36.24 53.39 31.20
C LEU D 37 35.58 52.30 32.02
N ASP D 38 35.46 51.10 31.45
CA ASP D 38 34.80 50.00 32.17
C ASP D 38 35.67 49.44 33.27
N GLU D 39 36.99 49.32 33.04
CA GLU D 39 37.85 48.77 34.08
C GLU D 39 37.83 49.62 35.33
N LEU D 40 37.81 50.95 35.19
CA LEU D 40 37.78 51.82 36.36
C LEU D 40 36.43 51.79 37.06
N LYS D 41 35.46 51.08 36.50
CA LYS D 41 34.16 50.90 37.12
C LYS D 41 34.03 49.51 37.70
N LYS D 42 34.91 48.58 37.30
CA LYS D 42 34.88 47.24 37.84
C LYS D 42 35.65 47.17 39.16
N GLU D 43 36.55 48.11 39.38
CA GLU D 43 37.33 48.18 40.60
C GLU D 43 36.42 48.46 41.79
N VAL D 44 36.90 48.11 42.98
CA VAL D 44 36.14 48.32 44.20
C VAL D 44 36.22 49.79 44.59
N SER D 45 35.09 50.33 45.05
CA SER D 45 34.93 51.73 45.44
C SER D 45 35.93 52.22 46.50
N MET D 46 36.11 53.55 46.64
CA MET D 46 37.03 54.15 47.63
C MET D 46 36.35 55.32 48.36
N ASP D 47 36.91 55.78 49.49
CA ASP D 47 36.23 56.88 50.20
C ASP D 47 37.12 57.61 51.24
N ASP D 48 36.47 58.35 52.14
CA ASP D 48 37.09 59.17 53.20
C ASP D 48 36.29 59.17 54.53
N HIS D 49 35.87 58.01 55.02
CA HIS D 49 35.12 57.91 56.28
C HIS D 49 36.03 57.88 57.50
N LYS D 50 37.33 57.75 57.28
CA LYS D 50 38.34 57.70 58.33
C LYS D 50 38.69 59.10 58.84
N LEU D 51 38.48 60.11 58.01
CA LEU D 51 38.78 61.48 58.37
C LEU D 51 37.84 61.98 59.45
N SER D 52 38.28 63.00 60.17
CA SER D 52 37.42 63.59 61.18
C SER D 52 36.39 64.49 60.49
N LEU D 53 35.36 64.88 61.22
CA LEU D 53 34.33 65.75 60.64
C LEU D 53 34.96 67.02 60.07
N ASP D 54 35.73 67.72 60.91
CA ASP D 54 36.41 68.95 60.53
C ASP D 54 37.32 68.75 59.30
N GLU D 55 38.12 67.69 59.31
CA GLU D 55 39.02 67.40 58.20
C GLU D 55 38.25 67.23 56.90
N LEU D 56 37.10 66.54 56.96
CA LEU D 56 36.28 66.35 55.78
C LEU D 56 35.78 67.69 55.25
N HIS D 57 35.48 68.63 56.16
CA HIS D 57 35.06 69.94 55.70
C HIS D 57 36.18 70.65 54.96
N ASN D 58 37.41 70.56 55.48
CA ASN D 58 38.52 71.17 54.76
C ASN D 58 38.61 70.63 53.35
N LYS D 59 38.44 69.31 53.20
CA LYS D 59 38.48 68.73 51.87
C LYS D 59 37.35 69.24 50.97
N TYR D 60 36.21 69.66 51.53
CA TYR D 60 35.12 70.12 50.66
C TYR D 60 34.71 71.59 50.80
N GLY D 61 35.12 72.31 51.86
CA GLY D 61 34.78 73.72 52.05
C GLY D 61 33.46 74.12 52.66
N THR D 62 33.23 73.83 53.95
CA THR D 62 31.93 74.14 54.54
C THR D 62 31.96 74.47 56.02
N ASP D 63 30.79 74.88 56.51
CA ASP D 63 30.49 75.24 57.88
C ASP D 63 29.62 74.13 58.47
N LEU D 64 30.01 73.60 59.63
CA LEU D 64 29.24 72.52 60.24
C LEU D 64 27.92 73.00 60.85
N THR D 65 27.85 74.27 61.27
CA THR D 65 26.63 74.81 61.88
C THR D 65 25.90 75.83 61.02
N ARG D 66 26.50 76.31 59.93
CA ARG D 66 25.86 77.28 59.06
C ARG D 66 25.77 76.85 57.62
N GLY D 67 26.48 75.79 57.22
CA GLY D 67 26.41 75.34 55.85
C GLY D 67 27.07 76.34 54.90
N LEU D 68 26.71 76.21 53.63
CA LEU D 68 27.25 77.06 52.59
C LEU D 68 26.40 78.32 52.42
N THR D 69 26.90 79.25 51.64
CA THR D 69 26.17 80.47 51.35
C THR D 69 25.48 80.27 50.00
N ASN D 70 24.37 81.00 49.80
CA ASN D 70 23.67 80.86 48.52
C ASN D 70 24.59 81.19 47.36
N ALA D 71 25.54 82.10 47.59
CA ALA D 71 26.50 82.43 46.54
C ALA D 71 27.49 81.29 46.37
N ARG D 72 28.02 80.73 47.47
CA ARG D 72 28.94 79.61 47.35
C ARG D 72 28.23 78.36 46.83
N ALA D 73 27.00 78.13 47.28
CA ALA D 73 26.25 76.97 46.82
C ALA D 73 26.00 77.05 45.31
N LYS D 74 25.56 78.21 44.81
CA LYS D 74 25.35 78.34 43.37
C LYS D 74 26.67 78.24 42.60
N GLU D 75 27.76 78.75 43.19
CA GLU D 75 29.07 78.66 42.53
C GLU D 75 29.47 77.20 42.34
N ILE D 76 29.18 76.35 43.35
CA ILE D 76 29.50 74.94 43.18
C ILE D 76 28.51 74.26 42.26
N LEU D 77 27.33 74.87 42.05
CA LEU D 77 26.36 74.32 41.11
C LEU D 77 26.85 74.51 39.67
N ALA D 78 27.60 75.58 39.42
CA ALA D 78 28.15 75.76 38.08
C ALA D 78 29.45 74.99 37.92
N ARG D 79 30.12 74.69 39.04
CA ARG D 79 31.38 73.96 38.97
C ARG D 79 31.23 72.45 38.71
N ASP D 80 30.38 71.74 39.47
CA ASP D 80 30.32 70.28 39.29
C ASP D 80 29.21 69.72 38.40
N GLY D 81 28.06 70.37 38.29
CA GLY D 81 26.97 69.82 37.51
C GLY D 81 25.83 69.32 38.40
N PRO D 82 24.69 69.00 37.80
CA PRO D 82 23.53 68.55 38.60
C PRO D 82 23.69 67.15 39.20
N ASN D 83 22.89 66.93 40.24
CA ASN D 83 22.83 65.68 41.01
C ASN D 83 21.77 64.73 40.41
N SER D 84 21.94 64.38 39.13
CA SER D 84 20.97 63.49 38.52
C SER D 84 21.64 62.50 37.58
N LEU D 85 21.22 61.25 37.70
CA LEU D 85 21.75 60.21 36.81
C LEU D 85 21.35 60.57 35.39
N THR D 86 22.34 60.62 34.51
CA THR D 86 22.13 61.03 33.13
C THR D 86 21.52 59.89 32.31
N PRO D 87 21.03 60.19 31.10
CA PRO D 87 20.43 59.17 30.25
C PRO D 87 21.37 58.60 29.20
N PRO D 88 21.10 57.39 28.76
CA PRO D 88 21.91 56.74 27.72
C PRO D 88 21.67 57.34 26.35
N PRO D 89 22.58 57.07 25.40
CA PRO D 89 22.37 57.53 24.01
C PRO D 89 21.32 56.62 23.37
N THR D 90 20.41 57.20 22.59
CA THR D 90 19.30 56.45 22.02
C THR D 90 19.36 56.21 20.51
N THR D 91 18.85 55.01 20.11
CA THR D 91 18.79 54.41 18.78
C THR D 91 17.40 54.45 18.13
N PRO D 92 17.14 55.31 17.15
CA PRO D 92 15.83 55.33 16.46
C PRO D 92 15.52 53.99 15.80
N GLU D 93 14.22 53.79 15.48
CA GLU D 93 13.76 52.51 14.90
C GLU D 93 13.91 52.38 13.39
N TRP D 94 13.83 53.48 12.61
CA TRP D 94 14.05 53.25 11.21
C TRP D 94 15.45 52.69 11.01
N ILE D 95 16.32 52.92 12.01
CA ILE D 95 17.68 52.42 11.99
C ILE D 95 17.70 50.89 12.12
N LYS D 96 17.03 50.33 13.13
CA LYS D 96 17.07 48.87 13.30
C LYS D 96 16.31 48.14 12.20
N PHE D 97 15.12 48.62 11.80
CA PHE D 97 14.41 47.91 10.75
C PHE D 97 15.23 47.93 9.47
N CYS D 98 15.84 49.07 9.15
CA CYS D 98 16.69 49.10 7.96
C CYS D 98 17.87 48.16 8.13
N ARG D 99 18.48 48.14 9.32
CA ARG D 99 19.60 47.22 9.57
C ARG D 99 19.20 45.81 9.19
N GLN D 100 18.00 45.40 9.62
CA GLN D 100 17.51 44.07 9.28
C GLN D 100 17.36 43.87 7.79
N LEU D 101 17.17 44.95 7.02
CA LEU D 101 17.05 44.75 5.57
C LEU D 101 18.36 44.21 4.97
N PHE D 102 19.49 44.84 5.28
CA PHE D 102 20.79 44.37 4.76
C PHE D 102 21.43 43.39 5.75
N GLY D 103 20.77 42.24 5.96
CA GLY D 103 21.25 41.25 6.90
C GLY D 103 20.87 39.83 6.55
N GLY D 104 21.24 38.88 7.43
CA GLY D 104 20.99 37.45 7.17
C GLY D 104 21.50 37.18 5.76
N PHE D 105 20.72 36.48 4.91
CA PHE D 105 21.16 36.34 3.52
C PHE D 105 20.32 37.27 2.61
N SER D 106 19.69 38.29 3.20
CA SER D 106 18.96 39.24 2.37
C SER D 106 19.89 39.91 1.35
N ILE D 107 21.20 39.93 1.62
CA ILE D 107 22.16 40.51 0.68
C ILE D 107 22.22 39.67 -0.59
N LEU D 108 22.24 38.34 -0.43
CA LEU D 108 22.23 37.44 -1.56
C LEU D 108 20.95 37.65 -2.36
N LEU D 109 19.84 37.96 -1.70
CA LEU D 109 18.63 38.21 -2.49
C LEU D 109 18.62 39.58 -3.16
N TRP D 110 19.33 40.58 -2.61
CA TRP D 110 19.35 41.89 -3.26
C TRP D 110 20.07 41.82 -4.61
N ILE D 111 21.20 41.14 -4.65
CA ILE D 111 21.92 41.05 -5.92
C ILE D 111 20.97 40.57 -7.03
N GLY D 112 19.98 39.76 -6.66
CA GLY D 112 19.04 39.23 -7.61
C GLY D 112 17.83 40.10 -7.88
N ALA D 113 17.21 40.71 -6.86
CA ALA D 113 16.07 41.59 -7.14
C ALA D 113 16.51 42.75 -8.03
N ILE D 114 17.63 43.39 -7.64
CA ILE D 114 18.17 44.49 -8.43
C ILE D 114 18.57 44.01 -9.83
N LEU D 115 19.28 42.88 -9.92
CA LEU D 115 19.65 42.36 -11.25
C LEU D 115 18.41 42.13 -12.12
N CYS D 116 17.37 41.58 -11.52
CA CYS D 116 16.12 41.31 -12.21
C CYS D 116 15.57 42.58 -12.84
N PHE D 117 15.59 43.69 -12.10
CA PHE D 117 15.07 44.93 -12.67
C PHE D 117 15.98 45.44 -13.79
N LEU D 118 17.31 45.44 -13.54
CA LEU D 118 18.26 45.89 -14.55
C LEU D 118 17.89 45.34 -15.93
N ALA D 119 17.56 44.05 -15.96
CA ALA D 119 17.15 43.49 -17.26
C ALA D 119 15.89 44.14 -17.80
N TYR D 120 14.95 44.53 -16.93
CA TYR D 120 13.73 45.19 -17.42
C TYR D 120 14.06 46.54 -18.02
N GLY D 121 14.88 47.32 -17.32
CA GLY D 121 15.29 48.60 -17.84
C GLY D 121 15.92 48.44 -19.21
N ILE D 122 16.76 47.41 -19.37
CA ILE D 122 17.38 47.16 -20.66
C ILE D 122 16.34 46.82 -21.72
N GLN D 123 15.35 45.99 -21.37
CA GLN D 123 14.31 45.65 -22.35
C GLN D 123 13.49 46.87 -22.74
N ALA D 124 13.09 47.67 -21.76
CA ALA D 124 12.28 48.87 -22.00
C ALA D 124 13.05 49.92 -22.81
N ALA D 125 14.37 49.97 -22.65
CA ALA D 125 15.18 50.94 -23.37
C ALA D 125 15.72 50.41 -24.70
N THR D 126 15.79 49.10 -24.87
CA THR D 126 16.26 48.52 -26.13
C THR D 126 15.08 48.14 -27.03
N GLU D 127 13.85 48.18 -26.49
CA GLU D 127 12.59 47.92 -27.18
C GLU D 127 12.26 46.49 -27.61
N ASP D 128 12.23 45.51 -26.68
CA ASP D 128 11.91 44.15 -27.11
C ASP D 128 10.66 43.50 -26.53
N GLU D 129 10.66 43.11 -25.28
CA GLU D 129 9.49 42.41 -24.84
C GLU D 129 8.76 43.22 -23.80
N PRO D 130 7.44 43.38 -23.97
CA PRO D 130 6.63 44.09 -22.98
C PRO D 130 6.07 43.12 -21.95
N ALA D 131 6.47 41.83 -22.05
CA ALA D 131 6.05 40.73 -21.19
C ALA D 131 6.31 41.03 -19.71
N ASN D 132 5.88 40.18 -18.79
CA ASN D 132 6.09 40.54 -17.39
C ASN D 132 6.81 39.49 -16.56
N ASP D 133 7.79 38.74 -17.08
CA ASP D 133 8.46 37.74 -16.25
C ASP D 133 9.46 38.31 -15.24
N ASN D 134 10.53 38.92 -15.75
CA ASN D 134 11.59 39.54 -14.96
C ASN D 134 11.03 40.32 -13.79
N LEU D 135 10.14 41.26 -14.12
CA LEU D 135 9.55 42.19 -13.15
C LEU D 135 8.73 41.48 -12.07
N TYR D 136 7.84 40.54 -12.45
CA TYR D 136 7.12 39.95 -11.33
C TYR D 136 8.08 39.16 -10.45
N LEU D 137 9.29 38.82 -10.94
CA LEU D 137 10.25 38.15 -10.05
C LEU D 137 11.01 39.16 -9.18
N GLY D 138 11.46 40.29 -9.71
CA GLY D 138 12.13 41.25 -8.85
C GLY D 138 11.19 41.72 -7.76
N VAL D 139 9.89 41.72 -8.05
CA VAL D 139 8.89 42.09 -7.05
C VAL D 139 8.69 40.96 -6.04
N VAL D 140 8.70 39.69 -6.48
CA VAL D 140 8.54 38.60 -5.52
C VAL D 140 9.75 38.48 -4.60
N LEU D 141 10.97 38.52 -5.16
CA LEU D 141 12.18 38.43 -4.33
C LEU D 141 12.25 39.62 -3.36
N SER D 142 11.96 40.84 -3.83
CA SER D 142 11.97 41.99 -2.94
C SER D 142 10.97 41.80 -1.81
N THR D 143 9.78 41.29 -2.13
CA THR D 143 8.77 41.06 -1.10
C THR D 143 9.26 40.07 -0.06
N VAL D 144 9.96 39.03 -0.50
CA VAL D 144 10.49 38.04 0.44
C VAL D 144 11.43 38.71 1.44
N VAL D 145 12.31 39.57 0.93
CA VAL D 145 13.25 40.26 1.82
C VAL D 145 12.53 41.14 2.83
N ILE D 146 11.54 41.90 2.37
CA ILE D 146 10.81 42.81 3.26
C ILE D 146 10.07 42.05 4.38
N VAL D 147 9.41 40.95 4.02
CA VAL D 147 8.67 40.19 5.02
C VAL D 147 9.60 39.51 6.02
N THR D 148 10.69 38.90 5.53
CA THR D 148 11.63 38.28 6.47
C THR D 148 12.18 39.33 7.43
N GLY D 149 12.42 40.55 6.93
CA GLY D 149 12.87 41.61 7.82
C GLY D 149 11.92 41.80 8.98
N CYS D 150 10.61 41.78 8.71
CA CYS D 150 9.67 41.91 9.84
C CYS D 150 9.84 40.75 10.84
N PHE D 151 10.04 39.54 10.32
CA PHE D 151 10.20 38.39 11.20
C PHE D 151 11.45 38.49 12.07
N SER D 152 12.55 39.01 11.51
CA SER D 152 13.78 39.12 12.30
C SER D 152 13.69 40.25 13.32
N TYR D 153 12.90 41.29 13.04
CA TYR D 153 12.76 42.34 14.04
C TYR D 153 12.07 41.79 15.28
N TYR D 154 10.93 41.09 15.10
CA TYR D 154 10.20 40.51 16.24
C TYR D 154 11.10 39.76 17.23
N GLN D 155 12.24 39.26 16.73
CA GLN D 155 13.20 38.47 17.51
C GLN D 155 14.36 39.29 18.07
N GLU D 156 14.55 40.51 17.57
CA GLU D 156 15.67 41.35 17.97
C GLU D 156 15.50 41.88 19.38
N ALA D 157 16.52 41.63 20.21
CA ALA D 157 16.55 42.04 21.61
C ALA D 157 15.86 43.37 21.85
N LYS D 158 15.01 43.45 22.86
CA LYS D 158 14.35 44.70 23.16
C LYS D 158 15.36 45.63 23.83
N SER D 159 15.06 46.93 23.78
CA SER D 159 15.99 47.95 24.27
C SER D 159 15.73 48.41 25.71
N SER D 160 16.50 47.82 26.63
CA SER D 160 16.44 48.08 28.07
C SER D 160 16.31 49.57 28.44
N ARG D 161 15.66 49.84 29.56
CA ARG D 161 15.44 51.19 30.09
C ARG D 161 15.97 51.27 31.52
N ILE D 162 17.09 50.60 31.76
CA ILE D 162 17.79 50.51 33.05
C ILE D 162 17.88 51.85 33.75
N MET D 163 18.41 52.82 33.01
CA MET D 163 18.60 54.15 33.54
C MET D 163 17.30 54.87 33.83
N ASP D 164 16.25 54.63 33.04
CA ASP D 164 14.98 55.31 33.32
C ASP D 164 14.40 54.82 34.64
N SER D 165 14.36 53.50 34.83
CA SER D 165 13.88 52.97 36.10
C SER D 165 14.74 53.52 37.23
N PHE D 166 16.06 53.44 37.07
CA PHE D 166 16.99 53.98 38.06
C PHE D 166 16.66 55.45 38.39
N LYS D 167 16.47 56.26 37.35
CA LYS D 167 16.16 57.69 37.54
C LYS D 167 14.90 57.89 38.36
N ASN D 168 13.92 56.99 38.24
CA ASN D 168 12.73 57.19 39.07
C ASN D 168 13.01 57.00 40.56
N MET D 169 14.24 56.66 40.94
CA MET D 169 14.60 56.39 42.33
C MET D 169 14.73 57.65 43.20
N VAL D 170 15.50 58.63 42.75
CA VAL D 170 15.78 59.85 43.52
C VAL D 170 14.55 60.72 43.76
N PRO D 171 14.23 61.05 45.02
CA PRO D 171 13.07 61.90 45.31
C PRO D 171 13.28 63.32 44.77
N GLN D 172 12.17 64.04 44.67
CA GLN D 172 12.22 65.38 44.06
C GLN D 172 12.77 66.47 44.96
N GLN D 173 12.55 66.44 46.27
CA GLN D 173 12.99 67.57 47.07
C GLN D 173 13.69 67.18 48.36
N ALA D 174 14.93 67.64 48.50
CA ALA D 174 15.77 67.41 49.68
C ALA D 174 15.74 68.61 50.62
N LEU D 175 16.18 68.40 51.86
CA LEU D 175 16.21 69.43 52.90
C LEU D 175 17.67 69.81 53.19
N VAL D 176 18.05 71.03 52.81
CA VAL D 176 19.41 71.55 52.94
C VAL D 176 19.42 72.76 53.88
N ILE D 177 20.49 72.88 54.67
CA ILE D 177 20.64 73.99 55.63
C ILE D 177 21.72 74.92 55.10
N ARG D 178 21.31 76.06 54.54
CA ARG D 178 22.26 77.03 54.01
C ARG D 178 22.14 78.36 54.75
N ASP D 179 23.28 78.98 55.02
CA ASP D 179 23.37 80.26 55.73
C ASP D 179 22.70 80.19 57.10
N GLY D 180 22.57 78.99 57.65
CA GLY D 180 21.96 78.80 58.94
C GLY D 180 20.46 78.62 58.91
N GLU D 181 19.85 78.40 57.75
CA GLU D 181 18.41 78.22 57.66
C GLU D 181 18.08 76.94 56.91
N LYS D 182 16.94 76.34 57.29
CA LYS D 182 16.45 75.11 56.71
C LYS D 182 15.58 75.43 55.50
N SER D 183 15.88 74.79 54.37
CA SER D 183 15.12 75.01 53.15
C SER D 183 15.03 73.71 52.38
N THR D 184 13.90 73.49 51.73
CA THR D 184 13.67 72.29 50.93
C THR D 184 13.88 72.71 49.47
N ILE D 185 14.94 72.22 48.86
CA ILE D 185 15.24 72.58 47.49
C ILE D 185 15.30 71.34 46.61
N ASN D 186 15.17 71.58 45.31
CA ASN D 186 15.26 70.54 44.29
C ASN D 186 16.51 69.72 44.55
N ALA D 187 16.36 68.40 44.60
CA ALA D 187 17.49 67.53 44.87
C ALA D 187 18.60 67.75 43.86
N GLU D 188 18.24 68.03 42.60
CA GLU D 188 19.26 68.27 41.59
C GLU D 188 20.16 69.44 41.94
N PHE D 189 19.68 70.35 42.79
CA PHE D 189 20.45 71.52 43.21
C PHE D 189 21.34 71.25 44.41
N VAL D 190 21.52 69.99 44.79
CA VAL D 190 22.38 69.67 45.91
C VAL D 190 23.80 69.56 45.38
N VAL D 191 24.75 70.13 46.12
CA VAL D 191 26.14 70.12 45.70
C VAL D 191 26.98 69.46 46.77
N ALA D 192 28.27 69.32 46.51
CA ALA D 192 29.18 68.72 47.47
C ALA D 192 29.63 69.76 48.47
N GLY D 193 29.43 69.46 49.76
CA GLY D 193 29.84 70.34 50.85
C GLY D 193 28.72 70.89 51.72
N ASP D 194 27.53 71.11 51.16
CA ASP D 194 26.47 71.69 51.97
C ASP D 194 25.99 70.71 53.04
N LEU D 195 25.16 71.24 53.95
CA LEU D 195 24.57 70.46 55.04
C LEU D 195 23.21 69.95 54.59
N VAL D 196 22.97 68.66 54.82
CA VAL D 196 21.71 68.03 54.43
C VAL D 196 21.14 67.28 55.62
N GLU D 197 19.84 67.46 55.84
CA GLU D 197 19.13 66.82 56.93
C GLU D 197 18.17 65.79 56.35
N VAL D 198 18.07 64.64 57.03
CA VAL D 198 17.16 63.58 56.61
C VAL D 198 16.28 63.22 57.80
N LYS D 199 15.12 62.65 57.48
CA LYS D 199 14.10 62.27 58.43
C LYS D 199 13.50 60.94 58.00
N GLY D 200 13.18 60.09 58.97
CA GLY D 200 12.62 58.78 58.70
C GLY D 200 11.46 58.82 57.73
N GLY D 201 11.69 58.28 56.53
CA GLY D 201 10.71 58.26 55.46
C GLY D 201 11.20 58.93 54.20
N ASP D 202 12.23 59.75 54.29
CA ASP D 202 12.82 60.44 53.16
C ASP D 202 13.98 59.64 52.61
N ARG D 203 14.33 59.92 51.36
CA ARG D 203 15.45 59.25 50.72
C ARG D 203 16.71 60.08 50.83
N ILE D 204 17.84 59.41 50.89
CA ILE D 204 19.14 60.06 50.99
C ILE D 204 19.38 60.70 49.64
N PRO D 205 19.47 62.04 49.56
CA PRO D 205 19.65 62.70 48.26
C PRO D 205 21.04 62.59 47.66
N ALA D 206 22.06 62.24 48.44
CA ALA D 206 23.41 62.12 47.92
C ALA D 206 24.25 61.36 48.94
N ASP D 207 25.52 61.15 48.63
CA ASP D 207 26.40 60.48 49.57
C ASP D 207 26.82 61.49 50.62
N LEU D 208 26.48 61.19 51.87
CA LEU D 208 26.70 62.03 53.05
C LEU D 208 27.67 61.41 54.05
N ARG D 209 28.15 62.29 54.94
CA ARG D 209 29.06 61.96 56.03
C ARG D 209 28.30 62.42 57.27
N ILE D 210 27.70 61.48 57.98
CA ILE D 210 26.88 61.79 59.15
C ILE D 210 27.70 62.54 60.19
N ILE D 211 27.12 63.63 60.70
CA ILE D 211 27.76 64.45 61.72
C ILE D 211 27.03 64.38 63.05
N SER D 212 25.72 64.11 63.05
CA SER D 212 24.92 64.01 64.26
C SER D 212 23.67 63.22 63.91
N ALA D 213 23.39 62.17 64.66
CA ALA D 213 22.23 61.32 64.41
C ALA D 213 21.42 61.15 65.69
N HIS D 214 20.14 60.80 65.50
CA HIS D 214 19.23 60.57 66.63
C HIS D 214 18.46 59.28 66.32
N GLY D 215 19.07 58.14 66.66
CA GLY D 215 18.43 56.85 66.40
C GLY D 215 18.10 56.65 64.93
N CYS D 216 18.97 57.11 64.05
CA CYS D 216 18.73 56.99 62.62
C CYS D 216 19.10 55.62 62.08
N LYS D 217 18.22 55.06 61.24
CA LYS D 217 18.41 53.76 60.63
C LYS D 217 18.16 53.88 59.13
N VAL D 218 18.95 53.16 58.34
CA VAL D 218 18.84 53.17 56.89
C VAL D 218 18.61 51.75 56.40
N ASP D 219 18.10 51.64 55.17
CA ASP D 219 17.79 50.37 54.52
C ASP D 219 18.70 50.19 53.31
N ASN D 220 19.87 49.58 53.54
CA ASN D 220 20.82 49.36 52.44
C ASN D 220 20.46 48.12 51.64
N SER D 221 19.20 48.02 51.23
CA SER D 221 18.78 46.86 50.43
C SER D 221 19.47 46.87 49.08
N SER D 222 19.54 48.03 48.45
CA SER D 222 20.13 48.20 47.12
C SER D 222 21.62 47.91 47.07
N LEU D 223 22.34 48.00 48.18
CA LEU D 223 23.77 47.76 48.15
C LEU D 223 24.18 46.44 48.77
N THR D 224 23.53 46.02 49.85
CA THR D 224 23.86 44.77 50.50
C THR D 224 23.01 43.61 49.99
N GLY D 225 21.72 43.86 49.77
CA GLY D 225 20.79 42.83 49.34
C GLY D 225 19.98 42.31 50.52
N GLU D 226 19.95 43.05 51.62
CA GLU D 226 19.26 42.66 52.84
C GLU D 226 18.40 43.80 53.36
N SER D 227 17.16 43.47 53.73
CA SER D 227 16.21 44.41 54.30
C SER D 227 16.54 44.65 55.78
N GLU D 228 17.78 44.33 56.16
CA GLU D 228 18.26 44.49 57.52
C GLU D 228 18.40 45.96 57.88
N PRO D 229 17.78 46.42 58.94
CA PRO D 229 17.87 47.84 59.34
C PRO D 229 19.19 48.26 59.99
N GLN D 230 20.16 48.69 59.19
CA GLN D 230 21.42 49.15 59.74
C GLN D 230 21.24 50.55 60.35
N THR D 231 22.11 50.88 61.31
CA THR D 231 22.06 52.16 62.03
C THR D 231 23.20 53.07 61.62
N ARG D 232 22.91 54.37 61.43
CA ARG D 232 23.92 55.35 61.02
C ARG D 232 24.32 56.19 62.23
N SER D 233 25.57 56.05 62.66
CA SER D 233 26.10 56.79 63.78
C SER D 233 27.22 57.72 63.34
N PRO D 234 27.40 58.87 63.99
CA PRO D 234 28.47 59.79 63.58
C PRO D 234 29.87 59.21 63.77
N GLU D 235 30.02 58.22 64.63
CA GLU D 235 31.33 57.61 64.85
C GLU D 235 31.65 56.62 63.74
N PHE D 236 32.94 56.31 63.60
CA PHE D 236 33.43 55.38 62.60
C PHE D 236 33.52 53.98 63.20
N SER D 237 33.25 52.96 62.39
CA SER D 237 33.30 51.60 62.93
C SER D 237 33.96 50.53 62.07
N SER D 238 34.19 50.75 60.77
CA SER D 238 34.82 49.69 59.98
C SER D 238 35.70 50.29 58.89
N GLU D 239 36.78 49.58 58.57
CA GLU D 239 37.70 50.03 57.53
C GLU D 239 37.04 50.06 56.17
N ASN D 240 35.99 49.26 55.96
CA ASN D 240 35.27 49.22 54.70
C ASN D 240 34.21 50.31 54.71
N PRO D 241 34.20 51.23 53.75
CA PRO D 241 33.18 52.30 53.75
C PRO D 241 31.76 51.79 53.69
N LEU D 242 31.53 50.62 53.07
CA LEU D 242 30.18 50.10 52.98
C LEU D 242 29.69 49.56 54.31
N GLU D 243 30.59 49.24 55.23
CA GLU D 243 30.22 48.71 56.54
C GLU D 243 30.12 49.77 57.62
N THR D 244 30.83 50.88 57.49
CA THR D 244 30.78 51.91 58.52
C THR D 244 29.41 52.57 58.56
N ARG D 245 29.03 53.02 59.75
CA ARG D 245 27.74 53.66 59.98
C ARG D 245 27.75 55.16 59.75
N ASN D 246 28.92 55.79 59.66
CA ASN D 246 28.99 57.24 59.47
C ASN D 246 28.80 57.65 58.03
N ILE D 247 28.23 56.79 57.17
CA ILE D 247 28.01 57.13 55.78
C ILE D 247 26.64 56.66 55.33
N ALA D 248 25.86 57.59 54.78
CA ALA D 248 24.56 57.31 54.20
C ALA D 248 24.82 57.16 52.70
N PHE D 249 24.03 56.34 52.04
CA PHE D 249 24.26 56.08 50.62
C PHE D 249 23.04 56.41 49.78
N PHE D 250 23.29 57.04 48.62
CA PHE D 250 22.25 57.37 47.66
C PHE D 250 21.59 56.03 47.33
N SER D 251 20.35 56.06 46.87
CA SER D 251 19.55 54.87 46.55
C SER D 251 19.03 54.18 47.80
N THR D 252 19.07 54.82 48.97
CA THR D 252 18.57 54.19 50.18
C THR D 252 17.58 55.14 50.84
N ASN D 253 17.02 54.70 51.95
CA ASN D 253 16.04 55.48 52.66
C ASN D 253 16.25 55.35 54.16
N CYS D 254 15.97 56.45 54.86
CA CYS D 254 16.07 56.50 56.30
C CYS D 254 14.76 55.93 56.84
N VAL D 255 14.82 54.72 57.37
CA VAL D 255 13.61 54.06 57.86
C VAL D 255 13.07 54.77 59.11
N GLU D 256 13.95 55.13 60.04
CA GLU D 256 13.49 55.77 61.26
C GLU D 256 14.59 56.67 61.82
N GLY D 257 14.15 57.74 62.48
CA GLY D 257 15.08 58.69 63.07
C GLY D 257 15.39 59.84 62.15
N THR D 258 16.21 60.76 62.68
CA THR D 258 16.64 61.94 61.94
C THR D 258 18.15 62.06 62.03
N ALA D 259 18.74 62.66 61.00
CA ALA D 259 20.19 62.80 61.00
C ALA D 259 20.62 63.99 60.17
N ARG D 260 21.87 64.38 60.37
CA ARG D 260 22.51 65.48 59.68
C ARG D 260 23.76 64.97 58.98
N GLY D 261 24.20 65.70 57.95
CA GLY D 261 25.40 65.26 57.26
C GLY D 261 25.86 66.26 56.22
N VAL D 262 26.90 65.86 55.48
CA VAL D 262 27.50 66.66 54.44
C VAL D 262 27.54 65.84 53.15
N VAL D 263 27.39 66.51 52.02
CA VAL D 263 27.37 65.82 50.73
C VAL D 263 28.79 65.60 50.24
N VAL D 264 29.17 64.34 50.12
CA VAL D 264 30.47 63.95 49.62
C VAL D 264 30.40 63.58 48.15
N TYR D 265 29.30 62.95 47.73
CA TYR D 265 29.17 62.57 46.33
C TYR D 265 27.79 62.92 45.77
N THR D 266 27.78 63.53 44.59
CA THR D 266 26.55 63.92 43.91
C THR D 266 26.70 63.58 42.43
N GLY D 267 25.68 62.91 41.86
CA GLY D 267 25.68 62.57 40.45
C GLY D 267 26.17 61.22 39.98
N ASP D 268 26.93 61.21 38.89
CA ASP D 268 27.51 60.02 38.28
C ASP D 268 28.65 59.42 39.09
N ARG D 269 29.08 60.09 40.16
CA ARG D 269 30.17 59.62 40.98
C ARG D 269 29.73 58.76 42.16
N THR D 270 28.42 58.65 42.44
CA THR D 270 27.98 57.86 43.58
C THR D 270 28.13 56.36 43.32
N VAL D 271 28.00 55.58 44.42
CA VAL D 271 28.19 54.13 44.37
C VAL D 271 27.12 53.45 43.53
N MET D 272 25.84 53.54 43.94
CA MET D 272 24.86 52.91 43.08
C MET D 272 24.78 53.64 41.75
N GLY D 273 25.47 54.77 41.65
CA GLY D 273 25.57 55.54 40.44
C GLY D 273 26.62 54.87 39.56
N ARG D 274 27.76 54.46 40.15
CA ARG D 274 28.76 53.74 39.36
C ARG D 274 28.19 52.41 38.89
N ILE D 275 27.37 51.78 39.73
CA ILE D 275 26.74 50.51 39.34
C ILE D 275 25.74 50.73 38.21
N ALA D 276 24.91 51.78 38.29
CA ALA D 276 23.97 52.04 37.21
C ALA D 276 24.69 52.36 35.90
N THR D 277 25.74 53.20 35.98
CA THR D 277 26.50 53.55 34.79
C THR D 277 27.16 52.32 34.18
N LEU D 278 27.62 51.39 35.02
CA LEU D 278 28.20 50.17 34.49
C LEU D 278 27.14 49.31 33.83
N ALA D 279 25.96 49.22 34.45
CA ALA D 279 24.87 48.40 33.91
C ALA D 279 24.44 48.88 32.52
N SER D 280 24.21 50.19 32.36
CA SER D 280 23.79 50.66 31.04
C SER D 280 24.88 50.57 29.98
N GLY D 281 26.12 50.37 30.39
CA GLY D 281 27.25 50.31 29.49
C GLY D 281 28.00 49.00 29.50
N LEU D 282 27.26 47.93 29.69
CA LEU D 282 27.81 46.58 29.67
C LEU D 282 27.07 45.93 28.52
N GLU D 283 27.82 45.44 27.53
CA GLU D 283 27.24 44.88 26.33
C GLU D 283 26.19 43.83 26.69
N VAL D 284 25.39 43.43 25.73
CA VAL D 284 24.35 42.45 25.99
C VAL D 284 24.88 41.03 25.82
N GLY D 285 25.73 40.86 24.83
CA GLY D 285 26.27 39.56 24.49
C GLY D 285 25.64 39.08 23.21
N ARG D 286 25.94 37.85 22.85
CA ARG D 286 25.40 37.25 21.65
C ARG D 286 24.99 35.83 22.03
N THR D 287 23.68 35.63 22.13
CA THR D 287 23.05 34.39 22.53
C THR D 287 23.56 33.19 21.75
N PRO D 288 23.32 31.97 22.24
CA PRO D 288 23.76 30.80 21.48
C PRO D 288 22.95 30.59 20.21
N ILE D 289 21.62 30.76 20.26
CA ILE D 289 20.81 30.57 19.05
C ILE D 289 21.34 31.43 17.91
N ALA D 290 21.77 32.66 18.23
CA ALA D 290 22.31 33.54 17.21
C ALA D 290 23.64 33.01 16.66
N ILE D 291 24.61 32.75 17.55
CA ILE D 291 25.91 32.21 17.12
C ILE D 291 25.70 30.96 16.26
N GLU D 292 24.70 30.15 16.63
CA GLU D 292 24.37 28.95 15.86
C GLU D 292 23.84 29.33 14.48
N ILE D 293 23.01 30.38 14.42
CA ILE D 293 22.49 30.84 13.13
C ILE D 293 23.64 31.33 12.26
N GLU D 294 24.63 31.97 12.90
CA GLU D 294 25.82 32.43 12.19
C GLU D 294 26.53 31.25 11.54
N HIS D 295 26.79 30.21 12.33
CA HIS D 295 27.46 29.02 11.80
C HIS D 295 26.66 28.39 10.65
N PHE D 296 25.34 28.28 10.83
CA PHE D 296 24.48 27.70 9.79
C PHE D 296 24.59 28.48 8.49
N ILE D 297 24.50 29.81 8.59
CA ILE D 297 24.61 30.66 7.40
C ILE D 297 25.95 30.43 6.71
N HIS D 298 27.02 30.41 7.50
CA HIS D 298 28.36 30.17 6.96
C HIS D 298 28.37 28.90 6.10
N ILE D 299 27.91 27.78 6.69
CA ILE D 299 27.89 26.49 5.98
C ILE D 299 27.16 26.60 4.64
N ILE D 300 25.94 27.14 4.68
CA ILE D 300 25.11 27.27 3.49
C ILE D 300 25.85 28.02 2.39
N THR D 301 26.36 29.21 2.72
CA THR D 301 27.06 30.02 1.73
C THR D 301 28.32 29.33 1.20
N GLY D 302 28.89 28.40 1.98
CA GLY D 302 30.05 27.70 1.48
C GLY D 302 29.70 26.80 0.31
N VAL D 303 28.69 25.93 0.50
CA VAL D 303 28.36 25.07 -0.65
C VAL D 303 27.80 25.87 -1.84
N ALA D 304 27.16 27.01 -1.60
CA ALA D 304 26.66 27.76 -2.75
C ALA D 304 27.79 28.36 -3.58
N VAL D 305 28.85 28.88 -2.94
CA VAL D 305 29.93 29.42 -3.78
C VAL D 305 30.80 28.29 -4.35
N PHE D 306 30.84 27.13 -3.70
CA PHE D 306 31.61 26.03 -4.28
C PHE D 306 30.96 25.52 -5.56
N LEU D 307 29.64 25.28 -5.51
CA LEU D 307 28.96 24.81 -6.72
C LEU D 307 29.01 25.85 -7.83
N GLY D 308 29.04 27.14 -7.48
CA GLY D 308 29.12 28.13 -8.54
C GLY D 308 30.48 28.21 -9.21
N VAL D 309 31.57 28.17 -8.43
CA VAL D 309 32.89 28.21 -9.06
C VAL D 309 33.12 26.95 -9.90
N SER D 310 32.56 25.82 -9.45
CA SER D 310 32.73 24.61 -10.23
C SER D 310 31.94 24.64 -11.54
N PHE D 311 30.70 25.15 -11.52
CA PHE D 311 30.05 25.14 -12.83
C PHE D 311 30.54 26.28 -13.71
N PHE D 312 31.37 27.18 -13.19
CA PHE D 312 31.96 28.16 -14.10
C PHE D 312 33.12 27.54 -14.86
N ILE D 313 34.04 26.87 -14.14
CA ILE D 313 35.13 26.21 -14.85
C ILE D 313 34.56 25.20 -15.86
N LEU D 314 33.49 24.50 -15.46
CA LEU D 314 32.85 23.56 -16.39
C LEU D 314 32.28 24.27 -17.62
N SER D 315 31.61 25.40 -17.42
CA SER D 315 31.05 26.13 -18.57
C SER D 315 32.13 26.69 -19.46
N LEU D 316 33.38 26.72 -18.99
CA LEU D 316 34.46 27.17 -19.85
C LEU D 316 35.12 26.01 -20.58
N ILE D 317 35.07 24.81 -19.99
CA ILE D 317 35.63 23.64 -20.67
C ILE D 317 34.68 23.17 -21.77
N LEU D 318 33.40 23.52 -21.70
CA LEU D 318 32.48 23.08 -22.75
C LEU D 318 32.30 24.07 -23.91
N GLY D 319 32.51 25.38 -23.70
CA GLY D 319 32.35 26.29 -24.82
C GLY D 319 31.59 27.59 -24.64
N TYR D 320 30.65 27.63 -23.69
CA TYR D 320 29.85 28.82 -23.44
C TYR D 320 30.72 30.07 -23.30
N SER D 321 30.17 31.21 -23.74
CA SER D 321 30.85 32.49 -23.68
C SER D 321 31.00 32.94 -22.21
N TRP D 322 31.74 34.04 -22.00
CA TRP D 322 31.92 34.52 -20.64
C TRP D 322 30.65 35.13 -20.06
N LEU D 323 29.80 35.70 -20.92
CA LEU D 323 28.57 36.26 -20.38
C LEU D 323 27.68 35.15 -19.82
N GLU D 324 27.63 34.01 -20.49
CA GLU D 324 26.83 32.91 -19.98
C GLU D 324 27.46 32.27 -18.75
N ALA D 325 28.78 32.09 -18.75
CA ALA D 325 29.42 31.48 -17.59
C ALA D 325 29.23 32.33 -16.33
N VAL D 326 29.33 33.66 -16.47
CA VAL D 326 29.12 34.54 -15.32
C VAL D 326 27.65 34.51 -14.89
N ILE D 327 26.73 34.54 -15.86
CA ILE D 327 25.31 34.50 -15.51
C ILE D 327 24.95 33.16 -14.82
N PHE D 328 25.58 32.07 -15.26
CA PHE D 328 25.34 30.77 -14.65
C PHE D 328 25.80 30.76 -13.20
N LEU D 329 26.99 31.34 -12.94
CA LEU D 329 27.50 31.40 -11.58
C LEU D 329 26.51 32.11 -10.64
N ILE D 330 26.04 33.28 -11.07
CA ILE D 330 25.11 34.04 -10.23
C ILE D 330 23.82 33.26 -10.00
N GLY D 331 23.33 32.56 -11.03
CA GLY D 331 22.12 31.78 -10.85
C GLY D 331 22.27 30.65 -9.83
N ILE D 332 23.39 29.93 -9.86
CA ILE D 332 23.58 28.81 -8.94
C ILE D 332 23.68 29.26 -7.50
N ILE D 333 24.43 30.35 -7.25
CA ILE D 333 24.56 30.81 -5.88
C ILE D 333 23.20 31.21 -5.32
N VAL D 334 22.50 32.11 -6.03
CA VAL D 334 21.20 32.54 -5.51
C VAL D 334 20.23 31.35 -5.37
N ALA D 335 20.34 30.36 -6.25
CA ALA D 335 19.45 29.22 -6.16
C ALA D 335 19.67 28.42 -4.88
N ASN D 336 20.87 28.49 -4.30
CA ASN D 336 21.10 27.73 -3.06
C ASN D 336 20.70 28.48 -1.78
N VAL D 337 19.76 29.42 -1.83
CA VAL D 337 19.34 30.15 -0.64
C VAL D 337 17.93 29.73 -0.25
N PRO D 338 17.70 29.25 1.00
CA PRO D 338 16.35 28.88 1.46
C PRO D 338 15.56 30.08 2.00
N GLU D 339 14.55 30.52 1.25
CA GLU D 339 13.77 31.71 1.63
C GLU D 339 13.11 31.66 3.00
N GLY D 340 12.56 30.50 3.40
CA GLY D 340 11.86 30.53 4.67
C GLY D 340 12.45 29.96 5.94
N LEU D 341 13.66 29.43 5.89
CA LEU D 341 14.27 28.84 7.08
C LEU D 341 14.52 29.84 8.21
N LEU D 342 14.79 31.12 7.90
CA LEU D 342 15.00 32.09 8.96
C LEU D 342 13.68 32.47 9.62
N ALA D 343 12.66 32.75 8.80
CA ALA D 343 11.35 33.07 9.35
C ALA D 343 10.77 31.86 10.08
N THR D 344 11.05 30.67 9.56
CA THR D 344 10.59 29.44 10.20
C THR D 344 11.22 29.29 11.59
N VAL D 345 12.49 29.65 11.73
CA VAL D 345 13.08 29.56 13.07
C VAL D 345 12.35 30.53 14.01
N THR D 346 11.91 31.68 13.48
CA THR D 346 11.17 32.61 14.35
C THR D 346 9.85 32.02 14.85
N VAL D 347 9.06 31.44 13.94
CA VAL D 347 7.78 30.84 14.35
C VAL D 347 8.01 29.68 15.31
N CYS D 348 9.05 28.90 15.05
CA CYS D 348 9.40 27.77 15.90
C CYS D 348 9.61 28.23 17.34
N LEU D 349 10.44 29.26 17.52
CA LEU D 349 10.71 29.75 18.87
C LEU D 349 9.46 30.34 19.55
N THR D 350 8.60 31.01 18.77
CA THR D 350 7.42 31.64 19.38
C THR D 350 6.45 30.63 19.98
N LEU D 351 6.27 29.47 19.33
CA LEU D 351 5.32 28.51 19.91
C LEU D 351 5.74 28.04 21.30
N THR D 352 7.04 27.85 21.52
CA THR D 352 7.50 27.45 22.84
C THR D 352 7.33 28.58 23.84
N ALA D 353 7.55 29.83 23.40
CA ALA D 353 7.35 30.93 24.34
C ALA D 353 5.90 30.98 24.83
N LYS D 354 4.94 30.58 23.99
CA LYS D 354 3.55 30.56 24.46
C LYS D 354 3.31 29.44 25.45
N ARG D 355 3.88 28.25 25.17
CA ARG D 355 3.74 27.17 26.14
C ARG D 355 4.25 27.62 27.50
N MET D 356 5.37 28.34 27.51
CA MET D 356 5.92 28.85 28.75
C MET D 356 4.99 29.86 29.40
N ALA D 357 4.36 30.73 28.61
CA ALA D 357 3.42 31.70 29.16
C ALA D 357 2.27 31.01 29.89
N ARG D 358 2.03 29.74 29.60
CA ARG D 358 0.95 29.08 30.35
C ARG D 358 1.35 28.75 31.80
N LYS D 359 2.64 28.54 32.08
CA LYS D 359 3.13 28.21 33.42
C LYS D 359 3.75 29.41 34.15
N ASN D 360 3.24 30.62 33.89
CA ASN D 360 3.67 31.88 34.51
C ASN D 360 5.16 32.17 34.36
N CYS D 361 5.72 31.84 33.19
CA CYS D 361 7.13 32.10 32.88
C CYS D 361 7.13 32.94 31.59
N LEU D 362 7.33 34.25 31.72
CA LEU D 362 7.31 35.19 30.60
C LEU D 362 8.73 35.59 30.21
N VAL D 363 9.08 35.47 28.93
CA VAL D 363 10.43 35.80 28.47
C VAL D 363 10.40 37.07 27.63
N LYS D 364 11.15 38.10 28.07
CA LYS D 364 11.20 39.34 27.31
C LYS D 364 11.94 39.14 25.99
N ASN D 365 12.95 38.29 25.98
CA ASN D 365 13.75 38.01 24.78
C ASN D 365 13.46 36.60 24.29
N LEU D 366 13.08 36.48 23.01
CA LEU D 366 12.78 35.18 22.43
C LEU D 366 14.02 34.31 22.36
N GLU D 367 15.17 34.92 22.03
CA GLU D 367 16.42 34.16 21.94
C GLU D 367 16.81 33.56 23.28
N ALA D 368 16.49 34.24 24.38
CA ALA D 368 16.85 33.76 25.71
C ALA D 368 16.23 32.40 26.02
N VAL D 369 15.01 32.16 25.54
CA VAL D 369 14.26 30.92 25.77
C VAL D 369 15.17 29.69 25.71
N GLU D 370 16.03 29.65 24.70
CA GLU D 370 16.94 28.53 24.52
C GLU D 370 18.13 28.55 25.46
N THR D 371 18.58 29.74 25.90
CA THR D 371 19.77 29.83 26.73
C THR D 371 19.68 29.00 28.02
N LEU D 372 18.48 28.85 28.59
CA LEU D 372 18.37 28.07 29.82
C LEU D 372 18.78 26.62 29.62
N GLY D 373 18.36 26.01 28.52
CA GLY D 373 18.72 24.62 28.27
C GLY D 373 20.21 24.41 28.07
N SER D 374 20.88 25.39 27.48
CA SER D 374 22.32 25.30 27.26
C SER D 374 23.14 25.77 28.44
N THR D 375 22.50 26.30 29.48
CA THR D 375 23.25 26.74 30.63
C THR D 375 23.89 25.55 31.31
N SER D 376 25.12 25.74 31.76
CA SER D 376 25.85 24.71 32.47
C SER D 376 26.13 25.13 33.90
N THR D 377 25.90 26.40 34.24
CA THR D 377 26.18 26.92 35.56
C THR D 377 25.19 28.03 35.88
N ILE D 378 24.41 27.82 36.93
CA ILE D 378 23.40 28.79 37.37
C ILE D 378 23.92 29.48 38.62
N CYS D 379 24.09 30.79 38.53
CA CYS D 379 24.53 31.62 39.65
C CYS D 379 23.26 32.22 40.23
N SER D 380 22.92 31.83 41.45
CA SER D 380 21.71 32.32 42.06
C SER D 380 21.99 33.25 43.23
N ASP D 381 20.94 33.98 43.60
CA ASP D 381 20.91 34.94 44.70
C ASP D 381 20.18 34.28 45.87
N LYS D 382 20.49 34.72 47.08
CA LYS D 382 19.80 34.05 48.18
C LYS D 382 18.54 34.75 48.66
N THR D 383 18.71 35.82 49.46
CA THR D 383 17.57 36.54 50.01
C THR D 383 16.66 37.02 48.89
N GLY D 384 15.38 36.65 48.97
CA GLY D 384 14.41 37.03 47.98
C GLY D 384 14.29 36.09 46.79
N THR D 385 15.32 35.28 46.53
CA THR D 385 15.28 34.33 45.41
C THR D 385 15.26 32.89 45.92
N LEU D 386 16.31 32.49 46.64
CA LEU D 386 16.34 31.14 47.19
C LEU D 386 15.42 31.02 48.40
N THR D 387 15.18 32.13 49.09
CA THR D 387 14.37 32.20 50.30
C THR D 387 13.14 33.08 50.08
N GLN D 388 12.40 33.31 51.17
CA GLN D 388 11.19 34.12 51.18
C GLN D 388 11.37 35.51 51.78
N ASN D 389 12.54 35.82 52.35
CA ASN D 389 12.80 37.12 52.97
C ASN D 389 11.69 37.46 53.97
N ARG D 390 11.39 36.50 54.83
CA ARG D 390 10.37 36.69 55.85
C ARG D 390 10.79 35.83 57.03
N MET D 391 11.38 36.47 58.05
CA MET D 391 11.78 35.74 59.23
C MET D 391 10.61 34.86 59.66
N THR D 392 10.89 33.58 59.84
CA THR D 392 9.86 32.64 60.21
C THR D 392 10.37 31.77 61.36
N VAL D 393 9.49 31.50 62.32
CA VAL D 393 9.82 30.68 63.48
C VAL D 393 10.12 29.28 62.97
N ALA D 394 11.38 28.84 63.11
CA ALA D 394 11.79 27.54 62.61
C ALA D 394 11.75 26.41 63.64
N HIS D 395 12.51 26.54 64.73
CA HIS D 395 12.57 25.52 65.77
C HIS D 395 12.23 26.09 67.14
N MET D 396 11.68 25.23 68.01
CA MET D 396 11.28 25.62 69.36
C MET D 396 11.76 24.61 70.39
N TRP D 397 12.18 25.11 71.55
CA TRP D 397 12.63 24.23 72.63
C TRP D 397 11.64 24.26 73.78
N PHE D 398 11.23 23.08 74.25
CA PHE D 398 10.35 22.94 75.40
C PHE D 398 10.27 21.47 75.78
N ASP D 399 10.17 21.19 77.08
CA ASP D 399 10.12 19.82 77.59
C ASP D 399 11.33 19.02 77.15
N ASN D 400 12.51 19.61 77.31
CA ASN D 400 13.79 19.00 76.92
C ASN D 400 13.65 18.30 75.57
N GLN D 401 13.11 19.02 74.60
CA GLN D 401 12.87 18.42 73.30
C GLN D 401 12.74 19.47 72.21
N ILE D 402 13.48 19.27 71.12
CA ILE D 402 13.45 20.18 69.99
C ILE D 402 12.22 19.85 69.15
N HIS D 403 11.45 20.88 68.81
CA HIS D 403 10.25 20.76 68.00
C HIS D 403 10.43 21.59 66.74
N GLU D 404 9.97 21.09 65.61
CA GLU D 404 10.09 21.78 64.35
C GLU D 404 8.72 22.29 63.91
N ALA D 405 8.71 23.50 63.37
CA ALA D 405 7.49 24.15 62.89
C ALA D 405 7.53 24.24 61.37
N ASP D 406 6.33 24.34 60.79
CA ASP D 406 6.21 24.44 59.34
C ASP D 406 6.61 25.85 58.89
N THR D 407 7.62 25.92 58.04
CA THR D 407 8.12 27.18 57.52
C THR D 407 7.95 27.26 56.00
N THR D 408 6.78 26.88 55.49
CA THR D 408 6.50 26.88 54.06
C THR D 408 5.30 27.76 53.72
N GLU D 409 5.44 28.49 52.62
CA GLU D 409 4.45 29.46 52.13
C GLU D 409 3.00 29.03 52.23
N ASN D 410 2.65 27.90 51.63
CA ASN D 410 1.27 27.42 51.61
C ASN D 410 0.92 26.57 52.81
N GLN D 411 1.81 26.41 53.78
CA GLN D 411 1.56 25.63 54.98
C GLN D 411 1.15 24.19 54.63
N SER D 412 2.08 23.47 54.02
CA SER D 412 1.88 22.08 53.63
C SER D 412 2.96 21.25 54.31
N GLY D 413 2.73 20.88 55.57
CA GLY D 413 3.72 20.11 56.30
C GLY D 413 3.25 19.37 57.53
N ALA D 414 4.08 19.38 58.56
CA ALA D 414 3.81 18.68 59.81
C ALA D 414 3.61 19.65 60.96
N ALA D 415 2.55 19.41 61.75
CA ALA D 415 2.28 20.21 62.93
C ALA D 415 3.29 19.82 64.01
N PHE D 416 3.30 20.56 65.13
CA PHE D 416 4.30 20.27 66.16
C PHE D 416 3.74 19.75 67.49
N ASP D 417 2.62 19.00 67.46
CA ASP D 417 2.08 18.44 68.70
C ASP D 417 1.61 19.49 69.70
N LYS D 418 0.51 20.18 69.40
CA LYS D 418 -0.04 21.21 70.28
C LYS D 418 -0.90 20.66 71.41
N THR D 419 -0.41 19.69 72.18
CA THR D 419 -1.22 19.10 73.25
C THR D 419 -0.66 19.27 74.66
N SER D 420 0.51 19.87 74.84
CA SER D 420 1.05 20.03 76.18
C SER D 420 0.73 21.42 76.72
N ALA D 421 0.74 21.53 78.05
CA ALA D 421 0.47 22.81 78.68
C ALA D 421 1.63 23.76 78.46
N THR D 422 2.84 23.21 78.37
CA THR D 422 4.05 24.00 78.13
C THR D 422 3.87 24.89 76.90
N TRP D 423 3.38 24.30 75.81
CA TRP D 423 3.16 25.07 74.59
C TRP D 423 2.18 26.21 74.81
N SER D 424 1.12 25.96 75.59
CA SER D 424 0.15 27.03 75.86
C SER D 424 0.81 28.17 76.60
N ALA D 425 1.62 27.86 77.63
CA ALA D 425 2.31 28.91 78.36
C ALA D 425 3.25 29.66 77.43
N LEU D 426 3.89 28.96 76.51
CA LEU D 426 4.79 29.60 75.55
C LEU D 426 4.01 30.55 74.64
N SER D 427 2.82 30.13 74.21
CA SER D 427 1.99 30.99 73.37
C SER D 427 1.60 32.25 74.13
N ARG D 428 1.32 32.11 75.42
CA ARG D 428 0.98 33.29 76.21
C ARG D 428 2.17 34.22 76.36
N ILE D 429 3.36 33.66 76.59
CA ILE D 429 4.55 34.50 76.74
C ILE D 429 4.82 35.29 75.46
N ALA D 430 4.92 34.59 74.34
CA ALA D 430 5.23 35.27 73.07
C ALA D 430 4.10 36.19 72.62
N ALA D 431 2.85 35.73 72.69
CA ALA D 431 1.72 36.51 72.23
C ALA D 431 1.46 37.73 73.10
N LEU D 432 1.84 37.71 74.37
CA LEU D 432 1.59 38.88 75.21
C LEU D 432 2.77 39.85 75.15
N CYS D 433 3.98 39.32 75.33
CA CYS D 433 5.20 40.13 75.30
C CYS D 433 5.61 40.30 73.84
N ASN D 434 4.78 41.06 73.12
CA ASN D 434 4.94 41.37 71.70
C ASN D 434 4.03 42.56 71.40
N ARG D 435 4.57 43.58 70.73
CA ARG D 435 3.83 44.80 70.44
C ARG D 435 3.37 44.96 68.99
N ALA D 436 3.71 44.05 68.07
CA ALA D 436 3.30 44.21 66.68
C ALA D 436 1.88 43.69 66.47
N VAL D 437 1.20 44.24 65.47
CA VAL D 437 -0.17 43.87 65.13
C VAL D 437 -0.37 43.95 63.62
N PHE D 438 -1.19 43.04 63.09
CA PHE D 438 -1.49 43.01 61.66
C PHE D 438 -2.00 44.37 61.21
N GLN D 439 -1.67 44.73 59.98
CA GLN D 439 -2.12 46.00 59.43
C GLN D 439 -3.61 45.96 59.16
N ALA D 440 -4.31 47.05 59.50
CA ALA D 440 -5.75 47.12 59.29
C ALA D 440 -6.11 46.66 57.88
N GLY D 441 -7.25 46.00 57.73
CA GLY D 441 -7.71 45.53 56.44
C GLY D 441 -6.95 44.42 55.75
N GLN D 442 -6.56 43.37 56.48
CA GLN D 442 -5.88 42.21 55.89
C GLN D 442 -6.76 40.98 56.05
N ASP D 443 -8.01 41.17 56.46
CA ASP D 443 -9.01 40.11 56.70
C ASP D 443 -9.16 39.13 55.54
N ASN D 444 -8.56 39.44 54.40
CA ASN D 444 -8.66 38.63 53.19
C ASN D 444 -7.44 37.77 52.91
N VAL D 445 -6.23 38.34 52.97
CA VAL D 445 -5.00 37.60 52.67
C VAL D 445 -4.78 36.46 53.67
N PRO D 446 -3.84 35.55 53.40
CA PRO D 446 -3.54 34.47 54.35
C PRO D 446 -2.74 35.01 55.52
N ILE D 447 -2.48 34.15 56.50
CA ILE D 447 -1.79 34.56 57.72
C ILE D 447 -0.31 34.90 57.50
N LEU D 448 0.34 34.32 56.50
CA LEU D 448 1.76 34.64 56.35
C LEU D 448 2.02 35.82 55.42
N LYS D 449 1.26 35.97 54.33
CA LYS D 449 1.51 37.07 53.40
C LYS D 449 0.92 38.42 53.83
N ARG D 450 0.35 38.56 55.03
CA ARG D 450 -0.21 39.87 55.37
C ARG D 450 0.86 40.80 55.94
N SER D 451 0.57 42.09 55.90
CA SER D 451 1.47 43.12 56.38
C SER D 451 1.39 43.26 57.90
N VAL D 452 2.56 43.28 58.55
CA VAL D 452 2.66 43.41 60.00
C VAL D 452 3.60 44.55 60.33
N ALA D 453 3.14 45.48 61.16
CA ALA D 453 3.93 46.65 61.56
C ALA D 453 4.77 46.30 62.79
N GLY D 454 6.09 46.23 62.61
CA GLY D 454 7.00 45.95 63.71
C GLY D 454 8.29 45.33 63.20
N ASP D 455 9.11 44.88 64.16
CA ASP D 455 10.37 44.23 63.88
C ASP D 455 10.10 42.88 63.19
N ALA D 456 11.16 42.23 62.72
CA ALA D 456 10.96 40.94 62.08
C ALA D 456 10.87 39.82 63.09
N SER D 457 11.40 40.01 64.29
CA SER D 457 11.32 38.99 65.33
C SER D 457 9.93 38.95 65.95
N GLU D 458 9.43 40.12 66.39
CA GLU D 458 8.09 40.15 66.94
C GLU D 458 7.06 39.78 65.88
N SER D 459 7.33 40.13 64.62
CA SER D 459 6.41 39.77 63.54
C SER D 459 6.40 38.26 63.32
N ALA D 460 7.58 37.62 63.30
CA ALA D 460 7.61 36.17 63.13
C ALA D 460 6.90 35.47 64.27
N LEU D 461 7.13 35.94 65.50
CA LEU D 461 6.45 35.34 66.66
C LEU D 461 4.95 35.54 66.59
N LEU D 462 4.52 36.76 66.23
CA LEU D 462 3.09 37.06 66.12
C LEU D 462 2.43 36.16 65.08
N LYS D 463 3.11 35.95 63.95
CA LYS D 463 2.54 35.11 62.91
C LYS D 463 2.45 33.65 63.36
N CYS D 464 3.46 33.14 64.05
CA CYS D 464 3.38 31.75 64.50
C CYS D 464 2.25 31.54 65.51
N ILE D 465 2.10 32.49 66.44
CA ILE D 465 1.03 32.38 67.43
C ILE D 465 -0.33 32.54 66.77
N GLU D 466 -0.47 33.49 65.85
CA GLU D 466 -1.72 33.67 65.14
C GLU D 466 -2.02 32.48 64.23
N LEU D 467 -0.99 31.72 63.90
CA LEU D 467 -1.15 30.57 63.01
C LEU D 467 -1.72 29.36 63.73
N CYS D 468 -1.12 28.94 64.84
CA CYS D 468 -1.67 27.75 65.51
C CYS D 468 -2.26 28.03 66.89
N CYS D 469 -2.64 29.26 67.16
CA CYS D 469 -3.26 29.59 68.44
C CYS D 469 -4.43 30.55 68.25
N GLY D 470 -4.89 30.77 67.04
CA GLY D 470 -5.99 31.68 66.80
C GLY D 470 -5.61 33.13 66.99
N SER D 471 -6.62 33.98 66.84
CA SER D 471 -6.51 35.44 66.91
C SER D 471 -5.76 35.96 68.13
N VAL D 472 -4.63 36.62 67.88
CA VAL D 472 -3.85 37.19 68.98
C VAL D 472 -4.55 38.43 69.53
N GLN D 473 -5.35 39.13 68.73
CA GLN D 473 -6.04 40.33 69.20
C GLN D 473 -6.95 40.03 70.39
N GLY D 474 -7.52 38.83 70.43
CA GLY D 474 -8.40 38.45 71.52
C GLY D 474 -7.54 37.88 72.63
N MET D 475 -6.46 37.19 72.25
CA MET D 475 -5.55 36.65 73.26
C MET D 475 -4.92 37.79 74.05
N ARG D 476 -4.73 38.94 73.41
CA ARG D 476 -4.17 40.14 74.02
C ARG D 476 -5.22 40.92 74.79
N ASP D 477 -6.46 40.98 74.30
CA ASP D 477 -7.43 41.68 75.11
C ASP D 477 -7.93 40.81 76.26
N ARG D 478 -7.67 39.50 76.21
CA ARG D 478 -8.08 38.59 77.28
C ARG D 478 -7.22 38.76 78.53
N ASN D 479 -6.05 39.41 78.40
CA ASN D 479 -5.09 39.67 79.47
C ASN D 479 -4.58 41.11 79.36
N PRO D 480 -5.04 42.01 80.21
CA PRO D 480 -4.62 43.43 80.13
C PRO D 480 -3.21 43.70 80.64
N LYS D 481 -2.38 44.31 79.79
CA LYS D 481 -1.01 44.64 80.14
C LYS D 481 -0.96 45.83 81.09
N ILE D 482 -0.37 45.62 82.26
CA ILE D 482 -0.28 46.70 83.25
C ILE D 482 0.98 47.55 83.06
N VAL D 483 2.17 46.94 83.14
CA VAL D 483 3.39 47.75 83.02
C VAL D 483 4.44 47.00 82.23
N GLU D 484 5.08 47.70 81.29
CA GLU D 484 6.11 47.14 80.43
C GLU D 484 7.40 47.95 80.50
N ILE D 485 8.53 47.26 80.57
CA ILE D 485 9.82 47.95 80.58
C ILE D 485 10.49 47.62 79.25
N PRO D 486 10.52 48.58 78.30
CA PRO D 486 11.10 48.31 76.97
C PRO D 486 12.49 47.70 76.97
N PHE D 487 12.83 47.06 75.86
CA PHE D 487 14.13 46.43 75.70
C PHE D 487 15.23 47.46 75.98
N ASN D 488 16.19 47.07 76.79
CA ASN D 488 17.29 47.94 77.17
C ASN D 488 18.61 47.39 76.66
N SER D 489 19.52 48.31 76.33
CA SER D 489 20.83 47.89 75.86
C SER D 489 21.65 47.25 76.97
N THR D 490 21.31 47.53 78.22
CA THR D 490 21.99 46.96 79.38
C THR D 490 21.26 45.75 79.95
N ASN D 491 19.92 45.84 80.06
CA ASN D 491 19.14 44.72 80.57
C ASN D 491 19.12 43.55 79.58
N LYS D 492 19.20 43.84 78.29
CA LYS D 492 19.21 42.83 77.23
C LYS D 492 17.97 41.94 77.26
N TYR D 493 16.83 42.48 77.72
CA TYR D 493 15.60 41.70 77.74
C TYR D 493 14.40 42.65 77.59
N GLN D 494 13.23 42.04 77.42
CA GLN D 494 11.96 42.75 77.25
C GLN D 494 10.94 42.09 78.17
N LEU D 495 10.40 42.85 79.13
CA LEU D 495 9.45 42.28 80.09
C LEU D 495 8.21 43.16 80.24
N SER D 496 7.16 42.53 80.78
CA SER D 496 5.90 43.20 81.00
C SER D 496 5.00 42.34 81.88
N ILE D 497 4.15 43.02 82.66
CA ILE D 497 3.18 42.39 83.56
C ILE D 497 1.79 42.73 83.08
N HIS D 498 0.92 41.70 83.16
CA HIS D 498 -0.47 41.74 82.76
C HIS D 498 -1.30 41.00 83.79
N GLU D 499 -2.61 41.23 83.72
CA GLU D 499 -3.53 40.54 84.61
C GLU D 499 -3.70 39.11 84.11
N ASN D 500 -4.16 38.24 85.00
CA ASN D 500 -4.37 36.84 84.68
C ASN D 500 -5.85 36.61 84.41
N GLU D 501 -6.17 36.11 83.22
CA GLU D 501 -7.56 35.88 82.85
C GLU D 501 -8.19 34.71 83.57
N LYS D 502 -7.49 34.02 84.47
CA LYS D 502 -8.11 32.93 85.19
C LYS D 502 -9.20 33.52 86.07
N SER D 503 -10.45 33.10 85.87
CA SER D 503 -11.51 33.65 86.70
C SER D 503 -11.41 33.15 88.14
N SER D 504 -10.55 32.17 88.40
CA SER D 504 -10.34 31.64 89.74
C SER D 504 -9.05 32.15 90.37
N GLU D 505 -8.19 32.80 89.59
CA GLU D 505 -6.93 33.35 90.08
C GLU D 505 -6.85 34.80 89.62
N SER D 506 -6.86 35.74 90.57
CA SER D 506 -6.78 37.15 90.27
C SER D 506 -5.36 37.69 90.40
N ARG D 507 -4.37 36.81 90.46
CA ARG D 507 -2.97 37.20 90.62
C ARG D 507 -2.45 37.94 89.39
N TYR D 508 -1.16 38.27 89.40
CA TYR D 508 -0.52 38.99 88.32
C TYR D 508 0.48 38.10 87.61
N LEU D 509 0.51 38.22 86.29
CA LEU D 509 1.42 37.45 85.46
C LEU D 509 2.53 38.35 84.96
N LEU D 510 3.77 37.84 85.00
CA LEU D 510 4.93 38.57 84.52
C LEU D 510 5.61 37.73 83.46
N VAL D 511 5.94 38.33 82.34
CA VAL D 511 6.61 37.59 81.27
C VAL D 511 7.80 38.41 80.79
N MET D 512 8.81 37.69 80.31
CA MET D 512 10.01 38.34 79.81
C MET D 512 10.67 37.45 78.79
N LYS D 513 11.27 38.08 77.79
CA LYS D 513 11.98 37.41 76.73
C LYS D 513 13.34 38.07 76.56
N GLY D 514 14.27 37.34 75.96
CA GLY D 514 15.59 37.90 75.77
C GLY D 514 16.58 36.84 75.33
N ALA D 515 17.85 37.25 75.29
CA ALA D 515 18.89 36.33 74.90
C ALA D 515 18.89 35.12 75.83
N PRO D 516 19.06 33.91 75.31
CA PRO D 516 19.02 32.72 76.18
C PRO D 516 20.05 32.71 77.29
N GLU D 517 21.22 33.32 77.10
CA GLU D 517 22.21 33.32 78.18
C GLU D 517 21.75 34.20 79.34
N ARG D 518 21.32 35.42 79.02
CA ARG D 518 20.85 36.34 80.06
C ARG D 518 19.65 35.77 80.81
N ILE D 519 18.70 35.20 80.06
CA ILE D 519 17.51 34.63 80.69
C ILE D 519 17.87 33.38 81.50
N LEU D 520 18.84 32.60 81.03
CA LEU D 520 19.24 31.43 81.79
C LEU D 520 19.81 31.85 83.12
N ASP D 521 20.54 32.96 83.17
CA ASP D 521 21.06 33.43 84.44
C ASP D 521 19.98 34.00 85.36
N ARG D 522 18.71 34.01 84.93
CA ARG D 522 17.62 34.55 85.74
C ARG D 522 16.54 33.54 86.07
N CYS D 523 16.84 32.25 86.02
CA CYS D 523 15.82 31.27 86.34
C CYS D 523 16.35 30.27 87.36
N SER D 524 15.42 29.57 87.97
CA SER D 524 15.73 28.52 88.93
C SER D 524 14.75 27.38 88.86
N THR D 525 13.78 27.44 87.95
CA THR D 525 12.76 26.41 87.77
C THR D 525 12.59 26.19 86.28
N ILE D 526 11.91 25.11 85.94
CA ILE D 526 11.66 24.74 84.56
C ILE D 526 10.28 24.11 84.50
N LEU D 527 9.47 24.59 83.56
CA LEU D 527 8.12 24.10 83.36
C LEU D 527 8.23 22.84 82.50
N LEU D 528 8.27 21.68 83.13
CA LEU D 528 8.39 20.42 82.44
C LEU D 528 7.02 19.75 82.35
N ASN D 529 6.55 19.55 81.11
CA ASN D 529 5.27 18.90 80.81
C ASN D 529 4.10 19.52 81.56
N GLY D 530 4.32 20.71 82.11
CA GLY D 530 3.34 21.46 82.86
C GLY D 530 3.73 21.67 84.31
N ALA D 531 4.19 20.63 84.99
CA ALA D 531 4.60 20.83 86.38
C ALA D 531 5.90 21.61 86.39
N GLU D 532 6.37 21.98 87.59
CA GLU D 532 7.62 22.71 87.69
C GLU D 532 8.68 21.80 88.30
N GLU D 533 9.94 22.12 88.02
CA GLU D 533 11.06 21.35 88.53
C GLU D 533 12.24 22.28 88.73
N PRO D 534 13.25 21.87 89.50
CA PRO D 534 14.42 22.73 89.71
C PRO D 534 15.26 22.81 88.45
N LEU D 535 16.27 23.68 88.48
CA LEU D 535 17.18 23.91 87.36
C LEU D 535 18.52 23.23 87.55
N LYS D 536 18.53 21.97 87.98
CA LYS D 536 19.80 21.26 88.16
C LYS D 536 20.61 21.26 86.86
N GLU D 537 21.92 21.05 87.01
CA GLU D 537 22.85 21.07 85.89
C GLU D 537 22.50 20.11 84.76
N ASP D 538 21.69 19.08 85.01
CA ASP D 538 21.33 18.16 83.92
C ASP D 538 20.55 18.91 82.84
N MET D 539 19.50 19.62 83.25
CA MET D 539 18.74 20.38 82.26
C MET D 539 19.50 21.63 81.83
N LYS D 540 20.44 22.14 82.65
CA LYS D 540 21.23 23.29 82.24
C LYS D 540 22.15 22.89 81.08
N GLU D 541 22.67 21.67 81.11
CA GLU D 541 23.50 21.19 80.01
C GLU D 541 22.63 20.82 78.81
N ALA D 542 21.42 20.31 79.06
CA ALA D 542 20.52 20.04 77.93
C ALA D 542 20.15 21.35 77.24
N PHE D 543 20.07 22.44 78.02
CA PHE D 543 19.79 23.75 77.47
C PHE D 543 20.99 24.30 76.70
N GLN D 544 22.21 23.98 77.14
CA GLN D 544 23.39 24.43 76.40
C GLN D 544 23.51 23.70 75.07
N ASN D 545 23.27 22.39 75.07
CA ASN D 545 23.33 21.65 73.81
C ASN D 545 22.20 22.09 72.88
N ALA D 546 21.02 22.42 73.43
CA ALA D 546 19.95 22.92 72.58
C ALA D 546 20.31 24.28 72.00
N TYR D 547 20.97 25.13 72.78
CA TYR D 547 21.39 26.44 72.29
C TYR D 547 22.36 26.28 71.13
N LEU D 548 23.35 25.40 71.28
CA LEU D 548 24.29 25.20 70.19
C LEU D 548 23.67 24.47 69.00
N GLU D 549 22.61 23.69 69.23
CA GLU D 549 21.94 23.02 68.12
C GLU D 549 21.19 24.03 67.25
N LEU D 550 20.41 24.89 67.89
CA LEU D 550 19.68 25.89 67.13
C LEU D 550 20.63 26.95 66.57
N GLY D 551 21.74 27.23 67.26
CA GLY D 551 22.69 28.20 66.77
C GLY D 551 23.47 27.69 65.55
N GLY D 552 23.92 26.44 65.61
CA GLY D 552 24.65 25.86 64.47
C GLY D 552 23.81 25.77 63.23
N LEU D 553 22.48 25.78 63.37
CA LEU D 553 21.56 25.72 62.25
C LEU D 553 21.43 27.05 61.53
N GLY D 554 22.26 28.04 61.89
CA GLY D 554 22.21 29.34 61.28
C GLY D 554 21.02 30.17 61.73
N GLU D 555 20.32 29.73 62.76
CA GLU D 555 19.14 30.40 63.28
C GLU D 555 19.48 31.27 64.49
N ARG D 556 18.58 32.21 64.78
CA ARG D 556 18.70 33.13 65.90
C ARG D 556 17.72 32.65 66.97
N VAL D 557 18.22 32.40 68.17
CA VAL D 557 17.39 31.87 69.26
C VAL D 557 17.13 32.92 70.33
N LEU D 558 15.93 32.82 70.92
CA LEU D 558 15.47 33.68 71.99
C LEU D 558 14.91 32.80 73.10
N GLY D 559 14.95 33.31 74.33
CA GLY D 559 14.46 32.60 75.49
C GLY D 559 13.25 33.31 76.08
N PHE D 560 12.27 32.53 76.51
CA PHE D 560 11.03 33.04 77.07
C PHE D 560 10.78 32.44 78.46
N CYS D 561 10.45 33.29 79.41
CA CYS D 561 10.17 32.83 80.76
C CYS D 561 9.08 33.71 81.36
N HIS D 562 8.48 33.20 82.42
CA HIS D 562 7.39 33.91 83.08
C HIS D 562 7.35 33.52 84.55
N PHE D 563 6.53 34.25 85.30
CA PHE D 563 6.42 33.99 86.73
C PHE D 563 5.11 34.57 87.24
N ALA D 564 4.53 33.88 88.21
CA ALA D 564 3.28 34.29 88.85
C ALA D 564 3.64 35.15 90.05
N LEU D 565 3.33 36.43 89.98
CA LEU D 565 3.63 37.32 91.11
C LEU D 565 2.68 37.02 92.25
N PRO D 566 3.19 36.86 93.48
CA PRO D 566 2.30 36.58 94.61
C PRO D 566 1.38 37.76 94.89
N GLU D 567 0.07 37.52 94.81
CA GLU D 567 -0.87 38.60 95.07
C GLU D 567 -0.89 39.03 96.52
N ASP D 568 -0.14 38.38 97.40
CA ASP D 568 -0.10 38.77 98.80
C ASP D 568 0.94 39.85 99.05
N LYS D 569 2.02 39.86 98.27
CA LYS D 569 3.06 40.87 98.38
C LYS D 569 2.84 41.99 97.38
N TYR D 570 2.04 41.74 96.34
CA TYR D 570 1.69 42.72 95.30
C TYR D 570 0.21 42.49 95.02
N ASN D 571 -0.66 43.21 95.75
CA ASN D 571 -2.10 43.06 95.60
C ASN D 571 -2.56 43.57 94.24
N GLU D 572 -3.86 43.36 93.96
CA GLU D 572 -4.45 43.79 92.70
C GLU D 572 -4.51 45.31 92.58
N GLY D 573 -4.36 46.04 93.68
CA GLY D 573 -4.42 47.48 93.62
C GLY D 573 -3.07 48.17 93.53
N TYR D 574 -2.03 47.46 93.94
CA TYR D 574 -0.70 48.06 93.92
C TYR D 574 -0.24 48.33 92.49
N PRO D 575 0.26 49.55 92.21
CA PRO D 575 0.79 49.85 90.88
C PRO D 575 2.31 49.69 90.82
N PHE D 576 2.82 48.85 89.92
CA PHE D 576 4.26 48.65 89.81
C PHE D 576 4.86 49.62 88.77
N ASP D 577 5.08 50.86 89.21
CA ASP D 577 5.67 51.85 88.32
C ASP D 577 7.08 51.41 87.93
N ALA D 578 7.43 51.61 86.66
CA ALA D 578 8.71 51.19 86.14
C ALA D 578 9.82 52.13 86.59
N ASP D 579 10.18 52.00 87.87
CA ASP D 579 11.27 52.80 88.42
C ASP D 579 12.32 52.01 89.21
N GLU D 580 11.86 51.22 90.17
CA GLU D 580 12.67 50.43 91.11
C GLU D 580 12.42 48.94 90.95
N PRO D 581 13.12 48.06 91.74
CA PRO D 581 12.88 46.62 91.58
C PRO D 581 11.56 46.16 92.15
N ASN D 582 10.49 46.27 91.36
CA ASN D 582 9.17 45.84 91.76
C ASN D 582 8.90 44.39 91.38
N PHE D 583 9.73 43.81 90.53
CA PHE D 583 9.56 42.44 90.09
C PHE D 583 10.84 41.64 90.34
N PRO D 584 10.71 40.39 90.75
CA PRO D 584 11.91 39.60 90.99
C PRO D 584 12.61 39.27 89.67
N THR D 585 13.77 39.88 89.45
CA THR D 585 14.50 39.62 88.21
C THR D 585 14.89 38.16 88.11
N THR D 586 15.36 37.58 89.21
CA THR D 586 15.75 36.18 89.25
C THR D 586 14.57 35.33 89.71
N ASP D 587 14.82 34.04 89.95
CA ASP D 587 13.81 33.09 90.42
C ASP D 587 12.61 32.97 89.47
N LEU D 588 12.81 33.26 88.19
CA LEU D 588 11.73 33.16 87.22
C LEU D 588 11.56 31.71 86.77
N CYS D 589 10.57 31.43 85.92
CA CYS D 589 10.31 30.09 85.42
C CYS D 589 10.54 30.10 83.91
N PHE D 590 11.64 29.48 83.49
CA PHE D 590 11.98 29.40 82.07
C PHE D 590 11.07 28.36 81.41
N VAL D 591 10.45 28.71 80.29
CA VAL D 591 9.57 27.78 79.62
C VAL D 591 10.24 27.16 78.38
N GLY D 592 10.93 27.95 77.58
CA GLY D 592 11.59 27.40 76.41
C GLY D 592 12.11 28.38 75.37
N LEU D 593 13.05 27.92 74.55
CA LEU D 593 13.68 28.73 73.50
C LEU D 593 12.81 28.76 72.24
N MET D 594 13.11 29.74 71.37
CA MET D 594 12.38 29.92 70.11
C MET D 594 13.32 30.50 69.06
N ALA D 595 13.67 29.71 68.05
CA ALA D 595 14.56 30.14 66.97
C ALA D 595 13.76 30.70 65.78
N MET D 596 14.49 31.29 64.83
CA MET D 596 13.87 31.86 63.64
C MET D 596 14.92 32.16 62.57
N ILE D 597 14.51 32.04 61.32
CA ILE D 597 15.38 32.29 60.17
C ILE D 597 14.53 32.40 58.92
N ASP D 598 15.08 32.99 57.86
CA ASP D 598 14.42 33.13 56.57
C ASP D 598 14.42 31.76 55.88
N PRO D 599 13.27 31.10 55.74
CA PRO D 599 13.27 29.77 55.13
C PRO D 599 13.32 29.85 53.61
N PRO D 600 13.55 28.72 52.95
CA PRO D 600 13.57 28.71 51.48
C PRO D 600 12.20 28.42 50.91
N ARG D 601 12.03 28.83 49.66
CA ARG D 601 10.76 28.62 48.97
C ARG D 601 10.51 27.12 48.82
N ALA D 602 9.24 26.76 48.74
CA ALA D 602 8.79 25.38 48.67
C ALA D 602 9.59 24.46 47.74
N ALA D 603 9.63 24.78 46.45
CA ALA D 603 10.32 23.93 45.49
C ALA D 603 11.79 24.25 45.32
N VAL D 604 12.42 24.85 46.32
CA VAL D 604 13.84 25.19 46.19
C VAL D 604 14.72 23.96 46.30
N PRO D 605 14.62 23.13 47.36
CA PRO D 605 15.51 21.95 47.41
C PRO D 605 15.31 20.99 46.25
N ASP D 606 14.06 20.69 45.91
CA ASP D 606 13.80 19.78 44.80
C ASP D 606 14.34 20.31 43.49
N ALA D 607 14.16 21.61 43.23
CA ALA D 607 14.67 22.19 41.99
C ALA D 607 16.19 22.17 41.95
N VAL D 608 16.85 22.48 43.07
CA VAL D 608 18.31 22.45 43.08
C VAL D 608 18.79 21.02 42.83
N GLY D 609 18.11 20.03 43.42
CA GLY D 609 18.48 18.64 43.18
C GLY D 609 18.28 18.25 41.73
N LYS D 610 17.19 18.74 41.12
CA LYS D 610 16.93 18.43 39.71
C LYS D 610 18.02 19.03 38.82
N CYS D 611 18.45 20.25 39.13
CA CYS D 611 19.50 20.88 38.34
C CYS D 611 20.83 20.13 38.50
N ARG D 612 21.16 19.73 39.73
CA ARG D 612 22.39 18.97 39.93
C ARG D 612 22.32 17.62 39.24
N SER D 613 21.13 17.02 39.17
CA SER D 613 20.99 15.73 38.49
C SER D 613 21.29 15.86 37.01
N ALA D 614 20.94 17.00 36.42
CA ALA D 614 21.17 17.26 35.01
C ALA D 614 22.60 17.72 34.73
N GLY D 615 23.48 17.64 35.72
CA GLY D 615 24.86 18.04 35.55
C GLY D 615 25.11 19.53 35.58
N ILE D 616 24.23 20.31 36.20
CA ILE D 616 24.38 21.75 36.28
C ILE D 616 25.04 22.12 37.61
N LYS D 617 26.15 22.83 37.54
CA LYS D 617 26.87 23.26 38.74
C LYS D 617 26.15 24.44 39.37
N VAL D 618 25.77 24.29 40.64
CA VAL D 618 25.06 25.33 41.39
C VAL D 618 26.07 26.07 42.28
N ILE D 619 26.03 27.40 42.27
CA ILE D 619 26.96 28.23 43.03
C ILE D 619 26.21 29.36 43.71
N MET D 620 26.35 29.48 45.03
CA MET D 620 25.63 30.56 45.70
C MET D 620 26.44 31.85 45.70
N VAL D 621 25.79 32.98 45.38
CA VAL D 621 26.43 34.29 45.37
C VAL D 621 25.51 35.26 46.11
N THR D 622 25.91 35.67 47.32
CA THR D 622 25.06 36.58 48.05
C THR D 622 25.89 37.53 48.91
N GLY D 623 25.33 38.70 49.18
CA GLY D 623 26.00 39.69 50.00
C GLY D 623 25.55 39.52 51.44
N ASP D 624 25.37 38.28 51.86
CA ASP D 624 24.93 37.97 53.20
C ASP D 624 26.06 37.35 54.03
N HIS D 625 25.79 37.26 55.33
CA HIS D 625 26.74 36.71 56.27
C HIS D 625 27.06 35.25 55.93
N PRO D 626 28.33 34.85 55.93
CA PRO D 626 28.66 33.46 55.58
C PRO D 626 28.05 32.40 56.46
N ILE D 627 27.64 32.71 57.69
CA ILE D 627 26.99 31.69 58.49
C ILE D 627 25.62 31.38 57.93
N THR D 628 24.85 32.42 57.62
CA THR D 628 23.53 32.25 57.04
C THR D 628 23.60 31.67 55.63
N ALA D 629 24.53 32.20 54.82
CA ALA D 629 24.69 31.70 53.46
C ALA D 629 25.03 30.21 53.47
N LYS D 630 25.99 29.81 54.30
CA LYS D 630 26.38 28.40 54.36
C LYS D 630 25.23 27.53 54.84
N ALA D 631 24.48 27.98 55.84
CA ALA D 631 23.37 27.17 56.33
C ALA D 631 22.33 26.94 55.25
N ILE D 632 21.97 28.00 54.51
CA ILE D 632 20.98 27.82 53.45
C ILE D 632 21.57 26.95 52.34
N ALA D 633 22.89 27.01 52.13
CA ALA D 633 23.49 26.17 51.09
C ALA D 633 23.34 24.70 51.44
N LYS D 634 23.67 24.32 52.68
CA LYS D 634 23.51 22.92 53.05
C LYS D 634 22.05 22.51 53.07
N GLY D 635 21.15 23.45 53.39
CA GLY D 635 19.73 23.13 53.42
C GLY D 635 19.06 23.02 52.06
N VAL D 636 19.62 23.65 51.02
CA VAL D 636 19.02 23.58 49.68
C VAL D 636 19.73 22.59 48.76
N GLY D 637 20.90 22.08 49.13
CA GLY D 637 21.62 21.12 48.31
C GLY D 637 22.88 21.62 47.65
N ILE D 638 23.25 22.90 47.81
CA ILE D 638 24.48 23.38 47.19
C ILE D 638 25.69 22.69 47.81
N ILE D 639 25.69 22.54 49.13
CA ILE D 639 26.77 21.84 49.83
C ILE D 639 26.17 20.52 50.30
N SER D 640 26.35 19.48 49.49
CA SER D 640 25.80 18.18 49.85
C SER D 640 26.22 17.76 51.25
N GLU D 641 25.29 17.16 51.98
CA GLU D 641 25.57 16.70 53.32
C GLU D 641 26.68 15.67 53.25
N GLY D 642 27.78 15.92 53.98
CA GLY D 642 28.95 15.06 54.01
C GLY D 642 30.21 15.73 53.51
N ASN D 643 30.07 16.64 52.52
CA ASN D 643 31.22 17.35 52.02
C ASN D 643 31.74 18.28 53.13
N GLU D 644 33.02 18.67 53.02
CA GLU D 644 33.59 19.48 54.09
C GLU D 644 34.54 20.54 53.57
N THR D 645 34.60 21.64 54.34
CA THR D 645 35.45 22.80 54.12
C THR D 645 36.74 22.64 54.94
N ILE D 646 37.74 23.44 54.58
CA ILE D 646 39.03 23.36 55.29
C ILE D 646 38.90 23.68 56.77
N GLU D 647 38.05 24.66 57.14
CA GLU D 647 37.88 24.98 58.55
C GLU D 647 37.20 23.84 59.29
N ASP D 648 36.27 23.14 58.63
CA ASP D 648 35.61 22.02 59.28
C ASP D 648 36.59 20.92 59.60
N ILE D 649 37.55 20.67 58.69
CA ILE D 649 38.55 19.65 58.95
C ILE D 649 39.47 20.08 60.10
N ALA D 650 39.88 21.35 60.10
CA ALA D 650 40.72 21.83 61.18
C ALA D 650 40.01 21.76 62.53
N ALA D 651 38.68 21.90 62.53
CA ALA D 651 37.93 21.82 63.78
C ALA D 651 37.70 20.37 64.19
N ARG D 652 37.54 19.47 63.23
CA ARG D 652 37.34 18.05 63.57
C ARG D 652 38.62 17.42 64.06
N LEU D 653 39.77 17.94 63.65
CA LEU D 653 41.05 17.38 64.08
C LEU D 653 41.70 18.14 65.24
N ASN D 654 41.36 19.43 65.43
CA ASN D 654 41.92 20.31 66.45
C ASN D 654 43.34 20.73 66.11
N ILE D 655 43.57 21.08 64.84
CA ILE D 655 44.87 21.53 64.36
C ILE D 655 44.68 22.83 63.61
N PRO D 656 45.75 23.62 63.42
CA PRO D 656 45.62 24.87 62.67
C PRO D 656 45.14 24.63 61.25
N ILE D 657 44.63 25.69 60.62
CA ILE D 657 44.11 25.58 59.27
C ILE D 657 45.21 25.61 58.21
N GLY D 658 46.35 26.22 58.52
CA GLY D 658 47.43 26.28 57.53
C GLY D 658 48.12 24.96 57.24
N GLN D 659 47.78 23.91 57.98
CA GLN D 659 48.41 22.60 57.80
C GLN D 659 47.68 21.70 56.80
N VAL D 660 46.34 21.70 56.84
CA VAL D 660 45.57 20.84 55.95
C VAL D 660 45.77 21.23 54.49
N ASN D 661 45.62 20.23 53.60
CA ASN D 661 45.74 20.38 52.15
C ASN D 661 44.39 20.77 51.57
N PRO D 662 44.30 21.82 50.75
CA PRO D 662 43.00 22.23 50.19
C PRO D 662 42.43 21.29 49.15
N ARG D 663 43.14 20.24 48.73
CA ARG D 663 42.59 19.34 47.74
C ARG D 663 41.62 18.32 48.34
N ASP D 664 41.69 18.10 49.65
CA ASP D 664 40.80 17.16 50.32
C ASP D 664 39.45 17.77 50.67
N ALA D 665 39.22 19.04 50.30
CA ALA D 665 37.97 19.74 50.59
C ALA D 665 37.23 19.98 49.28
N LYS D 666 36.06 19.36 49.14
CA LYS D 666 35.25 19.51 47.93
C LYS D 666 34.51 20.84 47.88
N ALA D 667 33.96 21.30 49.01
CA ALA D 667 33.19 22.53 49.07
C ALA D 667 33.96 23.66 49.74
N CYS D 668 33.80 24.88 49.24
CA CYS D 668 34.50 26.03 49.81
C CYS D 668 33.62 27.27 49.92
N VAL D 669 33.83 28.00 51.01
CA VAL D 669 33.13 29.24 51.33
C VAL D 669 34.13 30.37 51.15
N VAL D 670 33.95 31.17 50.09
CA VAL D 670 34.82 32.29 49.78
C VAL D 670 34.16 33.58 50.27
N HIS D 671 34.89 34.36 51.06
CA HIS D 671 34.39 35.61 51.61
C HIS D 671 34.69 36.76 50.65
N GLY D 672 33.79 37.75 50.66
CA GLY D 672 33.97 38.91 49.77
C GLY D 672 35.22 39.70 50.06
N SER D 673 35.48 39.96 51.36
CA SER D 673 36.67 40.72 51.74
C SER D 673 37.92 40.06 51.17
N ASP D 674 37.97 38.73 51.18
CA ASP D 674 39.10 38.00 50.62
C ASP D 674 39.04 38.01 49.10
N LEU D 675 37.83 37.91 48.54
CA LEU D 675 37.65 37.94 47.10
C LEU D 675 38.24 39.21 46.51
N LYS D 676 38.24 40.30 47.27
CA LYS D 676 38.78 41.57 46.80
C LYS D 676 40.27 41.48 46.47
N ASP D 677 41.03 40.64 47.18
CA ASP D 677 42.47 40.49 47.00
C ASP D 677 42.85 39.23 46.23
N LEU D 678 42.13 38.85 45.18
CA LEU D 678 42.48 37.61 44.46
C LEU D 678 42.75 37.84 42.98
N SER D 679 43.79 37.17 42.50
CA SER D 679 44.20 37.23 41.11
C SER D 679 43.23 36.46 40.21
N THR D 680 43.43 36.58 38.90
CA THR D 680 42.57 35.90 37.93
C THR D 680 42.73 34.40 38.00
N GLU D 681 43.98 33.93 38.04
CA GLU D 681 44.25 32.50 38.10
C GLU D 681 43.67 31.88 39.37
N VAL D 682 43.74 32.61 40.49
CA VAL D 682 43.20 32.06 41.73
C VAL D 682 41.71 31.79 41.60
N LEU D 683 40.96 32.71 41.00
CA LEU D 683 39.53 32.47 40.83
C LEU D 683 39.31 31.28 39.90
N ASP D 684 40.13 31.18 38.84
CA ASP D 684 40.00 30.04 37.94
C ASP D 684 40.21 28.73 38.70
N ASP D 685 41.21 28.70 39.58
CA ASP D 685 41.47 27.50 40.38
C ASP D 685 40.36 27.24 41.39
N ILE D 686 39.76 28.30 41.93
CA ILE D 686 38.66 28.13 42.89
C ILE D 686 37.50 27.42 42.22
N LEU D 687 37.19 27.81 40.98
CA LEU D 687 36.10 27.16 40.27
C LEU D 687 36.52 25.82 39.68
N HIS D 688 37.82 25.62 39.43
CA HIS D 688 38.37 24.42 38.83
C HIS D 688 38.58 23.27 39.83
N TYR D 689 38.71 23.56 41.12
CA TYR D 689 38.97 22.51 42.09
C TYR D 689 37.85 22.28 43.09
N HIS D 690 36.97 23.26 43.30
CA HIS D 690 35.88 23.11 44.25
C HIS D 690 34.57 22.91 43.50
N THR D 691 33.85 21.85 43.85
CA THR D 691 32.59 21.52 43.20
C THR D 691 31.40 22.23 43.82
N GLU D 692 31.46 22.56 45.12
CA GLU D 692 30.37 23.24 45.84
C GLU D 692 30.89 24.55 46.41
N ILE D 693 30.67 25.65 45.66
CA ILE D 693 31.19 26.96 46.05
C ILE D 693 30.09 27.92 46.51
N VAL D 694 30.50 28.79 47.45
CA VAL D 694 29.61 29.81 48.00
C VAL D 694 30.34 31.12 48.27
N PHE D 695 29.94 32.19 47.58
CA PHE D 695 30.53 33.52 47.73
C PHE D 695 29.65 34.34 48.69
N ALA D 696 30.22 34.70 49.83
CA ALA D 696 29.50 35.46 50.85
C ALA D 696 30.12 36.85 51.03
N ARG D 697 29.26 37.80 51.43
CA ARG D 697 29.65 39.19 51.68
C ARG D 697 30.25 39.85 50.44
N THR D 698 29.70 39.52 49.27
CA THR D 698 30.17 40.06 48.00
C THR D 698 29.28 41.20 47.53
N SER D 699 29.92 42.27 47.05
CA SER D 699 29.31 43.51 46.56
C SER D 699 28.73 43.22 45.16
N PRO D 700 28.20 44.24 44.43
CA PRO D 700 27.69 43.97 43.08
C PRO D 700 28.79 43.80 42.03
N GLN D 701 29.84 44.62 42.14
CA GLN D 701 30.95 44.51 41.19
C GLN D 701 31.58 43.13 41.27
N GLN D 702 31.69 42.59 42.48
CA GLN D 702 32.22 41.24 42.65
C GLN D 702 31.27 40.20 42.06
N LYS D 703 29.95 40.46 42.10
CA LYS D 703 29.01 39.54 41.47
C LYS D 703 29.31 39.44 39.97
N LEU D 704 29.53 40.60 39.35
CA LEU D 704 29.88 40.63 37.94
C LEU D 704 31.20 39.87 37.69
N ILE D 705 32.17 40.05 38.60
CA ILE D 705 33.45 39.38 38.45
C ILE D 705 33.29 37.86 38.48
N ILE D 706 32.46 37.35 39.40
CA ILE D 706 32.27 35.90 39.50
C ILE D 706 31.64 35.36 38.23
N VAL D 707 30.61 36.05 37.72
CA VAL D 707 29.99 35.57 36.48
C VAL D 707 31.02 35.52 35.36
N GLU D 708 31.85 36.56 35.27
CA GLU D 708 32.90 36.59 34.25
C GLU D 708 33.89 35.46 34.44
N GLY D 709 34.24 35.16 35.70
CA GLY D 709 35.15 34.06 35.96
C GLY D 709 34.59 32.75 35.48
N CYS D 710 33.26 32.65 35.44
CA CYS D 710 32.64 31.43 34.93
C CYS D 710 32.69 31.37 33.41
N GLN D 711 32.12 32.38 32.74
CA GLN D 711 32.11 32.41 31.28
C GLN D 711 33.51 32.22 30.68
N ARG D 712 34.53 32.79 31.33
CA ARG D 712 35.93 32.73 30.89
C ARG D 712 36.36 31.35 30.38
N GLN D 713 36.15 30.33 31.19
CA GLN D 713 36.55 28.98 30.81
C GLN D 713 35.85 28.55 29.53
N GLY D 714 34.54 28.82 29.41
CA GLY D 714 33.81 28.35 28.25
C GLY D 714 32.44 27.76 28.51
N ALA D 715 31.67 28.38 29.40
CA ALA D 715 30.34 27.90 29.72
C ALA D 715 29.32 29.05 29.75
N ILE D 716 28.07 28.70 29.44
CA ILE D 716 26.95 29.63 29.42
C ILE D 716 26.50 29.85 30.86
N VAL D 717 26.07 31.07 31.20
CA VAL D 717 25.67 31.36 32.57
C VAL D 717 24.29 32.00 32.64
N ALA D 718 23.54 31.60 33.68
CA ALA D 718 22.19 32.07 33.98
C ALA D 718 22.20 32.63 35.39
N VAL D 719 21.71 33.86 35.54
CA VAL D 719 21.67 34.52 36.85
C VAL D 719 20.22 34.78 37.22
N THR D 720 19.82 34.36 38.41
CA THR D 720 18.46 34.52 38.92
C THR D 720 18.51 35.46 40.13
N GLY D 721 17.87 36.62 40.01
CA GLY D 721 17.84 37.57 41.11
C GLY D 721 16.56 38.37 41.37
N ASP D 722 16.69 39.31 42.32
CA ASP D 722 15.58 40.17 42.68
C ASP D 722 15.88 41.65 42.87
N GLY D 723 16.95 42.00 43.61
CA GLY D 723 17.28 43.38 43.91
C GLY D 723 18.15 44.04 42.87
N VAL D 724 18.47 45.31 43.14
CA VAL D 724 19.28 46.09 42.20
C VAL D 724 20.73 45.58 42.11
N ASN D 725 21.27 44.94 43.16
CA ASN D 725 22.67 44.52 43.01
C ASN D 725 22.83 43.35 42.06
N ASP D 726 21.76 42.83 41.49
CA ASP D 726 21.84 41.78 40.50
C ASP D 726 21.83 42.36 39.08
N SER D 727 21.59 43.66 38.95
CA SER D 727 21.54 44.29 37.63
C SER D 727 22.83 44.07 36.83
N PRO D 728 24.03 44.39 37.34
CA PRO D 728 25.24 44.13 36.54
C PRO D 728 25.50 42.65 36.31
N ALA D 729 24.90 41.76 37.11
CA ALA D 729 25.09 40.33 36.92
C ALA D 729 24.11 39.77 35.91
N LEU D 730 22.92 40.37 35.79
CA LEU D 730 21.93 39.93 34.83
C LEU D 730 22.26 40.41 33.42
N LYS D 731 22.91 41.58 33.32
CA LYS D 731 23.24 42.15 32.02
C LYS D 731 24.34 41.38 31.31
N LYS D 732 25.47 41.13 31.99
CA LYS D 732 26.53 40.41 31.30
C LYS D 732 26.31 38.91 31.27
N ALA D 733 25.35 38.39 32.03
CA ALA D 733 25.13 36.96 31.97
C ALA D 733 24.53 36.60 30.62
N ASP D 734 24.41 35.30 30.36
CA ASP D 734 23.81 34.90 29.10
C ASP D 734 22.30 34.93 29.21
N ILE D 735 21.76 34.67 30.41
CA ILE D 735 20.32 34.78 30.55
C ILE D 735 19.96 35.16 31.99
N GLY D 736 19.10 36.16 32.13
CA GLY D 736 18.66 36.65 33.43
C GLY D 736 17.25 36.19 33.72
N VAL D 737 17.02 35.78 34.97
CA VAL D 737 15.75 35.31 35.46
C VAL D 737 15.41 36.18 36.64
N ALA D 738 14.39 37.00 36.49
CA ALA D 738 14.00 37.88 37.58
C ALA D 738 12.75 37.35 38.22
N MET D 739 12.61 37.58 39.53
CA MET D 739 11.35 37.14 40.11
C MET D 739 10.28 38.14 39.64
N GLY D 740 9.03 38.01 40.04
CA GLY D 740 8.10 39.03 39.59
C GLY D 740 7.26 39.62 40.68
N ILE D 741 6.92 38.78 41.66
CA ILE D 741 6.09 39.22 42.76
C ILE D 741 6.93 39.88 43.84
N SER D 742 8.06 39.27 44.19
CA SER D 742 8.92 39.80 45.23
C SER D 742 10.08 40.69 44.75
N GLY D 743 10.14 41.06 43.46
CA GLY D 743 11.24 41.84 42.93
C GLY D 743 11.04 43.35 42.85
N SER D 744 12.05 44.00 42.24
CA SER D 744 12.16 45.44 42.00
C SER D 744 12.03 45.75 40.51
N ASP D 745 12.01 47.06 40.16
CA ASP D 745 11.86 47.41 38.75
C ASP D 745 13.17 47.34 37.95
N VAL D 746 14.33 47.46 38.61
CA VAL D 746 15.58 47.38 37.87
C VAL D 746 15.85 45.96 37.41
N SER D 747 15.71 44.99 38.32
CA SER D 747 15.93 43.58 37.96
C SER D 747 14.88 43.09 36.98
N LYS D 748 13.65 43.60 37.10
CA LYS D 748 12.59 43.20 36.19
C LYS D 748 12.86 43.71 34.78
N GLN D 749 13.31 44.97 34.66
CA GLN D 749 13.58 45.52 33.34
C GLN D 749 14.91 45.06 32.74
N ALA D 750 15.88 44.65 33.57
CA ALA D 750 17.17 44.21 33.09
C ALA D 750 17.24 42.72 32.87
N ALA D 751 16.14 42.02 33.01
CA ALA D 751 16.13 40.58 32.82
C ALA D 751 15.57 40.25 31.45
N ASP D 752 15.79 39.01 31.04
CA ASP D 752 15.32 38.50 29.78
C ASP D 752 14.15 37.55 29.98
N MET D 753 14.04 36.94 31.17
CA MET D 753 12.95 36.06 31.54
C MET D 753 12.46 36.45 32.92
N ILE D 754 11.15 36.45 33.08
CA ILE D 754 10.44 36.85 34.28
C ILE D 754 9.62 35.66 34.79
N LEU D 755 9.63 35.47 36.10
CA LEU D 755 8.87 34.41 36.76
C LEU D 755 7.73 35.12 37.50
N LEU D 756 6.57 35.21 36.85
CA LEU D 756 5.44 35.93 37.41
C LEU D 756 4.82 35.36 38.69
N ASP D 757 5.29 34.22 39.19
CA ASP D 757 4.71 33.72 40.43
C ASP D 757 5.77 33.32 41.44
N ASP D 758 7.03 33.66 41.20
CA ASP D 758 8.14 33.33 42.09
C ASP D 758 8.25 31.82 42.30
N ASN D 759 7.78 31.04 41.33
CA ASN D 759 7.87 29.59 41.40
C ASN D 759 9.18 29.18 40.77
N PHE D 760 10.15 28.85 41.62
CA PHE D 760 11.48 28.46 41.17
C PHE D 760 11.49 27.26 40.21
N ALA D 761 10.52 26.34 40.34
CA ALA D 761 10.47 25.14 39.48
C ALA D 761 10.44 25.45 38.00
N SER D 762 10.05 26.68 37.62
CA SER D 762 10.05 27.04 36.21
C SER D 762 11.43 26.91 35.61
N ILE D 763 12.49 26.99 36.43
CA ILE D 763 13.85 26.81 35.94
C ILE D 763 14.04 25.39 35.42
N VAL D 764 13.51 24.41 36.16
CA VAL D 764 13.60 23.01 35.73
C VAL D 764 12.82 22.82 34.43
N THR D 765 11.62 23.41 34.36
CA THR D 765 10.87 23.27 33.11
C THR D 765 11.62 23.87 31.94
N GLY D 766 12.23 25.04 32.14
CA GLY D 766 12.97 25.68 31.06
C GLY D 766 14.17 24.87 30.61
N VAL D 767 14.82 24.16 31.53
CA VAL D 767 15.95 23.36 31.07
C VAL D 767 15.43 22.16 30.26
N GLU D 768 14.21 21.68 30.52
CA GLU D 768 13.69 20.59 29.70
C GLU D 768 13.30 21.08 28.30
N GLU D 769 12.52 22.17 28.27
CA GLU D 769 12.06 22.73 27.00
C GLU D 769 13.20 23.26 26.13
N GLY D 770 14.26 23.82 26.73
CA GLY D 770 15.34 24.34 25.91
C GLY D 770 15.95 23.24 25.06
N ARG D 771 16.35 22.16 25.73
CA ARG D 771 16.91 21.03 25.01
C ARG D 771 15.92 20.53 23.96
N LEU D 772 14.64 20.38 24.34
CA LEU D 772 13.62 19.93 23.40
C LEU D 772 13.56 20.82 22.14
N ILE D 773 13.37 22.13 22.33
CA ILE D 773 13.31 23.09 21.23
C ILE D 773 14.64 23.16 20.49
N PHE D 774 15.67 22.54 21.04
CA PHE D 774 16.96 22.50 20.35
C PHE D 774 16.98 21.31 19.41
N ASP D 775 16.57 20.14 19.93
CA ASP D 775 16.52 18.94 19.11
C ASP D 775 15.52 19.06 17.97
N ASN D 776 14.50 19.92 18.12
CA ASN D 776 13.49 20.08 17.07
C ASN D 776 13.98 20.97 15.90
N LEU D 777 14.75 22.02 16.19
CA LEU D 777 15.24 22.88 15.13
C LEU D 777 16.09 22.09 14.15
N LYS D 778 16.79 21.07 14.62
CA LYS D 778 17.63 20.26 13.74
C LYS D 778 16.77 19.50 12.74
N LYS D 779 15.68 18.89 13.22
CA LYS D 779 14.80 18.15 12.32
C LYS D 779 14.20 19.06 11.27
N SER D 780 13.65 20.20 11.68
CA SER D 780 13.05 21.10 10.71
C SER D 780 14.10 21.63 9.72
N ILE D 781 15.32 21.87 10.19
CA ILE D 781 16.38 22.35 9.30
C ILE D 781 16.74 21.29 8.28
N ALA D 782 16.87 20.03 8.73
CA ALA D 782 17.17 18.96 7.77
C ALA D 782 16.06 18.81 6.76
N TYR D 783 14.81 19.03 7.21
CA TYR D 783 13.67 18.95 6.31
C TYR D 783 13.72 20.03 5.25
N THR D 784 14.00 21.27 5.65
CA THR D 784 14.06 22.38 4.70
C THR D 784 15.34 22.39 3.87
N LEU D 785 16.37 21.64 4.28
CA LEU D 785 17.59 21.59 3.50
C LEU D 785 17.61 20.42 2.53
N THR D 786 16.68 19.48 2.66
CA THR D 786 16.66 18.35 1.73
C THR D 786 16.10 18.71 0.35
N SER D 787 15.09 19.59 0.28
CA SER D 787 14.48 19.93 -1.00
C SER D 787 15.31 20.88 -1.87
N ASN D 788 16.47 21.34 -1.40
CA ASN D 788 17.28 22.23 -2.24
C ASN D 788 17.87 21.50 -3.43
N ILE D 789 18.25 20.24 -3.26
CA ILE D 789 18.84 19.42 -4.31
C ILE D 789 17.87 19.26 -5.49
N PRO D 790 16.65 18.68 -5.29
CA PRO D 790 15.73 18.53 -6.43
C PRO D 790 15.27 19.87 -6.99
N GLU D 791 15.83 20.97 -6.48
CA GLU D 791 15.52 22.32 -6.93
C GLU D 791 16.66 22.96 -7.72
N ILE D 792 17.90 22.50 -7.54
CA ILE D 792 19.04 23.05 -8.25
C ILE D 792 19.54 22.10 -9.34
N THR D 793 19.43 20.79 -9.12
CA THR D 793 19.89 19.83 -10.12
C THR D 793 19.27 20.03 -11.51
N PRO D 794 17.97 20.35 -11.66
CA PRO D 794 17.43 20.55 -13.02
C PRO D 794 18.14 21.59 -13.88
N PHE D 795 18.56 22.72 -13.30
CA PHE D 795 19.27 23.73 -14.07
C PHE D 795 20.67 23.24 -14.43
N LEU D 796 21.28 22.44 -13.54
CA LEU D 796 22.59 21.90 -13.83
C LEU D 796 22.49 20.96 -15.03
N VAL D 797 21.39 20.22 -15.15
CA VAL D 797 21.23 19.33 -16.31
C VAL D 797 20.84 20.14 -17.56
N PHE D 798 20.14 21.26 -17.37
CA PHE D 798 19.75 22.15 -18.46
C PHE D 798 20.98 22.72 -19.14
N ILE D 799 21.98 23.12 -18.35
CA ILE D 799 23.19 23.66 -18.96
C ILE D 799 24.13 22.56 -19.43
N ILE D 800 24.21 21.45 -18.70
CA ILE D 800 25.16 20.42 -19.13
C ILE D 800 24.63 19.54 -20.26
N GLY D 801 23.65 18.68 -19.96
CA GLY D 801 23.11 17.68 -20.90
C GLY D 801 22.32 18.22 -22.06
N ASN D 802 22.03 19.52 -22.08
CA ASN D 802 21.24 20.19 -23.11
C ASN D 802 19.90 19.50 -23.39
N VAL D 803 19.08 19.47 -22.35
CA VAL D 803 17.71 18.96 -22.42
C VAL D 803 16.79 20.12 -22.11
N PRO D 804 15.49 20.03 -22.43
CA PRO D 804 14.60 21.15 -22.10
C PRO D 804 14.57 21.34 -20.58
N LEU D 805 14.11 22.51 -20.16
CA LEU D 805 14.11 22.84 -18.73
C LEU D 805 13.11 22.02 -17.93
N PRO D 806 13.56 21.20 -16.96
CA PRO D 806 12.62 20.41 -16.16
C PRO D 806 11.79 21.19 -15.14
N LEU D 807 12.41 22.00 -14.28
CA LEU D 807 11.69 22.74 -13.24
C LEU D 807 11.74 24.25 -13.47
N GLY D 808 10.58 24.91 -13.30
CA GLY D 808 10.47 26.35 -13.49
C GLY D 808 10.63 27.18 -12.22
N THR D 809 10.85 28.49 -12.42
CA THR D 809 11.04 29.42 -11.31
C THR D 809 9.77 29.59 -10.47
N VAL D 810 8.61 29.69 -11.13
CA VAL D 810 7.33 29.87 -10.43
C VAL D 810 6.91 28.61 -9.69
N THR D 811 7.62 27.51 -9.87
CA THR D 811 7.31 26.28 -9.14
C THR D 811 8.20 26.16 -7.90
N ILE D 812 9.47 26.55 -8.04
CA ILE D 812 10.39 26.57 -6.92
C ILE D 812 9.86 27.52 -5.85
N LEU D 813 9.37 28.69 -6.28
CA LEU D 813 8.84 29.64 -5.31
C LEU D 813 7.58 29.12 -4.63
N CYS D 814 6.71 28.42 -5.35
CA CYS D 814 5.50 27.91 -4.73
C CYS D 814 5.81 26.82 -3.73
N ILE D 815 6.91 26.09 -3.91
CA ILE D 815 7.25 25.05 -2.95
C ILE D 815 7.85 25.68 -1.70
N ASP D 816 8.99 26.38 -1.87
CA ASP D 816 9.71 26.99 -0.75
C ASP D 816 8.86 27.77 0.26
N LEU D 817 7.85 28.48 -0.23
CA LEU D 817 6.99 29.30 0.63
C LEU D 817 5.60 28.74 0.86
N GLY D 818 5.28 27.60 0.28
CA GLY D 818 3.94 27.05 0.43
C GLY D 818 3.91 25.76 1.20
N THR D 819 4.00 24.71 0.41
CA THR D 819 3.96 23.34 0.88
C THR D 819 4.90 23.09 2.05
N ASP D 820 6.19 23.36 1.86
CA ASP D 820 7.20 23.05 2.88
C ASP D 820 6.95 23.71 4.25
N MET D 821 6.46 24.94 4.27
CA MET D 821 6.31 25.67 5.53
C MET D 821 5.45 24.95 6.58
N VAL D 822 4.18 24.65 6.26
CA VAL D 822 3.29 24.03 7.24
C VAL D 822 3.87 22.72 7.83
N PRO D 823 4.31 21.75 7.03
CA PRO D 823 4.88 20.52 7.63
C PRO D 823 6.12 20.80 8.49
N ALA D 824 6.93 21.78 8.10
CA ALA D 824 8.11 22.11 8.86
C ALA D 824 7.79 22.91 10.11
N ILE D 825 6.77 23.77 10.07
CA ILE D 825 6.42 24.49 11.30
C ILE D 825 5.81 23.51 12.29
N SER D 826 5.18 22.45 11.78
CA SER D 826 4.60 21.41 12.63
C SER D 826 5.66 20.51 13.25
N LEU D 827 6.83 20.38 12.63
CA LEU D 827 7.83 19.53 13.26
C LEU D 827 8.23 20.01 14.67
N ALA D 828 8.07 21.30 14.95
CA ALA D 828 8.45 21.87 16.25
C ALA D 828 7.70 21.24 17.43
N TYR D 829 6.44 20.86 17.23
CA TYR D 829 5.60 20.30 18.28
C TYR D 829 5.97 18.88 18.71
N GLU D 830 7.08 18.32 18.22
CA GLU D 830 7.48 16.94 18.52
C GLU D 830 7.96 16.74 19.95
N GLN D 831 7.54 15.62 20.56
CA GLN D 831 7.90 15.23 21.92
C GLN D 831 9.30 14.61 21.99
N ALA D 832 9.76 14.40 23.22
CA ALA D 832 11.07 13.84 23.48
C ALA D 832 11.13 12.35 23.13
N GLU D 833 12.34 11.85 22.93
CA GLU D 833 12.61 10.45 22.63
C GLU D 833 13.13 9.71 23.85
N SER D 834 14.06 10.33 24.57
CA SER D 834 14.67 9.84 25.79
C SER D 834 14.50 10.93 26.84
N ASP D 835 14.94 10.68 28.07
CA ASP D 835 14.80 11.71 29.11
C ASP D 835 15.84 12.79 28.86
N ILE D 836 15.36 13.95 28.39
CA ILE D 836 16.27 15.04 28.09
C ILE D 836 16.93 15.59 29.36
N MET D 837 16.28 15.43 30.53
CA MET D 837 16.81 15.91 31.80
C MET D 837 17.84 15.00 32.41
N LYS D 838 18.38 14.07 31.62
CA LYS D 838 19.38 13.13 32.08
C LYS D 838 20.76 13.38 31.49
N ARG D 839 20.82 13.75 30.21
CA ARG D 839 22.10 13.99 29.56
C ARG D 839 22.75 15.27 30.07
N GLN D 840 24.08 15.32 29.94
CA GLN D 840 24.86 16.46 30.37
C GLN D 840 24.65 17.64 29.41
N PRO D 841 24.96 18.86 29.87
CA PRO D 841 24.78 20.03 28.99
C PRO D 841 25.66 19.94 27.74
N ARG D 842 25.07 20.32 26.62
CA ARG D 842 25.78 20.27 25.34
C ARG D 842 27.06 21.11 25.38
N ASN D 843 28.03 20.73 24.54
CA ASN D 843 29.27 21.48 24.47
C ASN D 843 29.16 22.56 23.39
N PRO D 844 29.60 23.79 23.68
CA PRO D 844 29.48 24.86 22.68
C PRO D 844 30.51 24.82 21.56
N LYS D 845 31.73 24.39 21.85
CA LYS D 845 32.76 24.36 20.82
C LYS D 845 32.64 23.16 19.89
N THR D 846 32.14 22.02 20.37
CA THR D 846 32.08 20.84 19.52
C THR D 846 30.70 20.50 18.98
N ASP D 847 29.68 20.40 19.83
CA ASP D 847 28.35 20.06 19.33
C ASP D 847 27.70 21.32 18.80
N LYS D 848 27.32 21.28 17.54
CA LYS D 848 26.68 22.41 16.89
C LYS D 848 25.24 22.07 16.58
N LEU D 849 24.58 23.00 15.90
CA LEU D 849 23.20 22.88 15.49
C LEU D 849 23.15 22.28 14.10
N VAL D 850 24.01 22.78 13.22
CA VAL D 850 24.12 22.32 11.84
C VAL D 850 25.54 21.83 11.66
N ASN D 851 25.72 20.53 11.52
CA ASN D 851 27.01 19.89 11.33
C ASN D 851 27.04 19.22 9.96
N GLU D 852 28.20 18.68 9.60
CA GLU D 852 28.34 18.02 8.31
C GLU D 852 27.51 16.74 8.22
N ARG D 853 27.20 16.12 9.37
CA ARG D 853 26.41 14.89 9.35
C ARG D 853 25.01 15.16 8.80
N LEU D 854 24.51 16.37 8.95
CA LEU D 854 23.20 16.73 8.41
C LEU D 854 23.30 16.94 6.90
N ILE D 855 24.32 17.71 6.47
CA ILE D 855 24.55 17.97 5.05
C ILE D 855 24.70 16.66 4.29
N SER D 856 25.33 15.67 4.90
CA SER D 856 25.50 14.38 4.24
C SER D 856 24.16 13.68 4.01
N MET D 857 23.15 13.99 4.81
CA MET D 857 21.83 13.39 4.68
C MET D 857 20.93 14.16 3.72
N ALA D 858 20.70 15.44 4.02
CA ALA D 858 19.83 16.26 3.19
C ALA D 858 20.40 16.45 1.78
N TYR D 859 21.60 17.01 1.69
CA TYR D 859 22.21 17.25 0.39
C TYR D 859 22.76 15.99 -0.26
N GLY D 860 23.17 15.01 0.53
CA GLY D 860 23.75 13.80 -0.02
C GLY D 860 22.93 12.57 -0.31
N GLN D 861 22.03 12.19 0.60
CA GLN D 861 21.27 10.96 0.39
C GLN D 861 19.78 11.14 0.09
N ILE D 862 19.03 11.89 0.90
CA ILE D 862 17.60 12.01 0.66
C ILE D 862 17.32 12.91 -0.53
N GLY D 863 17.94 14.10 -0.57
CA GLY D 863 17.71 15.01 -1.68
C GLY D 863 18.07 14.40 -3.02
N MET D 864 19.07 13.52 -3.05
CA MET D 864 19.45 12.86 -4.29
C MET D 864 18.32 11.97 -4.81
N ILE D 865 17.71 11.19 -3.92
CA ILE D 865 16.61 10.33 -4.32
C ILE D 865 15.44 11.18 -4.80
N GLN D 866 15.19 12.31 -4.12
CA GLN D 866 14.13 13.21 -4.56
C GLN D 866 14.38 13.69 -5.98
N ALA D 867 15.64 13.99 -6.30
CA ALA D 867 15.99 14.43 -7.64
C ALA D 867 15.73 13.32 -8.66
N LEU D 868 16.05 12.08 -8.31
CA LEU D 868 15.81 10.98 -9.24
C LEU D 868 14.32 10.81 -9.51
N GLY D 869 13.49 10.94 -8.47
CA GLY D 869 12.06 10.82 -8.67
C GLY D 869 11.51 11.91 -9.57
N GLY D 870 11.98 13.15 -9.36
CA GLY D 870 11.52 14.24 -10.20
C GLY D 870 11.89 14.04 -11.65
N PHE D 871 13.15 13.67 -11.90
CA PHE D 871 13.58 13.43 -13.28
C PHE D 871 12.83 12.25 -13.90
N PHE D 872 12.44 11.27 -13.08
CA PHE D 872 11.70 10.13 -13.59
C PHE D 872 10.33 10.57 -14.10
N SER D 873 9.58 11.30 -13.28
CA SER D 873 8.29 11.81 -13.73
C SER D 873 8.45 12.67 -14.97
N TYR D 874 9.53 13.45 -15.03
CA TYR D 874 9.82 14.30 -16.18
C TYR D 874 9.91 13.49 -17.46
N PHE D 875 10.87 12.55 -17.51
CA PHE D 875 11.06 11.71 -18.68
C PHE D 875 9.78 10.98 -19.05
N VAL D 876 8.97 10.59 -18.06
CA VAL D 876 7.72 9.90 -18.38
C VAL D 876 6.79 10.83 -19.15
N ILE D 877 6.62 12.07 -18.68
CA ILE D 877 5.72 12.99 -19.37
C ILE D 877 6.20 13.23 -20.80
N LEU D 878 7.51 13.43 -20.98
CA LEU D 878 7.99 13.68 -22.34
C LEU D 878 7.97 12.44 -23.22
N ALA D 879 8.07 11.24 -22.64
CA ALA D 879 8.05 10.03 -23.44
C ALA D 879 6.64 9.67 -23.88
N GLU D 880 5.63 10.00 -23.07
CA GLU D 880 4.26 9.66 -23.45
C GLU D 880 3.73 10.59 -24.55
N ASN D 881 4.24 11.81 -24.64
CA ASN D 881 3.79 12.75 -25.66
C ASN D 881 4.56 12.65 -26.98
N GLY D 882 5.63 11.87 -27.03
CA GLY D 882 6.36 11.74 -28.29
C GLY D 882 7.85 12.02 -28.29
N PHE D 883 8.40 12.55 -27.19
CA PHE D 883 9.82 12.88 -27.11
C PHE D 883 10.54 11.85 -26.25
N LEU D 884 11.14 10.86 -26.90
CA LEU D 884 11.87 9.80 -26.23
C LEU D 884 13.17 10.32 -25.61
N PRO D 885 13.71 9.63 -24.60
CA PRO D 885 14.94 10.10 -23.96
C PRO D 885 16.15 10.23 -24.86
N MET D 886 16.23 9.45 -25.95
CA MET D 886 17.40 9.55 -26.82
C MET D 886 17.42 10.84 -27.62
N ASP D 887 16.24 11.37 -27.97
CA ASP D 887 16.16 12.59 -28.76
C ASP D 887 16.10 13.88 -27.94
N LEU D 888 16.08 13.80 -26.61
CA LEU D 888 16.01 15.03 -25.82
C LEU D 888 17.38 15.67 -25.62
N ILE D 889 18.44 14.87 -25.63
CA ILE D 889 19.80 15.38 -25.42
C ILE D 889 20.25 16.15 -26.67
N GLY D 890 20.48 17.46 -26.51
CA GLY D 890 20.92 18.31 -27.60
C GLY D 890 19.86 19.13 -28.28
N LYS D 891 18.69 19.28 -27.66
CA LYS D 891 17.57 19.98 -28.25
C LYS D 891 17.32 21.41 -27.76
N ARG D 892 17.83 21.78 -26.57
CA ARG D 892 17.55 23.10 -26.01
C ARG D 892 17.67 24.28 -26.98
N VAL D 893 18.66 24.25 -27.88
CA VAL D 893 18.84 25.38 -28.78
C VAL D 893 17.62 25.55 -29.68
N ARG D 894 17.05 24.45 -30.17
CA ARG D 894 15.86 24.56 -30.99
C ARG D 894 14.59 24.46 -30.16
N TRP D 895 14.66 23.83 -28.99
CA TRP D 895 13.48 23.75 -28.13
C TRP D 895 13.12 25.13 -27.59
N ASP D 896 14.09 26.03 -27.49
CA ASP D 896 13.81 27.36 -26.96
C ASP D 896 13.48 28.41 -28.03
N ASP D 897 14.12 28.36 -29.20
CA ASP D 897 13.89 29.31 -30.28
C ASP D 897 12.40 29.61 -30.47
N ARG D 898 12.07 30.90 -30.55
CA ARG D 898 10.68 31.34 -30.71
C ARG D 898 10.20 31.35 -32.14
N TRP D 899 11.08 31.11 -33.13
CA TRP D 899 10.66 31.18 -34.53
C TRP D 899 10.74 29.85 -35.29
N ILE D 900 11.05 28.74 -34.63
CA ILE D 900 11.12 27.42 -35.28
C ILE D 900 9.79 26.71 -35.01
N SER D 901 8.88 26.76 -35.99
CA SER D 901 7.56 26.15 -35.87
C SER D 901 7.51 24.72 -36.40
N ASP D 902 8.64 24.01 -36.43
CA ASP D 902 8.62 22.62 -36.90
C ASP D 902 9.75 21.86 -36.21
N VAL D 903 9.46 21.28 -35.04
CA VAL D 903 10.44 20.52 -34.28
C VAL D 903 10.04 19.05 -34.32
N GLU D 904 10.85 18.24 -34.99
CA GLU D 904 10.59 16.83 -35.13
C GLU D 904 10.86 16.08 -33.82
N ASP D 905 9.94 15.19 -33.47
CA ASP D 905 10.09 14.37 -32.27
C ASP D 905 10.58 12.98 -32.68
N SER D 906 10.63 12.08 -31.71
CA SER D 906 11.11 10.72 -31.96
C SER D 906 10.25 9.95 -32.96
N PHE D 907 9.02 10.36 -33.20
CA PHE D 907 8.15 9.65 -34.13
C PHE D 907 7.98 10.34 -35.47
N GLY D 908 8.51 11.55 -35.64
CA GLY D 908 8.39 12.27 -36.90
C GLY D 908 7.35 13.36 -36.93
N GLN D 909 6.66 13.63 -35.82
CA GLN D 909 5.66 14.68 -35.81
C GLN D 909 6.33 16.05 -35.76
N GLN D 910 5.58 17.09 -36.17
CA GLN D 910 6.08 18.46 -36.21
C GLN D 910 5.32 19.31 -35.20
N TRP D 911 6.04 19.76 -34.18
CA TRP D 911 5.50 20.54 -33.07
C TRP D 911 5.83 22.03 -33.16
N THR D 912 4.80 22.87 -33.05
CA THR D 912 5.04 24.32 -33.05
C THR D 912 5.66 24.72 -31.71
N TYR D 913 6.04 25.99 -31.61
CA TYR D 913 6.71 26.48 -30.40
C TYR D 913 5.81 26.44 -29.16
N GLU D 914 4.62 27.04 -29.25
CA GLU D 914 3.73 27.06 -28.09
C GLU D 914 3.29 25.67 -27.68
N GLN D 915 3.17 24.75 -28.64
CA GLN D 915 2.74 23.40 -28.31
C GLN D 915 3.78 22.68 -27.46
N ARG D 916 5.07 22.80 -27.81
CA ARG D 916 6.10 22.16 -26.99
C ARG D 916 6.24 22.86 -25.65
N LYS D 917 5.99 24.18 -25.60
CA LYS D 917 6.09 24.88 -24.33
C LYS D 917 5.00 24.42 -23.35
N ILE D 918 3.80 24.12 -23.86
CA ILE D 918 2.74 23.65 -22.96
C ILE D 918 3.16 22.35 -22.28
N VAL D 919 3.81 21.46 -23.03
CA VAL D 919 4.27 20.21 -22.44
C VAL D 919 5.36 20.46 -21.41
N GLU D 920 6.28 21.40 -21.68
CA GLU D 920 7.30 21.68 -20.68
C GLU D 920 6.69 22.19 -19.38
N PHE D 921 5.65 23.01 -19.49
CA PHE D 921 4.99 23.51 -18.28
C PHE D 921 4.26 22.39 -17.54
N THR D 922 3.62 21.48 -18.27
CA THR D 922 2.99 20.35 -17.60
C THR D 922 4.05 19.51 -16.90
N CYS D 923 5.29 19.52 -17.41
CA CYS D 923 6.38 18.82 -16.75
C CYS D 923 6.79 19.55 -15.47
N HIS D 924 6.67 20.88 -15.44
CA HIS D 924 6.97 21.59 -14.20
C HIS D 924 5.95 21.24 -13.13
N THR D 925 4.68 21.16 -13.53
CA THR D 925 3.62 20.82 -12.59
C THR D 925 3.82 19.42 -11.99
N SER D 926 4.10 18.44 -12.85
CA SER D 926 4.31 17.10 -12.30
C SER D 926 5.59 17.01 -11.48
N PHE D 927 6.61 17.80 -11.83
CA PHE D 927 7.84 17.78 -11.02
C PHE D 927 7.55 18.30 -9.61
N PHE D 928 6.76 19.36 -9.51
CA PHE D 928 6.39 19.94 -8.22
C PHE D 928 5.56 18.94 -7.40
N ILE D 929 4.66 18.21 -8.07
CA ILE D 929 3.87 17.21 -7.37
C ILE D 929 4.75 16.05 -6.90
N SER D 930 5.77 15.68 -7.69
CA SER D 930 6.69 14.64 -7.26
C SER D 930 7.43 15.09 -6.02
N ILE D 931 7.78 16.38 -5.95
CA ILE D 931 8.45 16.90 -4.77
C ILE D 931 7.57 16.74 -3.54
N VAL D 932 6.29 17.06 -3.66
CA VAL D 932 5.39 16.91 -2.51
C VAL D 932 5.34 15.44 -2.07
N VAL D 933 5.23 14.54 -3.04
CA VAL D 933 5.16 13.11 -2.74
C VAL D 933 6.40 12.65 -1.99
N VAL D 934 7.59 13.10 -2.39
CA VAL D 934 8.79 12.68 -1.66
C VAL D 934 8.90 13.41 -0.31
N GLN D 935 8.30 14.59 -0.19
CA GLN D 935 8.36 15.27 1.09
C GLN D 935 7.52 14.53 2.13
N TRP D 936 6.55 13.73 1.70
CA TRP D 936 5.81 12.92 2.67
C TRP D 936 6.76 12.04 3.48
N ALA D 937 7.52 11.20 2.76
CA ALA D 937 8.47 10.31 3.41
C ALA D 937 9.60 11.09 4.08
N ASP D 938 9.91 12.30 3.60
CA ASP D 938 10.96 13.05 4.29
C ASP D 938 10.46 13.58 5.62
N LEU D 939 9.21 14.02 5.70
CA LEU D 939 8.65 14.51 6.96
C LEU D 939 8.50 13.36 7.95
N ILE D 940 8.26 12.15 7.45
CA ILE D 940 8.13 11.01 8.34
C ILE D 940 9.50 10.53 8.82
N ILE D 941 10.52 10.56 7.97
CA ILE D 941 11.84 10.13 8.42
C ILE D 941 12.52 11.23 9.24
N CYS D 942 12.04 12.47 9.14
CA CYS D 942 12.57 13.57 9.92
C CYS D 942 11.85 13.72 11.25
N LYS D 943 10.69 13.06 11.41
CA LYS D 943 9.97 13.13 12.68
C LYS D 943 10.82 12.61 13.84
N THR D 944 11.52 11.49 13.63
CA THR D 944 12.38 10.89 14.66
C THR D 944 13.82 10.87 14.17
N ARG D 945 14.74 11.34 15.01
CA ARG D 945 16.15 11.33 14.64
C ARG D 945 16.78 9.97 14.90
N ARG D 946 16.35 9.27 15.95
CA ARG D 946 16.89 7.96 16.28
C ARG D 946 15.81 6.88 16.35
N ASN D 947 14.80 7.11 17.21
CA ASN D 947 13.70 6.16 17.44
C ASN D 947 12.95 5.79 16.17
N SER D 948 12.14 4.74 16.24
CA SER D 948 11.36 4.27 15.11
C SER D 948 9.97 4.90 15.12
N ILE D 949 9.30 4.85 13.97
CA ILE D 949 7.95 5.41 13.88
C ILE D 949 6.96 4.54 14.65
N PHE D 950 7.17 3.22 14.65
CA PHE D 950 6.27 2.32 15.37
C PHE D 950 6.44 2.40 16.88
N GLN D 951 7.40 3.20 17.37
CA GLN D 951 7.60 3.39 18.79
C GLN D 951 7.03 4.74 19.22
N GLN D 952 7.59 5.84 18.71
CA GLN D 952 7.12 7.18 19.05
C GLN D 952 5.63 7.28 18.79
N GLY D 953 5.25 7.19 17.51
CA GLY D 953 3.86 7.23 17.11
C GLY D 953 3.49 8.53 16.42
N MET D 954 2.43 8.44 15.62
CA MET D 954 1.89 9.57 14.87
C MET D 954 0.79 10.26 15.68
N LYS D 955 1.18 10.71 16.87
CA LYS D 955 0.25 11.40 17.76
C LYS D 955 0.24 12.91 17.53
N ASN D 956 1.12 13.40 16.67
CA ASN D 956 1.20 14.82 16.33
C ASN D 956 0.12 15.12 15.31
N LYS D 957 -0.91 15.86 15.73
CA LYS D 957 -2.01 16.19 14.84
C LYS D 957 -1.65 17.25 13.81
N ILE D 958 -0.69 18.12 14.13
CA ILE D 958 -0.30 19.16 13.19
C ILE D 958 0.41 18.56 11.97
N LEU D 959 1.27 17.56 12.20
CA LEU D 959 1.97 16.93 11.08
C LEU D 959 0.98 16.26 10.11
N ILE D 960 -0.03 15.57 10.65
CA ILE D 960 -1.04 14.93 9.81
C ILE D 960 -1.77 15.99 8.99
N PHE D 961 -2.13 17.09 9.66
CA PHE D 961 -2.79 18.18 8.95
C PHE D 961 -1.88 18.77 7.88
N GLY D 962 -0.57 18.80 8.14
CA GLY D 962 0.37 19.32 7.16
C GLY D 962 0.40 18.48 5.90
N LEU D 963 0.42 17.15 6.06
CA LEU D 963 0.41 16.28 4.88
C LEU D 963 -0.87 16.49 4.06
N PHE D 964 -2.02 16.47 4.74
CA PHE D 964 -3.29 16.64 4.02
C PHE D 964 -3.34 17.97 3.27
N GLU D 965 -2.97 19.07 3.94
CA GLU D 965 -3.01 20.38 3.28
C GLU D 965 -2.00 20.47 2.16
N GLU D 966 -0.81 19.88 2.36
CA GLU D 966 0.23 19.89 1.35
C GLU D 966 -0.26 19.23 0.07
N THR D 967 -1.08 18.19 0.18
CA THR D 967 -1.61 17.56 -1.03
C THR D 967 -2.74 18.37 -1.65
N ALA D 968 -3.64 18.90 -0.80
CA ALA D 968 -4.77 19.67 -1.32
C ALA D 968 -4.30 20.90 -2.10
N LEU D 969 -3.23 21.55 -1.63
CA LEU D 969 -2.73 22.73 -2.32
C LEU D 969 -2.19 22.40 -3.71
N ALA D 970 -1.46 21.29 -3.85
CA ALA D 970 -0.93 20.92 -5.17
C ALA D 970 -2.06 20.61 -6.13
N ALA D 971 -3.07 19.87 -5.65
CA ALA D 971 -4.19 19.57 -6.53
C ALA D 971 -4.92 20.85 -6.93
N PHE D 972 -5.06 21.78 -5.98
CA PHE D 972 -5.74 23.03 -6.29
C PHE D 972 -4.98 23.86 -7.32
N LEU D 973 -3.66 23.96 -7.16
CA LEU D 973 -2.87 24.74 -8.11
C LEU D 973 -2.90 24.11 -9.48
N SER D 974 -3.11 22.81 -9.58
CA SER D 974 -3.12 22.28 -10.94
C SER D 974 -4.50 22.29 -11.61
N TYR D 975 -5.54 21.88 -10.88
CA TYR D 975 -6.88 21.74 -11.47
C TYR D 975 -7.76 22.98 -11.54
N CYS D 976 -7.43 24.08 -10.85
CA CYS D 976 -8.32 25.23 -10.88
C CYS D 976 -8.25 25.94 -12.23
N PRO D 977 -9.39 26.26 -12.85
CA PRO D 977 -9.35 26.98 -14.14
C PRO D 977 -8.65 28.32 -13.98
N GLY D 978 -8.00 28.75 -15.07
CA GLY D 978 -7.30 30.00 -15.00
C GLY D 978 -5.97 29.94 -14.27
N THR D 979 -5.50 28.74 -13.91
CA THR D 979 -4.20 28.64 -13.27
C THR D 979 -3.12 28.52 -14.33
N ASP D 980 -3.44 27.83 -15.43
CA ASP D 980 -2.55 27.68 -16.57
C ASP D 980 -2.36 29.01 -17.31
N VAL D 981 -3.14 30.02 -16.91
CA VAL D 981 -3.07 31.36 -17.48
C VAL D 981 -2.29 32.29 -16.56
N ALA D 982 -2.59 32.22 -15.26
CA ALA D 982 -1.95 33.04 -14.26
C ALA D 982 -0.57 32.52 -13.87
N LEU D 983 -0.48 31.26 -13.40
CA LEU D 983 0.77 30.69 -12.93
C LEU D 983 1.44 29.71 -13.90
N ARG D 984 0.81 29.34 -15.01
CA ARG D 984 1.38 28.41 -15.98
C ARG D 984 1.55 27.00 -15.44
N MET D 985 0.48 26.41 -14.93
CA MET D 985 0.47 25.03 -14.41
C MET D 985 -0.74 24.36 -15.05
N TYR D 986 -0.49 23.34 -15.87
CA TYR D 986 -1.55 22.63 -16.58
C TYR D 986 -2.01 21.38 -15.84
N PRO D 987 -3.23 20.93 -16.12
CA PRO D 987 -3.75 19.73 -15.44
C PRO D 987 -2.95 18.49 -15.80
N LEU D 988 -2.93 17.54 -14.88
CA LEU D 988 -2.21 16.29 -15.06
C LEU D 988 -3.17 15.15 -15.30
N LYS D 989 -2.70 14.18 -16.04
CA LYS D 989 -3.53 13.01 -16.24
C LYS D 989 -3.34 12.08 -15.04
N PRO D 990 -4.38 11.37 -14.63
CA PRO D 990 -4.29 10.55 -13.40
C PRO D 990 -3.19 9.50 -13.36
N SER D 991 -2.64 9.05 -14.48
CA SER D 991 -1.61 8.04 -14.38
C SER D 991 -0.25 8.60 -13.99
N TRP D 992 -0.03 9.90 -14.14
CA TRP D 992 1.26 10.49 -13.81
C TRP D 992 1.50 10.61 -12.31
N TRP D 993 0.47 11.00 -11.55
CA TRP D 993 0.59 11.19 -10.10
C TRP D 993 1.25 10.04 -9.36
N PHE D 994 1.37 8.87 -10.01
CA PHE D 994 1.95 7.69 -9.38
C PHE D 994 3.40 7.42 -9.80
N CYS D 995 4.09 8.39 -10.40
CA CYS D 995 5.47 8.16 -10.81
C CYS D 995 6.47 8.36 -9.69
N ALA D 996 6.10 9.04 -8.61
CA ALA D 996 7.00 9.30 -7.50
C ALA D 996 6.80 8.39 -6.30
N PHE D 997 5.73 7.59 -6.28
CA PHE D 997 5.45 6.71 -5.14
C PHE D 997 6.59 5.74 -4.79
N PRO D 998 7.19 5.00 -5.74
CA PRO D 998 8.26 4.06 -5.35
C PRO D 998 9.45 4.74 -4.69
N TYR D 999 9.84 5.91 -5.18
CA TYR D 999 10.96 6.61 -4.58
C TYR D 999 10.66 6.98 -3.13
N SER D 1000 9.42 7.38 -2.85
CA SER D 1000 9.03 7.74 -1.49
C SER D 1000 9.11 6.52 -0.57
N LEU D 1001 8.56 5.38 -1.02
CA LEU D 1001 8.65 4.20 -0.16
C LEU D 1001 10.10 3.83 0.11
N ILE D 1002 10.94 3.94 -0.92
CA ILE D 1002 12.35 3.61 -0.76
C ILE D 1002 13.00 4.53 0.26
N ILE D 1003 12.68 5.82 0.21
CA ILE D 1003 13.24 6.76 1.18
C ILE D 1003 12.86 6.33 2.59
N PHE D 1004 11.61 5.92 2.76
CA PHE D 1004 11.12 5.49 4.06
C PHE D 1004 11.87 4.25 4.56
N LEU D 1005 12.06 3.26 3.67
CA LEU D 1005 12.74 2.03 4.08
C LEU D 1005 14.22 2.28 4.38
N TYR D 1006 14.88 3.10 3.56
CA TYR D 1006 16.28 3.39 3.78
C TYR D 1006 16.49 4.07 5.13
N ASP D 1007 15.73 5.13 5.40
CA ASP D 1007 15.90 5.79 6.69
C ASP D 1007 15.48 4.90 7.84
N GLU D 1008 14.50 4.00 7.64
CA GLU D 1008 14.11 3.12 8.73
C GLU D 1008 15.25 2.18 9.09
N MET D 1009 15.91 1.60 8.09
CA MET D 1009 17.04 0.71 8.43
C MET D 1009 18.21 1.54 8.96
N ARG D 1010 18.28 2.81 8.57
CA ARG D 1010 19.34 3.68 9.07
C ARG D 1010 19.20 3.87 10.58
N ARG D 1011 18.00 4.24 11.02
CA ARG D 1011 17.65 4.48 12.44
C ARG D 1011 17.55 3.21 13.25
N PHE D 1012 18.06 2.10 12.72
CA PHE D 1012 18.04 0.79 13.36
C PHE D 1012 19.42 0.34 13.80
N ILE D 1013 20.42 0.50 12.93
CA ILE D 1013 21.79 0.13 13.28
C ILE D 1013 22.31 1.10 14.33
N ILE D 1014 21.81 2.34 14.33
CA ILE D 1014 22.22 3.31 15.34
C ILE D 1014 21.78 2.84 16.72
N ARG D 1015 20.58 2.28 16.80
CA ARG D 1015 20.07 1.78 18.08
C ARG D 1015 20.83 0.54 18.52
N ARG D 1016 20.89 -0.47 17.65
CA ARG D 1016 21.58 -1.69 18.03
C ARG D 1016 23.09 -1.48 18.20
N SER D 1017 23.71 -0.64 17.37
CA SER D 1017 25.15 -0.42 17.41
C SER D 1017 25.55 0.99 17.84
N PRO D 1018 25.72 1.25 19.13
CA PRO D 1018 26.11 2.60 19.61
C PRO D 1018 27.60 2.86 19.50
N GLY D 1019 27.96 3.91 18.74
CA GLY D 1019 29.34 4.30 18.54
C GLY D 1019 29.96 3.87 17.23
N GLY D 1020 29.24 3.11 16.41
CA GLY D 1020 29.74 2.62 15.15
C GLY D 1020 29.73 3.62 14.00
N TRP D 1021 30.07 3.08 12.82
CA TRP D 1021 30.17 3.86 11.60
C TRP D 1021 28.91 4.67 11.31
N VAL D 1022 27.74 4.04 11.38
CA VAL D 1022 26.49 4.73 11.10
C VAL D 1022 26.28 5.91 12.03
N GLU D 1023 26.84 5.84 13.25
CA GLU D 1023 26.66 6.93 14.19
C GLU D 1023 27.60 8.10 13.91
N GLN D 1024 28.90 7.85 13.76
CA GLN D 1024 29.80 8.96 13.48
C GLN D 1024 29.73 9.40 12.03
N GLU D 1025 28.83 8.82 11.23
CA GLU D 1025 28.68 9.22 9.85
C GLU D 1025 27.30 9.80 9.52
N THR D 1026 26.21 9.43 10.21
CA THR D 1026 24.89 9.96 9.86
C THR D 1026 24.02 10.49 10.99
N TYR D 1027 24.46 10.51 12.25
CA TYR D 1027 23.62 10.94 13.38
C TYR D 1027 23.73 12.45 13.65
N TYR D 1028 22.94 13.22 12.90
CA TYR D 1028 22.84 14.70 12.96
C TYR D 1028 23.64 15.41 14.08
N GLY E 12 45.14 26.53 13.87
CA GLY E 12 43.94 26.51 13.06
C GLY E 12 44.20 26.32 11.59
N TRP E 13 44.55 27.42 10.92
CA TRP E 13 44.83 27.41 9.49
C TRP E 13 45.71 26.24 9.06
N LYS E 14 46.84 26.07 9.74
CA LYS E 14 47.79 25.02 9.38
C LYS E 14 47.38 23.64 9.90
N LYS E 15 46.96 23.55 11.16
CA LYS E 15 46.64 22.26 11.75
C LYS E 15 45.48 21.56 11.02
N PHE E 16 44.34 22.24 10.87
CA PHE E 16 43.19 21.61 10.23
C PHE E 16 43.49 21.20 8.80
N LEU E 17 44.71 21.45 8.34
CA LEU E 17 45.16 21.05 7.02
C LEU E 17 46.06 19.84 7.06
N TRP E 18 46.97 19.78 8.03
CA TRP E 18 47.87 18.65 8.18
C TRP E 18 48.56 18.66 9.54
N ASP E 19 48.24 17.70 10.40
CA ASP E 19 48.89 17.55 11.69
C ASP E 19 49.73 16.28 11.58
N SER E 20 50.81 16.18 12.34
CA SER E 20 51.66 15.01 12.18
C SER E 20 51.66 14.05 13.37
N GLU E 21 50.75 14.23 14.33
CA GLU E 21 50.70 13.27 15.43
C GLU E 21 49.66 12.21 15.15
N LYS E 22 48.46 12.62 14.76
CA LYS E 22 47.38 11.72 14.41
C LYS E 22 47.40 11.33 12.93
N LYS E 23 48.36 11.87 12.16
CA LYS E 23 48.52 11.60 10.72
C LYS E 23 47.21 11.85 9.97
N GLU E 24 46.63 13.02 10.19
CA GLU E 24 45.36 13.42 9.60
C GLU E 24 45.53 14.47 8.52
N PHE E 25 44.68 14.38 7.48
CA PHE E 25 44.63 15.34 6.40
C PHE E 25 43.21 15.87 6.31
N LEU E 26 43.05 17.19 6.48
CA LEU E 26 41.77 17.89 6.41
C LEU E 26 40.83 17.53 7.56
N GLY E 27 41.23 16.55 8.38
CA GLY E 27 40.42 16.13 9.51
C GLY E 27 40.34 14.63 9.74
N ARG E 28 40.39 13.81 8.70
CA ARG E 28 40.35 12.37 8.90
C ARG E 28 41.70 11.75 8.53
N THR E 29 41.80 10.44 8.73
CA THR E 29 42.98 9.65 8.41
C THR E 29 42.82 9.01 7.04
N GLY E 30 43.73 8.11 6.71
CA GLY E 30 43.67 7.45 5.41
C GLY E 30 42.49 6.50 5.24
N SER E 31 42.18 5.70 6.27
CA SER E 31 41.10 4.72 6.18
C SER E 31 39.70 5.32 6.15
N SER E 32 39.52 6.55 6.64
CA SER E 32 38.18 7.13 6.62
C SER E 32 37.77 7.53 5.22
N TRP E 33 38.66 8.26 4.51
CA TRP E 33 38.35 8.67 3.14
C TRP E 33 37.98 7.44 2.31
N PHE E 34 38.60 6.31 2.59
CA PHE E 34 38.29 5.09 1.85
C PHE E 34 36.93 4.53 2.24
N LYS E 35 36.61 4.51 3.54
CA LYS E 35 35.28 4.00 3.92
C LYS E 35 34.17 4.85 3.30
N ILE E 36 34.34 6.18 3.34
CA ILE E 36 33.31 7.06 2.79
C ILE E 36 33.24 6.96 1.26
N PHE E 37 34.40 6.93 0.58
CA PHE E 37 34.39 6.84 -0.87
C PHE E 37 33.73 5.54 -1.32
N LEU E 38 34.08 4.43 -0.67
CA LEU E 38 33.48 3.15 -1.02
C LEU E 38 31.97 3.16 -0.77
N PHE E 39 31.54 3.76 0.35
CA PHE E 39 30.11 3.82 0.62
C PHE E 39 29.37 4.60 -0.45
N TYR E 40 29.88 5.77 -0.82
CA TYR E 40 29.19 6.54 -1.85
C TYR E 40 29.25 5.88 -3.21
N LEU E 41 30.32 5.13 -3.49
CA LEU E 41 30.37 4.44 -4.76
C LEU E 41 29.29 3.37 -4.83
N ILE E 42 29.14 2.58 -3.77
CA ILE E 42 28.09 1.55 -3.76
C ILE E 42 26.71 2.18 -3.78
N PHE E 43 26.51 3.23 -2.98
CA PHE E 43 25.21 3.90 -2.91
C PHE E 43 24.79 4.47 -4.26
N TYR E 44 25.66 5.28 -4.87
CA TYR E 44 25.35 5.86 -6.18
C TYR E 44 25.22 4.79 -7.24
N GLY E 45 25.97 3.69 -7.13
CA GLY E 45 25.82 2.61 -8.10
C GLY E 45 24.44 2.00 -8.03
N CYS E 46 23.94 1.75 -6.82
CA CYS E 46 22.59 1.22 -6.66
C CYS E 46 21.56 2.21 -7.19
N LEU E 47 21.77 3.51 -6.93
CA LEU E 47 20.87 4.53 -7.43
C LEU E 47 20.79 4.50 -8.94
N ALA E 48 21.95 4.41 -9.60
CA ALA E 48 21.99 4.36 -11.05
C ALA E 48 21.29 3.13 -11.59
N GLY E 49 21.54 1.97 -10.98
CA GLY E 49 20.90 0.75 -11.45
C GLY E 49 19.38 0.80 -11.33
N ILE E 50 18.89 1.39 -10.24
CA ILE E 50 17.45 1.49 -10.04
C ILE E 50 16.83 2.43 -11.07
N PHE E 51 17.46 3.59 -11.30
CA PHE E 51 16.93 4.51 -12.30
C PHE E 51 16.91 3.87 -13.68
N ILE E 52 17.95 3.11 -14.01
CA ILE E 52 18.01 2.46 -15.32
C ILE E 52 16.92 1.39 -15.45
N GLY E 53 16.68 0.62 -14.39
CA GLY E 53 15.60 -0.38 -14.48
C GLY E 53 14.24 0.26 -14.69
N THR E 54 13.98 1.34 -13.94
CA THR E 54 12.70 2.04 -14.10
C THR E 54 12.58 2.72 -15.46
N ILE E 55 13.69 2.95 -16.15
CA ILE E 55 13.59 3.53 -17.49
C ILE E 55 13.40 2.43 -18.54
N GLN E 56 13.93 1.22 -18.28
CA GLN E 56 13.74 0.13 -19.23
C GLN E 56 12.29 -0.32 -19.26
N VAL E 57 11.64 -0.39 -18.08
CA VAL E 57 10.23 -0.76 -18.12
C VAL E 57 9.44 0.26 -18.93
N LEU E 58 9.90 1.52 -18.93
CA LEU E 58 9.26 2.55 -19.72
C LEU E 58 9.47 2.31 -21.21
N LEU E 59 10.65 1.83 -21.59
CA LEU E 59 10.84 1.53 -23.01
C LEU E 59 9.93 0.39 -23.43
N LEU E 60 9.56 -0.48 -22.48
CA LEU E 60 8.67 -1.57 -22.82
C LEU E 60 7.19 -1.12 -22.86
N THR E 61 6.82 -0.06 -22.14
CA THR E 61 5.41 0.37 -22.13
C THR E 61 4.91 0.93 -23.47
N LEU E 62 5.65 1.86 -24.07
CA LEU E 62 5.24 2.57 -25.28
C LEU E 62 5.40 1.75 -26.57
N SER E 63 4.67 2.19 -27.60
CA SER E 63 4.66 1.60 -28.93
C SER E 63 5.58 2.36 -29.88
N ASP E 64 6.15 1.63 -30.86
CA ASP E 64 7.07 2.25 -31.81
C ASP E 64 6.37 2.91 -33.01
N PHE E 65 5.16 2.50 -33.36
CA PHE E 65 4.50 3.12 -34.51
C PHE E 65 3.47 4.18 -34.13
N GLU E 66 3.27 4.47 -32.85
CA GLU E 66 2.25 5.49 -32.57
C GLU E 66 2.35 6.15 -31.20
N PRO E 67 2.43 7.49 -31.16
CA PRO E 67 2.49 8.18 -29.86
C PRO E 67 1.19 7.94 -29.09
N LYS E 68 1.34 7.58 -27.82
CA LYS E 68 0.17 7.27 -26.99
C LYS E 68 -0.80 8.44 -26.87
N TYR E 69 -0.29 9.67 -26.78
CA TYR E 69 -1.14 10.85 -26.64
C TYR E 69 -0.95 11.79 -27.82
N GLN E 70 -2.04 12.11 -28.51
CA GLN E 70 -2.03 13.01 -29.65
C GLN E 70 -3.00 14.17 -29.48
N ASP E 71 -3.20 14.65 -28.25
CA ASP E 71 -4.12 15.76 -28.04
C ASP E 71 -3.42 17.11 -28.05
N ARG E 72 -2.11 17.15 -27.81
CA ARG E 72 -1.41 18.42 -27.81
C ARG E 72 -1.06 18.92 -29.22
N VAL E 73 -1.27 18.11 -30.26
CA VAL E 73 -0.97 18.61 -31.59
C VAL E 73 -2.20 18.47 -32.47
N ALA E 74 -3.16 19.36 -32.26
CA ALA E 74 -4.40 19.41 -33.02
C ALA E 74 -5.13 20.68 -32.62
N PRO E 75 -5.61 21.48 -33.59
CA PRO E 75 -5.37 21.13 -35.00
C PRO E 75 -3.90 21.39 -35.40
N PRO E 76 -3.54 21.24 -36.68
CA PRO E 76 -2.14 21.45 -37.06
C PRO E 76 -1.79 22.90 -37.28
N GLY E 77 -0.49 23.17 -37.17
CA GLY E 77 0.05 24.50 -37.37
C GLY E 77 0.25 24.79 -38.84
N LEU E 78 0.99 25.88 -39.10
CA LEU E 78 1.27 26.30 -40.47
C LEU E 78 2.63 27.01 -40.44
N SER E 79 3.68 26.31 -40.85
CA SER E 79 5.00 26.91 -40.83
C SER E 79 5.42 27.39 -42.21
N HIS E 80 6.51 28.14 -42.24
CA HIS E 80 6.94 28.70 -43.51
C HIS E 80 8.45 28.84 -43.58
N ALA E 81 8.89 28.89 -44.83
CA ALA E 81 10.23 29.13 -45.27
C ALA E 81 10.03 30.30 -46.22
N PRO E 82 10.83 31.37 -46.11
CA PRO E 82 11.97 31.38 -45.18
C PRO E 82 11.75 31.49 -43.68
N TYR E 83 12.92 31.38 -43.05
CA TYR E 83 13.12 31.45 -41.61
C TYR E 83 13.28 32.92 -41.28
N ALA E 84 12.19 33.56 -40.88
CA ALA E 84 12.20 34.96 -40.52
C ALA E 84 12.12 35.07 -39.00
N ILE E 85 12.96 35.92 -38.44
CA ILE E 85 13.04 36.14 -37.00
C ILE E 85 12.12 37.31 -36.66
N LYS E 86 11.13 37.06 -35.81
CA LYS E 86 10.08 38.01 -35.37
C LYS E 86 9.01 38.10 -36.43
N THR E 87 9.02 37.19 -37.42
CA THR E 87 8.05 37.16 -38.53
C THR E 87 8.15 38.43 -39.37
N GLU E 88 9.36 38.73 -39.82
CA GLU E 88 9.63 39.89 -40.65
C GLU E 88 10.62 39.51 -41.75
N ILE E 89 10.30 39.91 -42.97
CA ILE E 89 11.14 39.63 -44.14
C ILE E 89 11.48 41.00 -44.73
N SER E 90 12.63 41.55 -44.36
CA SER E 90 13.07 42.87 -44.81
C SER E 90 14.41 42.73 -45.53
N PHE E 91 14.46 43.23 -46.77
CA PHE E 91 15.69 43.13 -47.55
C PHE E 91 15.71 44.20 -48.63
N SER E 92 16.92 44.64 -48.97
CA SER E 92 17.15 45.65 -50.01
C SER E 92 17.34 44.99 -51.36
N ILE E 93 16.74 45.59 -52.40
CA ILE E 93 16.85 45.05 -53.76
C ILE E 93 18.21 45.33 -54.38
N SER E 94 19.03 46.18 -53.76
CA SER E 94 20.35 46.48 -54.32
C SER E 94 21.46 45.63 -53.67
N ASN E 95 21.59 45.72 -52.35
CA ASN E 95 22.62 44.97 -51.63
C ASN E 95 22.34 43.47 -51.68
N PRO E 96 23.18 42.67 -52.33
CA PRO E 96 22.91 41.22 -52.39
C PRO E 96 23.08 40.52 -51.06
N LYS E 97 23.92 41.03 -50.17
CA LYS E 97 24.16 40.42 -48.87
C LYS E 97 23.06 40.72 -47.85
N SER E 98 21.87 41.05 -48.34
CA SER E 98 20.72 41.35 -47.50
C SER E 98 19.71 40.22 -47.43
N TYR E 99 19.49 39.50 -48.53
CA TYR E 99 18.55 38.39 -48.56
C TYR E 99 19.24 37.03 -48.62
N GLU E 100 20.50 36.95 -48.19
CA GLU E 100 21.22 35.68 -48.22
C GLU E 100 20.70 34.71 -47.16
N SER E 101 20.45 35.22 -45.95
CA SER E 101 19.96 34.37 -44.88
C SER E 101 18.61 33.75 -45.24
N PHE E 102 17.83 34.42 -46.09
CA PHE E 102 16.53 33.90 -46.51
C PHE E 102 16.69 32.80 -47.56
N VAL E 103 17.42 33.12 -48.63
CA VAL E 103 17.64 32.16 -49.72
C VAL E 103 18.27 30.88 -49.20
N LYS E 104 19.25 31.00 -48.29
CA LYS E 104 19.85 29.78 -47.75
C LYS E 104 18.81 28.86 -47.13
N SER E 105 17.80 29.43 -46.47
CA SER E 105 16.74 28.63 -45.86
C SER E 105 15.83 28.05 -46.94
N MET E 106 15.23 28.92 -47.76
CA MET E 106 14.36 28.48 -48.86
C MET E 106 14.99 27.30 -49.57
N HIS E 107 16.27 27.45 -49.93
CA HIS E 107 17.02 26.40 -50.59
C HIS E 107 17.11 25.16 -49.72
N LYS E 108 17.37 25.32 -48.41
CA LYS E 108 17.44 24.15 -47.55
C LYS E 108 16.14 23.35 -47.58
N LEU E 109 15.01 24.05 -47.65
CA LEU E 109 13.72 23.37 -47.67
C LEU E 109 13.47 22.68 -49.02
N MET E 110 13.66 23.40 -50.11
CA MET E 110 13.42 22.82 -51.44
C MET E 110 14.43 21.74 -51.81
N ASP E 111 15.62 21.75 -51.21
CA ASP E 111 16.66 20.79 -51.50
C ASP E 111 16.27 19.36 -51.17
N LEU E 112 15.15 19.16 -50.48
CA LEU E 112 14.69 17.82 -50.11
C LEU E 112 13.71 17.24 -51.12
N TYR E 113 13.25 18.04 -52.08
CA TYR E 113 12.32 17.60 -53.11
C TYR E 113 13.01 17.34 -54.45
N ASN E 114 14.35 17.25 -54.44
CA ASN E 114 15.10 16.99 -55.67
C ASN E 114 14.62 15.68 -56.30
N GLU E 115 14.50 15.69 -57.62
CA GLU E 115 14.04 14.50 -58.33
C GLU E 115 14.99 13.32 -58.12
N SER E 116 16.29 13.60 -58.02
CA SER E 116 17.26 12.52 -57.82
C SER E 116 16.92 11.70 -56.59
N SER E 117 16.40 12.35 -55.55
CA SER E 117 16.01 11.64 -54.34
C SER E 117 14.81 10.74 -54.59
N GLN E 118 13.82 11.24 -55.36
CA GLN E 118 12.61 10.49 -55.69
C GLN E 118 12.86 9.69 -56.96
N ALA E 119 13.23 8.43 -56.82
CA ALA E 119 13.50 7.61 -57.99
C ALA E 119 13.18 6.15 -57.69
N GLY E 120 12.81 5.43 -58.75
CA GLY E 120 12.47 4.03 -58.64
C GLY E 120 11.02 3.84 -58.27
N ASN E 121 10.64 2.58 -58.08
CA ASN E 121 9.26 2.30 -57.69
C ASN E 121 9.05 2.63 -56.22
N SER E 122 10.06 2.37 -55.39
CA SER E 122 9.96 2.62 -53.97
C SER E 122 10.81 3.80 -53.53
N PRO E 123 10.39 4.52 -52.49
CA PRO E 123 9.08 4.14 -51.93
C PRO E 123 8.08 5.17 -52.44
N PHE E 124 8.49 5.85 -53.52
CA PHE E 124 7.73 6.92 -54.15
C PHE E 124 6.96 6.41 -55.37
N GLU E 125 5.65 6.28 -55.24
CA GLU E 125 4.80 5.86 -56.34
C GLU E 125 4.18 7.09 -57.01
N ASP E 126 3.94 6.98 -58.32
CA ASP E 126 3.35 8.08 -59.07
C ASP E 126 1.87 8.23 -58.71
N CYS E 127 1.47 9.44 -58.35
CA CYS E 127 0.09 9.72 -57.98
C CYS E 127 -0.52 10.74 -58.93
N SER E 128 -1.86 10.81 -58.88
CA SER E 128 -2.66 11.69 -59.73
C SER E 128 -2.07 13.10 -59.83
N ASP E 129 -1.87 13.55 -61.08
CA ASP E 129 -1.34 14.88 -61.32
C ASP E 129 -2.32 15.98 -60.93
N THR E 130 -3.58 15.62 -60.70
CA THR E 130 -4.67 16.49 -60.29
C THR E 130 -5.11 16.06 -58.88
N PRO E 131 -5.51 17.01 -58.02
CA PRO E 131 -5.93 16.64 -56.67
C PRO E 131 -6.88 15.44 -56.63
N ALA E 132 -6.72 14.58 -55.62
CA ALA E 132 -7.56 13.39 -55.51
C ALA E 132 -7.92 13.20 -54.04
N ASP E 133 -8.49 12.04 -53.74
CA ASP E 133 -8.94 11.72 -52.39
C ASP E 133 -7.84 11.04 -51.58
N TYR E 134 -8.19 10.68 -50.35
CA TYR E 134 -7.27 10.01 -49.44
C TYR E 134 -6.81 8.68 -50.02
N ILE E 135 -5.76 8.14 -49.40
CA ILE E 135 -5.20 6.85 -49.78
C ILE E 135 -4.77 6.17 -48.50
N LYS E 136 -5.33 5.00 -48.23
CA LYS E 136 -5.03 4.23 -47.03
C LYS E 136 -4.17 3.04 -47.41
N ARG E 137 -2.94 3.01 -46.88
CA ARG E 137 -2.00 1.94 -47.13
C ARG E 137 -2.05 0.89 -46.04
N GLY E 138 -3.23 0.67 -45.48
CA GLY E 138 -3.43 -0.28 -44.41
C GLY E 138 -3.42 0.38 -43.05
N ASP E 139 -3.20 -0.45 -42.03
CA ASP E 139 -3.17 0.02 -40.66
C ASP E 139 -1.76 0.50 -40.31
N LEU E 140 -1.54 0.79 -39.04
CA LEU E 140 -0.24 1.23 -38.53
C LEU E 140 0.50 0.02 -37.95
N ASP E 141 0.86 -0.90 -38.84
CA ASP E 141 1.55 -2.11 -38.46
C ASP E 141 2.81 -2.29 -39.30
N ASP E 142 3.55 -3.33 -38.96
CA ASP E 142 4.76 -3.72 -39.66
C ASP E 142 4.51 -4.87 -40.61
N SER E 143 3.26 -5.31 -40.73
CA SER E 143 2.92 -6.43 -41.59
C SER E 143 3.36 -6.19 -43.03
N GLN E 144 2.83 -5.15 -43.69
CA GLN E 144 3.26 -4.94 -45.07
C GLN E 144 4.46 -4.01 -45.20
N GLY E 145 5.48 -4.18 -44.36
CA GLY E 145 6.69 -3.39 -44.46
C GLY E 145 6.52 -1.89 -44.64
N GLN E 146 7.60 -1.23 -45.08
CA GLN E 146 7.59 0.20 -45.32
C GLN E 146 6.50 0.59 -46.31
N LYS E 147 5.65 1.53 -45.93
CA LYS E 147 4.59 1.98 -46.82
C LYS E 147 5.18 2.80 -47.96
N LYS E 148 4.33 3.26 -48.87
CA LYS E 148 4.74 4.04 -50.03
C LYS E 148 4.11 5.42 -49.98
N ALA E 149 4.89 6.46 -50.29
CA ALA E 149 4.43 7.83 -50.28
C ALA E 149 4.41 8.41 -51.69
N CYS E 150 3.48 9.34 -51.93
CA CYS E 150 3.33 9.97 -53.23
C CYS E 150 4.50 10.92 -53.52
N ARG E 151 4.85 11.03 -54.80
CA ARG E 151 5.93 11.92 -55.22
C ARG E 151 5.43 13.35 -55.36
N PHE E 152 6.29 14.31 -54.99
CA PHE E 152 5.98 15.73 -55.10
C PHE E 152 7.12 16.37 -55.87
N SER E 153 6.85 16.82 -57.09
CA SER E 153 7.88 17.41 -57.94
C SER E 153 8.10 18.88 -57.62
N ARG E 154 9.35 19.30 -57.82
CA ARG E 154 9.74 20.70 -57.59
C ARG E 154 9.03 21.62 -58.58
N MET E 155 9.16 21.33 -59.87
CA MET E 155 8.59 22.10 -60.97
C MET E 155 7.13 22.49 -60.76
N TRP E 156 6.38 21.71 -59.98
CA TRP E 156 4.99 22.07 -59.71
C TRP E 156 4.90 23.51 -59.26
N LEU E 157 5.80 23.92 -58.38
CA LEU E 157 5.86 25.32 -57.99
C LEU E 157 6.45 26.04 -59.20
N LYS E 158 5.66 26.92 -59.81
CA LYS E 158 6.11 27.55 -61.04
C LYS E 158 7.26 28.56 -60.95
N ASN E 159 6.99 29.76 -60.43
CA ASN E 159 8.07 30.74 -60.43
C ASN E 159 8.94 30.71 -59.18
N CYS E 160 8.62 29.89 -58.18
CA CYS E 160 9.48 29.79 -56.99
C CYS E 160 9.93 28.34 -56.85
N SER E 161 11.00 28.00 -57.54
CA SER E 161 11.56 26.66 -57.47
C SER E 161 13.08 26.62 -57.37
N GLY E 162 13.76 27.76 -57.49
CA GLY E 162 15.20 27.77 -57.43
C GLY E 162 15.88 27.05 -58.58
N LEU E 163 15.10 26.60 -59.56
CA LEU E 163 15.61 25.92 -60.74
C LEU E 163 15.88 26.89 -61.88
N ASP E 164 15.09 27.95 -61.96
CA ASP E 164 15.23 28.98 -62.98
C ASP E 164 15.93 30.22 -62.42
N ASP E 165 15.36 30.80 -61.37
CA ASP E 165 15.88 31.99 -60.69
C ASP E 165 16.20 31.53 -59.27
N THR E 166 17.42 31.02 -59.10
CA THR E 166 17.91 30.50 -57.81
C THR E 166 17.49 31.34 -56.62
N THR E 167 17.58 32.66 -56.76
CA THR E 167 17.21 33.57 -55.67
C THR E 167 15.75 33.40 -55.25
N TYR E 168 14.88 32.94 -56.14
CA TYR E 168 13.42 32.73 -55.98
C TYR E 168 12.59 34.00 -56.06
N GLY E 169 13.14 35.13 -56.48
CA GLY E 169 12.34 36.33 -56.57
C GLY E 169 12.87 37.55 -55.84
N TYR E 170 13.55 37.33 -54.72
CA TYR E 170 14.10 38.39 -53.88
C TYR E 170 15.01 39.34 -54.68
N ALA E 171 15.39 38.94 -55.89
CA ALA E 171 16.29 39.74 -56.69
C ALA E 171 15.64 41.00 -57.29
N GLU E 172 14.34 40.98 -57.60
CA GLU E 172 13.74 42.16 -58.20
C GLU E 172 12.46 42.61 -57.52
N GLY E 173 12.37 42.47 -56.21
CA GLY E 173 11.17 42.93 -55.51
C GLY E 173 9.92 42.12 -55.72
N LYS E 174 10.05 40.80 -55.78
CA LYS E 174 8.91 39.90 -55.95
C LYS E 174 9.27 38.65 -55.18
N PRO E 175 8.91 38.59 -53.90
CA PRO E 175 9.26 37.41 -53.10
C PRO E 175 8.22 36.31 -53.10
N CYS E 176 8.69 35.12 -52.76
CA CYS E 176 7.85 33.94 -52.64
C CYS E 176 7.90 33.47 -51.19
N VAL E 177 6.88 32.71 -50.81
CA VAL E 177 6.75 32.17 -49.46
C VAL E 177 6.17 30.77 -49.62
N VAL E 178 6.97 29.76 -49.30
CA VAL E 178 6.54 28.37 -49.40
C VAL E 178 5.91 27.99 -48.06
N ALA E 179 4.59 27.84 -48.06
CA ALA E 179 3.84 27.46 -46.87
C ALA E 179 3.77 25.94 -46.76
N LYS E 180 3.69 25.46 -45.52
CA LYS E 180 3.64 24.04 -45.27
C LYS E 180 2.79 23.71 -44.05
N LEU E 181 2.03 22.61 -44.15
CA LEU E 181 1.14 22.13 -43.10
C LEU E 181 1.90 21.13 -42.23
N ASN E 182 1.82 21.31 -40.91
CA ASN E 182 2.52 20.45 -39.97
C ASN E 182 2.07 19.00 -40.05
N ARG E 183 3.05 18.11 -40.23
CA ARG E 183 2.81 16.67 -40.35
C ARG E 183 2.29 16.06 -39.05
N ILE E 184 1.14 15.41 -39.13
CA ILE E 184 0.52 14.73 -37.98
C ILE E 184 0.16 13.31 -38.38
N ILE E 185 0.47 12.35 -37.50
CA ILE E 185 0.19 10.95 -37.76
C ILE E 185 -1.30 10.69 -37.73
N GLY E 186 -1.80 10.00 -38.74
CA GLY E 186 -3.21 9.65 -38.83
C GLY E 186 -4.16 10.81 -38.92
N PHE E 187 -3.70 11.97 -39.40
CA PHE E 187 -4.56 13.14 -39.51
C PHE E 187 -5.13 13.27 -40.92
N TYR E 188 -6.45 13.27 -41.02
CA TYR E 188 -7.13 13.41 -42.29
C TYR E 188 -7.62 14.85 -42.44
N PRO E 189 -7.16 15.61 -43.44
CA PRO E 189 -7.66 16.98 -43.60
C PRO E 189 -9.08 16.96 -44.15
N LYS E 190 -9.95 17.79 -43.58
CA LYS E 190 -11.35 17.87 -43.98
C LYS E 190 -11.72 19.28 -44.42
N PRO E 191 -11.90 19.53 -45.71
CA PRO E 191 -12.28 20.86 -46.16
C PRO E 191 -13.76 21.16 -45.95
N LEU E 192 -14.07 22.47 -45.96
CA LEU E 192 -15.43 22.93 -45.80
C LEU E 192 -16.29 22.56 -46.99
N LYS E 193 -17.58 22.28 -46.73
CA LYS E 193 -18.49 21.90 -47.78
C LYS E 193 -19.12 23.12 -48.48
N ASN E 194 -19.72 22.85 -49.64
CA ASN E 194 -20.34 23.81 -50.55
C ASN E 194 -21.62 24.48 -50.02
N THR E 195 -22.06 24.21 -48.79
CA THR E 195 -23.27 24.82 -48.27
C THR E 195 -23.21 26.35 -48.30
N THR E 196 -24.38 26.99 -48.21
CA THR E 196 -24.51 28.44 -48.24
C THR E 196 -23.61 29.18 -47.27
N ASP E 197 -23.13 28.50 -46.23
CA ASP E 197 -22.22 29.13 -45.28
C ASP E 197 -20.81 28.67 -45.62
N LEU E 198 -19.99 29.62 -46.03
CA LEU E 198 -18.61 29.43 -46.46
C LEU E 198 -18.07 30.83 -46.62
N PRO E 199 -16.78 31.07 -46.40
CA PRO E 199 -16.25 32.43 -46.59
C PRO E 199 -16.45 32.89 -48.02
N GLU E 200 -16.25 34.18 -48.23
CA GLU E 200 -16.40 34.75 -49.56
C GLU E 200 -15.41 34.11 -50.53
N GLU E 201 -14.13 34.27 -50.23
CA GLU E 201 -13.03 33.77 -51.04
C GLU E 201 -13.17 32.33 -51.56
N LEU E 202 -13.48 31.40 -50.67
CA LEU E 202 -13.53 29.96 -50.97
C LEU E 202 -14.56 29.54 -52.02
N GLN E 203 -15.59 30.34 -52.30
CA GLN E 203 -16.62 29.90 -53.23
C GLN E 203 -16.05 29.43 -54.56
N ALA E 204 -15.29 30.27 -55.25
CA ALA E 204 -14.74 29.89 -56.54
C ALA E 204 -13.71 28.77 -56.43
N ASN E 205 -13.71 27.88 -57.42
CA ASN E 205 -12.78 26.75 -57.49
C ASN E 205 -12.87 25.83 -56.29
N TYR E 206 -14.09 25.38 -56.00
CA TYR E 206 -14.28 24.43 -54.91
C TYR E 206 -13.94 23.06 -55.45
N ASN E 207 -12.76 22.57 -55.07
CA ASN E 207 -12.30 21.24 -55.42
C ASN E 207 -12.28 20.57 -54.07
N GLN E 208 -13.23 19.67 -53.84
CA GLN E 208 -13.35 19.03 -52.53
C GLN E 208 -12.01 18.48 -52.07
N TYR E 209 -11.29 17.86 -52.95
CA TYR E 209 -10.00 17.28 -52.64
C TYR E 209 -8.90 18.30 -52.35
N VAL E 210 -9.11 19.60 -52.26
CA VAL E 210 -8.03 20.55 -51.99
C VAL E 210 -8.32 21.34 -50.73
N LEU E 211 -7.32 21.43 -49.85
CA LEU E 211 -7.47 22.22 -48.63
C LEU E 211 -7.03 23.63 -48.98
N PRO E 212 -7.92 24.62 -48.94
CA PRO E 212 -7.56 25.97 -49.35
C PRO E 212 -6.73 26.77 -48.35
N LEU E 213 -5.81 27.56 -48.91
CA LEU E 213 -4.95 28.47 -48.19
C LEU E 213 -5.12 29.83 -48.84
N ARG E 214 -5.42 30.85 -48.04
CA ARG E 214 -5.62 32.18 -48.61
C ARG E 214 -5.04 33.24 -47.68
N CYS E 215 -4.23 34.12 -48.25
CA CYS E 215 -3.58 35.19 -47.52
C CYS E 215 -4.33 36.50 -47.73
N ALA E 216 -4.19 37.40 -46.78
CA ALA E 216 -4.85 38.71 -46.82
C ALA E 216 -4.04 39.67 -45.97
N ALA E 217 -4.63 40.85 -45.72
CA ALA E 217 -4.00 41.90 -44.93
C ALA E 217 -4.60 41.95 -43.53
N LYS E 218 -3.74 42.11 -42.53
CA LYS E 218 -4.20 42.16 -41.15
C LYS E 218 -5.14 43.34 -40.93
N ARG E 219 -4.76 44.52 -41.40
CA ARG E 219 -5.57 45.73 -41.24
C ARG E 219 -6.32 46.05 -42.53
N GLU E 220 -7.41 46.79 -42.37
CA GLU E 220 -8.22 47.18 -43.52
C GLU E 220 -7.48 48.13 -44.44
N GLU E 221 -6.63 48.99 -43.88
CA GLU E 221 -5.89 49.95 -44.68
C GLU E 221 -4.92 49.26 -45.63
N ASP E 222 -4.08 48.37 -45.09
CA ASP E 222 -3.05 47.66 -45.86
C ASP E 222 -3.56 46.96 -47.11
N ARG E 223 -4.86 46.69 -47.20
CA ARG E 223 -5.42 46.02 -48.37
C ARG E 223 -4.89 46.64 -49.66
N GLU E 224 -5.13 47.94 -49.82
CA GLU E 224 -4.71 48.67 -51.02
C GLU E 224 -3.21 48.56 -51.29
N LYS E 225 -2.39 48.60 -50.25
CA LYS E 225 -0.95 48.55 -50.43
C LYS E 225 -0.40 47.17 -50.77
N ILE E 226 -1.23 46.13 -50.73
CA ILE E 226 -0.82 44.77 -51.08
C ILE E 226 -1.32 44.53 -52.50
N GLY E 227 -0.44 43.98 -53.34
CA GLY E 227 -0.77 43.78 -54.73
C GLY E 227 -1.46 42.50 -55.15
N SER E 228 -0.81 41.68 -55.96
CA SER E 228 -1.41 40.45 -56.44
C SER E 228 -0.74 39.22 -55.84
N ILE E 229 -1.49 38.54 -54.97
CA ILE E 229 -1.08 37.31 -54.31
C ILE E 229 -1.30 36.17 -55.30
N GLU E 230 -0.21 35.62 -55.84
CA GLU E 230 -0.27 34.55 -56.83
C GLU E 230 0.17 33.22 -56.21
N TYR E 231 -0.80 32.35 -55.96
CA TYR E 231 -0.55 31.04 -55.35
C TYR E 231 -0.21 29.99 -56.40
N PHE E 232 0.83 29.20 -56.12
CA PHE E 232 1.27 28.10 -56.95
C PHE E 232 1.13 26.80 -56.16
N GLY E 233 0.62 25.76 -56.81
CA GLY E 233 0.45 24.50 -56.11
C GLY E 233 0.13 23.36 -57.04
N LEU E 234 -0.24 22.23 -56.42
CA LEU E 234 -0.59 21.01 -57.16
C LEU E 234 -1.88 21.23 -57.94
N GLY E 235 -1.80 21.12 -59.26
CA GLY E 235 -2.95 21.32 -60.11
C GLY E 235 -3.28 22.77 -60.39
N GLY E 236 -2.50 23.70 -59.86
CA GLY E 236 -2.73 25.12 -60.05
C GLY E 236 -3.62 25.73 -58.99
N TYR E 237 -4.14 24.94 -58.07
CA TYR E 237 -5.01 25.42 -57.01
C TYR E 237 -4.19 25.97 -55.84
N ALA E 238 -4.85 26.77 -55.02
CA ALA E 238 -4.22 27.36 -53.84
C ALA E 238 -4.54 26.52 -52.61
N GLY E 239 -4.00 25.30 -52.60
CA GLY E 239 -4.24 24.43 -51.48
C GLY E 239 -3.35 23.21 -51.47
N PHE E 240 -3.70 22.29 -50.59
CA PHE E 240 -2.99 21.03 -50.42
C PHE E 240 -3.86 19.87 -50.86
N PRO E 241 -3.35 19.00 -51.75
CA PRO E 241 -4.14 17.84 -52.21
C PRO E 241 -4.30 16.81 -51.09
N LEU E 242 -5.54 16.34 -50.91
CA LEU E 242 -5.85 15.37 -49.88
C LEU E 242 -5.17 14.02 -50.08
N GLN E 243 -4.64 13.75 -51.28
CA GLN E 243 -4.01 12.46 -51.55
C GLN E 243 -2.72 12.21 -50.77
N TYR E 244 -2.07 13.25 -50.25
CA TYR E 244 -0.84 13.07 -49.50
C TYR E 244 -1.08 12.74 -48.04
N TYR E 245 -2.30 12.36 -47.70
CA TYR E 245 -2.69 12.02 -46.35
C TYR E 245 -3.41 10.68 -46.33
N PRO E 246 -3.40 9.98 -45.19
CA PRO E 246 -2.69 10.51 -44.02
C PRO E 246 -1.20 10.17 -43.96
N TYR E 247 -0.55 10.71 -42.94
CA TYR E 247 0.87 10.47 -42.69
C TYR E 247 0.97 9.30 -41.73
N TYR E 248 1.85 8.34 -42.04
CA TYR E 248 2.01 7.15 -41.24
C TYR E 248 3.17 7.22 -40.26
N GLY E 249 3.83 8.36 -40.13
CA GLY E 249 4.92 8.37 -39.18
C GLY E 249 6.24 7.99 -39.81
N LYS E 250 7.32 8.47 -39.19
CA LYS E 250 8.68 8.21 -39.70
C LYS E 250 8.98 6.72 -39.81
N ARG E 251 8.76 5.97 -38.73
CA ARG E 251 9.08 4.54 -38.71
C ARG E 251 8.40 3.78 -39.84
N LEU E 252 7.14 4.09 -40.14
CA LEU E 252 6.43 3.36 -41.18
C LEU E 252 6.46 4.02 -42.54
N GLN E 253 6.99 5.23 -42.67
CA GLN E 253 7.00 5.90 -43.96
C GLN E 253 8.24 6.76 -44.20
N LYS E 254 9.44 6.24 -43.92
CA LYS E 254 10.62 7.05 -44.19
C LYS E 254 10.59 7.46 -45.67
N LYS E 255 11.27 8.57 -45.98
CA LYS E 255 11.29 9.10 -47.35
C LYS E 255 9.88 9.54 -47.77
N TYR E 256 9.23 10.33 -46.91
CA TYR E 256 7.89 10.84 -47.15
C TYR E 256 7.97 12.34 -47.36
N LEU E 257 7.26 12.84 -48.36
CA LEU E 257 7.24 14.25 -48.69
C LEU E 257 5.84 14.81 -48.52
N GLN E 258 5.74 15.93 -47.80
CA GLN E 258 4.52 16.65 -47.52
C GLN E 258 4.29 17.72 -48.59
N PRO E 259 3.04 17.95 -48.99
CA PRO E 259 2.79 18.97 -50.03
C PRO E 259 3.28 20.34 -49.58
N LEU E 260 3.44 21.23 -50.55
CA LEU E 260 3.90 22.58 -50.31
C LEU E 260 3.12 23.54 -51.19
N LEU E 261 3.02 24.79 -50.75
CA LEU E 261 2.28 25.78 -51.54
C LEU E 261 3.12 27.05 -51.65
N ALA E 262 3.38 27.50 -52.87
CA ALA E 262 4.17 28.71 -53.05
C ALA E 262 3.26 29.92 -53.16
N ILE E 263 3.70 31.05 -52.63
CA ILE E 263 2.92 32.29 -52.67
C ILE E 263 3.81 33.43 -53.11
N GLN E 264 3.50 34.04 -54.27
CA GLN E 264 4.27 35.17 -54.76
C GLN E 264 3.48 36.45 -54.48
N PHE E 265 4.12 37.39 -53.78
CA PHE E 265 3.48 38.66 -53.43
C PHE E 265 3.82 39.73 -54.45
N THR E 266 3.36 39.53 -55.69
CA THR E 266 3.69 40.49 -56.72
C THR E 266 3.04 41.85 -56.41
N ASN E 267 3.59 42.89 -57.05
CA ASN E 267 3.14 44.27 -56.91
C ASN E 267 3.07 44.70 -55.45
N LEU E 268 4.24 44.70 -54.81
CA LEU E 268 4.34 45.09 -53.41
C LEU E 268 4.85 46.51 -53.30
N THR E 269 4.14 47.35 -52.56
CA THR E 269 4.55 48.74 -52.38
C THR E 269 5.94 48.80 -51.79
N GLN E 270 6.74 49.75 -52.26
CA GLN E 270 8.12 49.89 -51.81
C GLN E 270 8.24 50.81 -50.59
N ASN E 271 9.22 50.48 -49.76
CA ASN E 271 9.58 51.22 -48.54
C ASN E 271 8.40 51.39 -47.56
N MET E 272 7.82 50.25 -47.17
CA MET E 272 6.72 50.29 -46.20
C MET E 272 6.39 48.90 -45.65
N GLU E 273 6.28 48.80 -44.32
CA GLU E 273 6.02 47.54 -43.64
C GLU E 273 4.58 47.05 -43.87
N LEU E 274 4.45 45.89 -44.50
CA LEU E 274 3.15 45.30 -44.79
C LEU E 274 2.94 44.02 -43.98
N ARG E 275 1.81 43.96 -43.26
CA ARG E 275 1.44 42.81 -42.41
C ARG E 275 0.49 41.91 -43.20
N ILE E 276 0.96 40.72 -43.57
CA ILE E 276 0.20 39.77 -44.35
C ILE E 276 -0.09 38.53 -43.51
N GLU E 277 -1.38 38.20 -43.37
CA GLU E 277 -1.81 37.04 -42.59
C GLU E 277 -2.36 35.99 -43.54
N CYS E 278 -1.78 34.79 -43.51
CA CYS E 278 -2.23 33.68 -44.34
C CYS E 278 -3.03 32.72 -43.47
N LYS E 279 -4.07 32.14 -44.04
CA LYS E 279 -4.92 31.25 -43.25
C LYS E 279 -5.48 30.09 -44.08
N VAL E 280 -5.44 28.88 -43.49
CA VAL E 280 -5.97 27.65 -44.06
C VAL E 280 -7.38 27.46 -43.51
N TYR E 281 -8.24 26.79 -44.27
CA TYR E 281 -9.62 26.56 -43.86
C TYR E 281 -9.95 25.07 -43.88
N GLY E 282 -10.80 24.65 -42.96
CA GLY E 282 -11.17 23.25 -42.88
C GLY E 282 -11.86 22.92 -41.58
N GLU E 283 -12.53 21.76 -41.58
CA GLU E 283 -13.28 21.31 -40.41
C GLU E 283 -12.37 21.05 -39.22
N ASN E 284 -11.44 20.10 -39.33
CA ASN E 284 -10.58 19.84 -38.17
C ASN E 284 -9.43 20.82 -38.13
N ILE E 285 -9.72 22.09 -38.36
CA ILE E 285 -8.75 23.18 -38.32
C ILE E 285 -9.34 24.24 -37.40
N ASP E 286 -8.57 24.63 -36.39
CA ASP E 286 -9.03 25.64 -35.44
C ASP E 286 -7.86 26.52 -35.07
N TYR E 287 -8.13 27.82 -34.95
CA TYR E 287 -7.11 28.78 -34.63
C TYR E 287 -7.09 29.04 -33.12
N SER E 288 -6.02 29.69 -32.67
CA SER E 288 -5.85 30.01 -31.26
C SER E 288 -5.36 31.43 -31.11
N GLU E 289 -5.98 32.18 -30.20
CA GLU E 289 -5.58 33.57 -29.97
C GLU E 289 -4.22 33.67 -29.27
N LYS E 290 -3.72 32.57 -28.73
CA LYS E 290 -2.43 32.53 -28.05
C LYS E 290 -1.30 32.05 -28.94
N ASP E 291 -1.55 31.00 -29.73
CA ASP E 291 -0.58 30.46 -30.67
C ASP E 291 -0.89 31.07 -32.02
N ARG E 292 0.00 31.95 -32.50
CA ARG E 292 -0.21 32.63 -33.77
C ARG E 292 0.30 31.83 -34.96
N PHE E 293 0.51 30.52 -34.78
CA PHE E 293 0.96 29.64 -35.84
C PHE E 293 0.04 28.45 -36.01
N ARG E 294 -1.06 28.38 -35.26
CA ARG E 294 -2.02 27.29 -35.32
C ARG E 294 -3.00 27.57 -36.45
N GLY E 295 -2.80 26.91 -37.59
CA GLY E 295 -3.67 27.09 -38.74
C GLY E 295 -3.37 28.29 -39.62
N ARG E 296 -2.91 29.38 -39.03
CA ARG E 296 -2.60 30.59 -39.76
C ARG E 296 -1.17 31.00 -39.46
N PHE E 297 -0.72 32.06 -40.12
CA PHE E 297 0.61 32.58 -39.85
C PHE E 297 0.67 34.03 -40.30
N GLU E 298 1.59 34.78 -39.70
CA GLU E 298 1.76 36.19 -40.00
C GLU E 298 3.16 36.45 -40.52
N VAL E 299 3.26 37.35 -41.48
CA VAL E 299 4.54 37.71 -42.07
C VAL E 299 4.57 39.21 -42.26
N LYS E 300 5.72 39.80 -41.97
CA LYS E 300 5.93 41.23 -42.16
C LYS E 300 6.90 41.33 -43.31
N ILE E 301 6.48 41.97 -44.40
CA ILE E 301 7.33 42.13 -45.56
C ILE E 301 7.57 43.60 -45.81
N GLU E 302 8.81 43.92 -46.13
CA GLU E 302 9.21 45.31 -46.40
C GLU E 302 10.36 45.24 -47.39
N VAL E 303 10.04 45.43 -48.67
CA VAL E 303 11.06 45.40 -49.72
C VAL E 303 11.53 46.85 -49.87
N LYS E 304 12.49 47.23 -49.04
CA LYS E 304 13.04 48.57 -49.04
C LYS E 304 14.16 48.68 -50.06
N SER E 305 13.98 49.55 -51.04
CA SER E 305 15.00 49.73 -52.07
C SER E 305 15.12 51.19 -52.49
N GLU F 24 -7.90 4.54 -38.57
CA GLU F 24 -9.10 3.74 -38.35
C GLU F 24 -10.31 4.38 -39.01
N GLY F 25 -10.09 4.98 -40.18
CA GLY F 25 -11.15 5.64 -40.91
C GLY F 25 -11.12 7.14 -40.74
N PRO F 26 -11.76 7.85 -41.67
CA PRO F 26 -11.78 9.32 -41.58
C PRO F 26 -12.41 9.84 -40.30
N ASP F 27 -13.56 9.29 -39.90
CA ASP F 27 -14.26 9.74 -38.69
C ASP F 27 -13.72 9.07 -37.42
N ASN F 28 -12.42 9.25 -37.20
CA ASN F 28 -11.71 8.74 -36.02
C ASN F 28 -11.37 9.89 -35.11
N ASP F 29 -12.12 10.98 -35.23
CA ASP F 29 -11.92 12.22 -34.50
C ASP F 29 -11.72 12.06 -33.00
N GLU F 30 -12.27 11.01 -32.40
CA GLU F 30 -12.10 10.82 -30.97
C GLU F 30 -10.64 10.64 -30.56
N ARG F 31 -9.80 10.14 -31.47
CA ARG F 31 -8.37 9.90 -31.23
C ARG F 31 -7.58 11.17 -30.92
N PHE F 32 -8.22 12.34 -31.01
CA PHE F 32 -7.53 13.59 -30.74
C PHE F 32 -8.26 14.44 -29.71
N THR F 33 -9.11 13.84 -28.89
CA THR F 33 -9.88 14.56 -27.90
C THR F 33 -9.66 13.98 -26.51
N TYR F 34 -9.67 14.85 -25.50
CA TYR F 34 -9.52 14.46 -24.11
C TYR F 34 -10.47 15.33 -23.29
N ASP F 35 -11.18 14.70 -22.36
CA ASP F 35 -12.15 15.40 -21.53
C ASP F 35 -11.47 16.01 -20.30
N TYR F 36 -10.74 17.10 -20.54
CA TYR F 36 -10.06 17.78 -19.43
C TYR F 36 -11.06 18.39 -18.46
N TYR F 37 -12.25 18.75 -18.94
CA TYR F 37 -13.27 19.33 -18.07
C TYR F 37 -13.62 18.39 -16.93
N ARG F 38 -14.04 17.17 -17.26
CA ARG F 38 -14.40 16.19 -16.23
C ARG F 38 -13.23 15.93 -15.29
N LEU F 39 -12.03 15.89 -15.84
CA LEU F 39 -10.85 15.65 -15.01
C LEU F 39 -10.66 16.75 -13.99
N ARG F 40 -10.82 18.01 -14.42
CA ARG F 40 -10.68 19.13 -13.49
C ARG F 40 -11.77 19.09 -12.42
N VAL F 41 -13.00 18.76 -12.83
CA VAL F 41 -14.10 18.69 -11.86
C VAL F 41 -13.76 17.69 -10.77
N VAL F 42 -13.37 16.47 -11.16
CA VAL F 42 -13.07 15.44 -10.17
C VAL F 42 -11.87 15.83 -9.31
N GLY F 43 -10.81 16.34 -9.94
CA GLY F 43 -9.63 16.74 -9.18
C GLY F 43 -9.95 17.79 -8.13
N LEU F 44 -10.91 18.66 -8.43
CA LEU F 44 -11.29 19.67 -7.45
C LEU F 44 -12.12 19.05 -6.33
N ILE F 45 -13.05 18.14 -6.68
CA ILE F 45 -13.84 17.49 -5.64
C ILE F 45 -12.91 16.82 -4.64
N VAL F 46 -11.91 16.11 -5.17
CA VAL F 46 -10.94 15.39 -4.34
C VAL F 46 -10.13 16.36 -3.48
N ALA F 47 -9.61 17.43 -4.08
CA ALA F 47 -8.81 18.38 -3.31
C ALA F 47 -9.62 18.91 -2.15
N ALA F 48 -10.88 19.24 -2.43
CA ALA F 48 -11.79 19.75 -1.42
C ALA F 48 -11.98 18.76 -0.28
N VAL F 49 -12.24 17.50 -0.61
CA VAL F 49 -12.44 16.48 0.42
C VAL F 49 -11.21 16.38 1.31
N LEU F 50 -10.02 16.31 0.69
CA LEU F 50 -8.80 16.23 1.47
C LEU F 50 -8.66 17.42 2.41
N CYS F 51 -9.00 18.61 1.91
CA CYS F 51 -8.93 19.81 2.76
C CYS F 51 -9.85 19.70 3.96
N VAL F 52 -11.08 19.23 3.73
CA VAL F 52 -12.04 19.07 4.82
C VAL F 52 -11.50 18.13 5.88
N ILE F 53 -11.17 16.90 5.47
CA ILE F 53 -10.63 15.87 6.35
C ILE F 53 -9.50 16.47 7.18
N GLY F 54 -8.63 17.26 6.53
CA GLY F 54 -7.55 17.89 7.27
C GLY F 54 -8.09 18.73 8.41
N ILE F 55 -9.05 19.60 8.10
CA ILE F 55 -9.63 20.45 9.15
C ILE F 55 -10.22 19.60 10.27
N ILE F 56 -10.95 18.53 9.90
CA ILE F 56 -11.55 17.65 10.90
C ILE F 56 -10.49 17.16 11.87
N ILE F 57 -9.42 16.59 11.33
CA ILE F 57 -8.35 16.08 12.18
C ILE F 57 -7.78 17.19 13.06
N LEU F 58 -7.57 18.37 12.48
CA LEU F 58 -6.98 19.48 13.24
C LEU F 58 -7.83 19.90 14.43
N LEU F 59 -9.14 20.08 14.23
CA LEU F 59 -10.00 20.55 15.31
C LEU F 59 -10.56 19.43 16.18
N ALA F 60 -10.34 18.16 15.83
CA ALA F 60 -10.89 17.05 16.61
C ALA F 60 -10.11 16.87 17.91
N GLY F 61 -10.69 17.35 19.01
CA GLY F 61 -10.09 17.27 20.32
C GLY F 61 -10.38 18.54 21.09
N LYS F 62 -10.53 19.64 20.35
CA LYS F 62 -10.87 20.94 20.93
C LYS F 62 -12.38 21.10 21.01
N CYS F 63 -13.08 19.98 21.13
CA CYS F 63 -14.53 19.90 21.20
C CYS F 63 -14.91 18.48 21.61
C1 NAG G . 33.69 -34.98 38.29
C2 NAG G . 34.53 -35.20 37.03
C3 NAG G . 34.51 -36.67 36.62
C4 NAG G . 35.02 -37.57 37.73
C5 NAG G . 34.16 -37.26 38.98
C6 NAG G . 34.59 -38.04 40.21
C7 NAG G . 34.46 -33.08 35.74
C8 NAG G . 33.83 -32.38 34.56
N2 NAG G . 34.07 -34.35 35.95
O3 NAG G . 35.23 -36.82 35.42
O4 NAG G . 34.87 -38.88 37.22
O5 NAG G . 34.17 -35.85 39.30
O6 NAG G . 35.78 -37.46 40.68
O7 NAG G . 35.26 -32.51 36.47
C1 NAG G . 35.95 -39.80 37.52
C2 NAG G . 35.33 -41.19 37.53
C3 NAG G . 36.37 -42.29 37.79
C4 NAG G . 37.51 -42.20 36.79
C5 NAG G . 38.04 -40.75 36.75
C6 NAG G . 39.06 -40.55 35.66
C7 NAG G . 32.98 -41.57 38.17
C8 NAG G . 32.00 -41.56 39.32
N2 NAG G . 34.25 -41.25 38.49
O3 NAG G . 35.70 -43.52 37.70
O4 NAG G . 38.51 -43.12 37.21
O5 NAG G . 36.99 -39.79 36.55
O6 NAG G . 38.61 -41.15 34.47
O7 NAG G . 32.63 -41.85 37.04
C1 BMA G . 38.55 -44.27 36.32
C2 BMA G . 39.99 -44.77 36.15
C3 BMA G . 40.01 -46.03 35.26
C4 BMA G . 39.12 -47.10 35.92
C5 BMA G . 37.70 -46.52 36.08
C6 BMA G . 36.66 -47.53 36.57
O2 BMA G . 40.52 -45.02 37.43
O3 BMA G . 41.34 -46.46 35.07
O4 BMA G . 39.14 -48.25 35.10
O5 BMA G . 37.73 -45.31 36.84
O6 BMA G . 35.52 -46.81 36.94
C1 MAN G . 42.19 -45.41 34.53
C2 MAN G . 42.93 -45.93 33.29
C3 MAN G . 43.99 -46.97 33.66
C4 MAN G . 44.88 -46.49 34.80
C5 MAN G . 43.98 -46.05 35.97
C6 MAN G . 44.79 -45.49 37.11
O2 MAN G . 43.53 -44.81 32.68
O3 MAN G . 44.75 -47.25 32.50
O4 MAN G . 45.73 -47.56 35.15
O5 MAN G . 43.11 -45.03 35.52
O6 MAN G . 43.94 -45.29 38.21
C1 MAN G . 34.59 -47.73 37.55
C2 MAN G . 33.83 -48.45 36.42
C3 MAN G . 32.98 -47.44 35.65
C4 MAN G . 32.05 -46.71 36.60
C5 MAN G . 32.90 -46.05 37.70
C6 MAN G . 32.04 -45.37 38.75
O2 MAN G . 33.03 -49.42 37.03
O3 MAN G . 32.28 -48.15 34.65
O4 MAN G . 31.33 -45.76 35.84
O5 MAN G . 33.68 -47.04 38.36
O6 MAN G . 32.87 -44.65 39.62
C1 FUC G . 36.42 -38.33 41.64
C2 FUC G . 37.93 -38.13 41.57
C3 FUC G . 38.28 -36.70 41.97
C4 FUC G . 37.67 -36.36 43.33
C5 FUC G . 36.17 -36.67 43.29
C6 FUC G . 35.52 -36.43 44.63
O2 FUC G . 38.37 -38.49 40.29
O3 FUC G . 39.68 -36.57 41.94
O4 FUC G . 38.35 -37.13 44.28
O5 FUC G . 35.97 -38.03 42.92
C1 NAG H . 23.34 -42.28 54.58
C2 NAG H . 22.81 -43.69 54.89
C3 NAG H . 23.71 -44.43 55.89
C4 NAG H . 25.19 -44.36 55.53
C5 NAG H . 25.59 -42.88 55.31
C6 NAG H . 26.99 -42.68 54.76
C7 NAG H . 20.35 -43.85 54.68
C8 NAG H . 19.04 -43.71 55.43
N2 NAG H . 21.46 -43.62 55.40
O3 NAG H . 23.26 -45.76 55.93
O4 NAG H . 25.90 -45.18 56.48
O5 NAG H . 24.73 -42.35 54.32
O6 NAG H . 27.22 -41.31 54.54
O7 NAG H . 20.38 -44.15 53.50
C1 NAG H . 26.77 -44.59 57.48
C2 NAG H . 26.37 -45.10 58.88
C3 NAG H . 27.38 -44.62 59.92
C4 NAG H . 28.78 -45.12 59.61
C5 NAG H . 29.13 -44.66 58.18
C6 NAG H . 30.42 -45.29 57.70
C7 NAG H . 24.45 -43.82 59.94
C8 NAG H . 22.94 -43.87 60.02
N2 NAG H . 24.99 -44.80 59.18
O3 NAG H . 26.93 -45.03 61.18
O4 NAG H . 29.61 -44.51 60.57
O5 NAG H . 28.11 -44.96 57.23
O6 NAG H . 30.11 -46.37 56.84
O7 NAG H . 25.06 -42.95 60.54
C1 BMA H . 30.32 -45.44 61.44
C2 BMA H . 29.81 -45.24 62.88
C3 BMA H . 30.59 -46.19 63.83
C4 BMA H . 30.45 -47.66 63.37
C5 BMA H . 30.80 -47.79 61.87
C6 BMA H . 30.66 -49.22 61.32
O2 BMA H . 28.43 -45.42 62.87
O3 BMA H . 30.33 -45.90 65.20
O4 BMA H . 31.35 -48.41 64.17
O5 BMA H . 30.12 -46.80 61.07
O6 BMA H . 31.97 -49.76 61.19
C1 MAN H . 29.03 -46.26 65.72
C2 MAN H . 28.54 -45.03 66.51
C3 MAN H . 29.29 -44.90 67.85
C4 MAN H . 29.31 -46.21 68.64
C5 MAN H . 29.84 -47.33 67.73
C6 MAN H . 29.74 -48.67 68.42
O2 MAN H . 27.12 -44.90 66.58
O3 MAN H . 28.72 -43.83 68.58
O4 MAN H . 30.12 -46.01 69.78
O5 MAN H . 29.08 -47.40 66.53
O6 MAN H . 30.27 -49.67 67.59
C1 NAG H . 26.32 -46.04 67.00
C2 NAG H . 25.01 -45.53 67.64
C3 NAG H . 24.05 -46.70 67.91
C4 NAG H . 23.85 -47.53 66.65
C5 NAG H . 25.22 -47.98 66.15
C6 NAG H . 25.12 -48.79 64.86
C7 NAG H . 24.89 -43.49 69.05
C8 NAG H . 24.19 -42.83 67.88
N2 NAG H . 25.25 -44.78 68.85
O3 NAG H . 22.84 -46.17 68.39
O4 NAG H . 23.01 -48.60 66.98
O5 NAG H . 26.02 -46.85 65.90
O6 NAG H . 23.83 -49.36 64.75
O7 NAG H . 25.11 -42.89 70.08
C1 MAN H . 32.19 -50.80 62.16
C2 MAN H . 33.65 -50.74 62.62
C3 MAN H . 34.60 -51.16 61.51
C4 MAN H . 34.20 -52.53 60.97
C5 MAN H . 32.73 -52.50 60.54
C6 MAN H . 32.25 -53.88 60.10
O2 MAN H . 33.77 -51.59 63.75
O3 MAN H . 35.90 -51.17 62.04
O4 MAN H . 35.06 -52.81 59.88
O5 MAN H . 31.91 -52.08 61.62
O6 MAN H . 30.99 -54.12 60.68
C1 NAG I . 3.91 -19.82 60.77
C2 NAG I . 4.99 -19.42 61.76
C3 NAG I . 5.06 -20.45 62.89
C4 NAG I . 3.72 -20.63 63.60
C5 NAG I . 2.68 -20.99 62.52
C6 NAG I . 1.25 -21.01 63.01
C7 NAG I . 6.88 -18.12 60.85
C8 NAG I . 8.23 -18.23 60.17
N2 NAG I . 6.28 -19.29 61.13
O3 NAG I . 6.09 -20.09 63.78
O4 NAG I . 3.97 -21.64 64.57
O5 NAG I . 2.70 -20.07 61.45
O6 NAG I . 0.89 -19.69 63.39
O7 NAG I . 6.39 -17.04 61.11
C1 NAG I . 3.13 -21.56 65.75
C2 NAG I . 2.77 -23.01 66.11
C3 NAG I . 1.93 -23.08 67.39
C4 NAG I . 2.63 -22.34 68.52
C5 NAG I . 3.05 -20.94 68.06
C6 NAG I . 3.88 -20.22 69.10
C7 NAG I . 2.49 -24.83 64.46
C8 NAG I . 1.65 -25.33 63.33
N2 NAG I . 2.10 -23.66 65.01
O3 NAG I . 1.75 -24.44 67.67
O4 NAG I . 1.73 -22.31 69.60
O5 NAG I . 3.78 -20.97 66.84
O6 NAG I . 5.01 -21.01 69.41
O7 NAG I . 3.48 -25.45 64.86
C1 BMA I . 2.26 -23.16 70.65
C2 BMA I . 2.40 -22.37 71.96
C3 BMA I . 2.92 -23.31 73.08
C4 BMA I . 1.92 -24.47 73.23
C5 BMA I . 1.79 -25.18 71.88
C6 BMA I . 0.96 -26.46 71.90
O2 BMA I . 1.15 -21.81 72.28
O3 BMA I . 3.11 -22.55 74.26
O4 BMA I . 2.40 -25.32 74.25
O5 BMA I . 1.40 -24.27 70.86
O6 BMA I . 0.70 -26.78 70.55
C1 MAN I . 3.98 -21.42 74.02
C2 MAN I . 5.10 -21.38 75.07
C3 MAN I . 4.55 -21.04 76.45
C4 MAN I . 3.66 -19.80 76.40
C5 MAN I . 2.59 -20.00 75.33
C6 MAN I . 1.70 -18.78 75.16
O2 MAN I . 6.03 -20.43 74.64
O3 MAN I . 5.65 -20.84 77.31
O4 MAN I . 3.10 -19.62 77.69
O5 MAN I . 3.22 -20.24 74.09
O6 MAN I . 0.64 -19.11 74.31
C1 FUC I . -0.38 -19.70 64.06
C2 FUC I . -0.64 -18.35 64.73
C3 FUC I . -0.83 -17.26 63.68
C4 FUC I . -1.90 -17.67 62.67
C5 FUC I . -1.53 -19.05 62.11
C6 FUC I . -2.57 -19.57 61.13
O2 FUC I . 0.38 -18.09 65.65
O3 FUC I . -1.14 -16.07 64.36
O4 FUC I . -3.13 -17.68 63.35
O5 FUC I . -1.41 -19.98 63.17
C1 NAG J . 9.14 -50.42 56.33
C2 NAG J . 8.78 -49.90 57.72
C3 NAG J . 8.68 -51.09 58.67
C4 NAG J . 7.79 -52.21 58.14
C5 NAG J . 8.07 -52.49 56.65
C6 NAG J . 7.06 -53.39 55.98
C7 NAG J . 9.68 -47.62 57.89
C8 NAG J . 10.80 -46.77 58.44
N2 NAG J . 9.74 -48.94 58.17
O3 NAG J . 8.23 -50.61 59.92
O4 NAG J . 8.11 -53.31 58.98
O5 NAG J . 8.12 -51.28 55.91
O6 NAG J . 7.50 -53.77 54.69
O7 NAG J . 8.78 -47.12 57.22
C1 NAG J . 6.99 -54.17 59.26
C2 NAG J . 7.56 -55.58 59.44
C3 NAG J . 6.47 -56.57 59.82
C4 NAG J . 5.69 -56.07 61.03
C5 NAG J . 5.22 -54.63 60.79
C6 NAG J . 4.52 -54.05 62.00
C7 NAG J . 9.61 -55.81 58.10
C8 NAG J . 10.16 -56.31 56.78
N2 NAG J . 8.29 -55.99 58.26
O3 NAG J . 7.08 -57.81 60.06
O4 NAG J . 4.62 -56.95 61.23
O5 NAG J . 6.31 -53.79 60.44
O6 NAG J . 3.83 -52.88 61.65
O7 NAG J . 10.33 -55.28 58.92
C1 NAG K . 19.51 19.43 -55.30
C2 NAG K . 20.87 19.00 -54.75
C3 NAG K . 21.79 20.21 -54.63
C4 NAG K . 21.97 20.91 -55.97
C5 NAG K . 20.57 21.25 -56.50
C6 NAG K . 20.57 21.90 -57.86
C7 NAG K . 20.47 17.02 -53.32
C8 NAG K . 20.35 16.55 -51.89
N2 NAG K . 20.72 18.35 -53.48
O3 NAG K . 23.01 19.80 -54.06
O4 NAG K . 22.80 22.02 -55.68
O5 NAG K . 19.71 20.09 -56.54
O6 NAG K . 20.86 20.89 -58.81
O7 NAG K . 20.35 16.26 -54.25
C1 NAG K . 23.83 22.33 -56.66
C2 NAG K . 24.06 23.84 -56.55
C3 NAG K . 25.18 24.31 -57.49
C4 NAG K . 26.45 23.52 -57.27
C5 NAG K . 26.13 22.02 -57.29
C6 NAG K . 27.33 21.17 -56.91
C7 NAG K . 22.30 25.41 -55.87
C8 NAG K . 21.00 26.05 -56.30
N2 NAG K . 22.83 24.56 -56.76
O3 NAG K . 25.36 25.69 -57.25
O4 NAG K . 27.35 23.89 -58.30
O5 NAG K . 25.05 21.67 -56.42
O6 NAG K . 27.95 21.72 -55.77
O7 NAG K . 22.80 25.65 -54.79
C1 BMA K . 28.43 24.72 -57.77
C2 BMA K . 29.76 24.41 -58.49
C3 BMA K . 30.87 25.35 -57.96
C4 BMA K . 30.41 26.81 -58.18
C5 BMA K . 29.08 27.03 -57.48
C6 BMA K . 28.59 28.48 -57.47
O2 BMA K . 29.55 24.56 -59.87
O3 BMA K . 32.09 25.05 -58.59
O4 BMA K . 31.44 27.66 -57.70
O5 BMA K . 28.10 26.09 -57.92
O6 BMA K . 27.24 28.48 -57.05
C1 MAN K . 32.45 23.65 -58.43
C2 MAN K . 33.89 23.54 -57.89
C3 MAN K . 34.91 23.97 -58.93
C4 MAN K . 34.67 23.30 -60.28
C5 MAN K . 33.21 23.54 -60.69
C6 MAN K . 32.88 22.83 -61.99
O2 MAN K . 34.08 22.19 -57.53
O3 MAN K . 36.19 23.66 -58.42
O4 MAN K . 35.59 23.85 -61.19
O5 MAN K . 32.36 23.02 -59.69
O6 MAN K . 31.60 23.25 -62.40
C1 MAN K . 26.73 29.81 -57.20
C2 MAN K . 27.17 30.63 -55.97
C3 MAN K . 26.52 30.07 -54.72
C4 MAN K . 25.01 30.03 -54.88
C5 MAN K . 24.67 29.23 -56.14
C6 MAN K . 23.19 29.22 -56.44
O2 MAN K . 26.77 31.96 -56.20
O3 MAN K . 26.92 30.87 -53.62
O4 MAN K . 24.47 29.44 -53.72
O5 MAN K . 25.34 29.79 -57.26
O6 MAN K . 22.94 28.33 -57.49
C1 FUC K . 21.20 21.48 -60.07
C2 FUC K . 22.18 20.56 -60.81
C3 FUC K . 21.50 19.22 -61.09
C4 FUC K . 20.18 19.44 -61.84
C5 FUC K . 19.33 20.43 -61.05
C6 FUC K . 18.05 20.75 -61.77
O2 FUC K . 23.35 20.45 -60.05
O3 FUC K . 22.41 18.42 -61.81
O4 FUC K . 20.51 19.92 -63.12
O5 FUC K . 20.06 21.64 -60.85
C1 NAG L . 7.16 33.25 -64.36
C2 NAG L . 7.31 34.77 -64.55
C3 NAG L . 7.76 35.13 -65.98
C4 NAG L . 8.93 34.28 -66.48
C5 NAG L . 8.60 32.79 -66.28
C6 NAG L . 9.75 31.84 -66.55
C7 NAG L . 5.82 36.08 -63.08
C8 NAG L . 4.45 36.72 -62.98
N2 NAG L . 6.07 35.45 -64.24
O3 NAG L . 8.08 36.50 -65.99
O4 NAG L . 9.30 34.80 -67.77
O5 NAG L . 8.30 32.60 -64.90
O6 NAG L . 9.37 30.52 -66.26
O7 NAG L . 6.62 36.15 -62.17
C1 NAG L . 9.07 34.02 -68.97
C2 NAG L . 8.29 34.86 -69.99
C3 NAG L . 8.18 34.11 -71.33
C4 NAG L . 9.56 33.81 -71.90
C5 NAG L . 10.34 33.03 -70.84
C6 NAG L . 11.80 32.87 -71.23
C7 NAG L . 5.77 34.86 -69.64
C8 NAG L . 4.73 35.66 -68.90
N2 NAG L . 7.03 35.32 -69.46
O3 NAG L . 7.39 34.88 -72.19
O4 NAG L . 9.31 33.04 -73.05
O5 NAG L . 10.31 33.63 -69.55
O6 NAG L . 12.58 33.80 -70.53
O7 NAG L . 5.44 33.91 -70.32
C1 BMA L . 9.78 33.62 -74.30
C2 BMA L . 8.56 33.91 -75.19
C3 BMA L . 9.05 34.50 -76.54
C4 BMA L . 9.92 35.75 -76.31
C5 BMA L . 11.02 35.47 -75.28
C6 BMA L . 11.92 36.68 -74.98
O2 BMA L . 7.71 34.74 -74.46
O3 BMA L . 7.98 34.58 -77.48
O4 BMA L . 10.45 36.08 -77.58
O5 BMA L . 10.52 34.83 -74.10
O6 BMA L . 13.15 36.48 -75.66
C1 MAN L . 6.98 35.61 -77.28
C2 MAN L . 5.62 34.92 -77.48
C3 MAN L . 5.34 34.64 -78.96
C4 MAN L . 5.58 35.88 -79.84
C5 MAN L . 6.96 36.44 -79.55
C6 MAN L . 7.18 37.75 -80.28
O2 MAN L . 4.54 35.51 -76.74
O3 MAN L . 4.04 34.12 -79.10
O4 MAN L . 5.42 35.49 -81.18
O5 MAN L . 7.13 36.70 -78.16
O6 MAN L . 8.49 38.22 -80.03
C1 NAG L . 4.32 36.93 -76.84
C2 NAG L . 2.84 37.24 -76.58
C3 NAG L . 2.60 38.75 -76.47
C4 NAG L . 3.54 39.37 -75.45
C5 NAG L . 4.98 39.02 -75.84
C6 NAG L . 5.99 39.56 -74.86
C7 NAG L . 1.01 35.77 -77.36
C8 NAG L . 0.82 35.35 -75.91
N2 NAG L . 1.98 36.67 -77.58
O3 NAG L . 1.25 38.97 -76.13
O4 NAG L . 3.32 40.76 -75.44
O5 NAG L . 5.12 37.61 -75.89
O6 NAG L . 5.45 40.65 -74.16
O7 NAG L . 0.30 35.30 -78.24
C1 MAN L . 13.28 37.42 -76.76
C2 MAN L . 14.01 36.72 -77.92
C3 MAN L . 15.47 36.45 -77.57
C4 MAN L . 16.16 37.74 -77.12
C5 MAN L . 15.36 38.36 -75.97
C6 MAN L . 15.93 39.70 -75.57
O2 MAN L . 13.90 37.56 -79.03
O3 MAN L . 16.08 35.90 -78.70
O4 MAN L . 17.47 37.39 -76.73
O5 MAN L . 14.01 38.57 -76.36
O6 MAN L . 14.89 40.62 -75.40
C1 NAG M . -20.46 24.43 -55.45
C2 NAG M . -20.45 23.70 -56.79
C3 NAG M . -20.51 24.72 -57.93
C4 NAG M . -21.72 25.63 -57.81
C5 NAG M . -21.67 26.30 -56.43
C6 NAG M . -22.91 27.09 -56.06
C7 NAG M . -19.29 21.52 -56.84
C8 NAG M . -17.95 20.84 -57.03
N2 NAG M . -19.28 22.87 -56.94
O3 NAG M . -20.46 24.04 -59.16
O4 NAG M . -21.58 26.54 -58.90
O5 NAG M . -21.54 25.34 -55.40
O6 NAG M . -24.01 26.19 -55.96
O7 NAG M . -20.31 20.87 -56.63
C1 NAG M . -22.83 27.07 -59.43
C2 NAG M . -22.56 28.54 -59.75
C3 NAG M . -23.80 29.21 -60.37
C4 NAG M . -24.29 28.41 -61.57
C5 NAG M . -24.44 26.93 -61.19
C6 NAG M . -24.78 26.07 -62.39
C7 NAG M . -20.98 29.98 -58.54
C8 NAG M . -20.70 30.65 -57.21
N2 NAG M . -22.12 29.26 -58.59
O3 NAG M . -23.42 30.51 -60.72
O4 NAG M . -25.52 28.99 -61.97
O5 NAG M . -23.26 26.41 -60.59
O6 NAG M . -23.80 26.24 -63.38
O7 NAG M . -20.23 30.10 -59.49
C1 BMA M . -25.30 29.62 -63.27
C2 BMA M . -26.30 29.07 -64.29
C3 BMA M . -26.09 29.80 -65.65
C4 BMA M . -26.29 31.31 -65.42
C5 BMA M . -25.31 31.77 -64.35
C6 BMA M . -25.25 33.28 -64.12
O2 BMA M . -27.60 29.25 -63.80
O3 BMA M . -26.97 29.23 -66.61
O4 BMA M . -26.10 31.96 -66.66
O5 BMA M . -25.46 31.03 -63.14
O6 BMA M . -24.55 33.47 -62.92
C1 MAN M . -26.79 27.80 -66.70
C2 MAN M . -26.61 27.38 -68.17
C3 MAN M . -27.90 27.57 -68.96
C4 MAN M . -29.09 26.93 -68.24
C5 MAN M . -29.15 27.47 -66.81
C6 MAN M . -30.26 26.82 -66.00
O2 MAN M . -26.19 26.04 -68.16
O3 MAN M . -27.70 27.00 -70.23
O4 MAN M . -30.25 27.25 -68.98
O5 MAN M . -27.92 27.17 -66.16
O6 MAN M . -30.37 27.49 -64.78
C1 FUC M . -25.24 26.92 -55.84
C2 FUC M . -26.44 26.00 -56.05
C3 FUC M . -26.53 24.98 -54.90
C4 FUC M . -26.52 25.71 -53.55
C5 FUC M . -25.29 26.62 -53.49
C6 FUC M . -25.23 27.43 -52.21
O2 FUC M . -26.36 25.41 -57.32
O3 FUC M . -27.69 24.21 -55.10
O4 FUC M . -27.73 26.42 -53.45
O5 FUC M . -25.32 27.53 -54.59
C1 NAG N . 0.44 47.45 -59.45
C2 NAG N . -0.81 47.40 -60.31
C3 NAG N . -0.82 48.62 -61.24
C4 NAG N . -0.60 49.93 -60.49
C5 NAG N . 0.54 49.81 -59.46
C6 NAG N . 0.65 50.97 -58.49
C7 NAG N . -1.40 45.03 -60.58
C8 NAG N . -1.34 43.83 -61.51
N2 NAG N . -0.87 46.17 -61.05
O3 NAG N . -2.03 48.62 -61.95
O4 NAG N . -0.29 50.85 -61.54
O5 NAG N . 0.39 48.62 -58.69
O6 NAG N . 1.83 50.88 -57.74
O7 NAG N . -1.90 44.93 -59.47
C1 NAG N . -0.79 52.19 -61.31
C2 NAG N . 0.19 53.15 -61.99
C3 NAG N . -0.28 54.59 -61.86
C4 NAG N . -1.71 54.71 -62.37
C5 NAG N . -2.61 53.67 -61.68
C6 NAG N . -4.02 53.71 -62.22
C7 NAG N . 2.44 52.13 -62.01
C8 NAG N . 3.77 52.09 -61.30
N2 NAG N . 1.52 52.95 -61.47
O3 NAG N . 0.61 55.39 -62.59
O4 NAG N . -2.13 56.02 -62.10
O5 NAG N . -2.07 52.37 -61.85
O6 NAG N . -4.88 52.99 -61.37
O7 NAG N . 2.22 51.45 -63.00
C1 CLR O . 10.23 -7.28 12.59
C2 CLR O . 9.95 -7.97 13.94
C3 CLR O . 8.43 -8.06 14.24
C4 CLR O . 7.75 -8.80 13.08
C5 CLR O . 8.06 -8.24 11.69
C6 CLR O . 7.05 -8.01 10.81
C7 CLR O . 7.29 -7.42 9.42
C8 CLR O . 8.79 -7.53 9.00
C9 CLR O . 9.70 -7.08 10.17
C10 CLR O . 9.57 -8.01 11.40
C11 CLR O . 11.16 -6.84 9.72
C12 CLR O . 11.30 -5.96 8.45
C13 CLR O . 10.47 -6.59 7.28
C14 CLR O . 8.99 -6.61 7.80
C15 CLR O . 8.09 -6.86 6.55
C16 CLR O . 8.92 -6.19 5.38
C17 CLR O . 10.28 -5.66 6.04
C18 CLR O . 10.95 -7.99 6.87
C19 CLR O . 10.29 -9.35 11.12
C20 CLR O . 11.38 -5.68 4.97
C21 CLR O . 12.73 -5.01 5.36
C22 CLR O . 10.78 -4.87 3.77
C23 CLR O . 11.23 -5.39 2.42
C24 CLR O . 10.80 -4.24 1.41
C25 CLR O . 11.36 -4.56 0.03
C26 CLR O . 12.87 -4.42 -0.13
C27 CLR O . 10.49 -3.86 -1.01
O1 CLR O . 8.13 -8.64 15.52
C1 PCW P . 4.69 -38.41 -20.72
C2 PCW P . 5.07 -38.57 -19.24
C3 PCW P . 5.32 -40.03 -18.86
C4 PCW P . 4.34 -41.61 -23.52
C5 PCW P . 3.92 -42.71 -24.48
C6 PCW P . 6.10 -42.92 -25.43
C7 PCW P . 5.52 -44.25 -23.52
C8 PCW P . 4.54 -44.72 -25.66
C11 PCW P . 4.86 -41.62 -17.24
C12 PCW P . 5.59 -41.75 -15.90
C31 PCW P . 6.21 -37.33 -17.69
C32 PCW P . 7.57 -37.26 -16.98
N PCW P . 5.02 -43.65 -24.77
O2 PCW P . 6.24 -37.79 -18.97
O3 PCW P . 4.64 -40.33 -17.64
O11 PCW P . 4.51 -42.61 -17.87
O31 PCW P . 5.19 -36.97 -17.12
O1P PCW P . 2.40 -38.57 -22.38
O2P PCW P . 2.15 -40.82 -21.19
O3P PCW P . 4.39 -39.68 -21.31
O4P PCW P . 3.29 -40.64 -23.42
P PCW P . 2.96 -39.89 -22.02
C1 PCW Q . 17.85 -13.06 -25.23
C2 PCW Q . 17.29 -13.65 -23.93
C3 PCW Q . 18.38 -14.35 -23.13
C4 PCW Q . 15.99 -15.79 -29.13
C5 PCW Q . 16.19 -17.27 -28.83
C6 PCW Q . 15.24 -19.22 -27.95
C7 PCW Q . 13.88 -17.25 -28.14
C8 PCW Q . 14.47 -18.39 -30.11
C11 PCW Q . 18.84 -14.74 -20.81
C12 PCW Q . 18.29 -14.70 -19.38
C13 PCW Q . 19.24 -13.92 -18.45
C14 PCW Q . 18.47 -12.87 -17.65
C15 PCW Q . 17.63 -13.52 -16.54
C16 PCW Q . 17.04 -12.44 -15.63
C17 PCW Q . 16.29 -13.10 -14.47
C18 PCW Q . 16.08 -12.13 -13.30
C19 PCW Q . 14.65 -11.59 -13.35
C20 PCW Q . 13.91 -11.38 -12.02
C21 PCW Q . 14.63 -11.72 -10.71
C22 PCW Q . 13.86 -11.05 -9.56
C23 PCW Q . 13.01 -12.08 -8.80
C24 PCW Q . 12.63 -11.51 -7.43
C25 PCW Q . 11.95 -12.60 -6.58
C26 PCW Q . 12.00 -12.20 -5.11
C27 PCW Q . 11.13 -13.15 -4.26
C28 PCW Q . 11.25 -12.79 -2.79
C31 PCW Q . 15.61 -12.04 -23.35
C32 PCW Q . 15.18 -10.94 -22.37
C33 PCW Q . 14.33 -11.54 -21.24
C34 PCW Q . 14.89 -11.13 -19.88
C35 PCW Q . 14.00 -11.65 -18.75
C36 PCW Q . 13.16 -10.51 -18.17
C37 PCW Q . 12.44 -11.01 -16.92
C38 PCW Q . 12.19 -9.89 -15.91
C39 PCW Q . 11.41 -10.53 -14.77
C40 PCW Q . 11.37 -9.85 -13.39
C41 PCW Q . 12.13 -8.55 -13.19
C42 PCW Q . 11.26 -7.68 -12.29
C43 PCW Q . 11.70 -7.72 -10.83
C44 PCW Q . 10.71 -6.91 -10.00
C45 PCW Q . 11.07 -7.13 -8.53
C46 PCW Q . 10.52 -6.02 -7.64
C47 PCW Q . 11.09 -6.25 -6.24
C48 PCW Q . 10.41 -5.35 -5.22
N PCW Q . 14.94 -18.03 -28.76
O2 PCW Q . 16.82 -12.59 -23.07
O3 PCW Q . 17.98 -14.28 -21.76
O11 PCW Q . 19.96 -15.18 -21.06
O31 PCW Q . 14.90 -12.34 -24.30
O1P PCW Q . 17.14 -12.58 -28.31
O2P PCW Q . 15.34 -13.88 -27.05
O3P PCW Q . 17.74 -14.01 -26.31
O4P PCW Q . 17.05 -15.07 -28.49
P PCW Q . 16.72 -13.79 -27.54
C1 PCW R . -10.39 -1.06 -16.20
C2 PCW R . -10.37 -1.32 -14.68
C3 PCW R . -9.31 -0.45 -13.99
C4 PCW R . -14.42 -0.07 -19.33
C5 PCW R . -15.87 0.26 -18.96
C6 PCW R . -18.08 0.81 -19.71
C7 PCW R . -16.19 1.53 -20.99
C8 PCW R . -16.79 -0.80 -20.92
C11 PCW R . -8.07 -1.21 -12.13
C12 PCW R . -6.97 -2.15 -11.62
C13 PCW R . -6.80 -2.10 -10.09
C14 PCW R . -5.82 -3.21 -9.69
C15 PCW R . -5.48 -3.12 -8.20
C16 PCW R . -4.74 -4.38 -7.75
C17 PCW R . -5.23 -4.78 -6.35
C18 PCW R . -4.45 -5.97 -5.78
C19 PCW R . -5.20 -6.46 -4.53
C20 PCW R . -4.65 -7.67 -3.74
C21 PCW R . -3.36 -8.32 -4.25
C22 PCW R . -2.13 -7.58 -3.70
C23 PCW R . -1.21 -8.56 -2.96
C24 PCW R . 0.07 -7.83 -2.53
C25 PCW R . -0.16 -7.06 -1.23
C26 PCW R . 1.14 -6.35 -0.85
C27 PCW R . 0.88 -5.37 0.29
C28 PCW R . 2.13 -4.53 0.54
C31 PCW R . -12.25 -2.11 -13.54
C32 PCW R . -13.67 -1.88 -12.99
C33 PCW R . -13.62 -1.38 -11.53
C34 PCW R . -13.06 -2.48 -10.63
C35 PCW R . -12.69 -1.90 -9.25
C36 PCW R . -11.92 -2.95 -8.44
C37 PCW R . -11.77 -2.49 -6.99
C38 PCW R . -11.41 -3.69 -6.09
C39 PCW R . -9.90 -3.90 -6.11
C40 PCW R . -9.29 -4.90 -5.13
C41 PCW R . -10.23 -5.64 -4.16
C42 PCW R . -9.53 -5.79 -2.80
C43 PCW R . -9.00 -7.22 -2.56
C44 PCW R . -8.43 -7.25 -1.14
C45 PCW R . -8.04 -8.66 -0.70
C46 PCW R . -7.77 -8.65 0.82
C47 PCW R . -8.93 -9.31 1.56
C48 PCW R . -8.75 -9.11 3.07
N PCW R . -16.73 0.45 -20.15
O2 PCW R . -11.66 -1.03 -14.13
O3 PCW R . -8.26 -1.28 -13.49
O11 PCW R . -8.70 -0.47 -11.36
O31 PCW R . -11.74 -3.23 -13.47
O1P PCW R . -11.83 -1.81 -18.78
O2P PCW R . -11.42 0.71 -18.80
O3P PCW R . -11.67 -0.55 -16.62
O4P PCW R . -13.64 -0.21 -18.13
P PCW R . -12.06 -0.47 -18.19
C1 PCW S . 0.31 -2.14 -21.28
C2 PCW S . 0.15 -0.98 -20.30
C3 PCW S . -1.17 -0.25 -20.53
C4 PCW S . -0.34 -4.20 -25.40
C5 PCW S . -1.80 -4.43 -25.81
C6 PCW S . -3.37 -5.50 -27.27
C7 PCW S . -1.19 -4.93 -28.08
C8 PCW S . -1.44 -6.71 -26.50
C11 PCW S . -2.21 1.51 -19.39
C12 PCW S . -2.57 2.16 -18.05
C13 PCW S . -1.44 1.92 -17.04
C14 PCW S . -1.92 2.29 -15.64
C15 PCW S . -0.82 1.97 -14.60
C16 PCW S . -1.13 2.67 -13.27
C17 PCW S . 0.19 3.06 -12.57
C18 PCW S . 0.45 2.13 -11.37
C19 PCW S . -0.43 2.56 -10.19
C20 PCW S . 0.26 2.73 -8.83
C21 PCW S . 1.76 2.46 -8.77
C22 PCW S . 2.05 1.99 -7.35
C23 PCW S . 3.55 1.90 -7.14
C24 PCW S . 3.79 1.33 -5.76
C25 PCW S . 5.27 1.05 -5.67
C26 PCW S . 5.54 0.33 -4.38
C27 PCW S . 7.01 -0.02 -4.42
C28 PCW S . 7.32 -0.72 -3.13
C31 PCW S . 1.29 -1.51 -18.29
C32 PCW S . 1.20 -2.03 -16.85
C33 PCW S . 2.60 -2.32 -16.28
C34 PCW S . 2.67 -1.79 -14.83
C35 PCW S . 3.62 -2.65 -13.98
C36 PCW S . 3.94 -1.90 -12.68
C37 PCW S . 3.33 -2.62 -11.47
C38 PCW S . 3.37 -1.71 -10.24
C39 PCW S . 3.42 -2.58 -8.98
C40 PCW S . 2.31 -2.44 -7.94
C41 PCW S . 1.18 -1.42 -8.18
C42 PCW S . 0.44 -1.22 -6.84
C43 PCW S . -0.83 -2.08 -6.80
C44 PCW S . -0.90 -2.88 -5.50
C45 PCW S . -1.15 -1.93 -4.32
C46 PCW S . -0.45 -2.45 -3.06
C47 PCW S . -0.82 -1.56 -1.88
C48 PCW S . 0.03 -1.92 -0.66
N PCW S . -1.94 -5.39 -26.91
O2 PCW S . 0.10 -1.50 -18.96
O3 PCW S . -1.52 0.35 -19.27
O11 PCW S . -2.51 2.05 -20.46
O31 PCW S . 2.37 -1.15 -18.76
O1P PCW S . 1.78 -3.97 -23.15
O2P PCW S . 1.86 -2.05 -24.83
O3P PCW S . 0.75 -1.70 -22.58
O4P PCW S . -0.27 -3.24 -24.34
P PCW S . 1.15 -2.77 -23.75
C1 PCW T . -10.65 -35.05 20.09
C2 PCW T . -10.43 -34.75 18.59
C3 PCW T . -11.31 -33.58 18.13
C4 PCW T . -9.34 -35.74 24.36
C5 PCW T . -8.90 -34.42 25.02
C6 PCW T . -7.52 -33.86 26.89
C7 PCW T . -9.90 -33.77 27.11
C8 PCW T . -8.78 -35.89 26.98
C11 PCW T . -11.90 -32.97 15.93
C12 PCW T . -12.51 -33.41 14.59
C13 PCW T . -12.38 -32.32 13.52
C14 PCW T . -13.21 -32.75 12.30
C15 PCW T . -13.24 -31.65 11.22
C16 PCW T . -14.25 -32.04 10.13
C17 PCW T . -14.40 -30.90 9.11
C18 PCW T . -15.34 -31.29 7.95
C19 PCW T . -16.45 -30.24 7.83
C20 PCW T . -16.67 -29.58 6.45
C21 PCW T . -15.81 -30.01 5.25
C22 PCW T . -16.16 -29.10 4.06
C23 PCW T . -15.85 -29.80 2.72
C24 PCW T . -14.93 -28.90 1.89
C25 PCW T . -15.66 -28.39 0.64
C26 PCW T . -15.56 -26.88 0.57
C27 PCW T . -16.22 -26.36 -0.72
C28 PCW T . -15.99 -24.86 -0.85
C31 PCW T . -8.46 -35.13 17.36
C32 PCW T . -7.00 -34.72 17.09
C33 PCW T . -6.65 -34.85 15.60
C34 PCW T . -7.18 -33.65 14.81
C35 PCW T . -7.71 -34.14 13.46
C36 PCW T . -8.22 -32.97 12.60
C37 PCW T . -8.76 -33.52 11.27
C38 PCW T . -9.39 -32.42 10.41
C39 PCW T . -9.14 -32.78 8.94
C40 PCW T . -9.50 -31.76 7.86
C41 PCW T . -10.09 -30.42 8.29
C42 PCW T . -10.64 -29.71 7.04
C43 PCW T . -11.90 -28.92 7.37
C44 PCW T . -11.65 -27.41 7.19
C45 PCW T . -12.97 -26.65 7.27
C46 PCW T . -13.42 -26.22 5.87
C47 PCW T . -14.69 -25.37 5.98
C48 PCW T . -15.22 -25.03 4.59
N PCW T . -8.77 -34.50 26.49
O2 PCW T . -9.06 -34.43 18.36
O3 PCW T . -11.92 -33.95 16.89
O11 PCW T . -11.43 -31.85 16.08
O31 PCW T . -8.99 -36.05 16.74
O1P PCW T . -8.83 -37.82 22.09
O2P PCW T . -11.27 -37.12 22.28
O3P PCW T . -9.77 -36.12 20.50
O4P PCW T . -9.42 -35.56 22.94
P PCW T . -9.86 -36.77 21.98
C1 PCW U . -24.29 -31.41 -10.09
C2 PCW U . -23.24 -31.39 -8.98
C3 PCW U . -22.62 -32.79 -8.81
C4 PCW U . -28.61 -28.92 -11.13
C5 PCW U . -29.52 -28.00 -10.31
C6 PCW U . -30.63 -27.13 -12.28
C7 PCW U . -31.46 -29.11 -11.22
C8 PCW U . -31.70 -26.98 -10.14
C11 PCW U . -21.83 -34.05 -7.07
C12 PCW U . -21.97 -34.59 -5.64
C31 PCW U . -21.97 -29.68 -8.23
C32 PCW U . -20.91 -28.62 -8.45
N PCW U . -30.82 -27.81 -10.98
O2 PCW U . -22.22 -30.47 -9.31
O3 PCW U . -22.86 -33.24 -7.47
O11 PCW U . -20.85 -34.31 -7.75
O31 PCW U . -22.55 -29.78 -7.15
O1P PCW U . -26.88 -31.37 -11.47
O2P PCW U . -25.67 -29.27 -12.27
O3P PCW U . -25.12 -30.26 -10.05
O4P PCW U . -27.37 -29.16 -10.45
P PCW U . -26.25 -30.06 -11.17
C1 PCW V . 6.09 -32.95 -22.16
C2 PCW V . 7.15 -32.72 -21.07
C3 PCW V . 6.66 -33.24 -19.73
C4 PCW V . 5.06 -32.37 -26.52
C5 PCW V . 6.10 -33.05 -27.42
C6 PCW V . 6.79 -32.78 -29.70
C7 PCW V . 5.37 -34.61 -29.11
C8 PCW V . 4.50 -32.38 -29.15
C11 PCW V . 8.05 -32.65 -17.88
C12 PCW V . 8.39 -31.59 -16.80
C13 PCW V . 9.78 -31.82 -16.17
C14 PCW V . 9.67 -31.70 -14.63
C15 PCW V . 10.91 -32.34 -13.99
C16 PCW V . 10.84 -32.39 -12.45
C17 PCW V . 10.86 -30.98 -11.84
C18 PCW V . 10.01 -30.90 -10.56
C19 PCW V . 9.86 -29.43 -10.15
C20 PCW V . 10.14 -29.04 -8.69
C21 PCW V . 10.55 -30.14 -7.71
C22 PCW V . 10.80 -29.52 -6.33
C23 PCW V . 12.17 -29.94 -5.77
C24 PCW V . 12.35 -29.35 -4.37
C25 PCW V . 13.72 -29.72 -3.78
C26 PCW V . 13.90 -29.05 -2.42
C27 PCW V . 15.31 -29.36 -1.89
C28 PCW V . 15.25 -29.74 -0.41
C31 PCW V . 9.49 -32.65 -21.42
C32 PCW V . 10.78 -33.43 -21.73
C33 PCW V . 11.43 -33.94 -20.43
C34 PCW V . 12.52 -32.97 -19.97
C35 PCW V . 13.14 -33.46 -18.66
C36 PCW V . 14.20 -32.47 -18.15
C37 PCW V . 14.79 -33.00 -16.84
C38 PCW V . 15.45 -31.87 -16.02
C39 PCW V . 15.40 -32.28 -14.54
C40 PCW V . 16.58 -31.87 -13.64
C41 PCW V . 17.75 -31.08 -14.24
C42 PCW V . 18.73 -30.80 -13.08
C43 PCW V . 20.08 -30.31 -13.59
C44 PCW V . 20.73 -29.45 -12.50
C45 PCW V . 22.14 -29.02 -12.89
C46 PCW V . 22.08 -27.82 -13.84
C47 PCW V . 23.50 -27.48 -14.32
C48 PCW V . 24.16 -26.49 -13.37
N PCW V . 5.68 -33.20 -28.84
O2 PCW V . 8.35 -33.41 -21.42
O3 PCW V . 6.99 -32.31 -18.68
O11 PCW V . 8.67 -33.71 -17.95
O31 PCW V . 9.53 -31.43 -21.22
O1P PCW V . 4.49 -30.20 -24.36
O2P PCW V . 3.50 -32.47 -23.78
O3P PCW V . 5.68 -31.71 -22.74
O4P PCW V . 5.57 -32.29 -25.19
P PCW V . 4.68 -31.62 -24.01
AL ALF W . -30.42 -36.35 -45.17
F1 ALF W . -29.39 -35.09 -45.64
F2 ALF W . -30.56 -37.01 -43.62
F3 ALF W . -28.93 -37.16 -45.07
F4 ALF W . -31.13 -35.04 -44.36
MG MG X . -32.06 -35.54 -42.30
NA NA Y . -2.09 -28.88 -4.76
NA NA Z . -19.84 -39.81 -29.58
O01 A1MA6 AA . 31.39 -36.02 2.37
C02 A1MA6 AA . 31.63 -37.39 2.72
C03 A1MA6 AA . 30.47 -37.92 3.58
C04 A1MA6 AA . 30.63 -39.44 3.77
N05 A1MA6 AA . 29.30 -40.08 3.84
C06 A1MA6 AA . 29.14 -41.36 4.23
C07 A1MA6 AA . 27.69 -41.85 4.23
C08 A1MA6 AA . 27.52 -43.12 4.63
N09 A1MA6 AA . 26.25 -43.54 4.64
C10 A1MA6 AA . 26.03 -44.81 5.03
C11 A1MA6 AA . 24.55 -45.25 5.00
O12 A1MA6 AA . 24.35 -46.21 3.96
C13 A1MA6 AA . 24.17 -45.89 6.37
C14 A1MA6 AA . 23.70 -47.33 6.15
C15 A1MA6 AA . 22.33 -47.52 6.82
O16 A1MA6 AA . 21.32 -46.94 6.01
C17 A1MA6 AA . 22.06 -49.02 7.01
C18 A1MA6 AA . 22.16 -49.45 8.27
C19 A1MA6 AA . 21.91 -50.94 8.58
O20 A1MA6 AA . 22.26 -51.74 7.45
C21 A1MA6 AA . 22.75 -51.36 9.80
C22 A1MA6 AA . 22.84 -52.90 9.87
C23 A1MA6 AA . 23.74 -53.32 11.05
O24 A1MA6 AA . 23.14 -54.45 11.74
C25 A1MA6 AA . 22.98 -55.58 10.83
C26 A1MA6 AA . 22.33 -56.75 11.57
O27 A1MA6 AA . 22.20 -56.42 12.96
C28 A1MA6 AA . 20.95 -57.02 10.97
O29 A1MA6 AA . 20.43 -58.23 11.52
C30 A1MA6 AA . 21.08 -57.16 9.45
O31 A1MA6 AA . 20.56 -58.43 9.04
C32 A1MA6 AA . 20.29 -56.04 8.76
O33 A1MA6 AA . 20.66 -54.78 9.31
C34 A1MA6 AA . 20.60 -56.05 7.26
O35 A1MA6 AA . 21.47 -57.14 6.95
C36 A1MA6 AA . 21.27 -54.73 6.86
C37 A1MA6 AA . 22.35 -55.01 5.79
C38 A1MA6 AA . 22.67 -53.71 5.04
C39 A1MA6 AA . 22.74 -54.00 3.53
C40 A1MA6 AA . 22.46 -52.71 2.76
C41 A1MA6 AA . 22.54 -53.00 1.25
C42 A1MA6 AA . 22.20 -51.73 0.47
C43 A1MA6 AA . 20.75 -51.82 -0.04
C44 A1MA6 AA . 20.04 -50.55 0.37
C45 A1MA6 AA . 20.97 -49.34 0.22
O46 A1MA6 AA . 19.76 -50.79 1.73
C47 A1MA6 AA . 19.12 -52.07 1.67
C48 A1MA6 AA . 17.76 -51.93 1.01
C49 A1MA6 AA . 17.94 -51.57 -0.38
C50 A1MA6 AA . 16.58 -51.30 -1.02
C51 A1MA6 AA . 18.76 -50.35 -0.44
C52 A1MA6 AA . 18.96 -52.68 3.07
C53 A1MA6 AA . 18.93 -54.20 2.95
C54 A1MA6 AA . 18.92 -54.82 4.35
C55 A1MA6 AA . 17.57 -55.50 4.60
C56 A1MA6 AA . 17.37 -55.71 6.11
C57 A1MA6 AA . 16.66 -57.04 6.35
C58 A1MA6 AA . 15.84 -56.95 7.64
C59 A1MA6 AA . 16.33 -58.03 8.63
C60 A1MA6 AA . 15.57 -57.88 9.95
C61 A1MA6 AA . 16.50 -57.26 10.99
O62 A1MA6 AA . 16.15 -55.86 11.18
C63 A1MA6 AA . 17.04 -55.25 12.16
O64 A1MA6 AA . 18.41 -55.38 11.70
C65 A1MA6 AA . 16.69 -53.78 12.35
C66 A1MA6 AA . 16.64 -53.10 10.98
C67 A1MA6 AA . 15.45 -52.12 10.97
C68 A1MA6 AA . 15.28 -51.50 12.36
C69 A1MA6 AA . 14.21 -50.71 12.50
C70 A1MA6 AA . 14.04 -50.11 13.90
C71 A1MA6 AA . 12.64 -49.49 14.01
C72 A1MA6 AA . 12.76 -47.99 14.31
C73 A1MA6 AA . 12.45 -47.19 13.04
C74 A1MA6 AA . 11.61 -45.96 13.41
C75 A1MA6 AA . 10.21 -46.09 12.77
O76 A1MA6 AA . 9.22 -46.56 13.78
C77 A1MA6 AA . 8.75 -45.47 14.50
C78 A1MA6 AA . 7.98 -45.92 15.73
C79 A1MA6 AA . 8.95 -46.47 16.78
C80 A1MA6 AA . 8.18 -46.76 18.07
C81 A1MA6 AA . 8.78 -48.01 18.73
C82 A1MA6 AA . 7.84 -48.51 19.82
C83 A1MA6 AA . 8.57 -49.47 20.72
C84 A1MA6 AA . 7.65 -49.96 21.78
C85 A1MA6 AA . 6.47 -50.62 21.15
O86 A1MA6 AA . 5.54 -51.06 22.15
O87 A1MA6 AA . 8.32 -50.90 22.62
O88 A1MA6 AA . 9.69 -48.81 21.32
O89 A1MA6 AA . 6.70 -49.18 19.19
C90 A1MA6 AA . 5.77 -49.63 20.22
C91 A1MA6 AA . 4.58 -50.32 19.55
C92 A1MA6 AA . 4.17 -49.54 18.30
C93 A1MA6 AA . 4.30 -50.45 17.07
C94 A1MA6 AA . 4.13 -49.85 15.89
C95 A1MA6 AA . 3.84 -48.35 15.96
C96 A1MA6 AA . 3.67 -47.75 14.79
C97 A1MA6 AA . 3.37 -46.26 14.86
C98 A1MA6 AA . 4.41 -45.50 14.01
C99 A1MA6 AA . 3.68 -44.53 13.09
CA0 A1MA6 AA . 4.62 -44.08 11.96
CA1 A1MA6 AA . 3.96 -44.30 10.60
CA2 A1MA6 AA . 4.78 -45.31 9.78
CA3 A1MA6 AA . 4.23 -45.69 8.63
CA4 A1MA6 AA . 2.86 -45.07 8.31
CA5 A1MA6 AA . 2.69 -44.22 7.05
CA6 A1MA6 AA . 3.71 -43.08 7.06
CA7 A1MA6 AA . 2.96 -41.73 6.95
CA8 A1MA6 AA . 3.96 -40.59 7.12
CA9 A1MA6 AA . 4.96 -40.95 8.20
CAA A1MA6 AA . 6.08 -39.91 8.24
CAB A1MA6 AA . 6.82 -39.99 9.58
CAC A1MA6 AA . 7.98 -39.01 9.59
OAD A1MA6 AA . 7.50 -37.69 9.96
CAE A1MA6 AA . 6.86 -37.73 11.27
CAF A1MA6 AA . 6.34 -36.33 11.63
CAG A1MA6 AA . 5.26 -35.93 10.94
CAH A1MA6 AA . 4.73 -36.93 9.91
CAI A1MA6 AA . 3.86 -36.20 8.88
CAJ A1MA6 AA . 4.74 -35.70 7.73
CAK A1MA6 AA . 3.88 -35.55 6.45
CAL A1MA6 AA . 4.51 -36.26 5.34
CAM A1MA6 AA . 3.73 -36.00 4.10
CAN A1MA6 AA . 3.74 -34.60 3.77
OAO A1MA6 AA . 2.30 -36.29 4.33
CAP A1MA6 AA . 1.74 -34.95 4.90
CAQ A1MA6 AA . 0.70 -34.40 3.91
CAR A1MA6 AA . -0.03 -35.57 3.24
CAS A1MA6 AA . -1.49 -35.17 2.94
CAT A1MA6 AA . -2.10 -36.26 1.96
OAU A1MA6 AA . -1.10 -37.25 1.74
CAV A1MA6 AA . -2.30 -35.46 0.70
CAW A1MA6 AA . -1.23 -34.48 0.81
CAX A1MA6 AA . -1.44 -33.38 -0.24
NAY A1MA6 AA . -0.23 -32.56 -0.38
OAZ A1MA6 AA . -1.48 -33.95 2.09
CB0 A1MA6 AA . 2.97 -34.03 4.88
OB1 A1MA6 AA . 3.73 -34.17 6.14
OB2 A1MA6 AA . 2.87 -37.10 8.37
OB3 A1MA6 AA . 3.95 -37.94 10.57
CB4 A1MA6 AA . 7.89 -38.17 12.32
OB5 A1MA6 AA . 7.27 -38.22 13.60
CB6 A1MA6 AA . 8.41 -39.53 11.95
OB7 A1MA6 AA . 9.40 -39.93 12.90
CB8 A1MA6 AA . 9.03 -39.47 10.59
OB9 A1MA6 AA . 9.50 -40.77 10.22
CBA A1MA6 AA . 7.07 -40.16 7.10
OBB A1MA6 AA . 4.31 -41.00 9.47
OBC A1MA6 AA . 3.25 -39.40 7.50
OBD A1MA6 AA . 2.34 -41.64 5.66
CBE A1MA6 AA . 1.80 -45.41 9.02
OBF A1MA6 AA . 4.94 -42.69 12.12
OBG A1MA6 AA . 2.53 -45.16 12.51
OBH A1MA6 AA . 5.16 -46.43 13.23
OBI A1MA6 AA . 2.83 -49.09 18.42
OBJ A1MA6 AA . 8.28 -45.65 18.96
OBK A1MA6 AA . 9.96 -45.49 17.04
CBL A1MA6 AA . 9.80 -44.70 12.21
CBM A1MA6 AA . 8.36 -44.64 12.17
OBN A1MA6 AA . 7.86 -45.81 11.49
CBO A1MA6 AA . 7.84 -44.61 13.60
OBP A1MA6 AA . 7.82 -43.25 14.07
OBQ A1MA6 AA . 12.25 -44.78 12.93
OBR A1MA6 AA . 11.73 -48.01 12.12
OBS A1MA6 AA . 15.02 -49.09 14.10
CBT A1MA6 AA . 14.18 -52.88 10.59
OBU A1MA6 AA . 17.84 -52.37 10.76
CBV A1MA6 AA . 16.33 -58.01 12.30
OBW A1MA6 AA . 14.97 -57.91 12.74
CBX A1MA6 AA . 17.24 -57.42 13.33
OBY A1MA6 AA . 18.60 -57.55 12.90
CBZ A1MA6 AA . 16.90 -55.97 13.50
OC0 A1MA6 AA . 17.80 -55.38 14.46
OC1 A1MA6 AA . 16.06 -59.33 8.07
OC2 A1MA6 AA . 20.02 -52.88 0.80
CC3 A1MA6 AA . 23.96 -53.45 0.88
CC4 A1MA6 AA . 24.35 -56.01 10.30
OC5 A1MA6 AA . 24.19 -57.11 9.41
CC6 A1MA6 AA . 24.98 -54.86 9.58
CC7 A1MA6 AA . 25.12 -53.70 10.53
OC8 A1MA6 AA . 25.69 -52.59 9.83
OC9 A1MA6 AA . 26.28 -55.24 9.11
OCA A1MA6 AA . 22.14 -50.88 11.00
CCB A1MA6 AA . 22.53 -48.48 9.39
CCC A1MA6 AA . 25.37 -45.88 7.30
OCD A1MA6 AA . 26.92 -45.62 5.28
OCE A1MA6 AA . 30.06 -42.11 4.55
C1 CLR BA . 14.64 -28.30 -16.98
C2 CLR BA . 14.32 -28.22 -18.48
C3 CLR BA . 12.90 -28.76 -18.79
C4 CLR BA . 11.88 -27.94 -17.94
C5 CLR BA . 12.20 -27.86 -16.45
C6 CLR BA . 11.22 -28.10 -15.54
C7 CLR BA . 11.47 -28.05 -14.02
C8 CLR BA . 12.82 -27.32 -13.70
C9 CLR BA . 13.95 -27.84 -14.63
C10 CLR BA . 13.67 -27.48 -16.11
C11 CLR BA . 15.34 -27.42 -14.15
C12 CLR BA . 15.62 -27.71 -12.65
C13 CLR BA . 14.52 -26.99 -11.80
C14 CLR BA . 13.17 -27.64 -12.26
C15 CLR BA . 12.12 -27.25 -11.16
C16 CLR BA . 12.99 -27.13 -9.85
C17 CLR BA . 14.50 -27.40 -10.29
C18 CLR BA . 14.50 -25.47 -11.96
C19 CLR BA . 13.90 -25.96 -16.33
C20 CLR BA . 15.44 -26.62 -9.36
C21 CLR BA . 16.96 -26.72 -9.67
C22 CLR BA . 15.20 -27.24 -7.94
C23 CLR BA . 16.04 -26.56 -6.86
C24 CLR BA . 15.62 -27.28 -5.54
C25 CLR BA . 16.20 -26.51 -4.36
C26 CLR BA . 17.30 -27.22 -3.56
C27 CLR BA . 15.04 -25.90 -3.55
O1 CLR BA . 12.58 -28.74 -20.18
C1 CLR CA . 27.39 -9.74 4.47
C2 CLR CA . 28.13 -10.13 5.75
C3 CLR CA . 27.65 -9.31 6.96
C4 CLR CA . 26.11 -9.50 7.11
C5 CLR CA . 25.31 -9.24 5.83
C6 CLR CA . 24.21 -8.45 5.89
C7 CLR CA . 23.36 -8.12 4.64
C8 CLR CA . 23.68 -9.10 3.47
C9 CLR CA . 25.22 -9.27 3.31
C10 CLR CA . 25.86 -9.93 4.56
C11 CLR CA . 25.60 -9.94 1.97
C12 CLR CA . 24.94 -9.31 0.73
C13 CLR CA . 23.38 -9.33 0.92
C14 CLR CA . 23.11 -8.48 2.20
C15 CLR CA . 21.59 -8.14 2.19
C16 CLR CA . 21.24 -8.09 0.65
C17 CLR CA . 22.59 -8.45 -0.12
C18 CLR CA . 22.79 -10.74 1.03
C19 CLR CA . 25.51 -11.45 4.57
C20 CLR CA . 22.24 -9.11 -1.47
C21 CLR CA . 23.43 -9.40 -2.42
C22 CLR CA . 21.31 -8.06 -2.16
C23 CLR CA . 20.30 -8.70 -3.11
C24 CLR CA . 19.69 -7.47 -3.90
C25 CLR CA . 18.81 -7.99 -5.01
C26 CLR CA . 19.54 -8.59 -6.23
C27 CLR CA . 17.72 -6.95 -5.32
O1 CLR CA . 28.34 -9.60 8.18
C1 CLR DA . -5.24 -7.08 13.10
C2 CLR DA . -5.21 -7.55 14.56
C3 CLR DA . -6.46 -8.39 14.91
C4 CLR DA . -6.51 -9.60 13.93
C5 CLR DA . -6.42 -9.23 12.45
C6 CLR DA . -7.32 -9.76 11.58
C7 CLR DA . -7.31 -9.41 10.08
C8 CLR DA . -5.98 -8.74 9.65
C9 CLR DA . -5.57 -7.65 10.68
C10 CLR DA . -5.28 -8.25 12.08
C11 CLR DA . -4.45 -6.73 10.15
C12 CLR DA . -4.71 -6.16 8.74
C13 CLR DA . -4.94 -7.35 7.75
C14 CLR DA . -6.20 -8.08 8.30
C15 CLR DA . -6.70 -9.01 7.15
C16 CLR DA . -6.28 -8.22 5.83
C17 CLR DA . -5.50 -6.92 6.34
C18 CLR DA . -3.73 -8.30 7.61
C19 CLR DA . -3.91 -8.99 12.06
C20 CLR DA . -4.46 -6.52 5.28
C21 CLR DA . -3.52 -5.35 5.65
C22 CLR DA . -5.32 -6.09 4.05
C23 CLR DA . -4.47 -5.78 2.82
C24 CLR DA . -5.50 -5.24 1.77
C25 CLR DA . -4.78 -5.07 0.43
C26 CLR DA . -3.72 -3.97 0.38
C27 CLR DA . -5.82 -5.06 -0.69
O1 CLR DA . -6.49 -8.81 16.28
C1 PCW EA . -27.56 -16.05 -12.96
C2 PCW EA . -26.86 -16.95 -11.93
C3 PCW EA . -26.54 -18.29 -12.59
C4 PCW EA . -31.99 -13.44 -13.39
C5 PCW EA . -33.20 -13.16 -12.48
C6 PCW EA . -33.55 -10.99 -13.45
C7 PCW EA . -34.63 -12.90 -14.41
C8 PCW EA . -35.33 -12.07 -12.27
C11 PCW EA . -25.59 -20.35 -12.21
C12 PCW EA . -25.12 -21.44 -11.25
C31 PCW EA . -25.55 -16.26 -10.15
C32 PCW EA . -24.26 -15.60 -9.63
N PCW EA . -34.18 -12.28 -13.16
O2 PCW EA . -25.65 -16.33 -11.51
O3 PCW EA . -26.10 -19.23 -11.61
O11 PCW EA . -25.50 -20.49 -13.43
O31 PCW EA . -26.42 -16.65 -9.38
O1P PCW EA . -30.16 -15.55 -14.66
O2P PCW EA . -28.93 -13.47 -13.83
O3P PCW EA . -28.85 -15.61 -12.52
O4P PCW EA . -31.02 -14.25 -12.72
P PCW EA . -29.70 -14.70 -13.54
C1 PCW FA . -13.00 -17.09 24.84
C2 PCW FA . -14.19 -16.14 24.67
C3 PCW FA . -13.93 -15.16 23.52
C4 PCW FA . -8.33 -17.82 26.12
C5 PCW FA . -7.57 -17.36 27.38
C6 PCW FA . -5.23 -17.38 27.97
C7 PCW FA . -6.71 -19.01 28.91
C8 PCW FA . -6.08 -19.15 26.60
C11 PCW FA . -15.35 -14.21 21.89
C12 PCW FA . -16.53 -14.37 20.93
C13 PCW FA . -16.77 -13.05 20.17
C14 PCW FA . -17.69 -13.35 18.98
C15 PCW FA . -17.86 -12.12 18.08
C16 PCW FA . -19.07 -12.37 17.17
C17 PCW FA . -19.07 -11.40 15.99
C18 PCW FA . -20.31 -11.64 15.11
C19 PCW FA . -20.05 -10.86 13.84
C20 PCW FA . -21.03 -10.81 12.65
C21 PCW FA . -22.32 -11.61 12.73
C22 PCW FA . -22.74 -12.07 11.33
C23 PCW FA . -23.14 -10.88 10.43
C24 PCW FA . -23.78 -11.43 9.15
C25 PCW FA . -24.24 -10.27 8.26
C26 PCW FA . -24.67 -10.79 6.88
C27 PCW FA . -25.45 -9.67 6.18
C28 PCW FA . -26.11 -10.21 4.91
C31 PCW FA . -16.02 -17.60 25.20
C32 PCW FA . -17.35 -18.16 24.71
C33 PCW FA . -17.32 -18.37 23.19
C34 PCW FA . -18.65 -18.97 22.72
C35 PCW FA . -18.61 -19.29 21.22
C36 PCW FA . -18.72 -18.00 20.40
C37 PCW FA . -18.68 -18.36 18.92
C38 PCW FA . -17.84 -17.35 18.13
C39 PCW FA . -17.19 -18.14 16.98
C40 PCW FA . -17.61 -17.82 15.55
C41 PCW FA . -18.64 -16.75 15.26
C42 PCW FA . -18.01 -15.75 14.27
C43 PCW FA . -18.42 -16.01 12.82
C44 PCW FA . -18.31 -14.71 12.02
C45 PCW FA . -18.45 -14.96 10.53
C46 PCW FA . -17.31 -15.86 10.05
C47 PCW FA . -17.67 -16.43 8.68
C48 PCW FA . -16.72 -17.57 8.30
N PCW FA . -6.40 -18.22 27.69
O2 PCW FA . -15.36 -16.85 24.27
O3 PCW FA . -15.05 -15.31 22.63
O11 PCW FA . -14.76 -13.13 22.00
O31 PCW FA . -15.59 -17.89 26.31
O1P PCW FA . -11.17 -18.73 26.36
O2P PCW FA . -10.87 -16.70 27.87
O3P PCW FA . -11.95 -16.45 25.60
O4P PCW FA . -9.46 -16.98 25.85
P PCW FA . -10.90 -17.29 26.52
C1 PCW GA . -13.70 -8.15 28.28
C2 PCW GA . -14.29 -6.90 27.60
C3 PCW GA . -13.14 -6.07 27.02
C4 PCW GA . -13.07 -11.83 30.71
C5 PCW GA . -13.89 -13.11 30.46
C6 PCW GA . -14.04 -15.26 31.50
C7 PCW GA . -12.84 -15.00 29.48
C8 PCW GA . -11.92 -14.14 31.51
C11 PCW GA . -13.28 -5.45 24.75
C12 PCW GA . -13.12 -5.86 23.28
C13 PCW GA . -12.65 -4.66 22.44
C14 PCW GA . -13.70 -4.37 21.37
C15 PCW GA . -13.41 -3.03 20.70
C16 PCW GA . -13.11 -3.23 19.21
C17 PCW GA . -13.38 -1.94 18.46
C18 PCW GA . -13.50 -2.23 16.95
C19 PCW GA . -12.10 -2.56 16.42
C20 PCW GA . -11.95 -2.71 14.91
C21 PCW GA . -13.21 -2.53 14.07
C22 PCW GA . -12.90 -3.13 12.70
C23 PCW GA . -13.67 -2.41 11.61
C24 PCW GA . -13.08 -2.87 10.29
C25 PCW GA . -13.77 -2.11 9.17
C26 PCW GA . -13.89 -3.07 8.00
C27 PCW GA . -14.19 -2.26 6.76
C28 PCW GA . -14.35 -3.25 5.61
C31 PCW GA . -16.45 -7.03 26.73
C32 PCW GA . -17.34 -7.27 25.51
C33 PCW GA . -16.46 -7.47 24.27
C34 PCW GA . -17.18 -6.98 22.99
C35 PCW GA . -18.13 -8.05 22.45
C36 PCW GA . -18.39 -7.80 20.95
C37 PCW GA . -19.73 -7.07 20.74
C38 PCW GA . -19.61 -6.11 19.54
C39 PCW GA . -19.11 -4.75 20.04
C40 PCW GA . -18.38 -3.83 19.05
C41 PCW GA . -18.21 -4.31 17.61
C42 PCW GA . -18.91 -3.32 16.66
C43 PCW GA . -18.44 -3.51 15.22
C44 PCW GA . -19.11 -2.47 14.32
C45 PCW GA . -18.50 -2.50 12.91
C46 PCW GA . -19.29 -1.59 11.97
C47 PCW GA . -18.49 -1.32 10.70
C48 PCW GA . -19.12 -0.16 9.92
N PCW GA . -13.16 -14.35 30.75
O2 PCW GA . -15.13 -7.29 26.52
O3 PCW GA . -12.96 -6.43 25.64
O11 PCW GA . -13.69 -4.33 25.07
O31 PCW GA . -16.92 -6.66 27.81
O1P PCW GA . -13.85 -8.85 32.08
O2P PCW GA . -11.90 -9.14 30.43
O3P PCW GA . -14.15 -8.27 29.65
O4P PCW GA . -13.87 -10.69 30.40
P PCW GA . -13.35 -9.20 30.72
C1 PCW HA . -1.48 -3.52 18.18
C2 PCW HA . -2.70 -3.69 17.27
C3 PCW HA . -3.93 -3.01 17.90
C4 PCW HA . -1.29 -5.91 21.82
C5 PCW HA . -1.71 -5.52 23.26
C6 PCW HA . -1.90 -6.73 25.32
C7 PCW HA . -3.88 -6.14 24.10
C8 PCW HA . -2.44 -7.86 23.29
C11 PCW HA . -6.22 -2.72 17.39
C12 PCW HA . -7.35 -2.99 16.40
C13 PCW HA . -7.05 -2.32 15.06
C14 PCW HA . -7.65 -3.14 13.91
C15 PCW HA . -7.71 -2.32 12.62
C16 PCW HA . -7.81 -3.28 11.42
C17 PCW HA . -8.19 -2.51 10.15
C18 PCW HA . -8.36 -3.44 8.94
C19 PCW HA . -9.82 -3.87 8.85
C20 PCW HA . -10.46 -4.09 7.46
C21 PCW HA . -9.62 -3.87 6.18
C22 PCW HA . -10.62 -3.70 5.03
C23 PCW HA . -10.06 -4.26 3.71
C24 PCW HA . -9.91 -3.11 2.71
C25 PCW HA . -9.41 -3.65 1.37
C26 PCW HA . -9.43 -2.53 0.32
C27 PCW HA . -8.76 -3.02 -0.96
C28 PCW HA . -8.52 -1.86 -1.92
C31 PCW HA . -2.88 -3.80 14.92
C32 PCW HA . -2.64 -3.09 13.56
C33 PCW HA . -3.81 -3.35 12.60
C34 PCW HA . -3.33 -3.22 11.14
C35 PCW HA . -3.16 -1.75 10.74
C36 PCW HA . -3.86 -1.48 9.39
C37 PCW HA . -2.81 -1.22 8.30
C38 PCW HA . -3.46 -0.86 6.94
C39 PCW HA . -2.44 -1.23 5.84
C40 PCW HA . -2.57 -0.61 4.42
C41 PCW HA . -3.73 0.36 4.18
C42 PCW HA . -3.18 1.71 3.70
C43 PCW HA . -4.29 2.54 3.02
C44 PCW HA . -3.72 3.85 2.51
C45 PCW HA . -4.87 4.68 1.93
C46 PCW HA . -4.67 5.03 0.46
C47 PCW HA . -5.92 5.77 -0.02
C48 PCW HA . -5.81 6.14 -1.50
N PCW HA . -2.48 -6.56 23.98
O2 PCW HA . -2.44 -3.08 16.00
O3 PCW HA . -5.02 -3.24 17.02
O11 PCW HA . -6.43 -2.10 18.43
O31 PCW HA . -3.35 -4.93 14.96
O1P PCW HA . 1.00 -3.74 19.65
O2P PCW HA . 0.71 -6.27 19.69
O3P PCW HA . -1.11 -4.79 18.75
O4P PCW HA . -0.63 -4.80 21.22
P PCW HA . 0.12 -4.92 19.79
C1 CLR IA . 3.79 3.15 -17.02
C2 CLR IA . 3.21 4.08 -18.09
C3 CLR IA . 2.04 4.94 -17.54
C4 CLR IA . 2.58 5.74 -16.32
C5 CLR IA . 3.27 4.89 -15.25
C6 CLR IA . 2.93 5.05 -13.94
C7 CLR IA . 3.56 4.22 -12.82
C8 CLR IA . 4.87 3.51 -13.30
C9 CLR IA . 4.64 2.85 -14.68
C10 CLR IA . 4.33 3.90 -15.79
C11 CLR IA . 5.78 1.87 -15.07
C12 CLR IA . 6.13 0.85 -13.96
C13 CLR IA . 6.50 1.61 -12.64
C14 CLR IA . 5.22 2.44 -12.28
C15 CLR IA . 5.39 2.90 -10.80
C16 CLR IA . 6.26 1.74 -10.17
C17 CLR IA . 6.58 0.72 -11.36
C18 CLR IA . 7.72 2.53 -12.78
C19 CLR IA . 5.65 4.66 -16.16
C20 CLR IA . 7.92 0.03 -11.09
C21 CLR IA . 8.31 -1.14 -12.02
C22 CLR IA . 7.76 -0.55 -9.64
C23 CLR IA . 9.06 -0.54 -8.84
C24 CLR IA . 8.75 -1.46 -7.60
C25 CLR IA . 10.03 -1.68 -6.80
C26 CLR IA . 11.09 -2.56 -7.47
C27 CLR IA . 9.65 -2.01 -5.36
O1 CLR IA . 1.45 5.79 -18.52
C1 PCW JA . 33.16 27.45 8.59
C2 PCW JA . 32.70 27.63 7.15
C3 PCW JA . 33.39 28.82 6.46
C4 PCW JA . 35.99 29.93 10.59
C5 PCW JA . 36.77 30.95 11.44
C6 PCW JA . 38.88 29.90 11.02
C7 PCW JA . 38.09 31.63 9.54
C8 PCW JA . 38.80 32.18 11.76
C11 PCW JA . 32.96 30.66 5.12
C12 PCW JA . 32.80 30.63 3.60
C31 PCW JA . 32.05 26.25 5.44
C32 PCW JA . 32.56 25.63 4.14
N PCW JA . 38.13 31.16 10.94
O2 PCW JA . 32.98 26.43 6.41
O3 PCW JA . 32.40 29.60 5.77
O11 PCW JA . 33.55 31.59 5.68
O31 PCW JA . 30.86 26.53 5.57
O1P PCW JA . 32.57 28.45 11.18
O2P PCW JA . 32.85 30.68 9.97
O3P PCW JA . 33.89 28.60 9.05
O4P PCW JA . 34.75 29.63 11.23
P PCW JA . 33.40 29.37 10.38
C1 PCW KA . 32.28 -1.44 9.25
C2 PCW KA . 31.47 -0.46 8.38
C3 PCW KA . 32.14 -0.28 7.02
C4 PCW KA . 34.44 1.21 13.05
C5 PCW KA . 35.14 2.43 12.45
C6 PCW KA . 34.96 4.70 11.93
C7 PCW KA . 33.17 3.65 13.14
C8 PCW KA . 35.19 4.03 14.26
C11 PCW KA . 31.39 0.20 4.79
C12 PCW KA . 30.21 0.65 3.91
C13 PCW KA . 29.99 -0.35 2.76
C14 PCW KA . 28.51 -0.75 2.67
C15 PCW KA . 27.66 0.39 2.11
C16 PCW KA . 26.22 -0.11 1.84
C17 PCW KA . 25.42 1.01 1.19
C18 PCW KA . 24.17 0.45 0.48
C19 PCW KA . 22.95 0.68 1.38
C20 PCW KA . 21.62 1.08 0.71
C21 PCW KA . 21.57 1.22 -0.82
C22 PCW KA . 20.09 1.19 -1.25
C23 PCW KA . 19.60 2.61 -1.58
C24 PCW KA . 18.33 2.52 -2.42
C25 PCW KA . 17.93 3.91 -2.92
C26 PCW KA . 16.98 3.78 -4.11
C27 PCW KA . 16.39 5.15 -4.48
C28 PCW KA . 15.49 5.00 -5.72
C31 PCW KA . 29.23 -0.94 9.06
C32 PCW KA . 27.86 -1.51 8.66
C33 PCW KA . 26.96 -0.41 8.09
C34 PCW KA . 26.41 -0.84 6.72
C35 PCW KA . 25.45 0.22 6.19
C36 PCW KA . 24.01 -0.26 6.34
C37 PCW KA . 23.08 0.72 5.62
C38 PCW KA . 21.82 0.03 5.10
C39 PCW KA . 20.97 1.15 4.48
C40 PCW KA . 19.88 0.79 3.46
C41 PCW KA . 19.65 -0.67 3.09
C42 PCW KA . 18.14 -0.84 2.95
C43 PCW KA . 17.67 -0.81 1.50
C44 PCW KA . 16.15 -0.89 1.47
C45 PCW KA . 15.71 -0.66 0.03
C46 PCW KA . 14.32 -1.19 -0.23
C47 PCW KA . 14.06 -1.06 -1.73
C48 PCW KA . 12.61 -1.34 -2.08
N PCW KA . 34.62 3.71 12.95
O2 PCW KA . 30.19 -1.01 8.09
O3 PCW KA . 31.08 0.07 6.12
O11 PCW KA . 32.51 -0.01 4.32
O31 PCW KA . 29.40 -0.47 10.19
O1P PCW KA . 33.22 -1.98 12.25
O2P PCW KA . 31.94 0.21 11.98
O3P PCW KA . 33.25 -0.74 10.04
O4P PCW KA . 34.46 0.17 12.06
P PCW KA . 33.11 -0.63 11.66
C1 PCW LA . 2.18 3.44 18.90
C2 PCW LA . 1.49 3.90 17.59
C3 PCW LA . 1.42 2.73 16.60
C4 PCW LA . 0.62 4.08 23.82
C5 PCW LA . -0.73 4.57 24.36
C6 PCW LA . -2.12 5.06 26.25
C7 PCW LA . -0.48 3.32 26.40
C8 PCW LA . 0.22 5.62 26.31
C11 PCW LA . 1.64 3.06 14.26
C12 PCW LA . 2.58 3.42 13.10
C13 PCW LA . 1.85 3.52 11.75
C14 PCW LA . 2.85 4.07 10.71
C15 PCW LA . 2.23 4.04 9.31
C16 PCW LA . 3.11 4.84 8.33
C17 PCW LA . 2.20 5.64 7.39
C18 PCW LA . 3.02 6.36 6.30
C19 PCW LA . 2.07 7.35 5.60
C20 PCW LA . 2.61 8.23 4.46
C21 PCW LA . 4.09 8.08 4.08
C22 PCW LA . 4.26 6.94 3.07
C23 PCW LA . 4.98 7.44 1.82
C24 PCW LA . 5.27 6.25 0.88
C25 PCW LA . 4.03 5.91 0.05
C26 PCW LA . 4.37 4.71 -0.84
C27 PCW LA . 3.10 4.18 -1.50
C28 PCW LA . 3.41 2.87 -2.24
C31 PCW LA . -0.04 5.67 17.53
C32 PCW LA . -1.41 6.24 17.88
C33 PCW LA . -2.40 6.02 16.73
C34 PCW LA . -1.98 6.83 15.50
C35 PCW LA . -2.74 6.35 14.26
C36 PCW LA . -2.15 7.02 13.02
C37 PCW LA . -3.06 6.77 11.79
C38 PCW LA . -2.71 7.76 10.68
C39 PCW LA . -1.54 7.20 9.85
C40 PCW LA . -1.17 7.92 8.54
C41 PCW LA . -1.99 9.15 8.13
C42 PCW LA . -2.16 9.15 6.61
C43 PCW LA . -1.25 10.15 5.89
C44 PCW LA . -1.60 10.12 4.40
C45 PCW LA . -0.89 11.21 3.60
C46 PCW LA . -1.52 11.31 2.21
C47 PCW LA . -2.40 12.54 2.11
C48 PCW LA . -3.19 12.53 0.80
N PCW LA . -0.78 4.64 25.83
O2 PCW LA . 0.17 4.35 17.87
O3 PCW LA . 2.28 3.00 15.48
O11 PCW LA . 0.44 2.86 14.09
O31 PCW LA . 0.82 6.39 17.03
O1P PCW LA . 2.95 4.39 21.70
O2P PCW LA . 2.01 2.03 21.89
O3P PCW LA . 1.27 3.56 20.02
O4P PCW LA . 0.57 4.02 22.39
P PCW LA . 1.82 3.45 21.54
C1 PCW MA . 12.79 -1.64 17.17
C2 PCW MA . 11.58 -2.41 16.63
C3 PCW MA . 10.44 -2.42 17.64
C4 PCW MA . 15.58 -0.19 20.60
C5 PCW MA . 14.90 0.66 21.68
C6 PCW MA . 15.13 2.12 23.57
C7 PCW MA . 16.80 0.44 23.16
C8 PCW MA . 16.63 2.34 21.71
C11 PCW MA . 8.26 -3.26 17.54
C12 PCW MA . 6.97 -3.43 16.73
C13 PCW MA . 7.32 -3.63 15.24
C14 PCW MA . 6.06 -3.49 14.39
C15 PCW MA . 6.40 -3.59 12.90
C16 PCW MA . 5.13 -3.84 12.07
C17 PCW MA . 5.47 -4.70 10.86
C18 PCW MA . 5.45 -3.85 9.58
C19 PCW MA . 4.00 -3.60 9.14
C20 PCW MA . 3.65 -3.88 7.67
C21 PCW MA . 4.77 -4.38 6.77
C22 PCW MA . 4.44 -3.90 5.36
C23 PCW MA . 5.40 -4.52 4.36
C24 PCW MA . 5.10 -3.94 3.00
C25 PCW MA . 6.21 -4.40 2.08
C26 PCW MA . 6.03 -3.72 0.75
C27 PCW MA . 7.24 -4.14 -0.05
C28 PCW MA . 7.09 -3.49 -1.40
C31 PCW MA . 11.54 -2.20 14.27
C32 PCW MA . 10.95 -1.49 13.03
C33 PCW MA . 11.74 -1.83 11.77
C34 PCW MA . 10.75 -2.10 10.62
C35 PCW MA . 11.37 -1.69 9.27
C36 PCW MA . 10.53 -2.30 8.13
C37 PCW MA . 9.80 -1.19 7.35
C38 PCW MA . 8.72 -1.81 6.45
C39 PCW MA . 8.49 -0.89 5.25
C40 PCW MA . 7.09 -0.31 5.00
C41 PCW MA . 5.95 -0.67 5.96
C42 PCW MA . 4.63 -0.27 5.30
C43 PCW MA . 4.16 1.10 5.82
C44 PCW MA . 3.79 2.01 4.64
C45 PCW MA . 2.52 1.51 3.96
C46 PCW MA . 2.57 1.81 2.46
C47 PCW MA . 1.25 1.40 1.82
C48 PCW MA . 1.35 1.48 0.29
N PCW MA . 15.87 1.38 22.53
O2 PCW MA . 11.08 -1.73 15.46
O3 PCW MA . 9.23 -2.58 16.89
O11 PCW MA . 8.36 -3.73 18.67
O31 PCW MA . 12.35 -3.10 14.13
O1P PCW MA . 15.70 -1.08 17.64
O2P PCW MA . 15.73 -3.01 19.28
O3P PCW MA . 13.58 -2.43 18.08
O4P PCW MA . 14.57 -0.88 19.84
P PCW MA . 15.01 -1.89 18.66
C1 PCW NA . -1.04 38.35 -16.37
C2 PCW NA . -0.23 37.76 -15.20
C3 PCW NA . -1.15 37.11 -14.16
C4 PCW NA . -2.11 38.95 -20.71
C5 PCW NA . -2.82 37.71 -21.28
C6 PCW NA . -3.15 36.84 -23.49
C7 PCW NA . -4.94 37.96 -22.37
C8 PCW NA . -3.08 39.23 -23.20
C11 PCW NA . -0.67 36.54 -11.91
C12 PCW NA . -0.15 37.00 -10.55
C13 PCW NA . -0.01 35.84 -9.56
C14 PCW NA . 0.29 36.42 -8.17
C15 PCW NA . 0.31 35.32 -7.09
C16 PCW NA . 0.41 35.99 -5.70
C17 PCW NA . 0.29 34.93 -4.60
C18 PCW NA . 0.47 35.54 -3.20
C19 PCW NA . -0.74 35.16 -2.33
C20 PCW NA . -0.47 34.50 -0.96
C21 PCW NA . 0.98 34.26 -0.52
C22 PCW NA . 0.94 33.47 0.81
C23 PCW NA . 2.20 33.70 1.65
C24 PCW NA . 2.86 32.35 1.98
C25 PCW NA . 2.78 32.09 3.48
C26 PCW NA . 2.15 30.71 3.73
C27 PCW NA . 2.14 30.40 5.22
C28 PCW NA . 1.63 28.98 5.46
C31 PCW NA . 1.98 36.92 -15.29
C32 PCW NA . 2.92 35.82 -15.80
C33 PCW NA . 4.03 35.53 -14.78
C34 PCW NA . 3.51 34.63 -13.64
C35 PCW NA . 4.12 35.11 -12.32
C36 PCW NA . 3.66 34.22 -11.15
C37 PCW NA . 4.28 34.75 -9.85
C38 PCW NA . 3.77 33.98 -8.62
C39 PCW NA . 4.91 33.95 -7.59
C40 PCW NA . 4.75 33.08 -6.34
C41 PCW NA . 3.46 32.27 -6.17
C42 PCW NA . 3.41 31.74 -4.73
C43 PCW NA . 1.98 31.74 -4.19
C44 PCW NA . 1.52 30.29 -3.95
C45 PCW NA . 0.19 30.30 -3.18
C46 PCW NA . 0.43 29.94 -1.71
C47 PCW NA . -0.91 29.84 -0.98
C48 PCW NA . -0.69 29.60 0.52
N PCW NA . -3.49 37.95 -22.58
O2 PCW NA . 0.67 36.77 -15.69
O3 PCW NA . -0.73 37.52 -12.85
O11 PCW NA . -0.97 35.36 -12.11
O31 PCW NA . 2.40 37.88 -14.65
O1P PCW NA . 0.48 40.15 -19.43
O2P PCW NA . -1.65 40.77 -18.17
O3P PCW NA . -0.15 38.90 -17.35
O4P PCW NA . -1.49 38.62 -19.46
P PCW NA . -0.69 39.74 -18.62
C1 PCW OA . 4.14 37.25 16.54
C2 PCW OA . 4.25 36.89 15.05
C3 PCW OA . 5.26 37.81 14.36
C4 PCW OA . 0.52 37.05 20.12
C5 PCW OA . -1.00 36.83 20.08
C6 PCW OA . -1.12 36.31 22.44
C7 PCW OA . -1.30 38.60 21.70
C8 PCW OA . -3.08 37.06 21.27
C11 PCW OA . 5.46 38.77 12.28
C12 PCW OA . 4.87 39.53 11.09
C31 PCW OA . 3.88 34.91 14.02
C32 PCW OA . 4.20 33.44 13.80
N PCW OA . -1.63 37.20 21.37
O2 PCW OA . 4.68 35.54 14.92
O3 PCW OA . 4.59 38.51 13.31
O11 PCW OA . 6.64 38.41 12.28
O31 PCW OA . 2.95 35.44 13.42
O1P PCW OA . 3.08 38.26 19.08
O2P PCW OA . 3.32 35.74 19.43
O3P PCW OA . 2.97 36.67 17.13
O4P PCW OA . 1.11 36.75 18.85
P PCW OA . 2.71 36.88 18.71
C1 PCW PA . 32.24 21.85 9.90
C2 PCW PA . 32.27 21.30 8.47
C3 PCW PA . 31.45 22.21 7.53
C4 PCW PA . 33.61 21.19 14.16
C5 PCW PA . 35.14 21.12 14.23
C6 PCW PA . 36.72 20.20 15.79
C7 PCW PA . 36.31 22.56 15.77
C8 PCW PA . 34.65 21.06 16.63
C11 PCW PA . 31.13 21.29 5.35
C12 PCW PA . 30.26 20.39 4.44
C13 PCW PA . 30.98 20.01 3.14
C14 PCW PA . 30.02 20.20 1.95
C15 PCW PA . 30.84 20.24 0.64
C16 PCW PA . 29.98 20.55 -0.61
C17 PCW PA . 28.98 19.43 -0.89
C18 PCW PA . 27.66 19.97 -1.49
C19 PCW PA . 26.63 18.83 -1.51
C20 PCW PA . 25.84 18.59 -2.81
C21 PCW PA . 26.13 19.49 -4.01
C22 PCW PA . 25.24 19.04 -5.19
C23 PCW PA . 26.09 18.81 -6.46
C24 PCW PA . 25.16 18.45 -7.62
C25 PCW PA . 25.97 18.18 -8.91
C26 PCW PA . 25.04 17.72 -10.02
C27 PCW PA . 25.86 17.38 -11.27
C28 PCW PA . 25.22 17.97 -12.52
C31 PCW PA . 34.02 20.05 7.50
C32 PCW PA . 35.45 20.03 6.93
C33 PCW PA . 35.45 20.36 5.43
C34 PCW PA . 35.48 19.06 4.62
C35 PCW PA . 35.44 19.39 3.12
C36 PCW PA . 35.40 18.10 2.29
C37 PCW PA . 35.36 18.46 0.80
C38 PCW PA . 34.82 17.31 -0.06
C39 PCW PA . 34.19 17.90 -1.31
C40 PCW PA . 34.31 17.12 -2.63
C41 PCW PA . 35.04 15.77 -2.64
C42 PCW PA . 34.96 15.23 -4.08
C43 PCW PA . 35.93 14.06 -4.31
C44 PCW PA . 35.36 13.18 -5.43
C45 PCW PA . 36.34 12.06 -5.80
C46 PCW PA . 36.23 10.92 -4.79
C47 PCW PA . 37.29 9.86 -5.10
C48 PCW PA . 36.74 8.83 -6.09
N PCW PA . 35.69 21.24 15.60
O2 PCW PA . 33.62 21.26 8.00
O3 PCW PA . 30.67 21.41 6.63
O11 PCW PA . 32.11 21.89 4.90
O31 PCW PA . 33.35 19.02 7.51
O1P PCW PA . 31.00 19.93 13.02
O2P PCW PA . 31.11 22.46 12.72
O3P PCW PA . 31.66 20.90 10.79
O4P PCW PA . 33.20 21.08 12.79
P PCW PA . 31.63 21.11 12.41
AL ALF QA . 21.29 39.06 48.07
F1 ALF QA . 21.63 37.42 48.10
F2 ALF QA . 20.67 39.95 46.76
F3 ALF QA . 22.65 39.07 47.06
F4 ALF QA . 19.73 38.43 48.00
MG MG RA . 18.21 39.63 46.71
NA NA SA . 15.25 25.04 0.56
NA NA TA . 21.82 39.28 28.94
O01 A1MA6 UA . 37.84 15.92 -24.52
C02 A1MA6 UA . 38.49 17.02 -25.16
C03 A1MA6 UA . 37.49 18.18 -25.32
C04 A1MA6 UA . 38.24 19.43 -25.82
N05 A1MA6 UA . 37.60 20.64 -25.25
C06 A1MA6 UA . 37.90 21.88 -25.68
C07 A1MA6 UA . 37.15 23.00 -24.98
C08 A1MA6 UA . 37.43 24.24 -25.42
N09 A1MA6 UA . 36.75 25.23 -24.81
C10 A1MA6 UA . 37.01 26.49 -25.22
C11 A1MA6 UA . 36.23 27.58 -24.47
O12 A1MA6 UA . 37.13 28.35 -23.65
C13 A1MA6 UA . 35.54 28.52 -25.50
C14 A1MA6 UA . 36.03 29.96 -25.30
C15 A1MA6 UA . 34.83 30.89 -25.14
O16 A1MA6 UA . 34.29 30.77 -23.84
C17 A1MA6 UA . 35.27 32.33 -25.39
C18 A1MA6 UA . 34.87 32.86 -26.55
C19 A1MA6 UA . 35.24 34.31 -26.91
O20 A1MA6 UA . 36.50 34.66 -26.30
C21 A1MA6 UA . 35.37 34.45 -28.44
C22 A1MA6 UA . 36.15 35.73 -28.78
C23 A1MA6 UA . 36.34 35.83 -30.31
O24 A1MA6 UA . 36.10 37.21 -30.75
C25 A1MA6 UA . 37.03 38.10 -30.08
C26 A1MA6 UA . 36.76 39.54 -30.53
O27 A1MA6 UA . 35.75 39.55 -31.55
C28 A1MA6 UA . 36.28 40.37 -29.33
O29 A1MA6 UA . 36.20 41.75 -29.70
C30 A1MA6 UA . 37.25 40.19 -28.16
O31 A1MA6 UA . 37.73 41.48 -27.74
C32 A1MA6 UA . 36.54 39.50 -26.99
O33 A1MA6 UA . 35.87 38.32 -27.45
C34 A1MA6 UA . 37.56 39.13 -25.92
O35 A1MA6 UA . 38.86 39.60 -26.30
C36 A1MA6 UA . 37.59 37.60 -25.74
C37 A1MA6 UA . 39.05 37.16 -25.49
C38 A1MA6 UA . 39.04 35.77 -24.82
C39 A1MA6 UA . 40.04 35.75 -23.67
C40 A1MA6 UA . 39.65 34.66 -22.67
C41 A1MA6 UA . 40.65 34.64 -21.50
C42 A1MA6 UA . 40.21 33.60 -20.48
C43 A1MA6 UA . 39.55 34.29 -19.29
C44 A1MA6 UA . 38.22 33.62 -19.05
C45 A1MA6 UA . 38.34 32.12 -19.23
O46 A1MA6 UA . 37.41 34.18 -20.06
C47 A1MA6 UA . 37.62 35.57 -19.87
C48 A1MA6 UA . 36.98 36.02 -18.57
C49 A1MA6 UA . 37.68 35.40 -17.46
C50 A1MA6 UA . 36.96 35.74 -16.16
C51 A1MA6 UA . 37.67 33.95 -17.65
C52 A1MA6 UA . 37.06 36.39 -21.03
C53 A1MA6 UA . 37.83 37.70 -21.17
C54 A1MA6 UA . 37.37 38.45 -22.41
C55 A1MA6 UA . 36.65 39.73 -22.00
C56 A1MA6 UA . 35.80 40.24 -23.17
C57 A1MA6 UA . 35.83 41.76 -23.20
C58 A1MA6 UA . 34.52 42.30 -23.81
C59 A1MA6 UA . 34.85 43.14 -25.06
C60 A1MA6 UA . 33.55 43.57 -25.72
C61 A1MA6 UA . 33.32 42.76 -26.99
O62 A1MA6 UA . 32.30 41.75 -26.74
C63 A1MA6 UA . 32.08 40.94 -27.94
O64 A1MA6 UA . 33.33 40.30 -28.31
C65 A1MA6 UA . 31.03 39.87 -27.67
C66 A1MA6 UA . 31.38 39.10 -26.39
C67 A1MA6 UA . 30.11 38.85 -25.58
C68 A1MA6 UA . 28.94 38.62 -26.55
C69 A1MA6 UA . 27.74 38.48 -25.96
C70 A1MA6 UA . 26.57 38.26 -26.93
C71 A1MA6 UA . 25.25 38.43 -26.17
C72 A1MA6 UA . 24.45 37.13 -26.24
C73 A1MA6 UA . 24.53 36.39 -24.91
C74 A1MA6 UA . 23.15 35.82 -24.56
C75 A1MA6 UA . 22.61 36.50 -23.30
O76 A1MA6 UA . 21.60 37.55 -23.67
C77 A1MA6 UA . 20.36 36.94 -23.84
C78 A1MA6 UA . 19.39 37.91 -24.52
C79 A1MA6 UA . 19.75 38.06 -25.99
C80 A1MA6 UA . 18.68 38.89 -26.70
C81 A1MA6 UA . 19.34 39.76 -27.77
C82 A1MA6 UA . 18.35 40.82 -28.23
C83 A1MA6 UA . 18.83 41.44 -29.53
C84 A1MA6 UA . 17.85 42.47 -29.99
C85 A1MA6 UA . 17.73 43.51 -28.92
O86 A1MA6 UA . 16.76 44.50 -29.34
O87 A1MA6 UA . 18.32 43.08 -31.19
O88 A1MA6 UA . 18.94 40.42 -30.53
O89 A1MA6 UA . 18.23 41.86 -27.21
C90 A1MA6 UA . 17.26 42.86 -27.62
C91 A1MA6 UA . 17.13 43.94 -26.54
C92 A1MA6 UA . 17.16 43.27 -25.16
C93 A1MA6 UA . 18.35 43.81 -24.37
C94 A1MA6 UA . 18.58 43.18 -23.20
C95 A1MA6 UA . 17.61 42.06 -22.87
C96 A1MA6 UA . 17.83 41.45 -21.70
C97 A1MA6 UA . 16.86 40.31 -21.37
C98 A1MA6 UA . 17.66 39.03 -21.11
C99 A1MA6 UA . 17.19 38.40 -19.79
CA0 A1MA6 UA . 18.23 37.38 -19.30
CA1 A1MA6 UA . 18.61 37.69 -17.85
CA2 A1MA6 UA . 20.11 38.03 -17.78
CA3 A1MA6 UA . 20.54 38.45 -16.59
CA4 A1MA6 UA . 19.47 38.54 -15.48
CA5 A1MA6 UA . 19.62 37.69 -14.21
CA6 A1MA6 UA . 19.75 36.21 -14.59
CA7 A1MA6 UA . 18.66 35.41 -13.88
CA8 A1MA6 UA . 18.68 33.96 -14.38
CA9 A1MA6 UA . 18.97 33.95 -15.89
CAA A1MA6 UA . 19.20 32.51 -16.35
CAB A1MA6 UA . 19.02 32.44 -17.86
CAC A1MA6 UA . 19.34 31.02 -18.34
OAD A1MA6 UA . 18.16 30.17 -18.18
CAE A1MA6 UA . 17.05 30.73 -18.94
CAF A1MA6 UA . 15.80 29.84 -18.73
CAG A1MA6 UA . 15.24 29.92 -17.51
CAH A1MA6 UA . 15.93 30.88 -16.53
CAI A1MA6 UA . 15.53 30.52 -15.09
CAJ A1MA6 UA . 16.51 29.48 -14.54
CAK A1MA6 UA . 16.53 29.57 -12.99
CAL A1MA6 UA . 17.92 29.70 -12.53
CAM A1MA6 UA . 17.93 29.68 -11.03
CAN A1MA6 UA . 17.43 28.41 -10.55
OAO A1MA6 UA . 16.96 30.66 -10.50
CAP A1MA6 UA . 15.60 29.87 -10.47
CAQ A1MA6 UA . 15.16 29.76 -8.99
CAR A1MA6 UA . 15.59 31.01 -8.22
CAS A1MA6 UA . 14.56 31.33 -7.14
CAT A1MA6 UA . 15.20 32.41 -6.17
OAU A1MA6 UA . 16.50 32.75 -6.68
CAV A1MA6 UA . 15.36 31.63 -4.89
CAW A1MA6 UA . 15.55 30.28 -5.40
CAX A1MA6 UA . 15.45 29.28 -4.25
NAY A1MA6 UA . 15.95 27.96 -4.65
OAZ A1MA6 UA . 14.44 30.15 -6.24
CB0 A1MA6 UA . 16.02 28.46 -10.95
OB1 A1MA6 UA . 15.94 28.42 -12.43
OB2 A1MA6 UA . 15.55 31.69 -14.28
OB3 A1MA6 UA . 15.52 32.22 -16.81
CB4 A1MA6 UA . 17.39 30.77 -20.41
OB5 A1MA6 UA . 16.29 31.31 -21.15
CB6 A1MA6 UA . 18.61 31.63 -20.61
OB7 A1MA6 UA . 18.97 31.63 -22.00
CB8 A1MA6 UA . 19.74 31.06 -19.81
OB9 A1MA6 UA . 20.89 31.90 -19.97
CBA A1MA6 UA . 20.62 32.07 -15.98
OBB A1MA6 UA . 17.85 34.50 -16.59
OBC A1MA6 UA . 17.42 33.35 -14.13
OBD A1MA6 UA . 18.88 35.43 -12.47
CBE A1MA6 UA . 18.52 39.46 -15.56
OBF A1MA6 UA . 17.68 36.06 -19.38
OBG A1MA6 UA . 17.02 39.42 -18.80
OBH A1MA6 UA . 19.05 39.33 -21.01
OBI A1MA6 UA . 15.95 43.56 -24.46
OBJ A1MA6 UA . 17.72 38.03 -27.31
OBK A1MA6 UA . 19.83 36.77 -26.60
CBL A1MA6 UA . 21.94 35.43 -22.39
CBM A1MA6 UA . 20.95 36.07 -21.57
OBN A1MA6 UA . 21.53 37.21 -20.93
CBO A1MA6 UA . 19.81 36.52 -22.46
OBP A1MA6 UA . 18.88 35.44 -22.63
OBQ A1MA6 UA . 23.27 34.41 -24.32
OBR A1MA6 UA . 24.92 37.31 -23.89
OBS A1MA6 UA . 26.65 36.93 -27.47
CBT A1MA6 UA . 29.81 40.06 -24.72
OBU A1MA6 UA . 31.98 37.86 -26.75
CBV A1MA6 UA . 32.86 43.68 -28.11
OBW A1MA6 UA . 31.64 44.32 -27.72
CBX A1MA6 UA . 32.64 42.89 -29.34
OBY A1MA6 UA . 33.88 42.26 -29.75
CBZ A1MA6 UA . 31.61 41.83 -29.08
OC0 A1MA6 UA . 31.43 41.04 -30.26
OC1 A1MA6 UA . 35.60 44.29 -24.66
OC2 A1MA6 UA . 39.10 35.70 -19.76
CC3 A1MA6 UA . 42.04 34.28 -22.05
CC4 A1MA6 UA . 38.46 37.73 -30.46
OC5 A1MA6 UA . 39.37 38.61 -29.80
CC6 A1MA6 UA . 38.73 36.32 -30.02
CC7 A1MA6 UA . 37.75 35.41 -30.68
OC8 A1MA6 UA . 37.98 34.07 -30.24
OC9 A1MA6 UA . 40.06 35.95 -30.39
OCA A1MA6 UA . 34.07 34.52 -29.03
CCB A1MA6 UA . 34.05 32.02 -27.53
CCC A1MA6 UA . 35.85 28.07 -26.92
OCD A1MA6 UA . 37.88 26.78 -26.04
OCE A1MA6 UA . 38.72 22.12 -26.57
C1 CLR VA . 33.04 14.48 1.74
C2 CLR VA . 33.60 14.34 3.16
C3 CLR VA . 33.06 15.45 4.11
C4 CLR VA . 31.50 15.37 4.08
C5 CLR VA . 30.87 15.37 2.69
C6 CLR VA . 29.82 16.20 2.42
C7 CLR VA . 29.15 16.27 1.04
C8 CLR VA . 29.54 15.04 0.16
C9 CLR VA . 31.07 14.79 0.25
C10 CLR VA . 31.50 14.39 1.68
C11 CLR VA . 31.57 13.82 -0.84
C12 CLR VA . 31.08 14.16 -2.28
C13 CLR VA . 29.53 14.21 -2.27
C14 CLR VA . 29.16 15.36 -1.27
C15 CLR VA . 27.66 15.72 -1.54
C16 CLR VA . 27.49 15.38 -3.08
C17 CLR VA . 28.89 14.81 -3.58
C18 CLR VA . 28.86 12.88 -1.88
C19 CLR VA . 31.05 12.93 1.97
C20 CLR VA . 28.65 13.82 -4.72
C21 CLR VA . 29.92 13.12 -5.30
C22 CLR VA . 28.03 14.69 -5.87
C23 CLR VA . 27.69 13.85 -7.10
C24 CLR VA . 27.04 14.89 -8.09
C25 CLR VA . 26.42 14.13 -9.26
C26 CLR VA . 27.09 14.32 -10.62
C27 CLR VA . 24.89 14.29 -9.21
O1 CLR VA . 33.58 15.38 5.43
C1 CLR WA . 21.16 -4.38 -19.93
C2 CLR WA . 21.16 -4.21 -21.46
C3 CLR WA . 19.77 -4.50 -22.07
C4 CLR WA . 18.74 -3.55 -21.39
C5 CLR WA . 18.75 -3.59 -19.86
C6 CLR WA . 17.57 -3.72 -19.18
C7 CLR WA . 17.52 -3.78 -17.65
C8 CLR WA . 18.84 -3.28 -17.00
C9 CLR WA . 20.06 -3.91 -17.73
C10 CLR WA . 20.15 -3.45 -19.21
C11 CLR WA . 21.38 -3.72 -16.95
C12 CLR WA . 21.29 -4.14 -15.45
C13 CLR WA . 20.13 -3.33 -14.76
C14 CLR WA . 18.84 -3.73 -15.55
C15 CLR WA . 17.63 -3.27 -14.67
C16 CLR WA . 18.20 -3.38 -13.20
C17 CLR WA . 19.72 -3.85 -13.34
C18 CLR WA . 20.35 -1.81 -14.77
C19 CLR WA . 20.65 -1.98 -19.28
C20 CLR WA . 20.52 -3.32 -12.15
C21 CLR WA . 21.99 -3.80 -12.04
C22 CLR WA . 19.75 -3.87 -10.91
C23 CLR WA . 19.87 -2.97 -9.68
C24 CLR WA . 19.29 -3.86 -8.51
C25 CLR WA . 19.54 -3.15 -7.19
C26 CLR WA . 20.99 -3.19 -6.68
C27 CLR WA . 18.46 -3.57 -6.19
O1 CLR WA . 19.74 -4.39 -23.50
C1 CLR XA . -7.18 10.61 -9.06
C2 CLR XA . -7.72 11.22 -10.36
C3 CLR XA . -8.36 12.62 -10.12
C4 CLR XA . -7.28 13.52 -9.48
C5 CLR XA . -6.60 12.94 -8.24
C6 CLR XA . -6.48 13.70 -7.11
C7 CLR XA . -5.85 13.16 -5.82
C8 CLR XA . -5.02 11.86 -6.08
C9 CLR XA . -5.83 10.88 -6.98
C10 CLR XA . -6.09 11.48 -8.39
C11 CLR XA . -5.23 9.46 -7.00
C12 CLR XA . -4.91 8.89 -5.60
C13 CLR XA . -3.96 9.87 -4.84
C14 CLR XA . -4.76 11.20 -4.74
C15 CLR XA . -4.03 12.07 -3.66
C16 CLR XA . -3.42 10.98 -2.68
C17 CLR XA . -3.78 9.56 -3.31
C18 CLR XA . -2.59 10.07 -5.52
C19 CLR XA . -4.79 11.44 -9.22
C20 CLR XA . -2.69 8.55 -2.93
C21 CLR XA . -2.82 7.13 -3.55
C22 CLR XA . -2.83 8.40 -1.38
C23 CLR XA . -1.74 7.53 -0.77
C24 CLR XA . -2.14 7.41 0.75
C25 CLR XA . -1.01 6.70 1.49
C26 CLR XA . -0.79 5.23 1.13
C27 CLR XA . -1.12 7.04 2.99
O1 CLR XA . -8.92 13.20 -11.29
C1 PCW YA . -4.04 25.20 23.10
C2 PCW YA . -3.69 25.80 21.74
C3 PCW YA . -2.45 26.69 21.89
C4 PCW YA . -8.13 25.06 26.26
C5 PCW YA . -9.58 25.56 26.21
C6 PCW YA . -10.36 23.71 27.54
C7 PCW YA . -9.65 25.74 28.61
C8 PCW YA . -11.69 25.69 27.36
C11 PCW YA . -1.01 28.05 20.74
C12 PCW YA . -0.66 28.90 19.52
C31 PCW YA . -4.09 24.83 19.67
C32 PCW YA . -3.80 23.72 18.65
N PCW YA . -10.32 25.17 27.42
O2 PCW YA . -3.39 24.73 20.83
O3 PCW YA . -2.22 27.43 20.69
O11 PCW YA . -0.21 27.94 21.68
O31 PCW YA . -4.90 25.72 19.44
O1P PCW YA . -5.16 25.78 25.99
O2P PCW YA . -5.77 23.53 24.97
O3P PCW YA . -5.38 25.53 23.50
O4P PCW YA . -7.43 25.39 25.05
P PCW YA . -5.86 25.00 24.95
C1 PCW ZA . -13.97 24.81 -16.19
C2 PCW ZA . -15.17 24.54 -15.25
C3 PCW ZA . -14.84 23.40 -14.27
C4 PCW ZA . -11.11 23.36 -19.87
C5 PCW ZA . -11.48 22.78 -21.25
C6 PCW ZA . -10.20 21.74 -23.00
C7 PCW ZA . -10.92 24.00 -23.24
C8 PCW ZA . -9.17 23.46 -21.69
C11 PCW ZA . -15.40 23.02 -12.03
C12 PCW ZA . -15.61 23.59 -10.61
C13 PCW ZA . -16.00 22.46 -9.64
C14 PCW ZA . -15.84 22.99 -8.21
C15 PCW ZA . -16.08 21.88 -7.18
C16 PCW ZA . -16.30 22.54 -5.81
C17 PCW ZA . -16.14 21.53 -4.68
C18 PCW ZA . -16.39 22.21 -3.33
C19 PCW ZA . -15.90 21.20 -2.29
C20 PCW ZA . -15.95 21.46 -0.77
C21 PCW ZA . -16.51 22.78 -0.27
C22 PCW ZA . -15.80 23.17 1.04
C23 PCW ZA . -16.18 22.21 2.19
C24 PCW ZA . -15.65 22.80 3.51
C25 PCW ZA . -16.05 21.89 4.68
C26 PCW ZA . -15.35 22.33 5.97
C27 PCW ZA . -16.05 21.64 7.15
C28 PCW ZA . -15.56 22.24 8.46
C31 PCW ZA . -15.99 26.78 -14.93
C32 PCW ZA . -16.36 27.84 -13.89
C33 PCW ZA . -15.41 27.76 -12.69
C34 PCW ZA . -15.79 28.85 -11.69
C35 PCW ZA . -14.80 28.88 -10.51
C36 PCW ZA . -15.06 27.71 -9.57
C37 PCW ZA . -14.05 27.76 -8.42
C38 PCW ZA . -13.53 26.36 -8.07
C39 PCW ZA . -12.09 26.55 -7.59
C40 PCW ZA . -11.76 26.26 -6.12
C41 PCW ZA . -12.84 25.79 -5.16
C42 PCW ZA . -12.36 24.47 -4.53
C43 PCW ZA . -11.73 24.68 -3.14
C44 PCW ZA . -11.86 23.38 -2.34
C45 PCW ZA . -11.02 23.44 -1.07
C46 PCW ZA . -9.54 23.58 -1.43
C47 PCW ZA . -8.76 24.03 -0.19
C48 PCW ZA . -7.36 24.48 -0.57
N PCW ZA . -10.44 22.99 -22.28
O2 PCW ZA . -15.42 25.67 -14.40
O3 PCW ZA . -15.06 23.94 -12.96
O11 PCW ZA . -15.58 21.83 -12.25
O31 PCW ZA . -16.15 26.98 -16.13
O1P PCW ZA . -12.74 25.55 -18.68
O2P PCW ZA . -14.33 23.90 -19.78
O3P PCW ZA . -13.97 23.86 -17.28
O4P PCW ZA . -12.15 23.14 -18.91
P PCW ZA . -13.35 24.21 -18.73
C1 PCW AB . -20.68 18.00 -17.24
C2 PCW AB . -21.31 17.11 -16.16
C3 PCW AB . -20.62 15.75 -16.16
C4 PCW AB . -19.77 21.22 -20.17
C5 PCW AB . -19.56 22.68 -19.71
C6 PCW AB . -19.19 24.77 -20.84
C7 PCW AB . -17.38 23.64 -19.78
C8 PCW AB . -18.28 22.77 -21.81
C11 PCW AB . -19.80 14.94 -14.12
C12 PCW AB . -18.69 14.98 -13.04
C13 PCW AB . -18.49 13.59 -12.41
C14 PCW AB . -18.78 13.69 -10.91
C15 PCW AB . -18.87 12.29 -10.30
C16 PCW AB . -17.76 12.09 -9.26
C17 PCW AB . -18.18 10.99 -8.29
C18 PCW AB . -17.30 11.08 -7.03
C19 PCW AB . -15.90 10.59 -7.40
C20 PCW AB . -14.90 10.42 -6.26
C21 PCW AB . -15.40 10.75 -4.84
C22 PCW AB . -14.15 10.90 -3.98
C23 PCW AB . -14.43 10.49 -2.55
C24 PCW AB . -13.10 10.40 -1.85
C25 PCW AB . -13.33 9.91 -0.42
C26 PCW AB . -12.32 10.61 0.45
C27 PCW AB . -12.24 9.86 1.77
C28 PCW AB . -11.26 10.62 2.65
C31 PCW AB . -22.27 18.15 -14.29
C32 PCW AB . -22.10 18.60 -12.84
C33 PCW AB . -20.72 18.14 -12.32
C34 PCW AB . -20.76 17.88 -10.80
C35 PCW AB . -20.61 19.19 -10.01
C36 PCW AB . -20.11 18.87 -8.59
C37 PCW AB . -21.26 18.86 -7.58
C38 PCW AB . -21.00 17.80 -6.50
C39 PCW AB . -21.58 16.46 -6.97
C40 PCW AB . -21.01 15.15 -6.39
C41 PCW AB . -19.87 15.26 -5.37
C42 PCW AB . -20.32 14.61 -4.05
C43 PCW AB . -19.12 14.32 -3.14
C44 PCW AB . -19.61 13.61 -1.87
C45 PCW AB . -18.41 13.13 -1.04
C46 PCW AB . -18.90 12.58 0.31
C47 PCW AB . -17.78 11.76 0.97
C48 PCW AB . -18.36 10.96 2.14
N PCW AB . -18.61 23.45 -20.54
O2 PCW AB . -21.12 17.69 -14.87
O3 PCW AB . -19.57 15.76 -15.18
O11 PCW AB . -20.79 14.22 -13.97
O31 PCW AB . -23.35 18.23 -14.86
O1P PCW AB . -22.47 19.26 -20.41
O2P PCW AB . -20.13 18.30 -20.14
O3P PCW AB . -21.66 18.54 -18.14
O4P PCW AB . -20.70 20.59 -19.28
P PCW AB . -21.25 19.10 -19.60
C1 PCW BB . -9.08 6.49 -14.73
C2 PCW BB . -9.36 7.10 -13.35
C3 PCW BB . -10.86 7.21 -13.10
C4 PCW BB . -9.76 9.02 -18.23
C5 PCW BB . -11.01 9.11 -19.12
C6 PCW BB . -11.67 10.55 -20.92
C7 PCW BB . -12.66 10.83 -18.75
C8 PCW BB . -10.39 11.48 -19.12
C11 PCW BB . -12.30 8.00 -11.39
C12 PCW BB . -12.41 8.64 -10.01
C13 PCW BB . -11.81 7.71 -8.95
C14 PCW BB . -11.20 8.54 -7.81
C15 PCW BB . -10.94 7.66 -6.58
C16 PCW BB . -9.89 8.34 -5.69
C17 PCW BB . -9.84 7.67 -4.31
C18 PCW BB . -8.85 8.37 -3.37
C19 PCW BB . -9.60 9.44 -2.57
C20 PCW BB . -9.18 9.72 -1.11
C21 PCW BB . -8.02 8.93 -0.47
C22 PCW BB . -8.16 9.10 1.05
C23 PCW BB . -6.80 9.09 1.74
C24 PCW BB . -6.72 7.88 2.67
C25 PCW BB . -5.38 7.90 3.43
C26 PCW BB . -5.38 6.79 4.49
C27 PCW BB . -3.98 6.68 5.10
C28 PCW BB . -3.86 5.41 5.96
C31 PCW BB . -8.15 6.91 -11.32
C32 PCW BB . -7.60 5.99 -10.22
C33 PCW BB . -7.76 6.63 -8.83
C34 PCW BB . -6.70 6.06 -7.86
C35 PCW BB . -7.08 4.65 -7.38
C36 PCW BB . -6.96 4.56 -5.85
C37 PCW BB . -5.79 3.65 -5.47
C38 PCW BB . -5.67 3.45 -3.95
C39 PCW BB . -4.19 3.10 -3.64
C40 PCW BB . -3.82 2.41 -2.31
C41 PCW BB . -4.96 2.11 -1.33
C42 PCW BB . -4.98 0.60 -1.00
C43 PCW BB . -5.79 0.33 0.28
C44 PCW BB . -5.76 -1.16 0.62
C45 PCW BB . -6.63 -1.39 1.84
C46 PCW BB . -5.87 -2.02 3.01
C47 PCW BB . -6.83 -2.11 4.20
C48 PCW BB . -6.13 -2.71 5.42
N PCW BB . -11.42 10.49 -19.47
O2 PCW BB . -8.78 6.25 -12.34
O3 PCW BB . -11.03 7.80 -11.82
O11 PCW BB . -13.31 7.73 -12.05
O31 PCW BB . -7.95 8.12 -11.29
O1P PCW BB . -8.07 5.69 -17.33
O2P PCW BB . -7.06 8.02 -17.59
O3P PCW BB . -8.52 7.49 -15.60
O4P PCW BB . -9.52 7.64 -17.91
P PCW BB . -8.18 7.16 -17.15
#